data_7JSR
#
_entry.id   7JSR
#
_cell.length_a   151.562
_cell.length_b   253.537
_cell.length_c   399.721
_cell.angle_alpha   90.000
_cell.angle_beta   90.000
_cell.angle_gamma   90.000
#
_symmetry.space_group_name_H-M   'C 2 2 21'
#
_entity_poly.entity_id   1
_entity_poly.type   'polypeptide(L)'
_entity_poly.pdbx_seq_one_letter_code
;(MSE)HHHHHHENLYFQGAAS(MSE)IRRLSVAFLSTYRGPQADAPGVTSTGPLAVAAHDDLVSDDLVAAHYRLAS
(MSE)RAPGETKAAVYPGDAGSGAALQIVTDQAP(MSE)LVDSVTVLLHRHGIAYTAI(MSE)NPVFRVRRGLDGELLDV
RPAAEAAPGDGADECWILVPITAAADGEALTEATRLVPGILAEARQIGLDSGA(MSE)IAALHGLANDLATDLEGHFPNA
ERKEVAALLRWLADGHFVLLGYQQCVVGDGNAEVDPASRLGVLRLRNDVLPPLTDSDDLLVLAQAT(MSE)PSYLRYGAY
PYIVVVRESPGASRVIEHRFVGLFTVAA(MSE)NANALEIPLISRRVEEALA(MSE)AHRDPSHPGQLLRDIIQTIPRPE
LFALSSKQLLE(MSE)ALAVVDLGSRRRTLLFLRADHLAHFVSCLVYLPRDRYTTAVRLE(MSE)QDILVRELGGAGIDY
SARVSESPWAVVHFTVRLPEGTAADSVDTSLENESRIQDLLTEATRNWGDR(MSE)ISAAAAASISPAALEHYAHAFPED
YKQAFAPQDAIADISLIEALQDDSVKLVLADTAEDRVWKLTWYLGGHSASLSELLP(MSE)LQS(MSE)GVVVLEERPFT
LRRTDGLPVWIYQFKISPHPSIPHAPDAEAQRDTAQRFADAVTAIWHGRVEIDRFNELV(MSE)RAGLTWQQVVVLRAYA
KYLRQAGFPYSQSHIESVLNENPHTTRSLIDLFEALFDPSQETDGRRDAQGAAAAVAADIDALVSLDTDRVLRAFANLIE
ATLRTNYFVARPDSARARNVLAFKLNPLVIKELPLPRPKFEIFVYSPRVEGVHLRFGFVARGGLRWSDRREDFRTEILGL
VKAQAVKNAVIVPVGAKGGFVVKRPPTLTGDAAADREATRAEGVECYRLFISGLLDVTDNVDKATGAVVTPPEVVRRDGE
DAYLVVAADKGTATFSDIANEVAKSYGFWLGDAFASGGSIGYDHKA(MSE)GITAKGAWESVKRHFRE(MSE)GVDTQTQ
DFTVVGIGD(MSE)SGDVFGNG(MSE)LLSKHIRLVAAFDHRDIFLDPNPDAGRSWDERKRLFDLPRSSWADYDKSLISE
GGGVYSRQQKSIPISPQVRTALGLDADVEELTPPALIKAILKAPVDLLWNGGIGTYIKAETEADADVGDRANDQIRVCGN
QVRAKVIGEGGNLGVTALGRIEFDLAGGRINTDALDNSAGVDCSDHEVNIKILIDSAVTAGKVTPEERTELLLS(MSE)T
DEVGELVLADNRDQNDL(MSE)GTSRANAASLLSVHAR(MSE)IKDLVDNRGLNRELEALPSEKEIRRRADAGIGLTSPE
LATL(MSE)AHVKLALKDDVLASDLPDQEVFASRLPYYFPTRLREELHGEIRSHQLRREIITT(MSE)LVNDLVDTAGIS
YAYRITEDVGVGPVDAVRSYVAINAIFGIGDVWRRIRAAGDAGVPTSVTDR(MSE)TLDLRRLVDRAGRWLLNYRPQPLA
VGAEINRFGAKVAALTPR(MSE)SEWLRGDDKAIVSKEAGDFASHGVPEDLAYHIATGLYQYSLLDVIDIADIVDREPDE
VADTYFAL(MSE)DHLGADALLTAVSRLSRDDRWHSLARLAIRDDIYGSLRALCFDVLAVGEPDENGEEKIAEWETTNSS
RVTRARRTLTEIYKDGEQDLATLSVAARQIRS(MSE)TRTSGTGTTG
;
_entity_poly.pdbx_strand_id   A,B
#
# COMPACT_ATOMS: atom_id res chain seq x y z
N MSE A 18 -83.00 -37.36 -8.60
CA MSE A 18 -83.65 -36.28 -7.85
C MSE A 18 -82.69 -35.12 -7.59
O MSE A 18 -83.08 -33.95 -7.69
CB MSE A 18 -84.18 -36.80 -6.51
CG MSE A 18 -85.62 -36.44 -6.27
SE MSE A 18 -86.08 -34.78 -7.20
CE MSE A 18 -85.76 -33.48 -5.80
N ILE A 19 -81.45 -35.47 -7.28
CA ILE A 19 -80.45 -34.46 -6.90
C ILE A 19 -80.03 -33.61 -8.08
N ARG A 20 -80.03 -34.20 -9.28
CA ARG A 20 -79.34 -33.59 -10.40
C ARG A 20 -80.07 -32.36 -10.93
N ARG A 21 -81.40 -32.41 -10.93
CA ARG A 21 -82.18 -31.31 -11.50
C ARG A 21 -81.91 -30.01 -10.76
N LEU A 22 -81.84 -30.07 -9.43
CA LEU A 22 -81.64 -28.86 -8.64
C LEU A 22 -80.28 -28.23 -8.92
N SER A 23 -79.23 -29.04 -8.97
CA SER A 23 -77.90 -28.51 -9.22
C SER A 23 -77.80 -27.82 -10.57
N VAL A 24 -78.69 -28.15 -11.49
CA VAL A 24 -78.64 -27.56 -12.83
C VAL A 24 -79.00 -26.08 -12.77
N ALA A 25 -80.09 -25.75 -12.08
CA ALA A 25 -80.57 -24.37 -12.12
C ALA A 25 -79.70 -23.45 -11.29
N PHE A 26 -79.02 -23.96 -10.26
CA PHE A 26 -78.10 -23.13 -9.49
C PHE A 26 -76.99 -22.60 -10.38
N LEU A 27 -76.38 -23.47 -11.18
CA LEU A 27 -75.27 -23.06 -12.03
C LEU A 27 -75.73 -22.17 -13.18
N SER A 28 -77.00 -22.29 -13.59
CA SER A 28 -77.51 -21.50 -14.70
C SER A 28 -77.50 -20.01 -14.40
N THR A 29 -77.38 -19.64 -13.13
CA THR A 29 -77.30 -18.24 -12.74
C THR A 29 -76.01 -17.89 -12.04
N TYR A 30 -75.06 -18.84 -11.93
CA TYR A 30 -73.77 -18.54 -11.31
C TYR A 30 -73.06 -17.46 -12.08
N ALA A 47 -64.26 -18.03 -13.68
CA ALA A 47 -65.71 -17.89 -13.67
C ALA A 47 -66.40 -19.25 -13.58
N VAL A 48 -67.00 -19.70 -14.69
CA VAL A 48 -67.85 -20.90 -14.67
C VAL A 48 -67.00 -22.17 -14.70
N ALA A 49 -65.73 -22.07 -14.33
CA ALA A 49 -64.82 -23.21 -14.33
C ALA A 49 -64.83 -23.94 -12.99
N ALA A 50 -64.47 -25.22 -13.05
CA ALA A 50 -64.67 -26.15 -11.93
C ALA A 50 -66.14 -26.16 -11.52
N HIS A 51 -67.02 -26.37 -12.52
CA HIS A 51 -68.45 -26.16 -12.31
C HIS A 51 -69.04 -27.20 -11.37
N ASP A 52 -68.56 -28.45 -11.46
CA ASP A 52 -68.99 -29.46 -10.50
C ASP A 52 -68.24 -29.36 -9.18
N ASP A 53 -67.10 -28.66 -9.15
CA ASP A 53 -66.34 -28.53 -7.92
C ASP A 53 -66.99 -27.56 -6.94
N LEU A 54 -67.66 -26.52 -7.45
CA LEU A 54 -68.34 -25.58 -6.57
C LEU A 54 -69.58 -26.21 -5.96
N VAL A 55 -70.33 -26.98 -6.75
CA VAL A 55 -71.64 -27.48 -6.36
C VAL A 55 -71.59 -29.00 -6.31
N SER A 56 -71.59 -29.56 -5.10
CA SER A 56 -71.67 -30.99 -4.88
C SER A 56 -73.07 -31.36 -4.40
N ASP A 57 -73.43 -32.63 -4.59
CA ASP A 57 -74.72 -33.11 -4.13
C ASP A 57 -74.87 -33.05 -2.61
N ASP A 58 -73.76 -32.89 -1.88
CA ASP A 58 -73.84 -32.71 -0.44
C ASP A 58 -74.50 -31.38 -0.08
N LEU A 59 -74.10 -30.31 -0.77
CA LEU A 59 -74.75 -29.02 -0.57
C LEU A 59 -76.23 -29.09 -0.92
N VAL A 60 -76.57 -29.82 -1.99
CA VAL A 60 -77.96 -30.03 -2.37
C VAL A 60 -78.72 -30.69 -1.22
N ALA A 61 -78.13 -31.74 -0.66
CA ALA A 61 -78.68 -32.38 0.54
C ALA A 61 -78.99 -31.38 1.62
N ALA A 62 -78.01 -30.52 1.92
CA ALA A 62 -78.15 -29.62 3.05
C ALA A 62 -79.35 -28.70 2.87
N HIS A 63 -79.41 -27.97 1.75
CA HIS A 63 -80.50 -27.01 1.64
C HIS A 63 -81.84 -27.68 1.39
N TYR A 64 -81.86 -28.94 0.98
CA TYR A 64 -83.14 -29.64 0.89
C TYR A 64 -83.67 -30.01 2.27
N ARG A 65 -82.80 -30.42 3.18
CA ARG A 65 -83.27 -30.69 4.54
C ARG A 65 -83.54 -29.40 5.30
N LEU A 66 -82.91 -28.30 4.91
CA LEU A 66 -83.31 -27.01 5.45
C LEU A 66 -84.73 -26.68 5.01
N ALA A 67 -84.97 -26.70 3.70
CA ALA A 67 -86.32 -26.50 3.17
C ALA A 67 -87.30 -27.61 3.37
N SER A 68 -86.94 -28.68 4.07
CA SER A 68 -87.88 -29.79 4.26
C SER A 68 -89.08 -29.41 5.14
N MSE A 69 -88.91 -28.42 6.01
CA MSE A 69 -90.02 -27.93 6.84
C MSE A 69 -89.96 -26.43 7.05
O MSE A 69 -89.40 -25.96 8.04
CB MSE A 69 -90.15 -28.65 8.18
CG MSE A 69 -91.51 -28.45 8.83
SE MSE A 69 -92.96 -29.04 7.67
CE MSE A 69 -92.55 -30.94 7.58
N ARG A 70 -90.55 -25.67 6.13
CA ARG A 70 -90.49 -24.22 6.12
C ARG A 70 -91.80 -23.65 6.67
N ALA A 71 -92.04 -22.36 6.42
CA ALA A 71 -93.25 -21.65 6.83
C ALA A 71 -93.53 -20.59 5.79
N PRO A 72 -94.79 -20.12 5.69
CA PRO A 72 -95.09 -19.09 4.69
C PRO A 72 -94.50 -17.76 5.12
N GLY A 73 -93.82 -17.09 4.19
CA GLY A 73 -93.04 -15.91 4.50
C GLY A 73 -91.71 -16.17 5.16
N GLU A 74 -91.48 -17.40 5.63
CA GLU A 74 -90.23 -17.74 6.29
C GLU A 74 -89.05 -17.48 5.37
N THR A 75 -87.91 -17.22 5.97
CA THR A 75 -86.65 -17.06 5.26
C THR A 75 -85.66 -17.99 5.99
N LYS A 76 -85.54 -19.22 5.49
CA LYS A 76 -84.75 -20.24 6.17
C LYS A 76 -83.30 -20.18 5.70
N ALA A 77 -82.39 -19.93 6.64
CA ALA A 77 -80.97 -19.76 6.39
C ALA A 77 -80.19 -20.86 7.09
N ALA A 78 -79.12 -21.33 6.44
CA ALA A 78 -78.36 -22.43 7.04
C ALA A 78 -76.93 -22.47 6.50
N VAL A 79 -75.98 -22.64 7.41
CA VAL A 79 -74.55 -22.71 7.10
C VAL A 79 -74.16 -24.17 6.94
N TYR A 80 -73.91 -24.60 5.70
CA TYR A 80 -73.28 -25.88 5.42
C TYR A 80 -71.77 -25.71 5.56
N PRO A 81 -71.16 -26.33 6.58
CA PRO A 81 -69.75 -26.03 6.89
C PRO A 81 -68.75 -26.53 5.85
N GLY A 82 -69.16 -27.36 4.90
CA GLY A 82 -68.22 -27.87 3.92
C GLY A 82 -67.70 -29.25 4.25
N ASP A 83 -67.54 -30.09 3.25
CA ASP A 83 -67.03 -31.45 3.45
C ASP A 83 -65.55 -31.53 3.10
N ALA A 84 -65.12 -32.66 2.53
CA ALA A 84 -63.73 -32.80 2.15
C ALA A 84 -63.37 -31.92 0.96
N GLY A 85 -64.34 -31.64 0.09
CA GLY A 85 -64.08 -30.91 -1.14
C GLY A 85 -64.36 -29.42 -1.09
N SER A 86 -65.63 -29.05 -1.15
CA SER A 86 -65.99 -27.63 -1.22
C SER A 86 -65.86 -26.96 0.15
N GLY A 87 -65.51 -25.68 0.11
CA GLY A 87 -65.43 -24.90 1.33
C GLY A 87 -66.81 -24.66 1.90
N ALA A 88 -66.83 -23.77 2.91
CA ALA A 88 -68.09 -23.41 3.54
C ALA A 88 -69.06 -22.84 2.50
N ALA A 89 -70.35 -23.03 2.75
CA ALA A 89 -71.36 -22.57 1.79
C ALA A 89 -72.69 -22.39 2.51
N LEU A 90 -73.38 -21.30 2.21
CA LEU A 90 -74.65 -20.98 2.83
C LEU A 90 -75.80 -21.26 1.89
N GLN A 91 -76.94 -21.63 2.46
CA GLN A 91 -78.12 -21.98 1.70
C GLN A 91 -79.35 -21.36 2.31
N ILE A 92 -80.19 -20.81 1.45
CA ILE A 92 -81.40 -20.12 1.87
C ILE A 92 -82.58 -20.66 1.08
N VAL A 93 -83.74 -20.62 1.71
CA VAL A 93 -85.01 -20.92 1.06
C VAL A 93 -86.01 -19.86 1.52
N THR A 94 -86.49 -19.03 0.59
CA THR A 94 -87.49 -18.03 0.97
C THR A 94 -88.39 -17.72 -0.23
N ASP A 95 -89.31 -16.78 -0.03
CA ASP A 95 -90.22 -16.39 -1.10
C ASP A 95 -89.49 -15.54 -2.12
N GLN A 96 -89.82 -15.73 -3.40
CA GLN A 96 -89.25 -14.89 -4.45
C GLN A 96 -89.67 -13.44 -4.24
N ALA A 97 -88.78 -12.66 -3.66
CA ALA A 97 -88.95 -11.25 -3.43
C ALA A 97 -87.91 -10.48 -4.23
N PRO A 98 -88.13 -9.19 -4.47
CA PRO A 98 -87.16 -8.42 -5.26
C PRO A 98 -85.81 -8.32 -4.56
N MSE A 99 -84.75 -8.41 -5.35
CA MSE A 99 -83.39 -8.04 -4.94
C MSE A 99 -82.85 -8.78 -3.73
O MSE A 99 -81.95 -8.27 -3.06
CB MSE A 99 -83.34 -6.53 -4.67
CG MSE A 99 -83.75 -5.67 -5.85
SE MSE A 99 -82.99 -6.31 -7.50
CE MSE A 99 -84.58 -7.10 -8.33
N LEU A 100 -83.38 -9.96 -3.43
CA LEU A 100 -82.81 -10.77 -2.37
C LEU A 100 -81.34 -10.98 -2.59
N VAL A 101 -80.95 -11.16 -3.85
CA VAL A 101 -79.57 -11.43 -4.19
C VAL A 101 -78.67 -10.24 -3.88
N ASP A 102 -79.12 -9.03 -4.25
CA ASP A 102 -78.33 -7.83 -4.00
C ASP A 102 -78.10 -7.64 -2.51
N SER A 103 -79.18 -7.66 -1.73
CA SER A 103 -79.05 -7.50 -0.28
C SER A 103 -78.17 -8.59 0.31
N VAL A 104 -78.24 -9.79 -0.26
CA VAL A 104 -77.35 -10.86 0.16
C VAL A 104 -75.90 -10.42 0.03
N THR A 105 -75.51 -10.01 -1.17
CA THR A 105 -74.11 -9.66 -1.40
C THR A 105 -73.69 -8.45 -0.57
N VAL A 106 -74.63 -7.54 -0.32
CA VAL A 106 -74.31 -6.38 0.52
C VAL A 106 -74.03 -6.82 1.94
N LEU A 107 -74.87 -7.73 2.47
CA LEU A 107 -74.59 -8.30 3.78
C LEU A 107 -73.22 -8.95 3.80
N LEU A 108 -72.85 -9.60 2.70
CA LEU A 108 -71.50 -10.14 2.58
C LEU A 108 -70.45 -9.07 2.79
N HIS A 109 -70.37 -8.13 1.85
CA HIS A 109 -69.25 -7.19 1.85
C HIS A 109 -69.23 -6.30 3.08
N ARG A 110 -70.40 -5.96 3.62
CA ARG A 110 -70.43 -5.18 4.85
C ARG A 110 -70.09 -6.00 6.08
N HIS A 111 -69.90 -7.31 5.93
CA HIS A 111 -69.43 -8.15 7.02
C HIS A 111 -68.15 -8.88 6.65
N GLY A 112 -67.48 -8.45 5.59
CA GLY A 112 -66.19 -8.97 5.20
C GLY A 112 -66.18 -10.45 4.97
N ILE A 113 -67.14 -10.94 4.19
CA ILE A 113 -67.34 -12.37 3.99
C ILE A 113 -66.93 -12.70 2.56
N ALA A 114 -65.76 -13.31 2.41
CA ALA A 114 -65.23 -13.63 1.08
C ALA A 114 -66.03 -14.76 0.46
N TYR A 115 -66.78 -14.46 -0.59
CA TYR A 115 -67.61 -15.43 -1.27
C TYR A 115 -67.05 -15.71 -2.66
N THR A 116 -66.97 -16.99 -3.01
CA THR A 116 -66.40 -17.40 -4.29
C THR A 116 -67.42 -17.39 -5.42
N ALA A 117 -68.70 -17.64 -5.11
CA ALA A 117 -69.73 -17.78 -6.12
C ALA A 117 -71.05 -17.31 -5.54
N ILE A 118 -72.11 -17.44 -6.34
CA ILE A 118 -73.44 -16.99 -5.94
C ILE A 118 -74.45 -17.46 -6.97
N MSE A 119 -75.54 -18.08 -6.51
CA MSE A 119 -76.50 -18.75 -7.40
C MSE A 119 -77.97 -18.66 -6.92
O MSE A 119 -78.26 -19.05 -5.79
CB MSE A 119 -76.12 -20.22 -7.55
CG MSE A 119 -74.74 -20.45 -8.12
SE MSE A 119 -73.95 -22.09 -7.49
CE MSE A 119 -72.21 -21.94 -8.36
N ASN A 120 -78.88 -18.20 -7.78
CA ASN A 120 -80.25 -17.88 -7.38
C ASN A 120 -81.30 -18.55 -8.24
N PRO A 121 -81.32 -19.88 -8.28
CA PRO A 121 -82.41 -20.55 -9.00
C PRO A 121 -83.71 -20.50 -8.22
N VAL A 122 -84.67 -19.74 -8.72
CA VAL A 122 -86.00 -19.67 -8.12
C VAL A 122 -86.84 -20.81 -8.69
N PHE A 123 -87.70 -21.39 -7.86
CA PHE A 123 -88.41 -22.63 -8.20
C PHE A 123 -89.90 -22.48 -7.92
N ARG A 124 -90.73 -22.93 -8.87
CA ARG A 124 -92.17 -23.00 -8.63
C ARG A 124 -92.45 -24.19 -7.73
N VAL A 125 -92.82 -23.90 -6.47
CA VAL A 125 -92.99 -24.92 -5.45
C VAL A 125 -94.43 -24.91 -4.98
N ARG A 126 -94.99 -26.10 -4.77
CA ARG A 126 -96.31 -26.26 -4.17
C ARG A 126 -96.15 -27.14 -2.95
N ARG A 127 -96.56 -26.64 -1.80
CA ARG A 127 -96.30 -27.28 -0.52
C ARG A 127 -97.60 -27.63 0.18
N GLY A 128 -97.47 -28.34 1.30
CA GLY A 128 -98.62 -28.75 2.09
C GLY A 128 -99.06 -27.69 3.07
N LEU A 129 -100.09 -28.03 3.86
CA LEU A 129 -100.68 -27.11 4.83
C LEU A 129 -100.02 -27.17 6.20
N ASP A 130 -98.99 -28.00 6.37
CA ASP A 130 -98.20 -28.00 7.59
C ASP A 130 -96.74 -27.65 7.33
N GLY A 131 -96.42 -27.13 6.14
CA GLY A 131 -95.13 -26.57 5.86
C GLY A 131 -94.20 -27.41 5.01
N GLU A 132 -94.68 -28.52 4.45
CA GLU A 132 -93.81 -29.47 3.78
C GLU A 132 -93.87 -29.28 2.28
N LEU A 133 -92.69 -29.20 1.66
CA LEU A 133 -92.59 -29.11 0.21
C LEU A 133 -93.09 -30.39 -0.43
N LEU A 134 -93.90 -30.26 -1.48
CA LEU A 134 -94.43 -31.41 -2.20
C LEU A 134 -93.85 -31.55 -3.60
N ASP A 135 -93.44 -30.44 -4.21
CA ASP A 135 -92.89 -30.46 -5.55
C ASP A 135 -92.06 -29.20 -5.73
N VAL A 136 -90.97 -29.32 -6.48
CA VAL A 136 -90.06 -28.20 -6.72
C VAL A 136 -89.69 -28.20 -8.20
N ARG A 137 -90.26 -27.26 -8.96
CA ARG A 137 -90.01 -27.10 -10.38
C ARG A 137 -89.55 -25.67 -10.67
N PRO A 138 -88.80 -25.46 -11.76
CA PRO A 138 -88.52 -24.12 -12.26
C PRO A 138 -89.66 -23.57 -13.12
N ASP A 146 -99.56 -22.64 -11.20
CA ASP A 146 -99.70 -23.78 -10.30
C ASP A 146 -98.65 -23.75 -9.20
N GLY A 147 -99.06 -23.39 -7.99
CA GLY A 147 -98.16 -23.37 -6.86
C GLY A 147 -97.62 -22.00 -6.48
N ALA A 148 -96.36 -21.94 -6.06
CA ALA A 148 -95.74 -20.70 -5.59
C ALA A 148 -94.25 -20.68 -5.91
N ASP A 149 -93.72 -19.48 -6.10
CA ASP A 149 -92.32 -19.29 -6.49
C ASP A 149 -91.47 -19.06 -5.25
N GLU A 150 -90.48 -19.92 -5.06
CA GLU A 150 -89.54 -19.81 -3.95
C GLU A 150 -88.13 -19.72 -4.51
N CYS A 151 -87.34 -18.79 -3.97
CA CYS A 151 -85.94 -18.68 -4.33
C CYS A 151 -85.12 -19.55 -3.38
N TRP A 152 -84.24 -20.36 -3.98
CA TRP A 152 -83.31 -21.24 -3.26
C TRP A 152 -81.91 -20.80 -3.61
N ILE A 153 -81.17 -20.35 -2.60
CA ILE A 153 -79.89 -19.71 -2.84
C ILE A 153 -78.80 -20.53 -2.18
N LEU A 154 -77.64 -20.53 -2.82
CA LEU A 154 -76.45 -21.16 -2.28
C LEU A 154 -75.23 -20.35 -2.69
N VAL A 155 -74.35 -20.10 -1.73
CA VAL A 155 -73.10 -19.39 -1.98
C VAL A 155 -71.96 -20.12 -1.32
N PRO A 156 -70.93 -20.55 -2.08
CA PRO A 156 -69.77 -21.21 -1.47
C PRO A 156 -68.78 -20.18 -0.95
N ILE A 157 -68.57 -20.18 0.35
CA ILE A 157 -67.59 -19.29 0.97
C ILE A 157 -66.24 -19.98 0.95
N THR A 158 -65.20 -19.22 0.59
CA THR A 158 -63.85 -19.73 0.72
C THR A 158 -63.58 -20.14 2.16
N ALA A 159 -62.55 -20.97 2.33
CA ALA A 159 -62.22 -21.43 3.68
C ALA A 159 -61.84 -20.26 4.58
N ALA A 160 -61.14 -19.26 4.04
CA ALA A 160 -60.71 -18.10 4.81
C ALA A 160 -61.94 -17.28 5.18
N ALA A 161 -62.57 -17.67 6.31
CA ALA A 161 -63.75 -17.00 6.82
C ALA A 161 -63.86 -17.21 8.32
N ASP A 162 -64.20 -16.13 9.04
CA ASP A 162 -64.37 -16.21 10.48
C ASP A 162 -65.72 -16.81 10.81
N GLY A 163 -65.73 -17.74 11.77
CA GLY A 163 -66.98 -18.37 12.14
C GLY A 163 -68.02 -17.37 12.61
N GLU A 164 -67.59 -16.34 13.33
CA GLU A 164 -68.55 -15.45 13.96
C GLU A 164 -69.21 -14.50 12.97
N ALA A 165 -68.44 -13.90 12.05
CA ALA A 165 -69.07 -13.07 11.02
C ALA A 165 -70.05 -13.90 10.20
N LEU A 166 -69.66 -15.14 9.91
CA LEU A 166 -70.55 -16.06 9.21
C LEU A 166 -71.86 -16.24 9.97
N THR A 167 -71.77 -16.54 11.26
CA THR A 167 -72.97 -16.76 12.05
C THR A 167 -73.81 -15.48 12.16
N GLU A 168 -73.16 -14.35 12.33
CA GLU A 168 -73.84 -13.07 12.40
C GLU A 168 -74.69 -12.84 11.16
N ALA A 169 -74.09 -13.05 9.98
CA ALA A 169 -74.85 -12.85 8.76
C ALA A 169 -75.98 -13.86 8.63
N THR A 170 -75.72 -15.13 9.01
CA THR A 170 -76.78 -16.13 8.96
C THR A 170 -77.98 -15.67 9.78
N ARG A 171 -77.71 -15.03 10.91
CA ARG A 171 -78.79 -14.47 11.69
C ARG A 171 -79.46 -13.30 10.97
N LEU A 172 -78.68 -12.42 10.36
CA LEU A 172 -79.26 -11.21 9.77
C LEU A 172 -80.19 -11.53 8.62
N VAL A 173 -79.91 -12.62 7.89
CA VAL A 173 -80.60 -12.96 6.64
C VAL A 173 -82.12 -12.78 6.69
N PRO A 174 -82.84 -13.47 7.58
CA PRO A 174 -84.31 -13.48 7.43
C PRO A 174 -84.93 -12.11 7.53
N GLY A 175 -84.47 -11.29 8.49
CA GLY A 175 -85.10 -9.98 8.67
C GLY A 175 -84.95 -9.09 7.46
N ILE A 176 -83.77 -9.10 6.84
CA ILE A 176 -83.59 -8.23 5.70
C ILE A 176 -84.25 -8.81 4.46
N LEU A 177 -84.30 -10.14 4.32
CA LEU A 177 -85.07 -10.70 3.21
C LEU A 177 -86.56 -10.41 3.38
N ALA A 178 -87.02 -10.29 4.62
CA ALA A 178 -88.40 -9.90 4.85
C ALA A 178 -88.61 -8.42 4.55
N GLU A 179 -87.62 -7.58 4.85
CA GLU A 179 -87.66 -6.20 4.38
C GLU A 179 -87.85 -6.16 2.86
N ALA A 180 -87.05 -6.97 2.15
CA ALA A 180 -87.13 -7.04 0.70
C ALA A 180 -88.51 -7.51 0.24
N ARG A 181 -89.05 -8.52 0.90
CA ARG A 181 -90.38 -9.02 0.53
C ARG A 181 -91.45 -7.97 0.77
N GLN A 182 -91.41 -7.30 1.93
CA GLN A 182 -92.41 -6.28 2.24
C GLN A 182 -92.37 -5.14 1.24
N ILE A 183 -91.17 -4.78 0.76
CA ILE A 183 -91.09 -3.75 -0.27
C ILE A 183 -91.61 -4.28 -1.60
N GLY A 184 -91.26 -5.52 -1.96
CA GLY A 184 -91.76 -6.08 -3.20
C GLY A 184 -93.27 -6.16 -3.22
N LEU A 185 -93.89 -6.27 -2.04
CA LEU A 185 -95.33 -6.22 -1.93
C LEU A 185 -95.84 -4.79 -2.04
N ASP A 186 -95.32 -3.88 -1.23
CA ASP A 186 -95.80 -2.50 -1.15
C ASP A 186 -95.22 -1.60 -2.25
N SER A 187 -94.60 -2.16 -3.27
CA SER A 187 -94.02 -1.38 -4.35
C SER A 187 -95.07 -0.54 -5.07
N GLY A 188 -96.10 -1.20 -5.63
CA GLY A 188 -97.17 -0.45 -6.28
C GLY A 188 -97.81 0.55 -5.34
N ALA A 189 -97.91 0.21 -4.06
CA ALA A 189 -98.54 1.08 -3.08
C ALA A 189 -97.75 2.36 -2.88
N MSE A 190 -96.43 2.25 -2.75
CA MSE A 190 -95.60 3.43 -2.58
C MSE A 190 -95.57 4.24 -3.88
O MSE A 190 -95.58 5.49 -3.86
CB MSE A 190 -94.20 3.01 -2.10
CG MSE A 190 -94.22 2.36 -0.70
SE MSE A 190 -92.53 1.66 -0.01
CE MSE A 190 -92.28 0.17 -1.22
N ILE A 191 -95.55 3.54 -5.03
CA ILE A 191 -95.68 4.20 -6.34
C ILE A 191 -96.89 5.12 -6.35
N ALA A 192 -98.04 4.58 -5.96
CA ALA A 192 -99.29 5.33 -6.04
C ALA A 192 -99.36 6.40 -4.96
N ALA A 193 -98.80 6.15 -3.77
CA ALA A 193 -98.74 7.21 -2.76
C ALA A 193 -97.95 8.40 -3.28
N LEU A 194 -96.87 8.12 -3.99
CA LEU A 194 -96.09 9.18 -4.62
C LEU A 194 -96.91 9.91 -5.68
N HIS A 195 -97.51 9.17 -6.61
CA HIS A 195 -98.33 9.77 -7.64
C HIS A 195 -99.42 10.66 -7.05
N GLY A 196 -100.04 10.21 -5.95
CA GLY A 196 -101.15 10.94 -5.38
C GLY A 196 -100.73 12.22 -4.68
N LEU A 197 -99.66 12.15 -3.87
CA LEU A 197 -99.16 13.39 -3.28
C LEU A 197 -98.65 14.35 -4.36
N ALA A 198 -98.17 13.82 -5.49
CA ALA A 198 -97.73 14.67 -6.59
C ALA A 198 -98.91 15.40 -7.22
N ASN A 199 -99.97 14.66 -7.52
CA ASN A 199 -101.19 15.30 -8.03
C ASN A 199 -101.74 16.31 -7.04
N ASP A 200 -101.58 16.04 -5.74
CA ASP A 200 -101.99 17.02 -4.72
C ASP A 200 -101.19 18.30 -4.83
N LEU A 201 -99.86 18.18 -4.99
CA LEU A 201 -99.02 19.37 -5.04
C LEU A 201 -99.24 20.17 -6.32
N ALA A 202 -99.44 19.49 -7.44
CA ALA A 202 -99.72 20.18 -8.70
C ALA A 202 -101.07 20.86 -8.70
N THR A 203 -101.97 20.46 -7.81
CA THR A 203 -103.33 20.98 -7.76
C THR A 203 -103.72 21.27 -6.32
N ASP A 204 -102.77 21.77 -5.53
CA ASP A 204 -103.06 22.07 -4.13
C ASP A 204 -104.12 23.16 -4.02
N LEU A 205 -105.39 22.76 -4.10
CA LEU A 205 -106.50 23.65 -3.87
C LEU A 205 -106.99 23.62 -2.43
N GLU A 206 -106.54 22.64 -1.64
CA GLU A 206 -106.93 22.50 -0.24
C GLU A 206 -106.15 23.42 0.69
N GLY A 207 -105.21 24.20 0.16
CA GLY A 207 -104.39 25.07 0.98
C GLY A 207 -103.46 24.28 1.87
N HIS A 208 -103.35 22.98 1.58
CA HIS A 208 -102.61 22.06 2.43
C HIS A 208 -101.09 22.25 2.30
N PHE A 209 -100.63 22.89 1.23
CA PHE A 209 -99.19 22.99 0.94
C PHE A 209 -98.82 24.45 0.77
N PRO A 210 -98.47 25.15 1.86
CA PRO A 210 -98.14 26.57 1.75
C PRO A 210 -96.75 26.82 1.18
N ASN A 211 -96.65 26.88 -0.15
CA ASN A 211 -95.41 27.24 -0.81
C ASN A 211 -95.70 27.50 -2.29
N ALA A 212 -94.88 28.35 -2.90
CA ALA A 212 -95.06 28.65 -4.32
C ALA A 212 -94.56 27.50 -5.18
N GLU A 213 -93.48 26.82 -4.77
CA GLU A 213 -92.87 25.75 -5.54
C GLU A 213 -93.70 24.45 -5.53
N ARG A 214 -94.99 24.52 -5.19
CA ARG A 214 -95.86 23.34 -5.24
C ARG A 214 -95.72 22.61 -6.57
N LYS A 215 -95.83 23.35 -7.67
CA LYS A 215 -95.82 22.72 -8.99
C LYS A 215 -94.44 22.17 -9.34
N GLU A 216 -93.38 22.89 -8.99
CA GLU A 216 -92.04 22.35 -9.21
C GLU A 216 -91.77 21.17 -8.29
N VAL A 217 -92.27 21.21 -7.05
CA VAL A 217 -92.13 20.06 -6.17
C VAL A 217 -92.81 18.85 -6.78
N ALA A 218 -94.01 19.04 -7.33
CA ALA A 218 -94.74 17.93 -7.94
C ALA A 218 -94.02 17.41 -9.17
N ALA A 219 -93.49 18.32 -9.99
CA ALA A 219 -92.74 17.88 -11.17
C ALA A 219 -91.51 17.09 -10.77
N LEU A 220 -90.83 17.50 -9.70
CA LEU A 220 -89.64 16.78 -9.27
C LEU A 220 -90.01 15.42 -8.67
N LEU A 221 -91.14 15.33 -7.98
CA LEU A 221 -91.59 14.05 -7.49
C LEU A 221 -91.90 13.09 -8.64
N ARG A 222 -92.59 13.58 -9.67
CA ARG A 222 -92.84 12.74 -10.83
C ARG A 222 -91.56 12.44 -11.62
N TRP A 223 -90.53 13.30 -11.51
CA TRP A 223 -89.23 13.03 -12.15
C TRP A 223 -88.50 11.90 -11.44
N LEU A 224 -88.50 11.93 -10.12
CA LEU A 224 -87.92 10.83 -9.37
C LEU A 224 -88.68 9.54 -9.59
N ALA A 225 -90.01 9.62 -9.66
CA ALA A 225 -90.81 8.44 -9.93
C ALA A 225 -90.50 7.83 -11.29
N ASP A 226 -89.94 8.61 -12.21
CA ASP A 226 -89.62 8.13 -13.56
C ASP A 226 -88.22 7.48 -13.57
N GLY A 227 -88.07 6.48 -12.72
CA GLY A 227 -86.80 5.79 -12.64
C GLY A 227 -85.68 6.67 -12.15
N HIS A 228 -85.94 7.49 -11.13
CA HIS A 228 -84.90 8.33 -10.56
C HIS A 228 -84.84 8.23 -9.04
N PHE A 229 -85.57 7.30 -8.43
CA PHE A 229 -85.51 7.06 -6.99
C PHE A 229 -86.35 5.83 -6.67
N VAL A 230 -85.88 5.03 -5.72
CA VAL A 230 -86.58 3.81 -5.33
C VAL A 230 -87.06 3.94 -3.89
N LEU A 231 -88.24 3.38 -3.64
CA LEU A 231 -88.97 3.55 -2.38
C LEU A 231 -88.77 2.32 -1.52
N LEU A 232 -88.14 2.50 -0.36
CA LEU A 232 -88.04 1.43 0.61
C LEU A 232 -89.30 1.37 1.47
N GLY A 233 -89.60 2.46 2.17
CA GLY A 233 -90.76 2.53 3.01
C GLY A 233 -91.48 3.84 2.83
N TYR A 234 -92.64 3.93 3.47
CA TYR A 234 -93.42 5.16 3.47
C TYR A 234 -94.12 5.27 4.81
N GLN A 235 -94.10 6.46 5.38
CA GLN A 235 -94.83 6.70 6.62
C GLN A 235 -95.18 8.16 6.71
N GLN A 236 -96.46 8.44 6.90
CA GLN A 236 -96.86 9.79 7.25
C GLN A 236 -96.54 10.07 8.73
N CYS A 237 -96.45 11.36 9.06
CA CYS A 237 -96.14 11.77 10.42
C CYS A 237 -96.85 13.08 10.71
N VAL A 238 -97.51 13.17 11.86
CA VAL A 238 -98.21 14.38 12.26
C VAL A 238 -97.32 15.17 13.23
N VAL A 239 -97.16 16.47 12.96
CA VAL A 239 -96.23 17.34 13.68
C VAL A 239 -97.02 18.19 14.67
N GLY A 240 -96.47 18.33 15.87
CA GLY A 240 -97.05 19.18 16.90
C GLY A 240 -96.18 19.24 18.14
N ASP A 241 -96.01 20.45 18.68
CA ASP A 241 -95.19 20.66 19.89
C ASP A 241 -93.74 20.22 19.66
N GLY A 242 -93.25 20.40 18.44
CA GLY A 242 -91.91 19.95 18.11
C GLY A 242 -91.73 18.44 18.07
N ASN A 243 -92.82 17.68 18.22
CA ASN A 243 -92.78 16.22 18.19
C ASN A 243 -93.53 15.71 16.97
N ALA A 244 -92.96 14.70 16.32
CA ALA A 244 -93.57 14.07 15.15
C ALA A 244 -94.00 12.66 15.53
N GLU A 245 -95.30 12.39 15.44
CA GLU A 245 -95.83 11.07 15.74
C GLU A 245 -96.14 10.34 14.44
N VAL A 246 -95.66 9.11 14.33
CA VAL A 246 -95.76 8.37 13.08
C VAL A 246 -97.15 7.77 12.94
N ASP A 247 -97.80 8.07 11.81
CA ASP A 247 -99.07 7.46 11.47
C ASP A 247 -98.82 6.03 10.99
N PRO A 248 -99.37 5.03 11.64
CA PRO A 248 -98.94 3.64 11.36
C PRO A 248 -99.65 2.98 10.19
N ALA A 249 -100.88 3.41 9.88
CA ALA A 249 -101.62 2.76 8.81
C ALA A 249 -100.99 3.02 7.45
N SER A 250 -100.55 4.25 7.21
CA SER A 250 -99.93 4.60 5.94
C SER A 250 -98.58 3.95 5.73
N ARG A 251 -98.11 3.13 6.67
CA ARG A 251 -96.78 2.54 6.56
C ARG A 251 -96.74 1.47 5.49
N LEU A 252 -95.77 1.57 4.59
CA LEU A 252 -95.53 0.60 3.53
C LEU A 252 -94.05 0.27 3.48
N GLY A 253 -93.73 -0.93 3.01
CA GLY A 253 -92.33 -1.30 2.86
C GLY A 253 -91.62 -1.50 4.19
N VAL A 254 -90.34 -1.11 4.22
CA VAL A 254 -89.49 -1.45 5.36
C VAL A 254 -89.99 -0.81 6.64
N LEU A 255 -90.53 0.41 6.55
CA LEU A 255 -90.97 1.07 7.78
C LEU A 255 -92.12 0.33 8.44
N ARG A 256 -92.73 -0.66 7.78
CA ARG A 256 -93.71 -1.49 8.46
C ARG A 256 -93.06 -2.36 9.54
N LEU A 257 -91.80 -2.73 9.36
CA LEU A 257 -91.08 -3.57 10.32
C LEU A 257 -90.05 -2.81 11.15
N ARG A 258 -89.92 -1.50 10.94
CA ARG A 258 -88.95 -0.69 11.67
C ARG A 258 -89.72 0.30 12.55
N ASN A 259 -89.49 0.20 13.87
CA ASN A 259 -90.08 1.14 14.82
C ASN A 259 -89.30 2.44 14.92
N ASP A 260 -88.88 3.00 13.79
CA ASP A 260 -87.95 4.12 13.75
C ASP A 260 -88.70 5.39 13.42
N VAL A 261 -89.43 5.90 14.41
CA VAL A 261 -89.95 7.25 14.35
C VAL A 261 -88.77 8.20 14.18
N LEU A 262 -88.84 9.03 13.18
CA LEU A 262 -87.81 10.03 13.01
C LEU A 262 -88.37 11.42 13.34
N PRO A 263 -87.55 12.34 13.84
CA PRO A 263 -88.07 13.61 14.42
C PRO A 263 -88.72 14.48 13.35
N PRO A 264 -89.35 15.61 13.75
CA PRO A 264 -89.90 16.52 12.74
C PRO A 264 -88.82 17.02 11.81
N LEU A 265 -89.03 16.82 10.52
CA LEU A 265 -88.03 17.14 9.51
C LEU A 265 -88.37 18.39 8.72
N THR A 266 -89.52 19.02 8.98
CA THR A 266 -89.95 20.22 8.27
C THR A 266 -90.07 21.38 9.24
N ASP A 267 -89.28 22.43 9.00
CA ASP A 267 -89.59 23.74 9.55
C ASP A 267 -90.92 24.20 8.97
N SER A 268 -91.37 25.38 9.41
CA SER A 268 -92.66 25.88 8.95
C SER A 268 -92.65 26.15 7.45
N ASP A 269 -91.60 26.80 6.94
CA ASP A 269 -91.60 27.27 5.56
C ASP A 269 -91.41 26.12 4.58
N ASP A 270 -90.52 25.19 4.90
CA ASP A 270 -90.10 24.18 3.93
C ASP A 270 -91.26 23.28 3.56
N LEU A 271 -91.65 23.31 2.28
CA LEU A 271 -92.53 22.30 1.71
C LEU A 271 -91.81 20.98 1.47
N LEU A 272 -90.47 21.00 1.48
CA LEU A 272 -89.70 19.88 1.00
C LEU A 272 -88.32 19.91 1.66
N VAL A 273 -87.94 18.78 2.28
CA VAL A 273 -86.62 18.67 2.90
C VAL A 273 -86.06 17.28 2.69
N LEU A 274 -84.76 17.22 2.42
CA LEU A 274 -84.02 15.97 2.27
C LEU A 274 -83.18 15.72 3.52
N ALA A 275 -83.39 14.57 4.14
CA ALA A 275 -82.52 14.08 5.19
C ALA A 275 -81.89 12.77 4.74
N GLN A 276 -80.95 12.26 5.55
CA GLN A 276 -80.36 10.96 5.29
C GLN A 276 -80.67 10.04 6.46
N ALA A 277 -81.13 8.84 6.16
CA ALA A 277 -81.58 7.92 7.19
C ALA A 277 -80.42 7.39 8.00
N THR A 278 -80.67 7.22 9.30
CA THR A 278 -79.66 6.68 10.22
C THR A 278 -79.37 5.21 9.96
N MSE A 279 -80.24 4.53 9.23
CA MSE A 279 -80.15 3.09 9.12
C MSE A 279 -79.61 2.61 7.79
O MSE A 279 -79.95 3.17 6.75
CB MSE A 279 -81.52 2.48 9.34
CG MSE A 279 -82.08 2.74 10.69
SE MSE A 279 -83.17 1.20 11.08
CE MSE A 279 -81.88 -0.16 10.54
N PRO A 280 -78.79 1.58 7.82
CA PRO A 280 -78.29 0.97 6.58
C PRO A 280 -79.36 0.09 5.94
N SER A 281 -79.94 0.56 4.85
CA SER A 281 -80.71 -0.33 4.00
C SER A 281 -79.76 -1.41 3.50
N TYR A 282 -79.88 -2.57 4.05
CA TYR A 282 -79.00 -3.62 3.59
C TYR A 282 -79.31 -4.06 2.18
N LEU A 283 -80.05 -3.25 1.43
CA LEU A 283 -80.67 -3.67 0.18
C LEU A 283 -79.84 -3.32 -1.04
N ARG A 284 -78.76 -2.56 -0.88
CA ARG A 284 -77.87 -2.18 -1.98
C ARG A 284 -76.65 -1.48 -1.36
N TYR A 285 -75.55 -1.51 -2.10
CA TYR A 285 -74.34 -0.81 -1.68
C TYR A 285 -74.58 0.69 -1.60
N GLY A 286 -73.65 1.37 -0.95
CA GLY A 286 -73.56 2.81 -1.07
C GLY A 286 -74.08 3.57 0.13
N ALA A 287 -74.45 4.83 -0.15
CA ALA A 287 -74.89 5.75 0.89
C ALA A 287 -76.11 5.23 1.63
N TYR A 288 -76.24 5.63 2.89
CA TYR A 288 -77.40 5.25 3.66
C TYR A 288 -78.63 5.97 3.11
N PRO A 289 -79.81 5.37 3.23
CA PRO A 289 -80.99 5.88 2.51
C PRO A 289 -81.23 7.36 2.75
N TYR A 290 -81.91 7.97 1.78
CA TYR A 290 -82.35 9.35 1.87
C TYR A 290 -83.84 9.40 2.14
N ILE A 291 -84.23 10.28 3.06
CA ILE A 291 -85.61 10.45 3.46
C ILE A 291 -86.08 11.76 2.85
N VAL A 292 -87.01 11.65 1.94
CA VAL A 292 -87.74 12.79 1.42
C VAL A 292 -88.87 13.11 2.37
N VAL A 293 -89.10 14.40 2.63
CA VAL A 293 -90.23 14.79 3.47
C VAL A 293 -90.94 15.98 2.85
N VAL A 294 -92.27 15.87 2.75
CA VAL A 294 -93.17 16.94 2.31
C VAL A 294 -94.03 17.35 3.49
N ARG A 295 -94.18 18.67 3.69
CA ARG A 295 -94.93 19.22 4.81
C ARG A 295 -96.32 19.62 4.32
N GLU A 296 -97.36 19.05 4.95
CA GLU A 296 -98.75 19.37 4.67
C GLU A 296 -99.38 19.97 5.91
N SER A 297 -100.37 20.85 5.72
CA SER A 297 -101.05 21.55 6.82
C SER A 297 -102.56 21.52 6.61
N PRO A 298 -103.24 20.48 7.09
CA PRO A 298 -104.71 20.41 6.88
C PRO A 298 -105.52 21.23 7.88
N GLY A 299 -104.94 21.63 9.01
CA GLY A 299 -105.63 22.51 9.93
C GLY A 299 -104.67 23.58 10.42
N ALA A 300 -105.22 24.54 11.17
CA ALA A 300 -104.39 25.59 11.74
C ALA A 300 -103.55 25.11 12.91
N SER A 301 -103.81 23.90 13.44
CA SER A 301 -103.08 23.35 14.57
C SER A 301 -102.63 21.92 14.29
N ARG A 302 -102.37 21.60 13.03
CA ARG A 302 -102.09 20.22 12.64
C ARG A 302 -101.19 20.21 11.42
N VAL A 303 -100.00 19.63 11.56
CA VAL A 303 -99.07 19.43 10.46
C VAL A 303 -98.92 17.93 10.23
N ILE A 304 -98.81 17.53 8.98
CA ILE A 304 -98.62 16.12 8.60
C ILE A 304 -97.44 16.04 7.67
N GLU A 305 -96.43 15.25 8.04
CA GLU A 305 -95.22 15.10 7.25
C GLU A 305 -95.27 13.78 6.49
N HIS A 306 -95.38 13.87 5.16
CA HIS A 306 -95.22 12.70 4.31
C HIS A 306 -93.74 12.37 4.23
N ARG A 307 -93.36 11.16 4.66
CA ARG A 307 -91.98 10.73 4.65
C ARG A 307 -91.82 9.53 3.74
N PHE A 308 -90.97 9.68 2.72
CA PHE A 308 -90.65 8.59 1.80
C PHE A 308 -89.16 8.30 1.96
N VAL A 309 -88.85 7.12 2.46
CA VAL A 309 -87.47 6.68 2.59
C VAL A 309 -87.11 5.88 1.36
N GLY A 310 -85.89 6.06 0.88
CA GLY A 310 -85.45 5.26 -0.26
C GLY A 310 -84.06 5.62 -0.68
N LEU A 311 -83.75 5.50 -1.96
CA LEU A 311 -82.40 5.81 -2.43
C LEU A 311 -82.40 6.23 -3.88
N PHE A 312 -81.23 6.70 -4.33
CA PHE A 312 -81.03 7.37 -5.60
C PHE A 312 -80.55 6.39 -6.66
N THR A 313 -81.27 6.33 -7.78
CA THR A 313 -80.77 5.53 -8.89
C THR A 313 -79.53 6.19 -9.48
N VAL A 314 -78.80 5.38 -10.24
CA VAL A 314 -77.50 5.83 -10.76
C VAL A 314 -77.72 6.83 -11.90
N ALA A 315 -78.53 6.45 -12.89
CA ALA A 315 -78.82 7.33 -14.01
C ALA A 315 -79.36 8.66 -13.51
N ALA A 316 -80.15 8.62 -12.45
CA ALA A 316 -80.51 9.85 -11.76
C ALA A 316 -79.26 10.58 -11.31
N MSE A 317 -78.45 9.93 -10.48
CA MSE A 317 -77.35 10.61 -9.81
C MSE A 317 -76.36 11.24 -10.76
O MSE A 317 -75.52 12.03 -10.34
CB MSE A 317 -76.62 9.65 -8.88
CG MSE A 317 -76.85 9.96 -7.42
SE MSE A 317 -75.77 8.85 -6.29
CE MSE A 317 -76.31 7.12 -6.99
N ASN A 318 -76.44 10.92 -12.04
CA ASN A 318 -75.66 11.66 -13.02
C ASN A 318 -76.49 12.43 -14.02
N ALA A 319 -77.80 12.60 -13.80
CA ALA A 319 -78.59 13.42 -14.70
C ALA A 319 -78.06 14.85 -14.72
N ASN A 320 -78.14 15.49 -15.90
CA ASN A 320 -77.75 16.89 -16.01
C ASN A 320 -78.51 17.71 -14.98
N ALA A 321 -77.78 18.55 -14.23
CA ALA A 321 -78.39 19.28 -13.12
C ALA A 321 -79.57 20.13 -13.56
N LEU A 322 -79.70 20.39 -14.86
CA LEU A 322 -80.82 21.20 -15.34
C LEU A 322 -82.14 20.43 -15.32
N GLU A 323 -82.10 19.12 -15.59
CA GLU A 323 -83.31 18.33 -15.75
C GLU A 323 -84.14 18.25 -14.48
N ILE A 324 -83.56 18.58 -13.34
CA ILE A 324 -84.29 18.53 -12.08
C ILE A 324 -85.07 19.83 -11.92
N PRO A 325 -86.33 19.78 -11.55
CA PRO A 325 -87.15 20.99 -11.50
C PRO A 325 -86.67 22.04 -10.51
N LEU A 326 -86.62 21.70 -9.22
CA LEU A 326 -86.19 22.69 -8.24
C LEU A 326 -84.76 23.13 -8.51
N ILE A 327 -83.93 22.21 -8.99
CA ILE A 327 -82.52 22.53 -9.15
C ILE A 327 -82.34 23.64 -10.20
N SER A 328 -82.88 23.43 -11.40
CA SER A 328 -82.79 24.45 -12.44
C SER A 328 -83.21 25.81 -11.91
N ARG A 329 -84.22 25.84 -11.03
CA ARG A 329 -84.70 27.07 -10.42
C ARG A 329 -83.60 27.83 -9.72
N ARG A 330 -83.12 27.33 -8.57
CA ARG A 330 -82.08 28.05 -7.84
C ARG A 330 -80.83 28.24 -8.68
N VAL A 331 -80.62 27.36 -9.67
CA VAL A 331 -79.48 27.49 -10.57
C VAL A 331 -79.54 28.82 -11.30
N GLU A 332 -80.60 29.02 -12.08
CA GLU A 332 -80.70 30.27 -12.80
C GLU A 332 -80.85 31.45 -11.84
N GLU A 333 -81.45 31.22 -10.67
CA GLU A 333 -81.52 32.24 -9.62
C GLU A 333 -80.15 32.83 -9.36
N ALA A 334 -79.19 31.96 -9.04
CA ALA A 334 -77.85 32.43 -8.77
C ALA A 334 -77.12 32.83 -10.05
N LEU A 335 -77.51 32.25 -11.18
CA LEU A 335 -76.95 32.65 -12.46
C LEU A 335 -77.16 34.13 -12.72
N ALA A 336 -78.30 34.65 -12.26
CA ALA A 336 -78.57 36.07 -12.37
C ALA A 336 -77.46 36.88 -11.71
N MSE A 337 -77.28 36.69 -10.41
CA MSE A 337 -76.23 37.35 -9.66
C MSE A 337 -74.87 37.12 -10.33
O MSE A 337 -74.00 37.99 -10.32
CB MSE A 337 -76.21 36.84 -8.22
CG MSE A 337 -77.59 36.57 -7.64
SE MSE A 337 -78.62 38.18 -7.25
CE MSE A 337 -80.15 37.38 -6.37
N ALA A 338 -74.72 35.94 -10.93
CA ALA A 338 -73.46 35.59 -11.61
C ALA A 338 -73.17 36.54 -12.75
N HIS A 339 -74.05 36.57 -13.74
CA HIS A 339 -73.86 37.51 -14.84
C HIS A 339 -74.00 38.96 -14.39
N ARG A 340 -74.39 39.22 -13.13
CA ARG A 340 -74.42 40.59 -12.65
C ARG A 340 -73.02 41.15 -12.46
N ASP A 341 -72.21 40.49 -11.64
CA ASP A 341 -70.82 40.94 -11.45
C ASP A 341 -70.06 40.75 -12.75
N PRO A 342 -69.48 41.80 -13.33
CA PRO A 342 -68.88 41.66 -14.67
C PRO A 342 -67.73 40.68 -14.71
N SER A 343 -66.88 40.69 -13.69
CA SER A 343 -65.79 39.72 -13.59
C SER A 343 -66.35 38.31 -13.75
N HIS A 344 -67.00 37.83 -12.68
CA HIS A 344 -67.51 36.47 -12.58
C HIS A 344 -68.15 36.02 -13.88
N PRO A 345 -67.66 34.96 -14.50
CA PRO A 345 -68.24 34.50 -15.77
C PRO A 345 -69.24 33.38 -15.56
N GLY A 346 -70.31 33.41 -16.34
CA GLY A 346 -71.36 32.41 -16.25
C GLY A 346 -70.88 30.98 -16.29
N GLN A 347 -70.57 30.46 -17.48
CA GLN A 347 -70.26 29.05 -17.64
C GLN A 347 -69.03 28.62 -16.84
N LEU A 348 -68.15 29.54 -16.48
CA LEU A 348 -67.06 29.20 -15.59
C LEU A 348 -67.59 28.59 -14.30
N LEU A 349 -68.27 29.41 -13.53
CA LEU A 349 -68.83 28.92 -12.29
C LEU A 349 -69.90 27.87 -12.55
N ARG A 350 -70.55 27.91 -13.71
CA ARG A 350 -71.50 26.86 -14.07
C ARG A 350 -70.81 25.50 -14.02
N ASP A 351 -69.70 25.38 -14.74
CA ASP A 351 -68.84 24.21 -14.63
C ASP A 351 -68.55 23.93 -13.16
N ILE A 352 -68.02 24.95 -12.48
CA ILE A 352 -67.70 24.85 -11.05
C ILE A 352 -68.81 24.14 -10.29
N ILE A 353 -70.03 24.30 -10.76
CA ILE A 353 -71.17 23.77 -10.07
C ILE A 353 -71.48 22.36 -10.49
N GLN A 354 -71.60 22.13 -11.81
CA GLN A 354 -72.14 20.87 -12.32
C GLN A 354 -71.54 19.67 -11.61
N THR A 355 -70.27 19.77 -11.22
CA THR A 355 -69.64 18.70 -10.47
C THR A 355 -70.35 18.44 -9.16
N ILE A 356 -70.73 19.51 -8.48
CA ILE A 356 -71.06 19.43 -7.07
C ILE A 356 -72.13 18.36 -6.93
N PRO A 357 -71.83 17.33 -6.19
CA PRO A 357 -72.68 16.12 -6.17
C PRO A 357 -74.13 16.41 -5.84
N ARG A 358 -74.93 15.39 -5.99
CA ARG A 358 -76.36 15.59 -6.13
C ARG A 358 -77.12 15.62 -4.80
N PRO A 359 -76.83 14.74 -3.84
CA PRO A 359 -77.61 14.76 -2.59
C PRO A 359 -77.73 16.12 -1.93
N GLU A 360 -76.61 16.79 -1.69
CA GLU A 360 -76.61 18.06 -0.97
C GLU A 360 -77.36 19.15 -1.71
N LEU A 361 -77.71 18.93 -2.98
CA LEU A 361 -78.25 20.00 -3.81
C LEU A 361 -79.53 20.61 -3.24
N PHE A 362 -80.15 19.95 -2.29
CA PHE A 362 -81.46 20.42 -1.84
C PHE A 362 -81.37 21.35 -0.65
N ALA A 363 -80.43 21.11 0.25
CA ALA A 363 -80.28 21.98 1.41
C ALA A 363 -79.86 23.40 1.03
N LEU A 364 -79.28 23.59 -0.15
CA LEU A 364 -78.76 24.89 -0.54
C LEU A 364 -79.86 25.77 -1.11
N SER A 365 -79.89 27.01 -0.65
CA SER A 365 -80.65 28.07 -1.30
C SER A 365 -79.70 28.85 -2.19
N SER A 366 -80.23 29.47 -3.23
CA SER A 366 -79.38 30.27 -4.10
C SER A 366 -78.52 31.23 -3.28
N LYS A 367 -79.04 31.73 -2.15
CA LYS A 367 -78.20 32.45 -1.21
C LYS A 367 -77.00 31.60 -0.83
N GLN A 368 -77.26 30.36 -0.41
CA GLN A 368 -76.15 29.45 -0.11
C GLN A 368 -75.44 29.01 -1.38
N LEU A 369 -75.99 29.30 -2.55
CA LEU A 369 -75.17 29.22 -3.75
C LEU A 369 -74.23 30.40 -3.84
N LEU A 370 -74.80 31.61 -3.89
CA LEU A 370 -73.99 32.81 -3.96
C LEU A 370 -72.87 32.79 -2.94
N GLU A 371 -73.13 32.20 -1.76
CA GLU A 371 -72.07 31.99 -0.79
C GLU A 371 -70.90 31.24 -1.43
N MSE A 372 -71.20 30.23 -2.23
CA MSE A 372 -70.15 29.49 -2.92
C MSE A 372 -69.65 30.31 -4.09
O MSE A 372 -68.53 30.14 -4.54
CB MSE A 372 -70.67 28.14 -3.40
CG MSE A 372 -71.64 27.46 -2.46
SE MSE A 372 -70.81 26.57 -0.93
CE MSE A 372 -71.00 27.98 0.40
N ALA A 373 -70.51 31.19 -4.59
CA ALA A 373 -70.13 32.02 -5.72
C ALA A 373 -69.16 33.09 -5.28
N LEU A 374 -69.57 33.91 -4.31
CA LEU A 374 -68.74 34.94 -3.74
C LEU A 374 -67.53 34.38 -3.02
N ALA A 375 -67.44 33.07 -2.92
CA ALA A 375 -66.23 32.41 -2.46
C ALA A 375 -65.19 32.35 -3.56
N VAL A 376 -65.56 32.78 -4.75
CA VAL A 376 -64.58 32.97 -5.80
C VAL A 376 -63.94 34.35 -5.70
N VAL A 377 -64.67 35.36 -5.16
CA VAL A 377 -64.21 36.74 -5.17
C VAL A 377 -63.01 36.90 -4.25
N ASP A 378 -62.39 35.78 -3.87
CA ASP A 378 -61.30 35.76 -2.92
C ASP A 378 -60.08 34.97 -3.44
N ARG A 383 -52.06 32.09 -3.28
CA ARG A 383 -51.48 30.78 -3.55
C ARG A 383 -51.44 29.92 -2.30
N ARG A 384 -52.62 29.53 -1.81
CA ARG A 384 -52.74 28.66 -0.65
C ARG A 384 -54.02 27.85 -0.76
N THR A 385 -54.13 26.81 0.07
CA THR A 385 -55.25 25.88 0.03
C THR A 385 -56.37 26.28 1.00
N LEU A 386 -57.61 26.21 0.53
CA LEU A 386 -58.80 26.50 1.32
C LEU A 386 -59.71 25.27 1.37
N LEU A 387 -60.11 24.87 2.59
CA LEU A 387 -60.83 23.62 2.82
C LEU A 387 -62.05 23.85 3.69
N PHE A 388 -63.21 23.33 3.25
CA PHE A 388 -64.48 23.52 3.95
C PHE A 388 -65.09 22.19 4.33
N LEU A 389 -65.71 22.15 5.52
CA LEU A 389 -66.27 20.94 6.09
C LEU A 389 -67.65 21.21 6.64
N ARG A 390 -68.50 20.18 6.61
CA ARG A 390 -69.87 20.32 7.07
C ARG A 390 -70.42 18.94 7.37
N ALA A 391 -70.56 18.61 8.67
CA ALA A 391 -71.15 17.35 9.08
C ALA A 391 -72.57 17.24 8.54
N ASP A 392 -72.82 16.20 7.75
CA ASP A 392 -74.17 15.94 7.28
C ASP A 392 -75.10 15.76 8.48
N HIS A 393 -76.36 16.10 8.26
CA HIS A 393 -77.37 15.91 9.29
C HIS A 393 -77.36 14.47 9.82
N LEU A 394 -77.10 13.52 8.92
CA LEU A 394 -77.01 12.11 9.28
C LEU A 394 -75.72 11.77 10.00
N ALA A 395 -74.62 12.40 9.59
CA ALA A 395 -73.26 12.11 10.08
C ALA A 395 -72.78 10.73 9.63
N HIS A 396 -73.08 10.36 8.38
CA HIS A 396 -72.40 9.26 7.70
C HIS A 396 -71.59 9.74 6.50
N PHE A 397 -71.49 11.05 6.29
CA PHE A 397 -70.70 11.60 5.22
C PHE A 397 -70.16 12.94 5.67
N VAL A 398 -68.94 13.25 5.25
CA VAL A 398 -68.36 14.57 5.50
C VAL A 398 -68.14 15.21 4.14
N SER A 399 -68.90 16.26 3.86
CA SER A 399 -68.85 16.96 2.57
C SER A 399 -67.66 17.91 2.59
N CYS A 400 -66.57 17.51 1.92
CA CYS A 400 -65.31 18.23 1.96
C CYS A 400 -65.03 18.89 0.62
N LEU A 401 -64.48 20.10 0.69
CA LEU A 401 -64.35 20.93 -0.49
C LEU A 401 -63.04 21.71 -0.39
N VAL A 402 -62.26 21.65 -1.47
CA VAL A 402 -60.85 22.06 -1.44
C VAL A 402 -60.58 23.09 -2.54
N TYR A 403 -59.62 23.98 -2.27
CA TYR A 403 -59.30 25.08 -3.16
C TYR A 403 -57.79 25.24 -3.27
N LEU A 404 -57.32 25.36 -4.49
CA LEU A 404 -55.88 25.32 -4.70
C LEU A 404 -55.59 25.76 -6.14
N PRO A 405 -54.41 26.32 -6.40
CA PRO A 405 -54.10 26.78 -7.76
C PRO A 405 -54.25 25.70 -8.82
N ARG A 406 -54.70 26.12 -10.01
CA ARG A 406 -54.89 25.19 -11.11
C ARG A 406 -53.59 24.51 -11.49
N ASP A 407 -52.54 25.29 -11.75
CA ASP A 407 -51.26 24.74 -12.16
C ASP A 407 -50.67 23.77 -11.15
N ARG A 408 -51.28 23.60 -9.97
CA ARG A 408 -50.70 22.80 -8.92
C ARG A 408 -51.33 21.41 -8.78
N TYR A 409 -52.49 21.14 -9.37
CA TYR A 409 -53.17 19.87 -9.14
C TYR A 409 -52.57 18.73 -9.96
N THR A 410 -52.45 17.57 -9.33
CA THR A 410 -52.21 16.31 -10.00
C THR A 410 -53.07 15.24 -9.35
N THR A 411 -53.41 14.21 -10.12
CA THR A 411 -54.04 13.04 -9.53
C THR A 411 -53.29 12.58 -8.30
N ALA A 412 -51.96 12.71 -8.31
CA ALA A 412 -51.17 12.46 -7.12
C ALA A 412 -51.70 13.26 -5.94
N VAL A 413 -51.73 14.59 -6.07
CA VAL A 413 -52.20 15.43 -4.98
C VAL A 413 -53.63 15.07 -4.61
N ARG A 414 -54.44 14.68 -5.60
CA ARG A 414 -55.76 14.15 -5.30
C ARG A 414 -55.66 13.02 -4.30
N LEU A 415 -54.68 12.12 -4.50
CA LEU A 415 -54.55 10.95 -3.65
C LEU A 415 -54.11 11.31 -2.24
N GLU A 416 -53.02 12.09 -2.11
CA GLU A 416 -52.55 12.45 -0.77
C GLU A 416 -53.63 13.22 -0.02
N MSE A 417 -54.42 14.02 -0.71
CA MSE A 417 -55.48 14.74 -0.04
C MSE A 417 -56.59 13.77 0.30
O MSE A 417 -57.14 13.84 1.39
CB MSE A 417 -55.99 15.87 -0.91
CG MSE A 417 -54.94 16.95 -1.02
SE MSE A 417 -55.47 18.44 -2.11
CE MSE A 417 -56.17 17.45 -3.63
N GLN A 418 -56.88 12.84 -0.61
CA GLN A 418 -57.79 11.74 -0.28
C GLN A 418 -57.29 11.00 0.95
N ASP A 419 -56.00 10.67 0.99
CA ASP A 419 -55.42 10.03 2.16
C ASP A 419 -55.53 10.94 3.38
N ILE A 420 -55.02 12.16 3.26
CA ILE A 420 -55.06 13.08 4.40
C ILE A 420 -56.50 13.39 4.80
N LEU A 421 -57.44 13.28 3.87
CA LEU A 421 -58.84 13.44 4.24
C LEU A 421 -59.38 12.18 4.91
N VAL A 422 -59.16 11.01 4.32
CA VAL A 422 -59.64 9.78 4.94
C VAL A 422 -58.99 9.57 6.30
N ARG A 423 -57.70 9.91 6.41
CA ARG A 423 -56.97 9.71 7.66
C ARG A 423 -57.48 10.66 8.74
N GLU A 424 -57.25 11.97 8.56
CA GLU A 424 -57.61 12.94 9.59
C GLU A 424 -59.10 12.93 9.89
N LEU A 425 -59.92 12.38 8.99
CA LEU A 425 -61.35 12.20 9.24
C LEU A 425 -61.74 10.76 9.55
N GLY A 426 -60.83 9.79 9.41
CA GLY A 426 -61.15 8.41 9.71
C GLY A 426 -62.19 7.81 8.78
N GLY A 427 -62.02 8.02 7.48
CA GLY A 427 -63.02 7.58 6.54
C GLY A 427 -62.97 6.08 6.30
N ALA A 428 -64.14 5.54 5.94
CA ALA A 428 -64.25 4.17 5.47
C ALA A 428 -64.51 4.11 3.96
N GLY A 429 -64.29 5.22 3.26
CA GLY A 429 -64.51 5.33 1.84
C GLY A 429 -64.58 6.79 1.42
N ILE A 430 -63.99 7.14 0.29
CA ILE A 430 -63.98 8.53 -0.16
C ILE A 430 -64.25 8.57 -1.66
N ASP A 431 -65.02 9.56 -2.08
CA ASP A 431 -65.26 9.83 -3.49
C ASP A 431 -64.88 11.26 -3.80
N TYR A 432 -64.70 11.53 -5.08
CA TYR A 432 -64.38 12.88 -5.51
C TYR A 432 -65.03 13.15 -6.85
N SER A 433 -65.27 14.43 -7.09
CA SER A 433 -65.76 14.90 -8.37
C SER A 433 -64.79 15.98 -8.83
N ALA A 434 -64.07 15.69 -9.92
CA ALA A 434 -63.02 16.57 -10.42
C ALA A 434 -63.62 17.72 -11.23
N ARG A 435 -63.22 18.94 -10.90
CA ARG A 435 -63.76 20.15 -11.52
C ARG A 435 -62.63 21.14 -11.78
N VAL A 436 -62.32 21.36 -13.05
CA VAL A 436 -61.23 22.26 -13.45
C VAL A 436 -61.63 23.00 -14.73
N SER A 437 -61.34 24.30 -14.76
CA SER A 437 -61.65 25.13 -15.93
C SER A 437 -60.45 26.05 -16.18
N GLU A 438 -60.70 27.16 -16.87
CA GLU A 438 -59.69 28.21 -16.92
C GLU A 438 -59.55 28.94 -15.60
N SER A 439 -60.51 28.76 -14.68
CA SER A 439 -60.52 29.39 -13.37
C SER A 439 -59.19 29.17 -12.66
N PRO A 440 -58.74 30.12 -11.84
CA PRO A 440 -57.43 29.97 -11.21
C PRO A 440 -57.36 28.79 -10.25
N TRP A 441 -58.37 28.60 -9.41
CA TRP A 441 -58.32 27.55 -8.39
C TRP A 441 -59.09 26.33 -8.87
N ALA A 442 -58.47 25.17 -8.76
CA ALA A 442 -59.19 23.95 -9.00
C ALA A 442 -60.21 23.73 -7.89
N VAL A 443 -61.21 22.92 -8.18
CA VAL A 443 -62.29 22.64 -7.23
C VAL A 443 -62.62 21.16 -7.28
N VAL A 444 -62.68 20.52 -6.11
CA VAL A 444 -63.12 19.14 -5.98
C VAL A 444 -63.94 19.01 -4.73
N HIS A 445 -65.12 18.42 -4.85
CA HIS A 445 -65.87 18.02 -3.67
C HIS A 445 -65.50 16.59 -3.34
N PHE A 446 -65.02 16.39 -2.12
CA PHE A 446 -64.83 15.06 -1.59
C PHE A 446 -66.00 14.71 -0.68
N THR A 447 -66.51 13.50 -0.82
CA THR A 447 -67.48 12.95 0.12
C THR A 447 -66.82 11.78 0.83
N VAL A 448 -66.69 11.89 2.15
CA VAL A 448 -66.02 10.87 2.95
C VAL A 448 -67.08 10.00 3.59
N ARG A 449 -67.01 8.70 3.31
CA ARG A 449 -67.97 7.73 3.84
C ARG A 449 -67.58 7.33 5.25
N LEU A 450 -68.55 7.38 6.17
CA LEU A 450 -68.32 7.11 7.59
C LEU A 450 -68.91 5.77 8.00
N PRO A 451 -68.24 5.01 8.87
CA PRO A 451 -68.74 3.69 9.29
C PRO A 451 -70.05 3.79 10.06
N VAL A 459 -68.42 13.91 14.91
CA VAL A 459 -67.95 14.59 13.72
C VAL A 459 -67.30 15.92 14.08
N ASP A 460 -66.00 15.91 14.35
CA ASP A 460 -65.26 17.13 14.69
C ASP A 460 -65.16 18.06 13.50
N THR A 461 -66.29 18.66 13.09
CA THR A 461 -66.31 19.64 12.02
C THR A 461 -66.04 21.06 12.51
N SER A 462 -65.38 21.20 13.65
CA SER A 462 -65.04 22.52 14.17
C SER A 462 -64.05 23.21 13.24
N LEU A 463 -64.18 24.54 13.15
CA LEU A 463 -63.26 25.30 12.32
C LEU A 463 -61.84 25.29 12.86
N GLU A 464 -61.65 24.82 14.10
CA GLU A 464 -60.32 24.50 14.63
C GLU A 464 -59.66 23.42 13.80
N ASN A 465 -60.17 22.19 13.93
CA ASN A 465 -59.69 21.06 13.15
C ASN A 465 -59.79 21.33 11.64
N GLU A 466 -60.65 22.27 11.23
CA GLU A 466 -60.85 22.55 9.81
C GLU A 466 -59.60 23.14 9.18
N SER A 467 -59.01 24.15 9.83
CA SER A 467 -57.87 24.83 9.24
C SER A 467 -56.59 24.01 9.35
N ARG A 468 -56.50 23.11 10.34
CA ARG A 468 -55.27 22.34 10.54
C ARG A 468 -55.01 21.42 9.36
N ILE A 469 -55.99 20.57 9.02
CA ILE A 469 -55.87 19.68 7.86
C ILE A 469 -55.74 20.50 6.59
N GLN A 470 -56.37 21.68 6.56
CA GLN A 470 -56.31 22.57 5.41
C GLN A 470 -54.88 22.86 4.97
N ASP A 471 -53.95 22.87 5.92
CA ASP A 471 -52.56 23.10 5.55
C ASP A 471 -51.87 21.81 5.11
N LEU A 472 -52.26 20.66 5.67
CA LEU A 472 -51.77 19.36 5.20
C LEU A 472 -51.97 19.21 3.70
N LEU A 473 -52.80 20.09 3.12
CA LEU A 473 -53.03 20.18 1.69
C LEU A 473 -52.20 21.35 1.17
N THR A 474 -51.99 22.38 1.98
CA THR A 474 -51.07 23.44 1.59
C THR A 474 -49.72 22.87 1.13
N GLU A 475 -49.06 22.14 2.03
CA GLU A 475 -47.84 21.43 1.68
C GLU A 475 -47.93 20.29 0.68
N ALA A 476 -49.06 19.57 0.69
CA ALA A 476 -49.29 18.56 -0.34
C ALA A 476 -49.16 19.17 -1.72
N THR A 477 -49.65 20.40 -1.89
CA THR A 477 -49.52 21.10 -3.16
C THR A 477 -48.11 21.62 -3.39
N ARG A 478 -47.30 21.72 -2.35
CA ARG A 478 -46.02 22.38 -2.49
C ARG A 478 -45.06 21.53 -3.32
N ASN A 479 -44.50 22.14 -4.36
CA ASN A 479 -43.32 21.66 -5.07
C ASN A 479 -42.20 21.45 -4.06
N TRP A 480 -41.00 21.13 -4.51
CA TRP A 480 -39.94 21.19 -3.52
C TRP A 480 -39.22 22.52 -3.56
N GLY A 481 -39.21 23.20 -4.71
CA GLY A 481 -38.60 24.51 -4.77
C GLY A 481 -39.33 25.54 -3.92
N ASP A 482 -40.66 25.56 -4.01
CA ASP A 482 -41.43 26.49 -3.19
C ASP A 482 -41.30 26.18 -1.71
N ARG A 483 -41.30 24.91 -1.34
CA ARG A 483 -41.14 24.56 0.07
C ARG A 483 -39.76 25.00 0.57
N MSE A 484 -38.73 24.85 -0.29
CA MSE A 484 -37.38 25.33 0.02
C MSE A 484 -37.36 26.80 0.34
O MSE A 484 -36.84 27.26 1.36
CB MSE A 484 -36.43 25.13 -1.14
CG MSE A 484 -36.09 23.73 -1.50
SE MSE A 484 -35.08 23.90 -3.13
CE MSE A 484 -35.43 25.78 -3.54
N ILE A 485 -37.88 27.53 -0.63
CA ILE A 485 -37.93 28.98 -0.50
C ILE A 485 -38.69 29.37 0.77
N SER A 486 -39.80 28.67 1.05
CA SER A 486 -40.58 28.93 2.26
C SER A 486 -39.77 28.66 3.52
N ALA A 487 -38.97 27.59 3.50
CA ALA A 487 -38.11 27.31 4.64
C ALA A 487 -37.08 28.42 4.83
N ALA A 488 -36.57 28.98 3.71
CA ALA A 488 -35.59 30.04 3.86
C ALA A 488 -36.25 31.38 4.11
N ALA A 489 -37.58 31.39 4.08
CA ALA A 489 -38.30 32.61 4.42
C ALA A 489 -37.93 33.01 5.84
N ALA A 490 -37.67 32.02 6.70
CA ALA A 490 -37.21 32.24 8.05
C ALA A 490 -35.71 32.51 8.07
N ALA A 491 -35.03 32.22 6.96
CA ALA A 491 -33.61 32.50 6.88
C ALA A 491 -33.43 33.99 6.59
N SER A 492 -32.22 34.45 6.83
CA SER A 492 -31.87 35.85 6.68
C SER A 492 -31.09 36.07 5.39
N ILE A 493 -31.14 35.10 4.49
CA ILE A 493 -30.38 35.19 3.27
C ILE A 493 -31.00 36.19 2.32
N SER A 494 -30.20 36.64 1.36
CA SER A 494 -30.59 37.69 0.43
C SER A 494 -31.64 37.16 -0.53
N PRO A 495 -32.66 37.96 -0.85
CA PRO A 495 -33.66 37.50 -1.80
C PRO A 495 -33.06 37.19 -3.15
N ALA A 496 -32.03 37.93 -3.58
CA ALA A 496 -31.44 37.66 -4.89
C ALA A 496 -30.79 36.27 -4.91
N ALA A 497 -30.06 35.94 -3.85
CA ALA A 497 -29.48 34.60 -3.74
C ALA A 497 -30.56 33.54 -3.67
N LEU A 498 -31.65 33.83 -2.94
CA LEU A 498 -32.76 32.89 -2.86
C LEU A 498 -33.35 32.60 -4.23
N GLU A 499 -33.56 33.65 -5.03
CA GLU A 499 -34.11 33.47 -6.37
C GLU A 499 -33.16 32.70 -7.27
N HIS A 500 -31.84 32.99 -7.22
CA HIS A 500 -30.92 32.23 -8.06
C HIS A 500 -30.84 30.77 -7.66
N TYR A 501 -30.76 30.48 -6.37
CA TYR A 501 -30.68 29.09 -6.01
C TYR A 501 -32.03 28.39 -6.16
N ALA A 502 -33.12 29.13 -6.30
CA ALA A 502 -34.42 28.51 -6.51
C ALA A 502 -34.44 27.66 -7.77
N HIS A 503 -33.82 28.13 -8.85
CA HIS A 503 -33.70 27.37 -10.08
C HIS A 503 -32.31 26.83 -10.34
N ALA A 504 -31.31 27.34 -9.62
CA ALA A 504 -29.93 26.88 -9.77
C ALA A 504 -29.78 25.46 -9.28
N PHE A 505 -30.57 25.07 -8.29
CA PHE A 505 -30.45 23.72 -7.75
C PHE A 505 -30.84 22.72 -8.84
N PRO A 506 -29.99 21.76 -9.15
CA PRO A 506 -30.32 20.80 -10.20
C PRO A 506 -31.42 19.84 -9.75
N GLU A 507 -31.99 19.14 -10.72
CA GLU A 507 -33.19 18.35 -10.47
C GLU A 507 -32.87 17.07 -9.68
N ASP A 508 -31.68 16.50 -9.85
CA ASP A 508 -31.27 15.36 -9.03
C ASP A 508 -31.18 15.75 -7.56
N TYR A 509 -30.70 16.96 -7.28
CA TYR A 509 -30.73 17.44 -5.91
C TYR A 509 -32.16 17.57 -5.40
N LYS A 510 -33.08 18.03 -6.26
CA LYS A 510 -34.46 18.16 -5.84
C LYS A 510 -35.03 16.81 -5.44
N GLN A 511 -34.75 15.78 -6.24
CA GLN A 511 -35.31 14.46 -6.02
C GLN A 511 -34.52 13.62 -5.04
N ALA A 512 -33.35 14.06 -4.61
CA ALA A 512 -32.55 13.26 -3.69
C ALA A 512 -32.36 13.98 -2.38
N PHE A 513 -33.21 14.96 -2.12
CA PHE A 513 -33.11 15.72 -0.90
C PHE A 513 -34.51 16.04 -0.43
N ALA A 514 -34.57 16.96 0.51
CA ALA A 514 -35.80 17.41 1.10
C ALA A 514 -35.77 18.91 0.98
N PRO A 515 -36.92 19.55 0.94
CA PRO A 515 -36.94 21.01 0.90
C PRO A 515 -36.26 21.68 2.08
N GLN A 516 -36.27 21.03 3.25
CA GLN A 516 -35.64 21.59 4.45
C GLN A 516 -34.12 21.54 4.42
N ASP A 517 -33.56 20.52 3.79
CA ASP A 517 -32.10 20.43 3.67
C ASP A 517 -31.51 21.53 2.80
N ALA A 518 -32.34 22.17 1.99
CA ALA A 518 -31.87 23.22 1.10
C ALA A 518 -31.29 24.40 1.86
N ILE A 519 -31.87 24.74 3.01
CA ILE A 519 -31.38 25.89 3.77
C ILE A 519 -29.94 25.67 4.22
N ALA A 520 -29.68 24.53 4.85
CA ALA A 520 -28.33 24.23 5.32
C ALA A 520 -27.35 24.12 4.16
N ASP A 521 -27.77 23.48 3.08
CA ASP A 521 -26.88 23.30 1.95
C ASP A 521 -26.52 24.64 1.30
N ILE A 522 -27.50 25.52 1.11
CA ILE A 522 -27.20 26.80 0.49
C ILE A 522 -26.33 27.66 1.41
N SER A 523 -26.53 27.57 2.72
CA SER A 523 -25.68 28.33 3.63
C SER A 523 -24.24 27.86 3.51
N LEU A 524 -24.03 26.53 3.52
CA LEU A 524 -22.67 26.01 3.40
C LEU A 524 -22.05 26.29 2.04
N ILE A 525 -22.86 26.35 0.99
CA ILE A 525 -22.39 26.65 -0.36
C ILE A 525 -21.95 28.09 -0.46
N GLU A 526 -22.75 28.98 0.10
CA GLU A 526 -22.44 30.40 0.11
C GLU A 526 -21.18 30.64 0.94
N ALA A 527 -20.95 29.78 1.94
CA ALA A 527 -19.80 29.82 2.85
C ALA A 527 -18.48 29.40 2.20
N LEU A 528 -18.48 28.89 0.98
CA LEU A 528 -17.28 28.34 0.35
C LEU A 528 -16.36 29.42 -0.23
N GLN A 529 -15.11 29.02 -0.56
CA GLN A 529 -14.15 29.90 -1.23
C GLN A 529 -13.67 29.20 -2.51
N ASP A 530 -12.69 29.75 -3.23
CA ASP A 530 -12.19 29.04 -4.42
C ASP A 530 -11.35 27.83 -4.03
N ASP A 531 -11.67 26.67 -4.62
CA ASP A 531 -10.98 25.42 -4.36
C ASP A 531 -10.93 25.14 -2.86
N SER A 532 -11.97 25.53 -2.15
CA SER A 532 -12.04 25.28 -0.72
C SER A 532 -12.62 23.90 -0.45
N VAL A 533 -12.66 23.55 0.83
CA VAL A 533 -13.24 22.28 1.22
C VAL A 533 -13.84 22.44 2.59
N LYS A 534 -15.04 21.90 2.75
CA LYS A 534 -15.68 21.88 4.05
C LYS A 534 -16.24 20.48 4.23
N LEU A 535 -16.12 19.96 5.44
CA LEU A 535 -16.63 18.63 5.74
C LEU A 535 -17.53 18.67 6.95
N VAL A 536 -18.69 18.04 6.80
CA VAL A 536 -19.66 17.93 7.89
C VAL A 536 -20.01 16.46 8.10
N LEU A 537 -19.77 15.98 9.32
CA LEU A 537 -19.99 14.59 9.71
C LEU A 537 -21.13 14.48 10.72
N ALA A 538 -22.06 13.57 10.43
CA ALA A 538 -23.21 13.28 11.28
C ALA A 538 -23.44 11.78 11.26
N ASP A 539 -24.30 11.31 12.13
CA ASP A 539 -24.60 9.89 12.20
C ASP A 539 -25.95 9.62 11.55
N THR A 540 -25.98 8.62 10.67
CA THR A 540 -27.18 8.30 9.92
C THR A 540 -28.17 7.59 10.83
N ALA A 541 -29.28 7.13 10.27
CA ALA A 541 -30.31 6.50 11.07
C ALA A 541 -29.94 5.12 11.64
N GLU A 542 -28.85 4.49 11.23
CA GLU A 542 -28.56 3.16 11.77
C GLU A 542 -27.32 3.15 12.68
N ASP A 543 -26.93 1.93 13.11
CA ASP A 543 -25.86 1.75 14.09
C ASP A 543 -24.54 1.55 13.38
N ARG A 544 -23.53 2.28 13.83
CA ARG A 544 -22.15 2.18 13.38
C ARG A 544 -22.06 2.45 11.88
N VAL A 545 -22.92 3.36 11.42
CA VAL A 545 -22.93 3.86 10.04
C VAL A 545 -23.08 5.37 10.13
N TRP A 546 -22.23 6.11 9.43
CA TRP A 546 -22.15 7.56 9.54
C TRP A 546 -22.33 8.18 8.15
N LYS A 547 -22.93 9.36 8.12
CA LYS A 547 -23.10 10.14 6.89
C LYS A 547 -22.16 11.35 6.91
N LEU A 548 -21.30 11.43 5.90
CA LEU A 548 -20.30 12.48 5.72
C LEU A 548 -20.53 13.26 4.45
N THR A 549 -20.82 14.55 4.59
CA THR A 549 -21.04 15.41 3.44
C THR A 549 -19.77 16.24 3.19
N TRP A 550 -19.29 16.19 1.95
CA TRP A 550 -18.06 16.83 1.51
C TRP A 550 -18.37 17.87 0.47
N TYR A 551 -18.15 19.13 0.82
CA TYR A 551 -18.34 20.23 -0.08
C TYR A 551 -16.99 20.60 -0.67
N LEU A 552 -16.90 20.52 -1.99
CA LEU A 552 -15.78 21.00 -2.77
C LEU A 552 -16.16 22.34 -3.38
N GLY A 553 -15.46 23.39 -2.98
CA GLY A 553 -15.71 24.75 -3.40
C GLY A 553 -14.96 25.29 -4.60
N GLY A 554 -15.29 24.85 -5.82
CA GLY A 554 -14.70 25.48 -7.00
C GLY A 554 -14.28 24.59 -8.15
N HIS A 555 -13.87 23.37 -7.82
CA HIS A 555 -13.36 22.41 -8.79
C HIS A 555 -13.86 21.03 -8.43
N SER A 556 -14.22 20.25 -9.43
CA SER A 556 -14.62 18.90 -9.11
C SER A 556 -13.38 18.05 -8.86
N ALA A 557 -13.60 16.96 -8.14
CA ALA A 557 -12.54 16.02 -7.82
C ALA A 557 -13.04 14.60 -8.07
N SER A 558 -12.14 13.74 -8.54
CA SER A 558 -12.52 12.38 -8.86
C SER A 558 -12.71 11.52 -7.62
N LEU A 559 -13.41 10.42 -7.82
CA LEU A 559 -13.56 9.46 -6.75
C LEU A 559 -12.23 8.77 -6.45
N SER A 560 -11.40 8.63 -7.46
CA SER A 560 -10.14 7.92 -7.38
C SER A 560 -9.07 8.53 -6.46
N GLU A 561 -9.12 9.82 -6.12
CA GLU A 561 -8.13 10.36 -5.20
C GLU A 561 -8.60 10.70 -3.81
N LEU A 562 -9.87 10.97 -3.63
CA LEU A 562 -10.35 11.36 -2.31
C LEU A 562 -10.48 10.18 -1.34
N LEU A 563 -10.78 8.98 -1.80
CA LEU A 563 -10.98 7.92 -0.83
C LEU A 563 -9.71 7.41 -0.15
N PRO A 564 -8.57 7.33 -0.84
CA PRO A 564 -7.36 6.91 -0.12
C PRO A 564 -7.05 7.83 1.04
N MSE A 565 -7.43 9.09 0.92
CA MSE A 565 -7.42 10.01 2.04
C MSE A 565 -8.33 9.44 3.13
O MSE A 565 -7.87 9.16 4.24
CB MSE A 565 -7.88 11.40 1.58
CG MSE A 565 -7.27 11.83 0.24
SE MSE A 565 -7.94 13.52 -0.48
CE MSE A 565 -6.79 13.72 -2.04
N LEU A 566 -9.60 9.22 2.79
CA LEU A 566 -10.56 8.77 3.80
C LEU A 566 -10.27 7.36 4.26
N GLN A 567 -9.72 6.50 3.39
CA GLN A 567 -9.39 5.16 3.83
C GLN A 567 -8.31 5.22 4.89
N SER A 568 -7.39 6.15 4.77
CA SER A 568 -6.37 6.32 5.78
C SER A 568 -6.92 6.82 7.13
N MSE A 569 -8.24 6.80 7.34
CA MSE A 569 -8.82 7.19 8.61
C MSE A 569 -9.47 6.00 9.32
O MSE A 569 -10.26 6.17 10.24
CB MSE A 569 -9.84 8.28 8.40
CG MSE A 569 -9.25 9.53 7.79
SE MSE A 569 -7.77 10.12 8.90
CE MSE A 569 -8.70 10.46 10.58
N GLY A 570 -9.11 4.80 8.86
CA GLY A 570 -9.59 3.56 9.44
C GLY A 570 -11.07 3.30 9.33
N VAL A 571 -11.81 4.14 8.65
CA VAL A 571 -13.24 3.97 8.49
C VAL A 571 -13.44 3.39 7.11
N VAL A 572 -14.35 2.45 6.98
CA VAL A 572 -14.66 1.88 5.68
C VAL A 572 -15.70 2.75 5.01
N VAL A 573 -15.38 3.22 3.82
CA VAL A 573 -16.32 4.03 3.06
C VAL A 573 -17.19 3.06 2.29
N LEU A 574 -18.48 3.16 2.51
CA LEU A 574 -19.45 2.25 1.92
C LEU A 574 -20.00 2.75 0.60
N GLU A 575 -20.37 4.02 0.54
CA GLU A 575 -20.93 4.51 -0.69
C GLU A 575 -20.79 6.03 -0.74
N GLU A 576 -20.96 6.54 -1.95
CA GLU A 576 -20.85 7.96 -2.26
C GLU A 576 -21.92 8.30 -3.30
N ARG A 577 -22.42 9.52 -3.23
CA ARG A 577 -23.37 9.98 -4.23
C ARG A 577 -22.95 11.41 -4.57
N PRO A 578 -22.67 11.69 -5.86
CA PRO A 578 -22.24 13.04 -6.24
C PRO A 578 -23.32 13.95 -6.76
N PHE A 579 -23.01 15.25 -6.70
CA PHE A 579 -23.82 16.32 -7.26
C PHE A 579 -22.93 17.50 -7.62
N THR A 580 -23.37 18.29 -8.61
CA THR A 580 -22.71 19.52 -9.03
C THR A 580 -23.76 20.62 -9.19
N LEU A 581 -23.34 21.87 -8.99
CA LEU A 581 -24.27 22.99 -9.16
C LEU A 581 -23.51 24.31 -9.34
N ARG A 582 -24.27 25.36 -9.67
CA ARG A 582 -23.71 26.69 -9.89
C ARG A 582 -24.26 27.59 -8.77
N ARG A 583 -23.36 28.33 -8.14
CA ARG A 583 -23.63 29.21 -7.00
C ARG A 583 -24.36 30.50 -7.37
N THR A 584 -24.53 31.37 -6.36
CA THR A 584 -25.15 32.66 -6.61
C THR A 584 -24.22 33.55 -7.40
N ASP A 585 -22.91 33.33 -7.27
CA ASP A 585 -21.89 34.04 -8.01
C ASP A 585 -21.42 33.30 -9.27
N GLY A 586 -22.06 32.21 -9.65
CA GLY A 586 -21.63 31.43 -10.81
C GLY A 586 -20.52 30.43 -10.55
N LEU A 587 -20.06 30.31 -9.32
CA LEU A 587 -19.00 29.36 -8.98
C LEU A 587 -19.51 27.93 -8.92
N PRO A 588 -18.97 27.00 -9.72
CA PRO A 588 -19.47 25.62 -9.65
C PRO A 588 -18.90 24.94 -8.41
N VAL A 589 -19.80 24.35 -7.63
CA VAL A 589 -19.47 23.63 -6.39
C VAL A 589 -19.93 22.16 -6.48
N TRP A 590 -19.09 21.24 -5.99
CA TRP A 590 -19.41 19.81 -6.00
C TRP A 590 -19.66 19.29 -4.59
N ILE A 591 -20.60 18.36 -4.47
CA ILE A 591 -20.96 17.73 -3.20
C ILE A 591 -20.87 16.22 -3.31
N TYR A 592 -20.26 15.61 -2.31
CA TYR A 592 -20.13 14.17 -2.21
C TYR A 592 -20.71 13.69 -0.87
N GLN A 593 -21.80 12.91 -0.94
CA GLN A 593 -22.42 12.31 0.25
C GLN A 593 -21.82 10.94 0.47
N PHE A 594 -21.40 10.67 1.70
CA PHE A 594 -20.70 9.44 2.01
C PHE A 594 -21.49 8.68 3.07
N LYS A 595 -21.93 7.48 2.73
CA LYS A 595 -22.41 6.53 3.73
C LYS A 595 -21.20 5.68 4.09
N ILE A 596 -20.72 5.79 5.33
CA ILE A 596 -19.49 5.15 5.77
C ILE A 596 -19.75 4.38 7.05
N SER A 597 -18.75 3.60 7.46
CA SER A 597 -18.81 2.84 8.69
C SER A 597 -17.37 2.67 9.11
N PRO A 598 -17.07 2.76 10.40
CA PRO A 598 -15.68 2.58 10.85
C PRO A 598 -15.29 1.12 10.90
N HIS A 599 -13.98 0.90 10.98
CA HIS A 599 -13.50 -0.46 11.16
C HIS A 599 -14.01 -0.91 12.54
N PRO A 600 -14.32 -2.19 12.70
CA PRO A 600 -14.86 -2.63 13.99
C PRO A 600 -13.94 -2.34 15.15
N SER A 601 -12.64 -2.29 14.92
CA SER A 601 -11.72 -2.00 16.00
C SER A 601 -11.79 -0.56 16.47
N ILE A 602 -12.41 0.34 15.71
CA ILE A 602 -12.48 1.75 16.09
C ILE A 602 -13.45 1.92 17.26
N PRO A 603 -13.08 2.63 18.33
CA PRO A 603 -13.93 2.71 19.51
C PRO A 603 -15.20 3.51 19.26
N HIS A 604 -16.22 3.24 20.09
CA HIS A 604 -17.49 3.94 20.02
C HIS A 604 -17.38 5.31 20.69
N ALA A 605 -18.50 6.03 20.75
CA ALA A 605 -18.54 7.34 21.39
C ALA A 605 -19.27 7.22 22.72
N PRO A 606 -18.62 7.52 23.85
CA PRO A 606 -19.33 7.47 25.15
C PRO A 606 -20.44 8.50 25.33
N ASP A 607 -20.47 9.60 24.60
CA ASP A 607 -21.54 10.59 24.73
C ASP A 607 -21.57 11.39 23.45
N ALA A 608 -22.65 12.14 23.26
CA ALA A 608 -22.73 12.96 22.08
C ALA A 608 -21.62 14.01 22.07
N GLU A 609 -21.16 14.42 23.25
CA GLU A 609 -20.03 15.32 23.34
C GLU A 609 -18.74 14.72 22.76
N ALA A 610 -18.48 13.43 23.06
CA ALA A 610 -17.30 12.76 22.52
C ALA A 610 -17.37 12.62 21.00
N GLN A 611 -18.56 12.30 20.49
CA GLN A 611 -18.75 12.16 19.05
C GLN A 611 -18.55 13.51 18.37
N ARG A 612 -19.03 14.59 19.00
CA ARG A 612 -18.83 15.93 18.46
C ARG A 612 -17.34 16.28 18.36
N ASP A 613 -16.57 16.02 19.44
CA ASP A 613 -15.13 16.31 19.39
C ASP A 613 -14.41 15.46 18.35
N THR A 614 -14.77 14.18 18.28
CA THR A 614 -14.13 13.31 17.29
C THR A 614 -14.42 13.80 15.88
N ALA A 615 -15.66 14.21 15.63
CA ALA A 615 -16.02 14.71 14.31
C ALA A 615 -15.29 16.01 13.97
N GLN A 616 -15.18 16.93 14.94
CA GLN A 616 -14.47 18.18 14.68
C GLN A 616 -12.99 17.91 14.37
N ARG A 617 -12.32 17.04 15.16
CA ARG A 617 -10.91 16.73 14.90
C ARG A 617 -10.75 16.06 13.54
N PHE A 618 -11.69 15.18 13.20
CA PHE A 618 -11.68 14.52 11.91
C PHE A 618 -11.76 15.55 10.80
N ALA A 619 -12.67 16.52 10.94
CA ALA A 619 -12.83 17.54 9.90
C ALA A 619 -11.52 18.30 9.74
N ASP A 620 -10.87 18.67 10.85
CA ASP A 620 -9.60 19.37 10.72
C ASP A 620 -8.58 18.50 10.01
N ALA A 621 -8.51 17.22 10.38
CA ALA A 621 -7.51 16.33 9.79
C ALA A 621 -7.77 16.07 8.32
N VAL A 622 -9.03 15.85 7.93
CA VAL A 622 -9.34 15.61 6.53
C VAL A 622 -9.13 16.87 5.71
N THR A 623 -9.46 18.04 6.28
CA THR A 623 -9.18 19.29 5.58
C THR A 623 -7.69 19.42 5.32
N ALA A 624 -6.87 19.06 6.32
CA ALA A 624 -5.42 19.09 6.15
C ALA A 624 -4.96 18.10 5.09
N ILE A 625 -5.57 16.91 5.06
CA ILE A 625 -5.21 15.94 4.02
C ILE A 625 -5.52 16.47 2.64
N TRP A 626 -6.68 17.11 2.47
CA TRP A 626 -7.03 17.61 1.15
C TRP A 626 -6.04 18.66 0.70
N HIS A 627 -5.67 19.56 1.60
CA HIS A 627 -4.75 20.65 1.32
C HIS A 627 -3.29 20.20 1.26
N GLY A 628 -3.00 18.91 1.39
CA GLY A 628 -1.61 18.47 1.32
C GLY A 628 -0.74 18.72 2.53
N ARG A 629 -1.33 18.96 3.70
CA ARG A 629 -0.56 19.25 4.91
C ARG A 629 0.03 18.01 5.58
N VAL A 630 -0.42 16.80 5.23
CA VAL A 630 0.12 15.57 5.80
C VAL A 630 0.32 14.55 4.68
N GLU A 631 0.78 13.36 5.06
CA GLU A 631 0.99 12.25 4.13
C GLU A 631 -0.08 11.21 4.41
N ILE A 632 -0.35 10.37 3.42
CA ILE A 632 -1.42 9.38 3.48
C ILE A 632 -0.88 8.01 3.88
N ASP A 633 -1.11 7.63 5.15
CA ASP A 633 -0.81 6.29 5.61
C ASP A 633 -1.71 6.01 6.81
N ARG A 634 -1.68 4.76 7.26
CA ARG A 634 -2.57 4.38 8.35
C ARG A 634 -2.17 4.98 9.70
N PHE A 635 -1.03 5.68 9.78
CA PHE A 635 -0.70 6.46 10.97
C PHE A 635 -1.83 7.44 11.30
N ASN A 636 -2.45 7.99 10.27
CA ASN A 636 -3.56 8.91 10.44
C ASN A 636 -4.70 8.25 11.19
N GLU A 637 -4.80 6.93 11.10
CA GLU A 637 -5.82 6.17 11.82
C GLU A 637 -5.75 6.44 13.31
N LEU A 638 -4.58 6.81 13.83
CA LEU A 638 -4.49 7.07 15.25
C LEU A 638 -5.46 8.16 15.70
N VAL A 639 -5.82 9.07 14.80
CA VAL A 639 -6.79 10.11 15.17
C VAL A 639 -8.08 9.46 15.65
N MSE A 640 -8.48 8.37 15.00
CA MSE A 640 -9.71 7.64 15.29
C MSE A 640 -9.58 6.66 16.44
O MSE A 640 -10.58 6.19 16.98
CB MSE A 640 -10.14 6.86 14.04
CG MSE A 640 -10.59 7.74 12.91
SE MSE A 640 -12.22 8.66 13.41
CE MSE A 640 -11.47 10.42 13.85
N ARG A 641 -8.34 6.33 16.81
CA ARG A 641 -8.10 5.34 17.85
C ARG A 641 -7.75 5.99 19.18
N ALA A 642 -6.73 6.83 19.18
CA ALA A 642 -6.27 7.52 20.39
C ALA A 642 -6.86 8.91 20.57
N GLY A 643 -7.77 9.36 19.71
CA GLY A 643 -8.29 10.70 19.95
C GLY A 643 -7.27 11.82 19.80
N LEU A 644 -6.43 11.76 18.78
CA LEU A 644 -5.40 12.76 18.56
C LEU A 644 -5.78 13.71 17.44
N THR A 645 -5.17 14.88 17.47
CA THR A 645 -5.27 15.75 16.32
C THR A 645 -4.23 15.34 15.27
N TRP A 646 -4.42 15.89 14.08
CA TRP A 646 -3.61 15.57 12.91
C TRP A 646 -2.17 16.04 13.04
N GLN A 647 -1.92 16.99 13.94
CA GLN A 647 -0.60 17.53 14.17
C GLN A 647 0.27 16.59 15.00
N GLN A 648 -0.35 15.95 15.98
CA GLN A 648 0.31 14.91 16.76
C GLN A 648 0.64 13.69 15.88
N VAL A 649 -0.27 13.35 14.96
CA VAL A 649 0.01 12.32 13.97
C VAL A 649 1.18 12.72 13.08
N VAL A 650 1.31 14.02 12.74
CA VAL A 650 2.46 14.45 11.94
C VAL A 650 3.75 14.24 12.73
N VAL A 651 3.73 14.52 14.02
CA VAL A 651 4.92 14.30 14.87
C VAL A 651 5.30 12.81 14.88
N LEU A 652 4.32 11.94 15.09
CA LEU A 652 4.61 10.49 15.10
C LEU A 652 5.14 10.01 13.74
N ARG A 653 4.56 10.50 12.64
CA ARG A 653 5.01 10.11 11.31
C ARG A 653 6.44 10.56 11.06
N ALA A 654 6.78 11.77 11.52
CA ALA A 654 8.14 12.27 11.35
C ALA A 654 9.11 11.41 12.15
N TYR A 655 8.71 11.01 13.36
CA TYR A 655 9.55 10.11 14.13
C TYR A 655 9.75 8.79 13.42
N ALA A 656 8.69 8.28 12.78
CA ALA A 656 8.82 7.06 12.00
C ALA A 656 9.76 7.23 10.80
N LYS A 657 9.70 8.37 10.10
CA LYS A 657 10.64 8.59 8.99
C LYS A 657 12.08 8.66 9.49
N TYR A 658 12.31 9.32 10.63
CA TYR A 658 13.66 9.34 11.18
C TYR A 658 14.10 7.93 11.56
N LEU A 659 13.17 7.15 12.10
CA LEU A 659 13.46 5.76 12.43
C LEU A 659 13.83 4.96 11.18
N ARG A 660 13.13 5.21 10.08
CA ARG A 660 13.45 4.55 8.82
C ARG A 660 14.85 4.91 8.34
N GLN A 661 15.23 6.20 8.44
CA GLN A 661 16.61 6.58 8.07
C GLN A 661 17.65 5.94 8.96
N ALA A 662 17.35 5.81 10.25
CA ALA A 662 18.29 5.14 11.14
C ALA A 662 18.41 3.66 10.83
N GLY A 663 17.47 3.08 10.11
CA GLY A 663 17.54 1.67 9.77
C GLY A 663 16.79 0.74 10.71
N PHE A 664 15.59 1.14 11.14
CA PHE A 664 14.81 0.27 12.00
C PHE A 664 14.36 -0.98 11.23
N PRO A 665 14.43 -2.15 11.85
CA PRO A 665 13.98 -3.38 11.16
C PRO A 665 12.51 -3.45 10.78
N TYR A 666 11.60 -3.19 11.71
CA TYR A 666 10.17 -3.23 11.39
C TYR A 666 9.84 -2.13 10.39
N SER A 667 9.00 -2.48 9.42
CA SER A 667 8.70 -1.52 8.36
C SER A 667 7.74 -0.46 8.87
N GLN A 668 7.35 0.43 7.95
CA GLN A 668 6.40 1.46 8.30
C GLN A 668 5.02 0.86 8.55
N SER A 669 4.66 -0.17 7.79
CA SER A 669 3.36 -0.80 7.98
C SER A 669 3.27 -1.47 9.35
N HIS A 670 4.33 -2.18 9.72
CA HIS A 670 4.37 -2.82 11.02
C HIS A 670 4.40 -1.77 12.14
N ILE A 671 5.12 -0.67 11.93
CA ILE A 671 5.21 0.37 12.96
C ILE A 671 3.85 1.00 13.20
N GLU A 672 3.14 1.34 12.13
CA GLU A 672 1.82 1.94 12.30
C GLU A 672 0.85 0.93 12.91
N SER A 673 1.00 -0.34 12.57
CA SER A 673 0.16 -1.35 13.20
C SER A 673 0.42 -1.42 14.70
N VAL A 674 1.69 -1.33 15.11
CA VAL A 674 2.02 -1.36 16.54
C VAL A 674 1.40 -0.16 17.24
N LEU A 675 1.50 1.02 16.64
CA LEU A 675 0.92 2.20 17.27
C LEU A 675 -0.60 2.09 17.33
N ASN A 676 -1.20 1.42 16.34
CA ASN A 676 -2.64 1.26 16.30
C ASN A 676 -3.12 0.27 17.35
N GLU A 677 -2.39 -0.83 17.53
CA GLU A 677 -2.81 -1.85 18.49
C GLU A 677 -2.59 -1.44 19.94
N ASN A 678 -1.94 -0.33 20.21
CA ASN A 678 -1.76 0.15 21.58
C ASN A 678 -2.18 1.60 21.60
N PRO A 679 -3.48 1.86 21.43
CA PRO A 679 -3.91 3.26 21.42
C PRO A 679 -3.76 3.94 22.76
N HIS A 680 -3.88 3.19 23.87
CA HIS A 680 -3.68 3.80 25.17
C HIS A 680 -2.23 4.23 25.30
N THR A 681 -1.33 3.36 24.86
CA THR A 681 0.09 3.63 24.91
C THR A 681 0.48 4.73 23.95
N THR A 682 -0.17 4.78 22.79
CA THR A 682 0.10 5.88 21.86
C THR A 682 -0.30 7.21 22.49
N ARG A 683 -1.45 7.24 23.16
CA ARG A 683 -1.89 8.43 23.89
C ARG A 683 -0.89 8.80 24.98
N SER A 684 -0.36 7.81 25.68
CA SER A 684 0.63 8.08 26.71
C SER A 684 1.89 8.70 26.09
N LEU A 685 2.29 8.19 24.94
CA LEU A 685 3.46 8.74 24.25
C LEU A 685 3.23 10.19 23.86
N ILE A 686 2.04 10.48 23.34
CA ILE A 686 1.71 11.84 22.96
C ILE A 686 1.70 12.75 24.18
N ASP A 687 1.17 12.26 25.30
CA ASP A 687 1.17 13.05 26.52
C ASP A 687 2.59 13.36 27.00
N LEU A 688 3.48 12.39 26.93
CA LEU A 688 4.87 12.62 27.32
C LEU A 688 5.53 13.69 26.47
N PHE A 689 5.36 13.59 25.16
CA PHE A 689 5.96 14.58 24.26
C PHE A 689 5.41 15.96 24.57
N GLU A 690 4.08 16.04 24.75
CA GLU A 690 3.43 17.32 24.99
C GLU A 690 3.95 17.94 26.27
N ALA A 691 4.13 17.14 27.31
CA ALA A 691 4.70 17.65 28.54
C ALA A 691 6.14 18.11 28.33
N LEU A 692 6.89 17.39 27.50
CA LEU A 692 8.29 17.73 27.27
C LEU A 692 8.50 19.08 26.57
N PHE A 693 7.71 19.39 25.55
CA PHE A 693 8.09 20.51 24.69
C PHE A 693 7.12 21.69 24.63
N ASP A 694 6.01 21.62 25.30
CA ASP A 694 5.10 22.75 25.28
C ASP A 694 5.60 23.91 26.14
N PRO A 695 5.85 25.09 25.56
CA PRO A 695 6.25 26.22 26.41
C PRO A 695 5.18 26.54 27.44
N SER A 696 3.89 26.37 27.08
CA SER A 696 2.83 26.66 28.03
C SER A 696 2.89 25.73 29.25
N GLN A 697 3.46 24.52 29.11
CA GLN A 697 3.68 23.66 30.28
C GLN A 697 4.59 24.33 31.29
N GLU A 698 5.62 25.06 30.81
CA GLU A 698 6.47 25.81 31.72
C GLU A 698 5.69 26.92 32.43
N THR A 699 4.58 27.37 31.84
CA THR A 699 3.65 28.31 32.46
C THR A 699 2.54 27.61 33.25
N ASP A 700 2.51 26.28 33.25
CA ASP A 700 1.50 25.48 33.98
C ASP A 700 2.03 24.83 35.25
N GLY A 701 2.88 25.49 36.04
CA GLY A 701 3.39 24.83 37.23
C GLY A 701 4.44 23.78 36.93
N ARG A 702 4.47 22.76 37.79
CA ARG A 702 5.41 21.66 37.62
C ARG A 702 5.10 20.96 36.31
N ARG A 703 6.14 20.66 35.54
CA ARG A 703 5.88 20.01 34.27
C ARG A 703 5.36 18.63 34.58
N ASP A 704 4.39 18.17 33.79
CA ASP A 704 3.91 16.83 34.04
C ASP A 704 4.89 15.85 33.42
N ALA A 705 6.07 15.80 34.03
CA ALA A 705 7.11 14.91 33.55
C ALA A 705 6.87 13.51 34.08
N GLN A 706 6.82 13.40 35.40
CA GLN A 706 6.69 12.09 36.02
C GLN A 706 5.39 11.41 35.64
N GLY A 707 4.30 12.17 35.52
CA GLY A 707 3.04 11.53 35.17
C GLY A 707 3.05 10.90 33.80
N ALA A 708 3.44 11.67 32.79
CA ALA A 708 3.50 11.16 31.43
C ALA A 708 4.57 10.09 31.26
N ALA A 709 5.74 10.29 31.87
CA ALA A 709 6.81 9.32 31.78
C ALA A 709 6.41 8.00 32.41
N ALA A 710 5.74 8.05 33.56
CA ALA A 710 5.32 6.83 34.23
C ALA A 710 4.22 6.12 33.45
N ALA A 711 3.31 6.89 32.83
CA ALA A 711 2.30 6.26 31.99
C ALA A 711 2.96 5.51 30.85
N VAL A 712 3.94 6.14 30.20
CA VAL A 712 4.64 5.49 29.09
C VAL A 712 5.39 4.24 29.58
N ALA A 713 6.07 4.33 30.73
CA ALA A 713 6.83 3.18 31.22
C ALA A 713 5.94 2.00 31.60
N ALA A 714 4.82 2.28 32.28
CA ALA A 714 3.90 1.20 32.64
C ALA A 714 3.27 0.56 31.40
N ASP A 715 2.93 1.38 30.40
CA ASP A 715 2.47 0.81 29.14
C ASP A 715 3.57 0.00 28.47
N ILE A 716 4.83 0.40 28.62
CA ILE A 716 5.93 -0.36 28.04
C ILE A 716 5.99 -1.73 28.71
N ASP A 717 5.86 -1.74 30.04
CA ASP A 717 5.93 -3.00 30.77
C ASP A 717 4.78 -3.91 30.37
N ALA A 718 3.59 -3.33 30.18
CA ALA A 718 2.41 -4.13 29.88
C ALA A 718 2.57 -4.94 28.59
N LEU A 719 3.44 -4.50 27.68
CA LEU A 719 3.54 -5.19 26.40
C LEU A 719 4.09 -6.59 26.59
N VAL A 720 3.52 -7.53 25.84
CA VAL A 720 3.99 -8.89 25.80
C VAL A 720 4.69 -9.21 24.48
N SER A 721 4.11 -8.76 23.37
CA SER A 721 4.65 -9.05 22.05
C SER A 721 6.01 -8.40 21.88
N LEU A 722 6.93 -9.14 21.25
CA LEU A 722 8.32 -8.69 21.14
C LEU A 722 8.49 -7.56 20.14
N ASP A 723 7.82 -7.66 18.99
CA ASP A 723 7.95 -6.62 17.98
C ASP A 723 7.38 -5.31 18.50
N THR A 724 6.21 -5.39 19.16
CA THR A 724 5.59 -4.22 19.77
C THR A 724 6.49 -3.62 20.85
N ASP A 725 7.09 -4.49 21.69
CA ASP A 725 7.96 -4.02 22.76
C ASP A 725 9.19 -3.30 22.22
N ARG A 726 9.83 -3.85 21.18
CA ARG A 726 11.00 -3.19 20.61
C ARG A 726 10.62 -1.86 19.97
N VAL A 727 9.50 -1.83 19.23
CA VAL A 727 9.08 -0.62 18.56
C VAL A 727 8.77 0.48 19.56
N LEU A 728 8.03 0.17 20.61
CA LEU A 728 7.67 1.20 21.56
C LEU A 728 8.88 1.67 22.38
N ARG A 729 9.83 0.78 22.72
CA ARG A 729 11.03 1.31 23.38
C ARG A 729 11.79 2.21 22.43
N ALA A 730 11.85 1.85 21.15
CA ALA A 730 12.52 2.72 20.20
C ALA A 730 11.82 4.06 20.12
N PHE A 731 10.48 4.06 20.12
CA PHE A 731 9.73 5.30 20.10
C PHE A 731 10.00 6.14 21.36
N ALA A 732 10.03 5.48 22.52
CA ALA A 732 10.32 6.16 23.78
C ALA A 732 11.72 6.74 23.76
N ASN A 733 12.68 6.00 23.19
CA ASN A 733 14.04 6.47 23.07
C ASN A 733 14.13 7.71 22.17
N LEU A 734 13.36 7.75 21.08
CA LEU A 734 13.36 8.95 20.25
C LEU A 734 12.78 10.15 21.00
N ILE A 735 11.72 9.93 21.77
CA ILE A 735 11.17 11.01 22.57
C ILE A 735 12.19 11.52 23.57
N GLU A 736 12.89 10.60 24.22
CA GLU A 736 13.89 10.98 25.21
C GLU A 736 15.04 11.72 24.55
N ALA A 737 15.44 11.28 23.35
CA ALA A 737 16.57 11.83 22.63
C ALA A 737 16.32 13.20 22.01
N THR A 738 15.07 13.60 21.85
CA THR A 738 14.81 14.89 21.23
C THR A 738 15.34 16.03 22.10
N LEU A 739 16.14 16.91 21.50
CA LEU A 739 16.67 18.03 22.26
C LEU A 739 15.91 19.33 22.06
N ARG A 740 15.43 19.59 20.85
CA ARG A 740 14.70 20.82 20.54
C ARG A 740 13.61 20.53 19.53
N THR A 741 12.58 21.39 19.49
CA THR A 741 11.58 21.29 18.44
C THR A 741 10.93 22.63 18.14
N ASN A 742 10.45 22.75 16.90
CA ASN A 742 9.74 23.92 16.44
C ASN A 742 8.25 23.67 16.33
N TYR A 743 7.72 22.72 17.09
CA TYR A 743 6.29 22.45 17.02
C TYR A 743 5.48 23.58 17.58
N PHE A 744 6.10 24.43 18.39
CA PHE A 744 5.39 25.44 19.13
C PHE A 744 5.75 26.85 18.72
N VAL A 745 6.52 27.02 17.66
CA VAL A 745 6.84 28.36 17.18
C VAL A 745 5.74 28.82 16.25
N ALA A 746 5.26 30.06 16.46
CA ALA A 746 4.10 30.55 15.74
C ALA A 746 4.39 31.85 15.02
N ARG A 747 5.65 32.29 14.97
CA ARG A 747 5.95 33.51 14.26
C ARG A 747 5.84 33.21 12.77
N PRO A 748 5.29 34.12 11.97
CA PRO A 748 4.96 33.78 10.57
C PRO A 748 6.14 33.38 9.67
N ASP A 749 7.33 33.93 9.86
CA ASP A 749 8.44 33.60 8.96
C ASP A 749 9.07 32.24 9.20
N SER A 750 8.72 31.54 10.27
CA SER A 750 9.34 30.25 10.54
C SER A 750 8.87 29.18 9.55
N ALA A 751 9.63 28.09 9.51
CA ALA A 751 9.27 26.91 8.71
C ALA A 751 8.11 26.11 9.28
N ARG A 752 7.83 26.25 10.58
CA ARG A 752 6.67 25.57 11.13
C ARG A 752 5.39 26.06 10.47
N ALA A 753 5.31 27.36 10.19
CA ALA A 753 4.16 27.88 9.47
C ALA A 753 4.01 27.30 8.07
N ARG A 754 5.10 26.90 7.42
CA ARG A 754 4.98 26.23 6.12
C ARG A 754 4.88 24.71 6.25
N ASN A 755 4.44 24.21 7.41
CA ASN A 755 4.19 22.78 7.63
C ASN A 755 5.49 21.97 7.52
N VAL A 756 6.50 22.43 8.24
CA VAL A 756 7.79 21.76 8.30
C VAL A 756 8.12 21.55 9.77
N LEU A 757 8.46 20.32 10.11
CA LEU A 757 8.76 19.98 11.49
C LEU A 757 10.25 19.68 11.62
N ALA A 758 10.85 20.20 12.69
CA ALA A 758 12.28 20.04 12.92
C ALA A 758 12.47 19.42 14.29
N PHE A 759 13.39 18.46 14.35
CA PHE A 759 13.75 17.78 15.60
C PHE A 759 15.27 17.86 15.77
N LYS A 760 15.73 18.60 16.77
CA LYS A 760 17.15 18.54 17.13
C LYS A 760 17.32 17.47 18.20
N LEU A 761 18.11 16.47 17.87
CA LEU A 761 18.25 15.23 18.63
C LEU A 761 19.69 15.00 19.03
N ASN A 762 19.84 14.27 20.13
CA ASN A 762 21.13 13.78 20.61
C ASN A 762 21.29 12.36 20.09
N PRO A 763 22.02 12.15 18.99
CA PRO A 763 22.13 10.80 18.43
C PRO A 763 22.91 9.87 19.32
N LEU A 764 23.61 10.42 20.31
CA LEU A 764 24.47 9.62 21.18
C LEU A 764 23.65 8.69 22.06
N VAL A 765 22.41 9.05 22.37
CA VAL A 765 21.60 8.27 23.31
C VAL A 765 20.54 7.44 22.60
N ILE A 766 20.51 7.47 21.28
CA ILE A 766 19.54 6.70 20.51
C ILE A 766 20.04 5.27 20.34
N LYS A 767 19.26 4.30 20.82
CA LYS A 767 19.69 2.90 20.82
C LYS A 767 19.84 2.33 19.41
N GLU A 768 18.90 2.66 18.51
CA GLU A 768 18.81 2.00 17.21
C GLU A 768 19.65 2.68 16.14
N LEU A 769 20.41 3.70 16.49
CA LEU A 769 21.19 4.39 15.48
C LEU A 769 22.47 3.65 15.20
N PRO A 770 22.82 3.45 13.94
CA PRO A 770 24.12 2.88 13.63
C PRO A 770 25.18 3.91 13.92
N LEU A 771 26.36 3.42 14.16
CA LEU A 771 27.54 4.23 14.39
C LEU A 771 28.07 4.80 13.08
N PRO A 772 28.72 5.97 13.14
CA PRO A 772 28.99 6.79 14.33
C PRO A 772 27.83 7.67 14.77
N ARG A 773 27.78 8.01 16.06
CA ARG A 773 26.72 8.86 16.57
C ARG A 773 27.21 10.31 16.59
N PRO A 774 26.57 11.21 15.83
CA PRO A 774 26.94 12.63 15.88
C PRO A 774 26.69 13.29 17.22
N LYS A 775 27.45 14.37 17.47
CA LYS A 775 27.25 15.17 18.67
C LYS A 775 25.84 15.76 18.69
N PHE A 776 25.36 16.25 17.55
CA PHE A 776 24.03 16.78 17.44
C PHE A 776 23.48 16.37 16.08
N GLU A 777 22.17 16.24 15.97
CA GLU A 777 21.59 16.01 14.67
C GLU A 777 20.31 16.80 14.61
N ILE A 778 19.93 17.23 13.40
CA ILE A 778 18.63 17.84 13.20
C ILE A 778 17.94 17.12 12.04
N PHE A 779 16.71 16.67 12.28
CA PHE A 779 15.88 16.02 11.28
C PHE A 779 14.70 16.90 10.89
N VAL A 780 14.57 17.14 9.60
CA VAL A 780 13.53 17.98 9.02
C VAL A 780 12.58 17.13 8.20
N TYR A 781 11.29 17.14 8.59
CA TYR A 781 10.23 16.42 7.91
C TYR A 781 9.20 17.33 7.29
N SER A 782 8.80 16.97 6.07
CA SER A 782 7.72 17.61 5.35
C SER A 782 7.21 16.65 4.29
N PRO A 783 5.96 16.79 3.87
CA PRO A 783 5.47 15.99 2.73
C PRO A 783 6.20 16.27 1.43
N ARG A 784 6.82 17.44 1.28
CA ARG A 784 7.53 17.83 0.08
C ARG A 784 9.02 17.56 0.20
N VAL A 785 9.59 17.84 1.36
CA VAL A 785 11.02 17.77 1.55
C VAL A 785 11.31 16.93 2.80
N GLU A 786 12.48 16.28 2.80
CA GLU A 786 12.96 15.52 3.95
C GLU A 786 14.47 15.66 4.03
N GLY A 787 14.99 16.15 5.15
CA GLY A 787 16.41 16.41 5.24
C GLY A 787 16.96 16.05 6.60
N VAL A 788 18.28 15.84 6.61
CA VAL A 788 19.03 15.63 7.84
C VAL A 788 20.26 16.51 7.87
N HIS A 789 20.72 16.76 9.09
CA HIS A 789 21.97 17.45 9.33
C HIS A 789 22.67 16.91 10.55
N LEU A 790 23.82 16.31 10.34
CA LEU A 790 24.57 15.68 11.40
C LEU A 790 25.77 16.57 11.69
N ARG A 791 26.00 16.86 12.97
CA ARG A 791 27.12 17.67 13.40
C ARG A 791 27.92 16.92 14.45
N PHE A 792 29.22 16.84 14.28
CA PHE A 792 30.04 16.17 15.28
C PHE A 792 30.50 17.13 16.36
N GLY A 793 30.20 18.42 16.23
CA GLY A 793 30.62 19.35 17.25
C GLY A 793 29.88 20.66 17.18
N PHE A 794 30.13 21.48 18.20
CA PHE A 794 29.52 22.80 18.28
C PHE A 794 29.94 23.69 17.12
N VAL A 795 31.22 23.67 16.78
CA VAL A 795 31.77 24.45 15.69
C VAL A 795 32.08 23.47 14.57
N ALA A 796 31.18 23.39 13.58
CA ALA A 796 31.30 22.39 12.53
C ALA A 796 31.04 22.99 11.14
N ARG A 797 31.61 22.33 10.13
CA ARG A 797 31.57 22.73 8.71
C ARG A 797 31.36 21.52 7.83
N GLY A 798 30.70 21.72 6.71
CA GLY A 798 30.48 20.66 5.74
C GLY A 798 29.63 21.12 4.58
N GLY A 799 29.58 20.29 3.55
CA GLY A 799 28.83 20.60 2.35
C GLY A 799 27.41 20.05 2.43
N LEU A 800 26.50 20.71 1.71
CA LEU A 800 25.11 20.29 1.72
C LEU A 800 24.82 19.51 0.46
N ARG A 801 24.63 18.20 0.61
CA ARG A 801 24.33 17.36 -0.55
C ARG A 801 22.86 17.43 -0.91
N TRP A 802 22.56 17.72 -2.17
CA TRP A 802 21.23 17.51 -2.71
C TRP A 802 21.24 16.06 -3.16
N SER A 803 20.78 15.20 -2.27
CA SER A 803 20.90 13.79 -2.50
C SER A 803 19.70 13.29 -3.29
N ASP A 804 19.90 12.19 -3.98
CA ASP A 804 18.84 11.48 -4.68
C ASP A 804 18.54 10.15 -4.02
N ARG A 805 19.18 9.89 -2.87
CA ARG A 805 18.94 8.68 -2.10
C ARG A 805 17.90 8.97 -1.03
N ARG A 806 16.65 9.13 -1.48
CA ARG A 806 15.57 9.46 -0.56
C ARG A 806 15.23 8.27 0.33
N GLU A 807 15.59 7.07 -0.10
CA GLU A 807 15.39 5.87 0.72
C GLU A 807 16.24 5.90 1.98
N ASP A 808 17.52 6.26 1.84
CA ASP A 808 18.35 6.45 3.02
C ASP A 808 19.41 7.47 2.63
N PHE A 809 19.14 8.70 2.98
CA PHE A 809 20.12 9.74 2.82
C PHE A 809 20.90 9.92 4.10
N ARG A 810 20.35 9.47 5.22
CA ARG A 810 21.11 9.52 6.46
C ARG A 810 22.32 8.65 6.32
N THR A 811 22.16 7.56 5.57
CA THR A 811 23.29 6.70 5.27
C THR A 811 24.34 7.42 4.44
N GLU A 812 23.93 8.18 3.42
CA GLU A 812 24.88 8.93 2.61
C GLU A 812 25.59 9.98 3.45
N ILE A 813 24.84 10.72 4.26
CA ILE A 813 25.42 11.78 5.07
C ILE A 813 26.37 11.20 6.11
N LEU A 814 25.99 10.09 6.73
CA LEU A 814 26.87 9.47 7.71
C LEU A 814 28.11 8.89 7.06
N GLY A 815 27.99 8.46 5.80
CA GLY A 815 29.17 8.02 5.07
C GLY A 815 30.13 9.15 4.75
N LEU A 816 29.61 10.31 4.35
CA LEU A 816 30.47 11.44 3.97
C LEU A 816 30.97 12.25 5.15
N VAL A 817 30.39 12.10 6.34
CA VAL A 817 30.79 12.95 7.45
C VAL A 817 32.24 12.69 7.91
N LYS A 818 32.72 11.46 7.83
CA LYS A 818 34.10 11.22 8.24
C LYS A 818 35.10 11.88 7.30
N ALA A 819 34.90 11.76 5.98
CA ALA A 819 35.76 12.43 5.03
C ALA A 819 35.70 13.94 5.15
N GLN A 820 34.51 14.51 5.37
CA GLN A 820 34.41 15.96 5.55
C GLN A 820 35.18 16.41 6.81
N ALA A 821 35.08 15.62 7.88
CA ALA A 821 35.80 15.92 9.13
C ALA A 821 37.30 15.89 8.90
N VAL A 822 37.77 14.92 8.10
CA VAL A 822 39.18 14.85 7.76
C VAL A 822 39.59 16.09 6.99
N LYS A 823 38.70 16.60 6.13
CA LYS A 823 39.08 17.79 5.38
C LYS A 823 39.31 18.93 6.36
N ASN A 824 38.62 18.89 7.50
CA ASN A 824 38.63 19.98 8.46
C ASN A 824 39.64 19.76 9.56
N ALA A 825 40.66 18.94 9.30
CA ALA A 825 41.64 18.68 10.34
C ALA A 825 42.41 19.95 10.68
N VAL A 826 42.74 20.73 9.66
CA VAL A 826 43.59 21.91 9.82
C VAL A 826 42.82 23.18 10.13
N ILE A 827 41.50 23.18 9.99
CA ILE A 827 40.70 24.37 10.19
C ILE A 827 40.03 24.32 11.55
N VAL A 828 39.47 25.46 11.96
CA VAL A 828 38.94 25.57 13.32
C VAL A 828 37.78 24.61 13.57
N PRO A 829 36.73 24.57 12.74
CA PRO A 829 35.60 23.70 13.06
C PRO A 829 35.89 22.23 12.77
N VAL A 830 34.97 21.39 13.21
CA VAL A 830 35.02 19.94 13.04
C VAL A 830 33.93 19.54 12.05
N GLY A 831 33.86 18.27 11.71
CA GLY A 831 32.94 17.82 10.67
C GLY A 831 31.45 17.95 10.91
N ALA A 832 30.75 18.46 9.90
CA ALA A 832 29.29 18.47 9.84
C ALA A 832 28.89 18.17 8.41
N LYS A 833 27.65 17.71 8.22
CA LYS A 833 27.22 17.39 6.87
C LYS A 833 25.70 17.41 6.82
N GLY A 834 25.14 17.99 5.76
CA GLY A 834 23.71 18.04 5.60
C GLY A 834 23.30 17.46 4.26
N GLY A 835 22.02 17.09 4.18
CA GLY A 835 21.47 16.53 2.96
C GLY A 835 19.96 16.49 2.91
N PHE A 836 19.38 16.94 1.79
CA PHE A 836 17.94 16.96 1.63
C PHE A 836 17.49 16.27 0.36
N VAL A 837 16.31 15.67 0.41
CA VAL A 837 15.67 15.04 -0.74
C VAL A 837 14.28 15.68 -0.91
N VAL A 838 13.90 15.89 -2.16
CA VAL A 838 12.55 16.32 -2.49
C VAL A 838 11.61 15.13 -2.62
N LYS A 839 10.41 15.25 -2.05
CA LYS A 839 9.47 14.14 -2.09
C LYS A 839 8.29 14.41 -3.02
N ARG A 840 8.14 15.63 -3.50
CA ARG A 840 7.08 15.98 -4.46
C ARG A 840 7.68 16.73 -5.63
N PRO A 841 8.44 16.04 -6.48
CA PRO A 841 8.98 16.69 -7.65
C PRO A 841 7.85 17.03 -8.61
N PRO A 842 7.97 18.12 -9.35
CA PRO A 842 6.90 18.49 -10.27
C PRO A 842 6.66 17.43 -11.34
N THR A 843 5.44 17.44 -11.84
CA THR A 843 5.11 16.68 -13.03
C THR A 843 5.84 17.27 -14.24
N LEU A 844 6.22 16.41 -15.18
CA LEU A 844 7.03 16.82 -16.33
C LEU A 844 6.14 17.20 -17.51
N THR A 845 6.47 18.31 -18.17
CA THR A 845 5.71 18.79 -19.31
C THR A 845 6.17 18.20 -20.63
N GLY A 846 7.18 17.33 -20.62
CA GLY A 846 7.75 16.82 -21.85
C GLY A 846 8.70 17.81 -22.48
N ASP A 847 8.47 19.09 -22.23
CA ASP A 847 9.36 20.15 -22.67
C ASP A 847 10.66 20.04 -21.88
N ALA A 848 11.75 19.73 -22.58
CA ALA A 848 13.03 19.55 -21.90
C ALA A 848 13.49 20.80 -21.18
N ALA A 849 12.94 21.97 -21.50
CA ALA A 849 13.41 23.24 -20.94
C ALA A 849 12.62 23.64 -19.70
N ALA A 850 11.31 23.82 -19.84
CA ALA A 850 10.49 24.23 -18.71
C ALA A 850 10.55 23.20 -17.58
N ASP A 851 10.81 21.94 -17.91
CA ASP A 851 10.90 20.92 -16.87
C ASP A 851 12.14 21.11 -16.02
N ARG A 852 13.30 21.28 -16.66
CA ARG A 852 14.52 21.48 -15.89
C ARG A 852 14.46 22.77 -15.09
N GLU A 853 13.83 23.81 -15.66
CA GLU A 853 13.65 25.07 -14.94
C GLU A 853 12.87 24.85 -13.65
N ALA A 854 11.72 24.18 -13.75
CA ALA A 854 10.92 23.92 -12.56
C ALA A 854 11.65 22.96 -11.64
N THR A 855 12.22 21.90 -12.18
CA THR A 855 13.03 20.99 -11.38
C THR A 855 14.08 21.75 -10.60
N ARG A 856 14.70 22.72 -11.24
CA ARG A 856 15.59 23.62 -10.51
C ARG A 856 14.83 24.41 -9.46
N ALA A 857 13.72 25.05 -9.86
CA ALA A 857 12.99 25.87 -8.90
C ALA A 857 12.39 25.06 -7.77
N GLU A 858 11.96 23.82 -8.04
CA GLU A 858 11.45 23.01 -6.94
C GLU A 858 12.56 22.72 -5.96
N GLY A 859 13.75 22.40 -6.49
CA GLY A 859 14.90 22.19 -5.64
C GLY A 859 15.29 23.44 -4.87
N VAL A 860 15.11 24.61 -5.47
CA VAL A 860 15.40 25.83 -4.74
C VAL A 860 14.40 25.98 -3.60
N GLU A 861 13.12 25.73 -3.86
CA GLU A 861 12.11 25.86 -2.82
C GLU A 861 12.33 24.87 -1.70
N CYS A 862 12.63 23.63 -2.04
CA CYS A 862 12.91 22.65 -1.01
C CYS A 862 14.21 22.94 -0.28
N TYR A 863 15.21 23.48 -0.96
CA TYR A 863 16.42 23.87 -0.27
C TYR A 863 16.13 24.96 0.74
N ARG A 864 15.27 25.89 0.36
CA ARG A 864 14.82 26.94 1.28
C ARG A 864 14.06 26.35 2.44
N LEU A 865 13.21 25.38 2.17
CA LEU A 865 12.41 24.77 3.23
C LEU A 865 13.28 24.04 4.22
N PHE A 866 14.27 23.29 3.71
CA PHE A 866 15.16 22.54 4.57
C PHE A 866 15.97 23.46 5.47
N ILE A 867 16.50 24.53 4.89
CA ILE A 867 17.29 25.43 5.72
C ILE A 867 16.41 26.19 6.72
N SER A 868 15.20 26.58 6.31
CA SER A 868 14.28 27.26 7.23
C SER A 868 13.88 26.36 8.42
N GLY A 869 13.62 25.08 8.16
CA GLY A 869 13.33 24.17 9.25
C GLY A 869 14.53 24.03 10.17
N LEU A 870 15.72 24.06 9.59
CA LEU A 870 16.94 24.03 10.39
C LEU A 870 17.04 25.23 11.31
N LEU A 871 16.71 26.41 10.82
CA LEU A 871 16.85 27.63 11.62
C LEU A 871 15.70 27.87 12.58
N ASP A 872 14.62 27.08 12.48
CA ASP A 872 13.52 27.26 13.43
C ASP A 872 13.93 26.87 14.86
N VAL A 873 14.81 25.89 15.02
CA VAL A 873 15.23 25.45 16.35
C VAL A 873 16.62 25.96 16.73
N THR A 874 17.42 26.38 15.77
CA THR A 874 18.79 26.82 16.01
C THR A 874 18.84 28.17 16.73
N ASP A 875 19.77 28.27 17.69
CA ASP A 875 19.94 29.49 18.44
C ASP A 875 20.53 30.60 17.57
N ASN A 876 20.37 31.84 18.03
CA ASN A 876 20.91 33.01 17.36
C ASN A 876 21.91 33.68 18.27
N VAL A 877 22.81 34.46 17.66
CA VAL A 877 23.79 35.24 18.40
C VAL A 877 23.51 36.72 18.22
N ASP A 878 23.38 37.44 19.33
CA ASP A 878 23.17 38.89 19.28
C ASP A 878 24.37 39.58 19.92
N LYS A 879 25.03 40.46 19.17
CA LYS A 879 26.17 41.20 19.72
C LYS A 879 25.73 42.43 20.49
N ALA A 880 24.43 42.69 20.59
CA ALA A 880 23.92 43.75 21.45
C ALA A 880 24.26 43.49 22.91
N THR A 881 24.14 42.25 23.36
CA THR A 881 24.58 41.86 24.68
C THR A 881 25.65 40.80 24.65
N GLY A 882 25.90 40.19 23.50
CA GLY A 882 26.88 39.15 23.38
C GLY A 882 26.38 37.77 23.72
N ALA A 883 25.13 37.62 24.16
CA ALA A 883 24.69 36.30 24.57
C ALA A 883 24.02 35.55 23.44
N VAL A 884 23.75 34.28 23.71
CA VAL A 884 23.14 33.34 22.78
C VAL A 884 21.67 33.23 23.12
N VAL A 885 20.81 33.39 22.13
CA VAL A 885 19.37 33.41 22.34
C VAL A 885 18.78 32.12 21.80
N THR A 886 17.92 31.48 22.63
CA THR A 886 17.10 30.31 22.31
C THR A 886 15.86 30.78 21.56
N PRO A 887 15.43 30.08 20.51
CA PRO A 887 14.22 30.52 19.80
C PRO A 887 13.03 30.61 20.73
N PRO A 888 12.20 31.64 20.59
CA PRO A 888 11.03 31.75 21.46
C PRO A 888 10.06 30.64 21.12
N GLU A 889 9.29 30.19 22.11
CA GLU A 889 8.32 29.13 21.87
C GLU A 889 9.03 27.87 21.39
N VAL A 890 10.27 27.70 21.83
CA VAL A 890 11.07 26.50 21.62
C VAL A 890 11.66 26.13 22.96
N VAL A 891 11.38 24.91 23.39
CA VAL A 891 11.82 24.42 24.68
C VAL A 891 13.08 23.64 24.40
N ARG A 892 14.18 24.08 24.97
CA ARG A 892 15.48 23.47 24.76
C ARG A 892 15.81 22.50 25.88
N ARG A 893 16.15 21.27 25.50
CA ARG A 893 16.70 20.34 26.46
C ARG A 893 18.22 20.32 26.45
N ASP A 894 18.86 20.87 25.43
CA ASP A 894 20.30 20.99 25.39
C ASP A 894 20.75 22.34 25.95
N GLY A 895 22.00 22.67 25.70
CA GLY A 895 22.58 23.92 26.15
C GLY A 895 22.32 24.98 25.10
N GLU A 896 23.41 25.63 24.70
CA GLU A 896 23.41 26.71 23.72
C GLU A 896 24.24 26.29 22.51
N ASP A 897 23.68 26.48 21.32
CA ASP A 897 24.36 26.00 20.12
C ASP A 897 24.02 26.93 18.97
N ALA A 898 24.98 27.75 18.56
CA ALA A 898 24.73 28.76 17.56
C ALA A 898 25.56 28.65 16.30
N TYR A 899 26.72 28.01 16.33
CA TYR A 899 27.55 27.99 15.12
C TYR A 899 26.97 27.04 14.10
N LEU A 900 26.76 27.55 12.88
CA LEU A 900 26.34 26.73 11.75
C LEU A 900 26.62 27.45 10.43
N VAL A 901 27.49 26.87 9.60
CA VAL A 901 27.84 27.43 8.29
C VAL A 901 27.52 26.37 7.25
N VAL A 902 27.32 26.81 6.01
CA VAL A 902 26.94 25.89 4.93
C VAL A 902 27.89 26.00 3.75
N ALA A 903 28.39 24.86 3.29
CA ALA A 903 29.19 24.80 2.08
C ALA A 903 28.42 24.07 0.98
N ALA A 904 28.81 24.36 -0.25
CA ALA A 904 28.25 23.77 -1.45
C ALA A 904 28.66 22.31 -1.61
N ASP A 905 27.86 21.56 -2.36
CA ASP A 905 28.15 20.16 -2.62
C ASP A 905 27.59 19.87 -4.03
N LYS A 906 27.41 18.58 -4.36
CA LYS A 906 27.15 18.22 -5.77
C LYS A 906 25.89 18.90 -6.29
N GLY A 907 24.94 19.19 -5.40
CA GLY A 907 23.72 19.90 -5.73
C GLY A 907 23.49 21.28 -5.16
N THR A 908 24.48 21.89 -4.50
CA THR A 908 24.28 23.15 -3.79
C THR A 908 25.27 24.18 -4.35
N ALA A 909 25.66 23.98 -5.61
CA ALA A 909 26.70 24.80 -6.22
C ALA A 909 26.24 26.25 -6.36
N THR A 910 25.00 26.49 -6.79
CA THR A 910 24.55 27.85 -7.01
C THR A 910 23.61 28.33 -5.92
N PHE A 911 23.50 27.58 -4.83
CA PHE A 911 22.55 27.90 -3.79
C PHE A 911 23.16 28.72 -2.66
N SER A 912 24.44 29.11 -2.79
CA SER A 912 25.06 29.83 -1.69
C SER A 912 24.39 31.17 -1.49
N ASP A 913 24.04 31.82 -2.61
CA ASP A 913 23.36 33.12 -2.57
C ASP A 913 21.97 33.03 -1.96
N ILE A 914 21.23 31.97 -2.33
CA ILE A 914 19.91 31.73 -1.77
C ILE A 914 20.04 31.49 -0.27
N ALA A 915 21.06 30.73 0.11
CA ALA A 915 21.32 30.46 1.51
C ALA A 915 21.60 31.75 2.27
N ASN A 916 22.35 32.66 1.65
CA ASN A 916 22.64 33.92 2.31
C ASN A 916 21.36 34.73 2.53
N GLU A 917 20.47 34.73 1.54
CA GLU A 917 19.19 35.42 1.72
C GLU A 917 18.36 34.79 2.84
N VAL A 918 18.30 33.46 2.85
CA VAL A 918 17.54 32.75 3.88
C VAL A 918 18.11 33.03 5.26
N ALA A 919 19.43 33.03 5.39
CA ALA A 919 20.02 33.32 6.68
C ALA A 919 19.64 34.71 7.11
N LYS A 920 19.60 35.65 6.16
CA LYS A 920 19.19 37.01 6.48
C LYS A 920 17.71 37.10 6.92
N SER A 921 16.81 36.30 6.31
CA SER A 921 15.40 36.34 6.71
C SER A 921 15.16 35.95 8.16
N TYR A 922 15.86 34.95 8.66
CA TYR A 922 15.77 34.61 10.07
C TYR A 922 16.46 35.63 10.96
N GLY A 923 17.21 36.55 10.35
CA GLY A 923 18.03 37.48 11.09
C GLY A 923 19.18 36.79 11.78
N PHE A 924 19.79 35.81 11.11
CA PHE A 924 20.94 35.10 11.66
C PHE A 924 22.17 36.01 11.64
N TRP A 925 23.01 35.86 12.68
CA TRP A 925 24.15 36.75 12.88
C TRP A 925 25.26 36.57 11.84
N LEU A 926 25.45 35.35 11.32
CA LEU A 926 26.57 35.12 10.40
C LEU A 926 26.45 35.85 9.09
N GLY A 927 25.25 36.28 8.70
CA GLY A 927 25.16 37.07 7.50
C GLY A 927 25.67 36.25 6.33
N ASP A 928 26.53 36.87 5.53
CA ASP A 928 27.12 36.26 4.34
C ASP A 928 28.18 35.21 4.67
N ALA A 929 28.61 35.07 5.92
CA ALA A 929 29.52 33.97 6.26
C ALA A 929 28.77 32.67 6.46
N PHE A 930 27.45 32.73 6.41
CA PHE A 930 26.63 31.54 6.55
C PHE A 930 26.92 30.55 5.44
N ALA A 931 27.06 31.05 4.21
CA ALA A 931 27.45 30.29 3.03
C ALA A 931 28.78 30.80 2.49
N SER A 932 29.66 29.87 2.12
CA SER A 932 31.02 30.23 1.75
C SER A 932 30.95 30.77 0.34
N GLY A 933 31.19 32.07 0.21
CA GLY A 933 31.24 32.67 -1.10
C GLY A 933 29.84 33.12 -1.47
N GLY A 934 29.44 32.83 -2.70
CA GLY A 934 28.17 33.22 -3.28
C GLY A 934 28.21 34.62 -3.88
N SER A 935 28.12 35.68 -3.06
CA SER A 935 28.16 37.04 -3.59
C SER A 935 29.06 37.97 -2.79
N ILE A 936 29.25 37.71 -1.51
CA ILE A 936 30.14 38.50 -0.70
C ILE A 936 31.10 37.50 -0.10
N GLY A 937 32.37 37.64 -0.39
CA GLY A 937 33.36 36.69 0.10
C GLY A 937 34.50 36.66 -0.88
N TYR A 938 34.91 35.49 -1.35
CA TYR A 938 36.05 35.40 -2.25
C TYR A 938 35.70 34.73 -3.57
N ASP A 939 36.22 35.33 -4.64
CA ASP A 939 36.18 34.76 -5.97
C ASP A 939 37.33 33.77 -6.02
N HIS A 940 37.04 32.52 -5.68
CA HIS A 940 38.06 31.49 -5.60
C HIS A 940 38.75 31.23 -6.95
N LYS A 941 38.04 31.45 -8.06
CA LYS A 941 38.70 31.33 -9.37
C LYS A 941 39.79 32.38 -9.55
N ALA A 942 39.54 33.62 -9.11
CA ALA A 942 40.57 34.65 -9.14
C ALA A 942 41.73 34.32 -8.21
N MSE A 943 41.44 34.07 -6.94
CA MSE A 943 42.47 33.77 -5.97
C MSE A 943 43.29 32.56 -6.39
O MSE A 943 44.51 32.59 -6.37
CB MSE A 943 41.89 33.50 -4.60
CG MSE A 943 40.83 34.45 -4.18
SE MSE A 943 40.16 33.69 -2.56
CE MSE A 943 41.83 33.78 -1.55
N GLY A 944 42.58 31.51 -6.78
CA GLY A 944 43.24 30.25 -7.10
C GLY A 944 43.92 29.63 -5.90
N ILE A 945 43.26 29.68 -4.74
CA ILE A 945 43.91 29.26 -3.50
C ILE A 945 44.14 27.75 -3.49
N THR A 946 43.18 26.99 -4.01
CA THR A 946 43.34 25.54 -4.02
C THR A 946 44.51 25.11 -4.90
N ALA A 947 44.66 25.72 -6.08
CA ALA A 947 45.75 25.33 -6.97
C ALA A 947 47.10 25.62 -6.34
N LYS A 948 47.26 26.78 -5.69
CA LYS A 948 48.53 27.06 -5.02
C LYS A 948 48.75 26.18 -3.80
N GLY A 949 47.68 25.89 -3.05
CA GLY A 949 47.82 24.98 -1.92
C GLY A 949 48.30 23.61 -2.36
N ALA A 950 47.76 23.13 -3.48
CA ALA A 950 48.24 21.86 -4.03
C ALA A 950 49.62 22.01 -4.68
N TRP A 951 49.93 23.20 -5.21
CA TRP A 951 51.25 23.46 -5.77
C TRP A 951 52.33 23.45 -4.72
N GLU A 952 52.01 23.80 -3.47
CA GLU A 952 53.00 23.65 -2.41
C GLU A 952 53.39 22.18 -2.27
N SER A 953 52.40 21.28 -2.27
CA SER A 953 52.69 19.86 -2.21
C SER A 953 53.48 19.40 -3.44
N VAL A 954 53.08 19.88 -4.62
CA VAL A 954 53.81 19.49 -5.83
C VAL A 954 55.26 19.93 -5.74
N LYS A 955 55.48 21.17 -5.29
CA LYS A 955 56.83 21.69 -5.18
C LYS A 955 57.63 20.91 -4.14
N ARG A 956 57.00 20.57 -3.01
CA ARG A 956 57.71 19.78 -2.01
C ARG A 956 58.09 18.40 -2.54
N HIS A 957 57.16 17.74 -3.25
CA HIS A 957 57.45 16.43 -3.84
C HIS A 957 58.57 16.53 -4.86
N PHE A 958 58.54 17.56 -5.70
CA PHE A 958 59.56 17.74 -6.71
C PHE A 958 60.90 18.12 -6.08
N ARG A 959 60.87 18.85 -4.95
CA ARG A 959 62.08 19.15 -4.21
C ARG A 959 62.69 17.87 -3.67
N GLU A 960 61.86 16.98 -3.12
CA GLU A 960 62.37 15.68 -2.72
C GLU A 960 62.86 14.90 -3.93
N MSE A 961 62.31 15.21 -5.10
CA MSE A 961 62.76 14.67 -6.38
C MSE A 961 64.04 15.39 -6.82
O MSE A 961 64.75 14.93 -7.70
CB MSE A 961 61.65 14.82 -7.44
CG MSE A 961 61.78 13.89 -8.61
SE MSE A 961 61.28 12.04 -8.19
CE MSE A 961 59.39 12.10 -8.62
N GLY A 962 64.31 16.53 -6.19
CA GLY A 962 65.47 17.34 -6.47
C GLY A 962 65.28 18.39 -7.53
N VAL A 963 64.06 18.59 -8.03
CA VAL A 963 63.76 19.53 -9.09
C VAL A 963 63.07 20.76 -8.49
N ASP A 964 63.17 21.89 -9.20
CA ASP A 964 62.47 23.13 -8.86
C ASP A 964 61.60 23.55 -10.04
N THR A 965 60.28 23.51 -9.83
CA THR A 965 59.31 23.80 -10.89
C THR A 965 59.42 25.24 -11.40
N GLN A 966 59.81 26.17 -10.56
CA GLN A 966 59.79 27.58 -10.95
C GLN A 966 60.90 27.94 -11.92
N THR A 967 61.90 27.08 -12.11
CA THR A 967 63.02 27.40 -13.00
C THR A 967 63.40 26.31 -14.01
N GLN A 968 62.90 25.08 -13.88
CA GLN A 968 63.29 23.97 -14.74
C GLN A 968 62.09 23.43 -15.48
N ASP A 969 62.26 23.19 -16.79
CA ASP A 969 61.18 22.63 -17.58
C ASP A 969 60.83 21.25 -17.02
N PHE A 970 59.53 21.02 -16.86
CA PHE A 970 59.01 19.73 -16.44
C PHE A 970 57.72 19.46 -17.17
N THR A 971 57.43 18.18 -17.39
CA THR A 971 56.32 17.77 -18.21
C THR A 971 55.12 17.38 -17.35
N VAL A 972 53.93 17.75 -17.85
CA VAL A 972 52.70 17.64 -17.10
C VAL A 972 51.66 16.95 -17.95
N VAL A 973 50.90 16.04 -17.33
CA VAL A 973 49.62 15.58 -17.87
C VAL A 973 48.52 16.06 -16.92
N GLY A 974 47.47 16.67 -17.46
CA GLY A 974 46.46 17.31 -16.63
C GLY A 974 45.06 16.81 -16.91
N ILE A 975 44.19 17.02 -15.93
CA ILE A 975 42.76 16.68 -16.05
C ILE A 975 41.95 17.95 -15.91
N GLY A 976 41.24 18.33 -16.98
CA GLY A 976 40.44 19.53 -16.98
C GLY A 976 40.75 20.43 -18.15
N ASP A 977 40.24 21.67 -18.06
CA ASP A 977 40.43 22.67 -19.09
C ASP A 977 40.78 24.03 -18.45
N MSE A 978 41.14 24.97 -19.32
CA MSE A 978 41.53 26.32 -18.89
C MSE A 978 40.33 27.22 -18.56
O MSE A 978 40.46 28.44 -18.53
CB MSE A 978 42.39 27.00 -19.97
CG MSE A 978 43.67 26.27 -20.31
SE MSE A 978 44.80 26.00 -18.76
CE MSE A 978 45.12 27.84 -18.24
N SER A 979 39.17 26.59 -18.34
CA SER A 979 38.00 27.33 -17.88
C SER A 979 37.58 26.98 -16.46
N GLY A 980 38.08 25.88 -15.90
CA GLY A 980 37.83 25.59 -14.51
C GLY A 980 38.81 26.31 -13.60
N ASP A 981 38.42 26.42 -12.33
CA ASP A 981 39.26 27.11 -11.33
C ASP A 981 40.59 26.40 -11.10
N VAL A 982 40.54 25.12 -10.79
CA VAL A 982 41.73 24.40 -10.35
C VAL A 982 42.73 24.26 -11.49
N PHE A 983 42.30 23.66 -12.59
CA PHE A 983 43.22 23.40 -13.71
C PHE A 983 43.77 24.70 -14.29
N GLY A 984 42.88 25.66 -14.52
CA GLY A 984 43.31 26.92 -15.12
C GLY A 984 44.28 27.67 -14.23
N ASN A 985 44.01 27.68 -12.92
CA ASN A 985 44.88 28.42 -12.01
C ASN A 985 46.19 27.69 -11.78
N GLY A 986 46.19 26.35 -11.77
CA GLY A 986 47.41 25.65 -11.50
C GLY A 986 48.35 25.54 -12.68
N MSE A 987 47.82 25.48 -13.89
CA MSE A 987 48.69 25.24 -15.05
C MSE A 987 49.44 26.47 -15.56
O MSE A 987 50.25 26.38 -16.49
CB MSE A 987 47.87 24.62 -16.19
CG MSE A 987 47.65 23.11 -16.04
SE MSE A 987 49.25 22.05 -16.43
CE MSE A 987 49.65 22.82 -18.15
N LEU A 988 49.20 27.62 -14.93
CA LEU A 988 49.91 28.86 -15.22
C LEU A 988 50.93 29.21 -14.15
N LEU A 989 51.15 28.34 -13.18
CA LEU A 989 52.01 28.61 -12.04
C LEU A 989 53.50 28.48 -12.37
N SER A 990 53.84 27.99 -13.55
CA SER A 990 55.23 27.95 -13.98
C SER A 990 55.27 28.19 -15.48
N LYS A 991 56.25 28.97 -15.92
CA LYS A 991 56.45 29.21 -17.33
C LYS A 991 57.34 28.13 -17.93
N HIS A 992 57.76 27.19 -17.10
CA HIS A 992 58.52 26.02 -17.53
C HIS A 992 57.63 24.80 -17.66
N ILE A 993 56.31 24.98 -17.51
CA ILE A 993 55.39 23.87 -17.69
C ILE A 993 55.34 23.46 -19.15
N ARG A 994 55.59 22.18 -19.41
CA ARG A 994 55.40 21.56 -20.71
C ARG A 994 54.22 20.60 -20.65
N LEU A 995 53.05 21.08 -21.07
CA LEU A 995 51.83 20.28 -21.01
C LEU A 995 51.84 19.31 -22.18
N VAL A 996 52.19 18.05 -21.91
CA VAL A 996 52.34 17.09 -23.00
C VAL A 996 50.99 16.48 -23.44
N ALA A 997 50.06 16.28 -22.51
CA ALA A 997 48.77 15.70 -22.85
C ALA A 997 47.74 16.19 -21.85
N ALA A 998 46.49 16.27 -22.29
CA ALA A 998 45.41 16.65 -21.38
C ALA A 998 44.05 16.29 -21.94
N PHE A 999 43.28 15.47 -21.23
CA PHE A 999 41.93 15.17 -21.66
C PHE A 999 40.96 15.98 -20.79
N ASP A 1000 39.68 15.92 -21.15
CA ASP A 1000 38.67 16.76 -20.53
C ASP A 1000 37.37 15.97 -20.50
N HIS A 1001 36.26 16.65 -20.22
CA HIS A 1001 34.97 16.04 -20.43
C HIS A 1001 34.56 16.09 -21.89
N ARG A 1002 35.26 16.87 -22.70
CA ARG A 1002 34.82 17.21 -24.04
C ARG A 1002 35.85 16.94 -25.13
N ASP A 1003 37.13 17.14 -24.84
CA ASP A 1003 38.17 17.13 -25.87
C ASP A 1003 39.47 16.60 -25.29
N ILE A 1004 40.41 16.28 -26.18
CA ILE A 1004 41.72 15.75 -25.86
C ILE A 1004 42.76 16.63 -26.54
N PHE A 1005 43.81 16.96 -25.80
CA PHE A 1005 44.89 17.83 -26.25
C PHE A 1005 46.16 17.03 -26.23
N LEU A 1006 46.88 17.01 -27.36
CA LEU A 1006 48.11 16.25 -27.45
C LEU A 1006 49.19 17.18 -27.98
N ASP A 1007 50.14 17.53 -27.12
CA ASP A 1007 51.27 18.36 -27.49
C ASP A 1007 52.51 17.50 -27.31
N PRO A 1008 53.05 16.92 -28.37
CA PRO A 1008 54.10 15.90 -28.17
C PRO A 1008 55.38 16.49 -27.64
N ASN A 1009 55.78 17.66 -28.16
CA ASN A 1009 57.00 18.34 -27.74
C ASN A 1009 56.60 19.76 -27.36
N PRO A 1010 55.99 19.93 -26.20
CA PRO A 1010 55.45 21.25 -25.82
C PRO A 1010 56.57 22.24 -25.56
N ASP A 1011 56.27 23.51 -25.81
CA ASP A 1011 57.18 24.57 -25.41
C ASP A 1011 56.94 24.96 -23.96
N ALA A 1012 57.67 25.97 -23.52
CA ALA A 1012 57.55 26.50 -22.18
C ALA A 1012 57.00 27.91 -22.23
N GLY A 1013 57.70 28.83 -22.90
CA GLY A 1013 57.21 30.19 -22.97
C GLY A 1013 55.95 30.28 -23.81
N ARG A 1014 56.00 29.71 -25.01
CA ARG A 1014 54.85 29.74 -25.92
C ARG A 1014 53.68 28.89 -25.41
N SER A 1015 53.97 27.72 -24.83
CA SER A 1015 52.89 26.92 -24.26
C SER A 1015 52.22 27.68 -23.12
N TRP A 1016 53.01 28.34 -22.27
CA TRP A 1016 52.46 29.16 -21.20
C TRP A 1016 51.63 30.31 -21.73
N ASP A 1017 52.09 30.98 -22.79
CA ASP A 1017 51.32 32.10 -23.35
C ASP A 1017 49.97 31.62 -23.89
N GLU A 1018 49.95 30.48 -24.61
CA GLU A 1018 48.69 29.96 -25.12
C GLU A 1018 47.76 29.52 -24.00
N ARG A 1019 48.34 28.91 -22.96
CA ARG A 1019 47.57 28.51 -21.80
C ARG A 1019 46.97 29.72 -21.09
N LYS A 1020 47.75 30.82 -20.99
CA LYS A 1020 47.26 32.06 -20.41
C LYS A 1020 46.13 32.65 -21.26
N ARG A 1021 46.29 32.60 -22.58
CA ARG A 1021 45.24 33.10 -23.46
C ARG A 1021 43.95 32.31 -23.29
N LEU A 1022 44.08 30.99 -23.16
CA LEU A 1022 42.90 30.18 -22.92
C LEU A 1022 42.27 30.50 -21.56
N PHE A 1023 43.10 30.73 -20.54
CA PHE A 1023 42.55 31.02 -19.22
C PHE A 1023 41.82 32.36 -19.18
N ASP A 1024 42.31 33.35 -19.91
CA ASP A 1024 41.66 34.65 -19.81
C ASP A 1024 40.26 34.62 -20.39
N LEU A 1025 39.96 33.69 -21.29
CA LEU A 1025 38.64 33.66 -21.88
C LEU A 1025 37.61 33.29 -20.81
N PRO A 1026 36.40 33.85 -20.90
CA PRO A 1026 35.35 33.49 -19.92
C PRO A 1026 34.98 32.03 -19.99
N ARG A 1027 35.02 31.46 -21.19
CA ARG A 1027 34.79 30.05 -21.41
C ARG A 1027 35.50 29.66 -22.70
N SER A 1028 36.00 28.44 -22.72
CA SER A 1028 36.76 27.94 -23.85
C SER A 1028 36.82 26.42 -23.72
N SER A 1029 37.44 25.78 -24.69
CA SER A 1029 37.70 24.35 -24.58
C SER A 1029 39.04 24.08 -25.22
N TRP A 1030 39.40 22.80 -25.31
CA TRP A 1030 40.65 22.45 -25.96
C TRP A 1030 40.61 22.70 -27.46
N ALA A 1031 39.41 22.87 -28.03
CA ALA A 1031 39.37 23.17 -29.44
C ALA A 1031 39.82 24.60 -29.68
N ASP A 1032 39.91 25.40 -28.61
CA ASP A 1032 40.39 26.76 -28.70
C ASP A 1032 41.91 26.88 -28.62
N TYR A 1033 42.63 25.79 -28.39
CA TYR A 1033 44.08 25.86 -28.40
C TYR A 1033 44.50 26.15 -29.83
N ASP A 1034 45.44 27.05 -29.99
CA ASP A 1034 45.90 27.29 -31.34
C ASP A 1034 46.55 26.02 -31.86
N LYS A 1035 46.18 25.63 -33.07
CA LYS A 1035 46.72 24.39 -33.61
C LYS A 1035 47.99 24.65 -34.38
N SER A 1036 48.45 25.91 -34.38
CA SER A 1036 49.78 26.25 -34.87
C SER A 1036 50.79 26.30 -33.73
N LEU A 1037 50.33 26.41 -32.48
CA LEU A 1037 51.21 26.32 -31.32
C LEU A 1037 51.27 24.89 -30.81
N ILE A 1038 50.49 24.01 -31.43
CA ILE A 1038 50.54 22.59 -31.11
C ILE A 1038 51.83 22.06 -31.73
N SER A 1039 52.52 21.17 -31.04
CA SER A 1039 53.73 20.62 -31.62
C SER A 1039 53.39 19.72 -32.80
N GLU A 1040 54.40 19.47 -33.63
CA GLU A 1040 54.20 18.63 -34.80
C GLU A 1040 53.80 17.24 -34.33
N GLY A 1041 52.73 16.71 -34.94
CA GLY A 1041 52.20 15.43 -34.53
C GLY A 1041 51.15 15.56 -33.45
N GLY A 1042 50.98 16.76 -32.88
CA GLY A 1042 49.99 17.01 -31.87
C GLY A 1042 48.70 17.49 -32.50
N GLY A 1043 47.74 17.81 -31.67
CA GLY A 1043 46.48 18.29 -32.18
C GLY A 1043 45.42 18.31 -31.11
N VAL A 1044 44.28 18.85 -31.49
CA VAL A 1044 43.09 18.84 -30.66
C VAL A 1044 42.12 17.83 -31.26
N TYR A 1045 41.73 16.85 -30.46
CA TYR A 1045 40.82 15.80 -30.91
C TYR A 1045 39.60 15.80 -29.99
N SER A 1046 38.55 15.09 -30.40
CA SER A 1046 37.30 15.06 -29.64
C SER A 1046 37.14 13.74 -28.87
N ARG A 1047 36.61 13.80 -27.65
CA ARG A 1047 36.35 12.57 -26.91
C ARG A 1047 35.14 11.80 -27.41
N GLN A 1048 34.36 12.37 -28.34
CA GLN A 1048 33.17 11.74 -28.88
C GLN A 1048 33.43 11.06 -30.21
N GLN A 1049 34.68 10.97 -30.61
CA GLN A 1049 35.04 10.32 -31.86
C GLN A 1049 35.06 8.81 -31.69
N LYS A 1050 35.05 8.15 -32.84
CA LYS A 1050 35.13 6.69 -32.87
C LYS A 1050 36.55 6.28 -32.53
N SER A 1051 37.53 7.03 -33.04
CA SER A 1051 38.93 6.79 -32.73
C SER A 1051 39.73 8.05 -33.06
N ILE A 1052 40.94 8.11 -32.50
CA ILE A 1052 41.81 9.27 -32.64
C ILE A 1052 43.15 8.76 -33.17
N PRO A 1053 43.64 9.28 -34.27
CA PRO A 1053 44.98 8.89 -34.76
C PRO A 1053 46.11 9.29 -33.82
N ILE A 1054 47.16 8.49 -33.85
CA ILE A 1054 48.28 8.63 -32.93
C ILE A 1054 49.46 9.00 -33.79
N SER A 1055 50.08 10.07 -33.46
CA SER A 1055 51.26 10.46 -34.17
C SER A 1055 52.47 9.70 -33.62
N PRO A 1056 53.50 9.50 -34.44
CA PRO A 1056 54.72 8.95 -33.86
C PRO A 1056 55.19 9.82 -32.72
N GLN A 1057 55.08 11.16 -32.83
CA GLN A 1057 55.52 12.02 -31.73
C GLN A 1057 54.63 11.83 -30.50
N VAL A 1058 53.31 11.65 -30.71
CA VAL A 1058 52.40 11.45 -29.59
C VAL A 1058 52.69 10.12 -28.89
N ARG A 1059 52.93 9.07 -29.68
CA ARG A 1059 53.27 7.77 -29.11
C ARG A 1059 54.58 7.65 -28.34
N THR A 1060 55.62 8.33 -28.80
CA THR A 1060 56.88 8.44 -28.06
C THR A 1060 56.86 9.39 -26.83
N ALA A 1061 55.83 10.25 -26.83
CA ALA A 1061 55.65 11.22 -25.77
C ALA A 1061 54.74 10.56 -24.74
N LEU A 1062 54.16 9.40 -25.07
CA LEU A 1062 53.31 8.73 -24.11
C LEU A 1062 53.83 7.34 -23.74
N GLY A 1063 54.80 6.81 -24.48
CA GLY A 1063 55.43 5.57 -24.10
C GLY A 1063 54.54 4.34 -24.05
N LEU A 1064 54.04 3.91 -25.20
CA LEU A 1064 53.19 2.74 -25.30
C LEU A 1064 53.87 1.71 -26.18
N ASP A 1065 53.12 0.66 -26.53
CA ASP A 1065 53.64 -0.29 -27.50
C ASP A 1065 53.84 0.42 -28.83
N ALA A 1066 54.97 0.11 -29.47
CA ALA A 1066 55.48 0.84 -30.62
C ALA A 1066 54.60 0.70 -31.85
N ASP A 1067 53.61 -0.20 -31.85
CA ASP A 1067 52.86 -0.40 -33.07
C ASP A 1067 51.62 0.47 -33.16
N VAL A 1068 51.21 1.12 -32.07
CA VAL A 1068 49.93 1.78 -32.14
C VAL A 1068 50.01 2.93 -33.14
N GLU A 1069 48.99 3.04 -33.95
CA GLU A 1069 48.86 4.11 -34.92
C GLU A 1069 47.45 4.65 -34.87
N GLU A 1070 46.64 4.16 -33.95
CA GLU A 1070 45.31 4.66 -33.67
C GLU A 1070 44.83 3.99 -32.40
N LEU A 1071 44.06 4.76 -31.63
CA LEU A 1071 43.54 4.35 -30.33
C LEU A 1071 42.11 4.82 -30.19
N THR A 1072 41.38 4.23 -29.20
CA THR A 1072 40.03 4.69 -28.89
C THR A 1072 40.09 5.72 -27.76
N PRO A 1073 39.14 6.65 -27.70
CA PRO A 1073 39.18 7.71 -26.67
C PRO A 1073 39.27 7.13 -25.26
N PRO A 1074 38.56 6.03 -24.97
CA PRO A 1074 38.71 5.46 -23.62
C PRO A 1074 40.12 4.98 -23.37
N ALA A 1075 40.70 4.26 -24.32
CA ALA A 1075 42.07 3.80 -24.16
C ALA A 1075 43.05 4.97 -24.16
N LEU A 1076 42.77 6.04 -24.92
CA LEU A 1076 43.63 7.22 -24.84
C LEU A 1076 43.61 7.83 -23.46
N ILE A 1077 42.44 7.90 -22.84
CA ILE A 1077 42.35 8.42 -21.49
C ILE A 1077 43.10 7.52 -20.51
N LYS A 1078 42.91 6.20 -20.60
CA LYS A 1078 43.63 5.31 -19.69
C LYS A 1078 45.14 5.36 -19.89
N ALA A 1079 45.59 5.56 -21.12
CA ALA A 1079 47.02 5.70 -21.38
C ALA A 1079 47.55 7.04 -20.86
N ILE A 1080 46.74 8.09 -20.96
CA ILE A 1080 47.14 9.36 -20.37
C ILE A 1080 47.27 9.16 -18.87
N LEU A 1081 46.38 8.33 -18.31
CA LEU A 1081 46.36 7.98 -16.90
C LEU A 1081 47.55 7.12 -16.50
N LYS A 1082 48.23 6.47 -17.44
CA LYS A 1082 49.43 5.69 -17.16
C LYS A 1082 50.54 6.32 -17.99
N ALA A 1083 51.18 7.36 -17.47
CA ALA A 1083 52.15 7.95 -18.37
C ALA A 1083 53.50 8.16 -17.72
N PRO A 1084 54.58 8.02 -18.49
CA PRO A 1084 55.95 8.30 -18.01
C PRO A 1084 56.16 9.80 -17.97
N VAL A 1085 55.49 10.44 -17.05
CA VAL A 1085 55.40 11.89 -17.08
C VAL A 1085 55.80 12.37 -15.71
N ASP A 1086 56.44 13.54 -15.67
CA ASP A 1086 56.97 14.01 -14.41
C ASP A 1086 55.84 14.35 -13.45
N LEU A 1087 54.83 15.09 -13.93
CA LEU A 1087 53.78 15.54 -13.04
C LEU A 1087 52.45 15.05 -13.59
N LEU A 1088 51.57 14.60 -12.70
CA LEU A 1088 50.17 14.30 -13.01
C LEU A 1088 49.27 15.26 -12.23
N TRP A 1089 48.77 16.30 -12.90
CA TRP A 1089 47.91 17.31 -12.28
C TRP A 1089 46.42 16.97 -12.43
N ASN A 1090 45.70 17.00 -11.30
CA ASN A 1090 44.28 16.69 -11.24
C ASN A 1090 43.46 17.92 -10.95
N GLY A 1091 42.53 18.23 -11.85
CA GLY A 1091 41.65 19.35 -11.61
C GLY A 1091 40.20 18.99 -11.88
N GLY A 1092 39.93 17.69 -12.02
CA GLY A 1092 38.60 17.19 -12.29
C GLY A 1092 37.93 16.74 -11.00
N ILE A 1093 36.87 15.93 -11.15
CA ILE A 1093 36.17 15.35 -10.02
C ILE A 1093 35.89 13.90 -10.35
N GLY A 1094 35.89 13.06 -9.32
CA GLY A 1094 35.63 11.66 -9.51
C GLY A 1094 36.89 10.88 -9.18
N THR A 1095 36.79 9.57 -9.33
CA THR A 1095 37.92 8.70 -9.05
C THR A 1095 38.38 8.10 -10.38
N TYR A 1096 39.66 8.28 -10.67
CA TYR A 1096 40.26 7.81 -11.90
C TYR A 1096 41.39 6.84 -11.63
N ILE A 1097 41.83 6.72 -10.38
CA ILE A 1097 42.88 5.80 -9.98
C ILE A 1097 42.36 4.95 -8.84
N LYS A 1098 42.49 3.65 -9.00
CA LYS A 1098 41.99 2.68 -8.07
C LYS A 1098 43.16 1.89 -7.51
N ALA A 1099 42.87 1.12 -6.48
CA ALA A 1099 43.82 0.15 -5.98
C ALA A 1099 43.58 -1.16 -6.72
N GLU A 1100 44.63 -1.97 -6.82
CA GLU A 1100 44.50 -3.22 -7.56
C GLU A 1100 43.54 -4.17 -6.87
N THR A 1101 43.26 -3.91 -5.60
CA THR A 1101 42.40 -4.76 -4.80
C THR A 1101 41.00 -4.19 -4.65
N GLU A 1102 40.84 -2.88 -4.76
CA GLU A 1102 39.53 -2.28 -4.61
C GLU A 1102 38.65 -2.66 -5.79
N ALA A 1103 37.39 -3.01 -5.52
CA ALA A 1103 36.46 -3.32 -6.60
C ALA A 1103 36.00 -2.05 -7.30
N ASP A 1104 35.63 -2.19 -8.57
CA ASP A 1104 35.19 -1.02 -9.34
C ASP A 1104 33.89 -0.45 -8.78
N ALA A 1105 32.96 -1.33 -8.39
CA ALA A 1105 31.70 -0.84 -7.82
C ALA A 1105 31.89 -0.21 -6.45
N ASP A 1106 32.90 -0.66 -5.69
CA ASP A 1106 33.16 -0.14 -4.36
C ASP A 1106 33.67 1.29 -4.36
N VAL A 1107 34.20 1.76 -5.50
CA VAL A 1107 34.68 3.13 -5.60
C VAL A 1107 33.51 4.12 -5.52
N GLY A 1108 32.45 3.86 -6.27
CA GLY A 1108 31.30 4.73 -6.26
C GLY A 1108 31.38 5.81 -7.31
N ASP A 1109 31.83 5.41 -8.51
CA ASP A 1109 31.92 6.34 -9.62
C ASP A 1109 31.78 5.51 -10.89
N ARG A 1110 30.56 5.50 -11.43
CA ARG A 1110 30.29 4.71 -12.62
C ARG A 1110 30.79 5.37 -13.90
N ALA A 1111 30.71 6.71 -13.97
CA ALA A 1111 31.04 7.42 -15.21
C ALA A 1111 32.49 7.20 -15.61
N ASN A 1112 33.40 7.22 -14.66
CA ASN A 1112 34.81 6.99 -14.92
C ASN A 1112 35.21 5.53 -14.78
N ASP A 1113 34.26 4.65 -14.49
CA ASP A 1113 34.56 3.25 -14.28
C ASP A 1113 35.20 2.56 -15.48
N GLN A 1114 35.01 3.09 -16.68
CA GLN A 1114 35.59 2.50 -17.89
C GLN A 1114 37.00 2.99 -18.17
N ILE A 1115 37.46 4.02 -17.47
CA ILE A 1115 38.75 4.62 -17.72
C ILE A 1115 39.67 4.50 -16.52
N ARG A 1116 39.15 3.99 -15.40
CA ARG A 1116 39.90 3.94 -14.15
C ARG A 1116 41.07 2.99 -14.29
N VAL A 1117 42.24 3.45 -13.86
CA VAL A 1117 43.45 2.63 -13.88
C VAL A 1117 43.80 2.36 -12.42
N CYS A 1118 44.82 1.54 -12.21
CA CYS A 1118 45.18 1.10 -10.88
C CYS A 1118 46.37 1.92 -10.37
N GLY A 1119 46.43 2.11 -9.05
CA GLY A 1119 47.46 2.95 -8.48
C GLY A 1119 48.87 2.43 -8.72
N ASN A 1120 49.05 1.12 -8.60
CA ASN A 1120 50.34 0.54 -8.90
C ASN A 1120 50.68 0.66 -10.38
N GLN A 1121 49.66 0.82 -11.25
CA GLN A 1121 49.80 0.94 -12.69
C GLN A 1121 50.11 2.36 -13.16
N VAL A 1122 50.02 3.37 -12.29
CA VAL A 1122 50.33 4.74 -12.69
C VAL A 1122 51.85 4.85 -12.72
N ARG A 1123 52.36 5.40 -13.82
CA ARG A 1123 53.79 5.61 -14.01
C ARG A 1123 54.20 7.09 -13.88
N ALA A 1124 53.31 7.91 -13.33
CA ALA A 1124 53.59 9.32 -13.16
C ALA A 1124 54.59 9.35 -12.01
N LYS A 1125 55.57 10.25 -12.12
CA LYS A 1125 56.56 10.37 -11.06
C LYS A 1125 55.95 11.01 -9.82
N VAL A 1126 55.20 12.10 -10.00
CA VAL A 1126 54.56 12.83 -8.91
C VAL A 1126 53.09 12.99 -9.30
N ILE A 1127 52.20 12.88 -8.32
CA ILE A 1127 50.77 13.13 -8.52
C ILE A 1127 50.33 14.30 -7.65
N GLY A 1128 49.82 15.35 -8.28
CA GLY A 1128 49.21 16.49 -7.59
C GLY A 1128 47.70 16.42 -7.64
N GLU A 1129 47.08 16.57 -6.46
CA GLU A 1129 45.65 16.37 -6.26
C GLU A 1129 44.99 17.71 -5.94
N GLY A 1130 44.62 18.44 -6.99
CA GLY A 1130 43.75 19.58 -6.79
C GLY A 1130 42.30 19.19 -6.62
N GLY A 1131 41.88 18.07 -7.23
CA GLY A 1131 40.52 17.61 -7.09
C GLY A 1131 40.29 16.65 -5.93
N ASN A 1132 39.00 16.49 -5.60
CA ASN A 1132 38.58 15.62 -4.52
C ASN A 1132 38.24 14.24 -5.06
N LEU A 1133 38.52 13.23 -4.25
CA LEU A 1133 38.18 11.82 -4.54
C LEU A 1133 38.83 11.32 -5.82
N GLY A 1134 39.91 11.96 -6.27
CA GLY A 1134 40.55 11.51 -7.49
C GLY A 1134 41.20 10.14 -7.38
N VAL A 1135 41.78 9.86 -6.22
CA VAL A 1135 42.42 8.58 -5.95
C VAL A 1135 41.84 8.00 -4.68
N THR A 1136 41.59 6.71 -4.68
CA THR A 1136 41.14 6.05 -3.48
C THR A 1136 42.29 5.91 -2.49
N ALA A 1137 41.93 5.77 -1.23
CA ALA A 1137 42.92 5.69 -0.16
C ALA A 1137 43.84 4.50 -0.38
N LEU A 1138 43.27 3.34 -0.67
CA LEU A 1138 44.10 2.19 -1.00
C LEU A 1138 44.87 2.42 -2.30
N GLY A 1139 44.27 3.12 -3.27
CA GLY A 1139 45.01 3.50 -4.45
C GLY A 1139 46.17 4.42 -4.15
N ARG A 1140 45.96 5.36 -3.21
CA ARG A 1140 47.04 6.25 -2.78
C ARG A 1140 48.18 5.47 -2.12
N ILE A 1141 47.81 4.51 -1.28
CA ILE A 1141 48.81 3.70 -0.59
C ILE A 1141 49.61 2.88 -1.61
N GLU A 1142 48.94 2.33 -2.63
CA GLU A 1142 49.64 1.57 -3.67
C GLU A 1142 50.57 2.44 -4.50
N PHE A 1143 50.16 3.68 -4.82
CA PHE A 1143 51.04 4.57 -5.57
C PHE A 1143 52.29 4.92 -4.77
N ASP A 1144 52.13 5.18 -3.46
CA ASP A 1144 53.32 5.52 -2.68
C ASP A 1144 54.20 4.29 -2.58
N LEU A 1145 53.57 3.13 -2.43
CA LEU A 1145 54.28 1.87 -2.34
C LEU A 1145 54.93 1.47 -3.67
N ALA A 1146 54.59 2.14 -4.77
CA ALA A 1146 55.20 1.82 -6.05
C ALA A 1146 56.28 2.81 -6.47
N GLY A 1147 56.67 3.72 -5.58
CA GLY A 1147 57.73 4.68 -5.84
C GLY A 1147 57.24 6.07 -6.15
N GLY A 1148 55.92 6.24 -6.28
CA GLY A 1148 55.35 7.53 -6.57
C GLY A 1148 55.24 8.45 -5.37
N ARG A 1149 55.19 9.75 -5.66
CA ARG A 1149 55.04 10.79 -4.65
C ARG A 1149 53.60 11.30 -4.67
N ILE A 1150 52.95 11.25 -3.51
CA ILE A 1150 51.53 11.55 -3.41
C ILE A 1150 51.23 11.88 -1.96
N ASN A 1151 50.33 12.82 -1.76
CA ASN A 1151 49.73 13.08 -0.47
C ASN A 1151 48.25 12.77 -0.56
N THR A 1152 47.54 12.95 0.54
CA THR A 1152 46.09 12.87 0.50
C THR A 1152 45.49 14.11 -0.13
N ASP A 1153 44.29 13.95 -0.70
CA ASP A 1153 43.59 15.07 -1.30
C ASP A 1153 43.20 16.13 -0.25
N ALA A 1154 42.85 15.72 0.98
CA ALA A 1154 42.48 16.68 2.01
C ALA A 1154 43.63 17.59 2.40
N LEU A 1155 44.86 17.20 2.11
CA LEU A 1155 46.03 18.00 2.40
C LEU A 1155 46.46 18.84 1.22
N ASP A 1156 46.14 18.40 0.01
CA ASP A 1156 46.53 19.14 -1.18
C ASP A 1156 45.50 20.23 -1.47
N ASN A 1157 44.23 19.85 -1.57
CA ASN A 1157 43.18 20.81 -1.88
C ASN A 1157 42.61 21.42 -0.62
N SER A 1158 43.37 21.42 0.47
CA SER A 1158 42.87 21.98 1.71
C SER A 1158 42.63 23.47 1.60
N ALA A 1159 43.39 24.14 0.74
CA ALA A 1159 43.36 25.59 0.68
C ALA A 1159 41.95 26.16 0.42
N GLY A 1160 41.21 25.61 -0.55
CA GLY A 1160 39.86 26.14 -0.83
C GLY A 1160 38.90 26.11 0.35
N VAL A 1161 38.90 25.01 1.10
CA VAL A 1161 38.08 24.92 2.30
C VAL A 1161 38.66 25.84 3.36
N ASP A 1162 39.99 25.91 3.45
CA ASP A 1162 40.64 26.74 4.44
C ASP A 1162 40.22 28.17 4.25
N CYS A 1163 40.27 28.62 3.01
CA CYS A 1163 39.78 29.95 2.66
C CYS A 1163 38.31 30.08 3.00
N SER A 1164 37.54 28.99 2.89
CA SER A 1164 36.15 29.07 3.32
C SER A 1164 36.04 29.34 4.82
N ASP A 1165 36.86 28.66 5.61
CA ASP A 1165 36.82 28.88 7.05
C ASP A 1165 37.38 30.25 7.42
N HIS A 1166 38.54 30.58 6.85
CA HIS A 1166 39.18 31.86 7.08
C HIS A 1166 38.18 32.99 6.83
N GLU A 1167 37.54 32.96 5.65
CA GLU A 1167 36.53 33.93 5.28
C GLU A 1167 35.45 34.01 6.34
N VAL A 1168 34.95 32.85 6.81
CA VAL A 1168 33.94 32.84 7.86
C VAL A 1168 34.40 33.58 9.12
N ASN A 1169 35.59 33.23 9.63
CA ASN A 1169 36.09 33.88 10.86
C ASN A 1169 36.38 35.37 10.69
N ILE A 1170 36.63 35.82 9.47
CA ILE A 1170 36.78 37.26 9.26
C ILE A 1170 35.43 37.92 9.15
N LYS A 1171 34.50 37.27 8.46
CA LYS A 1171 33.17 37.85 8.32
C LYS A 1171 32.53 37.99 9.69
N ILE A 1172 32.80 37.02 10.58
CA ILE A 1172 32.39 37.14 11.98
C ILE A 1172 33.05 38.36 12.61
N LEU A 1173 34.37 38.44 12.52
CA LEU A 1173 35.07 39.48 13.27
C LEU A 1173 34.62 40.87 12.82
N ILE A 1174 34.65 41.11 11.50
CA ILE A 1174 34.22 42.39 10.96
C ILE A 1174 32.75 42.68 11.29
N ASP A 1175 31.87 41.68 11.22
CA ASP A 1175 30.48 41.95 11.62
C ASP A 1175 30.38 42.42 13.07
N SER A 1176 31.15 41.79 13.96
CA SER A 1176 31.24 42.25 15.33
C SER A 1176 31.69 43.70 15.42
N ALA A 1177 32.80 44.04 14.75
CA ALA A 1177 33.28 45.41 14.73
C ALA A 1177 32.34 46.40 14.03
N VAL A 1178 31.47 45.91 13.14
CA VAL A 1178 30.45 46.77 12.53
C VAL A 1178 29.42 47.09 13.59
N THR A 1179 29.12 46.10 14.44
CA THR A 1179 28.11 46.27 15.47
C THR A 1179 28.65 47.19 16.56
N ALA A 1180 29.97 47.25 16.72
CA ALA A 1180 30.56 48.10 17.74
C ALA A 1180 30.77 49.52 17.22
N GLY A 1181 30.37 49.77 15.96
CA GLY A 1181 30.44 51.06 15.32
C GLY A 1181 31.78 51.47 14.73
N LYS A 1182 32.73 50.56 14.61
CA LYS A 1182 34.01 51.00 14.07
C LYS A 1182 34.08 50.93 12.56
N VAL A 1183 33.36 50.00 11.93
CA VAL A 1183 33.39 49.87 10.48
C VAL A 1183 32.02 50.19 9.95
N THR A 1184 31.97 51.17 9.09
CA THR A 1184 30.75 51.50 8.43
C THR A 1184 30.41 50.37 7.47
N PRO A 1185 29.14 49.99 7.36
CA PRO A 1185 28.79 48.83 6.54
C PRO A 1185 29.27 48.93 5.09
N GLU A 1186 29.40 50.13 4.53
CA GLU A 1186 29.88 50.24 3.14
C GLU A 1186 31.37 49.95 3.02
N GLU A 1187 32.18 50.22 4.06
CA GLU A 1187 33.61 49.93 3.94
C GLU A 1187 33.90 48.49 4.35
N ARG A 1188 32.90 47.76 4.80
CA ARG A 1188 33.10 46.35 5.13
C ARG A 1188 33.51 45.58 3.88
N THR A 1189 32.79 45.80 2.77
CA THR A 1189 33.10 45.14 1.50
C THR A 1189 34.43 45.62 0.96
N GLU A 1190 34.69 46.92 1.14
CA GLU A 1190 35.95 47.52 0.72
C GLU A 1190 37.13 46.89 1.45
N LEU A 1191 37.00 46.74 2.77
CA LEU A 1191 38.04 46.11 3.59
C LEU A 1191 38.22 44.64 3.22
N LEU A 1192 37.12 43.93 3.01
CA LEU A 1192 37.21 42.53 2.60
C LEU A 1192 38.02 42.38 1.31
N LEU A 1193 37.65 43.14 0.26
CA LEU A 1193 38.42 42.99 -0.99
C LEU A 1193 39.86 43.44 -0.83
N SER A 1194 40.11 44.43 0.03
CA SER A 1194 41.48 44.86 0.22
C SER A 1194 42.33 43.78 0.88
N MSE A 1195 41.70 42.90 1.67
CA MSE A 1195 42.49 41.86 2.35
C MSE A 1195 42.54 40.51 1.64
O MSE A 1195 42.95 39.52 2.25
CB MSE A 1195 41.96 41.66 3.76
CG MSE A 1195 41.90 42.94 4.53
SE MSE A 1195 40.75 42.82 6.08
CE MSE A 1195 39.29 41.80 5.33
N THR A 1196 42.14 40.46 0.36
CA THR A 1196 42.07 39.18 -0.36
C THR A 1196 43.45 38.54 -0.46
N ASP A 1197 44.44 39.32 -0.88
CA ASP A 1197 45.78 38.82 -1.08
C ASP A 1197 46.39 38.37 0.25
N GLU A 1198 46.20 39.15 1.32
CA GLU A 1198 46.78 38.79 2.62
C GLU A 1198 46.13 37.54 3.21
N VAL A 1199 44.83 37.38 3.02
CA VAL A 1199 44.17 36.16 3.45
C VAL A 1199 44.71 34.96 2.69
N GLY A 1200 44.87 35.11 1.37
CA GLY A 1200 45.44 34.05 0.55
C GLY A 1200 46.86 33.68 0.98
N GLU A 1201 47.66 34.68 1.32
CA GLU A 1201 49.03 34.40 1.76
C GLU A 1201 49.01 33.63 3.07
N LEU A 1202 48.09 33.97 3.99
CA LEU A 1202 48.01 33.22 5.24
C LEU A 1202 47.63 31.76 4.99
N VAL A 1203 46.64 31.51 4.12
CA VAL A 1203 46.26 30.13 3.82
C VAL A 1203 47.41 29.37 3.14
N LEU A 1204 48.12 30.03 2.21
CA LEU A 1204 49.25 29.38 1.57
C LEU A 1204 50.38 29.11 2.56
N ALA A 1205 50.55 29.97 3.56
CA ALA A 1205 51.53 29.70 4.59
C ALA A 1205 51.14 28.44 5.35
N ASP A 1206 49.85 28.30 5.64
CA ASP A 1206 49.37 27.07 6.26
C ASP A 1206 49.67 25.85 5.40
N ASN A 1207 49.40 25.97 4.09
CA ASN A 1207 49.67 24.85 3.17
C ASN A 1207 51.17 24.52 3.12
N ARG A 1208 52.02 25.54 3.08
CA ARG A 1208 53.47 25.32 3.06
C ARG A 1208 53.96 24.68 4.35
N ASP A 1209 53.47 25.13 5.50
CA ASP A 1209 53.90 24.52 6.76
C ASP A 1209 53.50 23.05 6.78
N GLN A 1210 52.27 22.74 6.38
CA GLN A 1210 51.85 21.35 6.36
C GLN A 1210 52.66 20.53 5.37
N ASN A 1211 52.98 21.11 4.20
CA ASN A 1211 53.73 20.35 3.22
C ASN A 1211 55.17 20.11 3.64
N ASP A 1212 55.79 21.08 4.32
CA ASP A 1212 57.12 20.87 4.86
C ASP A 1212 57.10 19.78 5.92
N LEU A 1213 56.08 19.81 6.79
CA LEU A 1213 55.94 18.74 7.77
C LEU A 1213 55.74 17.40 7.10
N MSE A 1214 55.00 17.36 5.99
CA MSE A 1214 54.78 16.13 5.23
C MSE A 1214 56.07 15.55 4.67
O MSE A 1214 56.32 14.35 4.76
CB MSE A 1214 53.81 16.38 4.06
CG MSE A 1214 52.36 16.02 4.33
SE MSE A 1214 52.04 14.13 4.77
CE MSE A 1214 53.26 13.31 3.52
N GLY A 1215 56.86 16.43 4.06
CA GLY A 1215 58.17 16.00 3.58
C GLY A 1215 59.04 15.45 4.69
N THR A 1216 59.08 16.15 5.83
CA THR A 1216 59.89 15.69 6.95
C THR A 1216 59.38 14.36 7.52
N SER A 1217 58.06 14.20 7.61
CA SER A 1217 57.48 12.96 8.10
C SER A 1217 57.77 11.81 7.14
N ARG A 1218 57.77 12.10 5.84
CA ARG A 1218 58.16 11.12 4.84
C ARG A 1218 59.61 10.69 5.03
N ALA A 1219 60.46 11.64 5.42
CA ALA A 1219 61.86 11.34 5.67
C ALA A 1219 62.05 10.35 6.83
N ASN A 1220 61.27 10.50 7.91
CA ASN A 1220 61.44 9.71 9.12
C ASN A 1220 60.50 8.52 9.25
N ALA A 1221 59.99 7.99 8.15
CA ALA A 1221 58.92 7.01 8.26
C ALA A 1221 59.44 5.66 8.75
N ALA A 1222 60.60 5.23 8.24
CA ALA A 1222 61.02 3.85 8.47
C ALA A 1222 61.39 3.59 9.92
N SER A 1223 62.08 4.54 10.57
CA SER A 1223 62.55 4.26 11.92
C SER A 1223 61.51 4.51 13.00
N LEU A 1224 60.33 5.04 12.66
CA LEU A 1224 59.32 5.34 13.65
C LEU A 1224 58.09 4.49 13.44
N LEU A 1225 58.23 3.38 12.72
CA LEU A 1225 57.06 2.59 12.41
C LEU A 1225 56.47 2.01 13.68
N SER A 1226 57.34 1.56 14.58
CA SER A 1226 56.85 0.99 15.82
C SER A 1226 56.13 2.04 16.65
N VAL A 1227 56.70 3.25 16.72
CA VAL A 1227 56.05 4.30 17.47
C VAL A 1227 54.71 4.63 16.83
N HIS A 1228 54.69 4.69 15.50
CA HIS A 1228 53.48 5.00 14.78
C HIS A 1228 52.41 3.95 15.02
N ALA A 1229 52.80 2.68 15.07
CA ALA A 1229 51.83 1.62 15.32
C ALA A 1229 51.16 1.75 16.68
N ARG A 1230 51.92 2.08 17.73
CA ARG A 1230 51.25 2.24 19.01
C ARG A 1230 50.27 3.39 18.95
N MSE A 1231 50.62 4.45 18.22
CA MSE A 1231 49.73 5.58 18.09
C MSE A 1231 48.42 5.09 17.52
O MSE A 1231 47.36 5.36 18.09
CB MSE A 1231 50.37 6.66 17.22
CG MSE A 1231 51.75 7.01 17.71
SE MSE A 1231 52.66 8.48 16.84
CE MSE A 1231 51.44 9.93 17.24
N ILE A 1232 48.49 4.30 16.45
CA ILE A 1232 47.27 3.83 15.81
C ILE A 1232 46.42 3.06 16.81
N LYS A 1233 47.06 2.20 17.59
CA LYS A 1233 46.33 1.43 18.60
C LYS A 1233 45.65 2.34 19.60
N ASP A 1234 46.33 3.40 20.06
CA ASP A 1234 45.70 4.30 21.01
C ASP A 1234 44.46 4.93 20.43
N LEU A 1235 44.54 5.38 19.17
CA LEU A 1235 43.37 5.98 18.55
C LEU A 1235 42.23 4.99 18.43
N VAL A 1236 42.53 3.74 18.07
CA VAL A 1236 41.48 2.75 17.95
C VAL A 1236 40.82 2.52 19.30
N ASP A 1237 41.62 2.40 20.36
CA ASP A 1237 41.06 2.04 21.65
C ASP A 1237 40.32 3.19 22.34
N ASN A 1238 40.74 4.44 22.11
CA ASN A 1238 40.20 5.57 22.85
C ASN A 1238 39.32 6.50 22.02
N ARG A 1239 39.70 6.81 20.78
CA ARG A 1239 38.97 7.77 19.96
C ARG A 1239 37.92 7.11 19.07
N GLY A 1240 37.74 5.79 19.18
CA GLY A 1240 36.78 5.07 18.38
C GLY A 1240 37.14 5.12 16.91
N LEU A 1241 38.40 4.86 16.63
CA LEU A 1241 38.89 4.86 15.27
C LEU A 1241 38.68 3.51 14.61
N ASN A 1242 38.47 3.53 13.31
CA ASN A 1242 38.26 2.34 12.49
C ASN A 1242 39.49 2.10 11.63
N ARG A 1243 40.19 1.00 11.90
CA ARG A 1243 41.44 0.73 11.20
C ARG A 1243 41.28 0.67 9.68
N GLU A 1244 40.35 -0.17 9.23
CA GLU A 1244 40.09 -0.33 7.80
C GLU A 1244 39.42 0.83 7.08
N LEU A 1245 38.63 1.61 7.82
CA LEU A 1245 37.96 2.76 7.24
C LEU A 1245 38.92 3.91 6.99
N GLU A 1246 39.88 4.12 7.90
CA GLU A 1246 40.85 5.19 7.76
C GLU A 1246 42.06 4.81 6.92
N ALA A 1247 42.06 3.61 6.33
CA ALA A 1247 43.13 3.11 5.48
C ALA A 1247 44.42 2.99 6.26
N LEU A 1248 44.30 2.93 7.58
CA LEU A 1248 45.41 2.68 8.46
C LEU A 1248 45.75 1.20 8.40
N PRO A 1249 47.02 0.86 8.53
CA PRO A 1249 47.44 -0.52 8.32
C PRO A 1249 46.86 -1.42 9.39
N SER A 1250 46.58 -2.67 9.00
CA SER A 1250 46.29 -3.68 10.00
C SER A 1250 47.57 -4.06 10.71
N GLU A 1251 47.42 -4.60 11.93
CA GLU A 1251 48.62 -4.95 12.68
C GLU A 1251 49.43 -6.03 11.96
N LYS A 1252 48.75 -6.90 11.20
CA LYS A 1252 49.45 -7.86 10.35
C LYS A 1252 50.21 -7.12 9.25
N GLU A 1253 49.55 -6.12 8.67
CA GLU A 1253 50.16 -5.27 7.67
C GLU A 1253 51.31 -4.46 8.28
N ILE A 1254 51.11 -4.00 9.53
CA ILE A 1254 52.14 -3.21 10.22
C ILE A 1254 53.38 -4.04 10.48
N ARG A 1255 53.20 -5.28 10.93
CA ARG A 1255 54.35 -6.13 11.19
C ARG A 1255 55.01 -6.56 9.89
N ARG A 1256 54.23 -6.69 8.81
CA ARG A 1256 54.83 -6.94 7.52
C ARG A 1256 55.73 -5.78 7.08
N ARG A 1257 55.27 -4.54 7.25
CA ARG A 1257 56.14 -3.42 6.93
C ARG A 1257 57.36 -3.39 7.83
N ALA A 1258 57.16 -3.69 9.11
CA ALA A 1258 58.27 -3.71 10.05
C ALA A 1258 59.33 -4.73 9.61
N ASP A 1259 58.88 -5.90 9.16
CA ASP A 1259 59.82 -6.87 8.61
C ASP A 1259 60.49 -6.34 7.34
N ALA A 1260 59.82 -5.44 6.62
CA ALA A 1260 60.47 -4.88 5.44
C ALA A 1260 61.36 -3.67 5.76
N GLY A 1261 61.31 -3.16 6.99
CA GLY A 1261 62.17 -2.06 7.38
C GLY A 1261 61.74 -0.71 6.90
N ILE A 1262 60.47 -0.56 6.58
CA ILE A 1262 59.89 0.68 6.08
C ILE A 1262 58.74 1.10 7.00
N GLY A 1263 58.52 2.41 7.07
CA GLY A 1263 57.44 2.97 7.84
C GLY A 1263 56.18 3.21 7.02
N LEU A 1264 55.35 4.13 7.52
CA LEU A 1264 54.10 4.47 6.87
C LEU A 1264 54.31 5.16 5.53
N THR A 1265 53.35 4.98 4.64
CA THR A 1265 53.35 5.65 3.36
C THR A 1265 52.97 7.11 3.56
N SER A 1266 53.27 7.93 2.55
CA SER A 1266 52.97 9.35 2.65
C SER A 1266 51.49 9.66 2.83
N PRO A 1267 50.55 9.07 2.08
CA PRO A 1267 49.14 9.29 2.42
C PRO A 1267 48.76 8.79 3.80
N GLU A 1268 49.29 7.65 4.24
CA GLU A 1268 49.02 7.18 5.59
C GLU A 1268 49.63 8.07 6.65
N LEU A 1269 50.83 8.63 6.40
CA LEU A 1269 51.40 9.59 7.35
C LEU A 1269 50.51 10.81 7.46
N ALA A 1270 49.99 11.27 6.33
CA ALA A 1270 49.08 12.41 6.35
C ALA A 1270 47.83 12.08 7.14
N THR A 1271 47.29 10.88 6.95
CA THR A 1271 46.10 10.44 7.67
C THR A 1271 46.35 10.40 9.17
N LEU A 1272 47.50 9.88 9.56
CA LEU A 1272 47.82 9.81 10.97
C LEU A 1272 47.92 11.21 11.57
N MSE A 1273 48.57 12.13 10.87
CA MSE A 1273 48.73 13.47 11.43
C MSE A 1273 47.43 14.23 11.45
O MSE A 1273 47.22 15.11 12.28
CB MSE A 1273 49.76 14.27 10.66
CG MSE A 1273 49.17 15.09 9.55
SE MSE A 1273 50.58 15.90 8.57
CE MSE A 1273 51.72 14.31 8.40
N ALA A 1274 46.53 13.88 10.53
CA ALA A 1274 45.21 14.48 10.57
C ALA A 1274 44.46 14.04 11.81
N HIS A 1275 44.53 12.75 12.13
CA HIS A 1275 43.83 12.30 13.33
C HIS A 1275 44.49 12.86 14.57
N VAL A 1276 45.81 12.99 14.53
CA VAL A 1276 46.53 13.60 15.64
C VAL A 1276 46.09 15.04 15.82
N LYS A 1277 45.92 15.77 14.72
CA LYS A 1277 45.45 17.15 14.85
C LYS A 1277 44.04 17.20 15.45
N LEU A 1278 43.14 16.30 15.03
CA LEU A 1278 41.78 16.31 15.62
C LEU A 1278 41.81 15.94 17.10
N ALA A 1279 42.59 14.92 17.46
CA ALA A 1279 42.71 14.51 18.85
C ALA A 1279 43.32 15.62 19.69
N LEU A 1280 44.34 16.30 19.16
CA LEU A 1280 44.94 17.40 19.91
C LEU A 1280 43.97 18.55 20.09
N LYS A 1281 43.15 18.82 19.07
CA LYS A 1281 42.13 19.86 19.23
C LYS A 1281 41.13 19.47 20.31
N ASP A 1282 40.71 18.19 20.30
CA ASP A 1282 39.79 17.70 21.33
C ASP A 1282 40.40 17.78 22.72
N ASP A 1283 41.70 17.48 22.84
CA ASP A 1283 42.35 17.55 24.13
C ASP A 1283 42.50 18.98 24.64
N VAL A 1284 42.99 19.88 23.78
CA VAL A 1284 43.27 21.24 24.23
C VAL A 1284 41.99 22.00 24.51
N LEU A 1285 40.98 21.82 23.67
CA LEU A 1285 39.71 22.51 23.88
C LEU A 1285 39.05 22.11 25.19
N ALA A 1286 39.14 20.82 25.56
CA ALA A 1286 38.54 20.34 26.80
C ALA A 1286 39.24 20.87 28.04
N SER A 1287 40.38 21.49 27.87
CA SER A 1287 41.17 22.04 28.96
C SER A 1287 40.97 23.53 29.01
N ASP A 1288 41.70 24.18 29.91
CA ASP A 1288 41.68 25.62 30.06
C ASP A 1288 42.88 26.28 29.39
N LEU A 1289 43.59 25.53 28.54
CA LEU A 1289 44.71 26.09 27.78
C LEU A 1289 44.31 27.24 26.86
N PRO A 1290 43.23 27.15 26.08
CA PRO A 1290 42.86 28.31 25.24
C PRO A 1290 42.52 29.53 26.08
N ASP A 1291 42.18 29.32 27.34
CA ASP A 1291 41.81 30.41 28.24
C ASP A 1291 43.03 31.22 28.69
N GLN A 1292 44.15 30.56 29.00
CA GLN A 1292 45.31 31.26 29.53
C GLN A 1292 45.98 32.16 28.50
N GLU A 1293 46.58 33.26 29.00
CA GLU A 1293 47.06 34.33 28.12
C GLU A 1293 48.33 33.96 27.35
N VAL A 1294 49.14 33.07 27.89
CA VAL A 1294 50.37 32.69 27.23
C VAL A 1294 50.07 31.97 25.94
N PHE A 1295 48.97 31.22 25.91
CA PHE A 1295 48.51 30.53 24.71
C PHE A 1295 47.69 31.46 23.85
N ALA A 1296 47.11 32.49 24.42
CA ALA A 1296 46.22 33.41 23.73
C ALA A 1296 46.98 34.60 23.15
N SER A 1297 48.29 34.65 23.34
CA SER A 1297 49.03 35.77 22.76
C SER A 1297 49.17 35.66 21.24
N ARG A 1298 48.88 34.51 20.63
CA ARG A 1298 48.95 34.36 19.18
C ARG A 1298 47.62 34.59 18.45
N LEU A 1299 46.53 34.92 19.16
CA LEU A 1299 45.24 35.09 18.50
C LEU A 1299 45.19 36.14 17.41
N PRO A 1300 45.75 37.35 17.59
CA PRO A 1300 45.61 38.36 16.53
C PRO A 1300 46.18 37.93 15.20
N TYR A 1301 47.19 37.07 15.20
CA TYR A 1301 47.93 36.66 14.00
C TYR A 1301 47.14 35.72 13.10
N TYR A 1302 45.89 35.37 13.44
CA TYR A 1302 45.04 34.64 12.50
C TYR A 1302 44.52 35.53 11.37
N PHE A 1303 44.35 36.88 11.62
CA PHE A 1303 43.76 37.97 10.84
C PHE A 1303 44.82 38.81 10.07
N PRO A 1304 44.44 39.44 8.95
CA PRO A 1304 45.37 40.27 8.16
C PRO A 1304 45.91 41.49 8.94
N THR A 1305 46.86 42.19 8.31
CA THR A 1305 47.54 43.30 8.97
C THR A 1305 46.60 44.47 9.29
N ARG A 1306 45.72 44.82 8.36
CA ARG A 1306 44.80 45.93 8.60
C ARG A 1306 43.94 45.66 9.81
N LEU A 1307 43.32 44.49 9.87
CA LEU A 1307 42.51 44.11 11.04
C LEU A 1307 43.36 43.96 12.29
N ARG A 1308 44.55 43.36 12.18
CA ARG A 1308 45.41 43.19 13.35
C ARG A 1308 45.69 44.53 14.00
N GLU A 1309 45.84 45.57 13.19
CA GLU A 1309 46.14 46.89 13.71
C GLU A 1309 44.86 47.59 14.17
N GLU A 1310 43.87 47.70 13.28
CA GLU A 1310 42.67 48.46 13.59
C GLU A 1310 41.79 47.71 14.58
N LEU A 1311 41.60 46.41 14.37
CA LEU A 1311 40.70 45.62 15.20
C LEU A 1311 41.53 44.83 16.20
N HIS A 1312 41.58 45.33 17.42
CA HIS A 1312 42.31 44.69 18.51
C HIS A 1312 41.38 44.27 19.63
N GLY A 1313 40.49 45.16 20.08
CA GLY A 1313 39.50 44.78 21.07
C GLY A 1313 38.51 43.76 20.54
N GLU A 1314 38.12 43.88 19.27
CA GLU A 1314 37.20 42.96 18.63
C GLU A 1314 37.81 41.57 18.47
N ILE A 1315 39.11 41.51 18.19
CA ILE A 1315 39.82 40.23 18.13
C ILE A 1315 39.83 39.54 19.49
N ARG A 1316 40.11 40.29 20.56
CA ARG A 1316 40.14 39.71 21.89
C ARG A 1316 38.79 39.22 22.39
N SER A 1317 37.68 39.66 21.81
CA SER A 1317 36.38 39.21 22.29
C SER A 1317 35.62 38.52 21.17
N HIS A 1318 36.29 37.68 20.40
CA HIS A 1318 35.66 36.95 19.31
C HIS A 1318 34.83 35.81 19.90
N GLN A 1319 33.83 35.38 19.13
CA GLN A 1319 33.04 34.23 19.57
C GLN A 1319 33.81 32.92 19.48
N LEU A 1320 34.69 32.76 18.47
CA LEU A 1320 35.38 31.48 18.28
C LEU A 1320 36.82 31.54 18.79
N ARG A 1321 37.03 32.34 19.83
CA ARG A 1321 38.37 32.59 20.36
C ARG A 1321 39.01 31.33 20.93
N ARG A 1322 38.26 30.55 21.70
CA ARG A 1322 38.86 29.36 22.27
C ARG A 1322 39.20 28.34 21.19
N GLU A 1323 38.28 28.14 20.24
CA GLU A 1323 38.51 27.21 19.12
C GLU A 1323 39.62 27.68 18.19
N ILE A 1324 39.66 28.98 17.86
CA ILE A 1324 40.73 29.47 16.99
C ILE A 1324 42.06 29.29 17.68
N ILE A 1325 42.11 29.60 18.97
CA ILE A 1325 43.36 29.44 19.71
C ILE A 1325 43.79 27.98 19.73
N THR A 1326 42.85 27.06 19.99
CA THR A 1326 43.19 25.64 20.00
C THR A 1326 43.68 25.15 18.63
N THR A 1327 42.99 25.53 17.56
CA THR A 1327 43.42 25.10 16.24
C THR A 1327 44.80 25.65 15.88
N MSE A 1328 45.05 26.93 16.19
CA MSE A 1328 46.37 27.54 15.93
C MSE A 1328 47.44 26.79 16.70
O MSE A 1328 48.53 26.51 16.20
CB MSE A 1328 46.41 29.00 16.35
CG MSE A 1328 45.57 29.94 15.50
SE MSE A 1328 46.00 31.80 15.94
CE MSE A 1328 47.87 31.77 15.35
N LEU A 1329 47.08 26.48 17.95
CA LEU A 1329 47.99 25.76 18.84
C LEU A 1329 48.36 24.41 18.25
N VAL A 1330 47.36 23.62 17.87
CA VAL A 1330 47.62 22.27 17.38
C VAL A 1330 48.33 22.31 16.03
N ASN A 1331 48.01 23.29 15.18
CA ASN A 1331 48.69 23.42 13.90
C ASN A 1331 50.17 23.72 14.12
N ASP A 1332 50.48 24.71 14.96
CA ASP A 1332 51.87 25.04 15.24
C ASP A 1332 52.59 23.84 15.85
N LEU A 1333 51.96 23.17 16.80
CA LEU A 1333 52.59 22.04 17.47
C LEU A 1333 52.88 20.91 16.48
N VAL A 1334 51.88 20.50 15.69
CA VAL A 1334 52.07 19.36 14.79
C VAL A 1334 53.04 19.71 13.67
N ASP A 1335 52.97 20.93 13.16
CA ASP A 1335 53.85 21.32 12.06
C ASP A 1335 55.30 21.44 12.52
N THR A 1336 55.51 21.95 13.74
CA THR A 1336 56.84 22.19 14.29
C THR A 1336 57.43 20.99 15.02
N ALA A 1337 56.72 20.45 16.02
CA ALA A 1337 57.25 19.39 16.88
C ALA A 1337 57.30 18.01 16.23
N GLY A 1338 56.37 17.66 15.36
CA GLY A 1338 56.40 16.38 14.69
C GLY A 1338 55.18 15.53 15.00
N ILE A 1339 55.09 14.40 14.29
CA ILE A 1339 53.90 13.56 14.44
C ILE A 1339 53.92 12.89 15.79
N SER A 1340 55.07 12.39 16.20
CA SER A 1340 55.14 11.57 17.39
C SER A 1340 55.58 12.36 18.60
N TYR A 1341 55.64 13.69 18.50
CA TYR A 1341 56.15 14.44 19.63
C TYR A 1341 55.24 14.28 20.82
N ALA A 1342 53.97 14.65 20.66
CA ALA A 1342 53.07 14.65 21.80
C ALA A 1342 52.81 13.24 22.31
N TYR A 1343 52.63 12.28 21.40
CA TYR A 1343 52.36 10.92 21.85
C TYR A 1343 53.57 10.37 22.60
N ARG A 1344 54.79 10.61 22.08
CA ARG A 1344 55.99 10.15 22.78
C ARG A 1344 56.18 10.87 24.10
N ILE A 1345 55.83 12.16 24.14
CA ILE A 1345 55.88 12.88 25.41
C ILE A 1345 54.99 12.20 26.43
N THR A 1346 53.76 11.88 26.04
CA THR A 1346 52.85 11.21 26.96
C THR A 1346 53.38 9.83 27.35
N GLU A 1347 53.97 9.09 26.38
CA GLU A 1347 54.51 7.76 26.64
C GLU A 1347 55.67 7.81 27.63
N ASP A 1348 56.56 8.78 27.44
CA ASP A 1348 57.81 8.89 28.19
C ASP A 1348 57.58 9.56 29.54
N VAL A 1349 57.05 10.77 29.52
CA VAL A 1349 56.85 11.57 30.73
C VAL A 1349 55.74 10.98 31.60
N GLY A 1350 54.64 10.53 31.00
CA GLY A 1350 53.54 10.00 31.78
C GLY A 1350 52.49 11.05 32.14
N VAL A 1351 52.21 11.96 31.22
CA VAL A 1351 51.28 13.03 31.48
C VAL A 1351 50.15 13.02 30.47
N GLY A 1352 49.25 13.98 30.58
CA GLY A 1352 48.15 14.09 29.66
C GLY A 1352 48.61 14.97 28.53
N PRO A 1353 47.83 15.06 27.46
CA PRO A 1353 48.23 15.92 26.34
C PRO A 1353 48.35 17.36 26.74
N VAL A 1354 47.59 17.77 27.76
CA VAL A 1354 47.64 19.16 28.21
C VAL A 1354 49.02 19.53 28.71
N ASP A 1355 49.65 18.64 29.50
CA ASP A 1355 51.00 18.90 29.98
C ASP A 1355 52.03 18.92 28.85
N ALA A 1356 51.85 18.04 27.85
CA ALA A 1356 52.73 18.03 26.69
C ALA A 1356 52.65 19.35 25.92
N VAL A 1357 51.45 19.87 25.74
CA VAL A 1357 51.28 21.15 25.05
C VAL A 1357 51.94 22.26 25.84
N ARG A 1358 51.77 22.25 27.17
CA ARG A 1358 52.43 23.24 28.01
C ARG A 1358 53.92 23.24 27.73
N SER A 1359 54.51 22.05 27.74
CA SER A 1359 55.94 21.91 27.51
C SER A 1359 56.35 22.39 26.13
N TYR A 1360 55.59 22.07 25.08
CA TYR A 1360 55.97 22.50 23.74
C TYR A 1360 55.97 24.02 23.65
N VAL A 1361 54.94 24.66 24.18
CA VAL A 1361 54.87 26.12 24.10
C VAL A 1361 56.04 26.75 24.83
N ALA A 1362 56.36 26.24 26.02
CA ALA A 1362 57.48 26.81 26.75
C ALA A 1362 58.78 26.67 25.97
N ILE A 1363 59.04 25.49 25.39
CA ILE A 1363 60.31 25.30 24.69
C ILE A 1363 60.38 26.13 23.40
N ASN A 1364 59.27 26.21 22.65
CA ASN A 1364 59.27 27.02 21.44
C ASN A 1364 59.54 28.49 21.75
N ALA A 1365 58.90 29.01 22.81
CA ALA A 1365 59.10 30.41 23.17
C ALA A 1365 60.47 30.65 23.78
N ILE A 1366 61.07 29.62 24.38
CA ILE A 1366 62.34 29.78 25.07
C ILE A 1366 63.50 29.72 24.08
N PHE A 1367 63.53 28.72 23.21
CA PHE A 1367 64.63 28.55 22.28
C PHE A 1367 64.39 29.19 20.94
N GLY A 1368 63.24 29.82 20.73
CA GLY A 1368 62.99 30.38 19.42
C GLY A 1368 62.95 29.28 18.40
N ILE A 1369 62.26 28.18 18.72
CA ILE A 1369 62.26 27.01 17.86
C ILE A 1369 61.64 27.34 16.51
N GLY A 1370 60.56 28.10 16.52
CA GLY A 1370 59.91 28.48 15.27
C GLY A 1370 60.83 29.29 14.37
N ASP A 1371 61.59 30.19 14.97
CA ASP A 1371 62.51 31.03 14.21
C ASP A 1371 63.61 30.17 13.58
N VAL A 1372 64.11 29.19 14.32
CA VAL A 1372 65.12 28.30 13.76
C VAL A 1372 64.52 27.49 12.61
N TRP A 1373 63.27 27.04 12.77
CA TRP A 1373 62.59 26.33 11.69
C TRP A 1373 62.46 27.17 10.44
N ARG A 1374 62.10 28.44 10.59
CA ARG A 1374 61.98 29.29 9.41
C ARG A 1374 63.35 29.52 8.78
N ARG A 1375 64.41 29.65 9.58
CA ARG A 1375 65.72 29.80 8.97
C ARG A 1375 66.10 28.54 8.18
N ILE A 1376 65.80 27.37 8.73
CA ILE A 1376 66.05 26.11 8.03
C ILE A 1376 65.24 26.03 6.73
N ARG A 1377 63.96 26.39 6.81
CA ARG A 1377 63.11 26.33 5.61
C ARG A 1377 63.55 27.32 4.56
N ALA A 1378 64.01 28.50 4.98
CA ALA A 1378 64.52 29.45 4.00
C ALA A 1378 65.75 28.90 3.30
N ALA A 1379 66.64 28.25 4.06
CA ALA A 1379 67.79 27.65 3.39
C ALA A 1379 67.36 26.54 2.42
N GLY A 1380 66.39 25.70 2.80
CA GLY A 1380 65.89 24.72 1.86
C GLY A 1380 65.19 25.29 0.63
N ASP A 1381 64.49 26.40 0.80
CA ASP A 1381 63.89 27.11 -0.32
C ASP A 1381 64.92 27.78 -1.21
N ALA A 1382 66.10 28.06 -0.69
CA ALA A 1382 67.12 28.72 -1.48
C ALA A 1382 67.87 27.77 -2.39
N GLY A 1383 67.66 26.46 -2.24
CA GLY A 1383 68.30 25.51 -3.12
C GLY A 1383 69.04 24.43 -2.37
N VAL A 1384 69.04 24.50 -1.04
CA VAL A 1384 69.68 23.44 -0.27
C VAL A 1384 68.86 22.17 -0.45
N PRO A 1385 69.47 21.02 -0.70
CA PRO A 1385 68.67 19.82 -0.90
C PRO A 1385 67.87 19.48 0.33
N THR A 1386 66.75 18.77 0.11
CA THR A 1386 65.84 18.48 1.20
C THR A 1386 66.47 17.57 2.22
N SER A 1387 67.48 16.79 1.84
CA SER A 1387 68.12 15.94 2.82
C SER A 1387 68.84 16.76 3.90
N VAL A 1388 69.56 17.81 3.50
CA VAL A 1388 70.28 18.62 4.49
C VAL A 1388 69.32 19.38 5.41
N THR A 1389 68.31 20.02 4.85
CA THR A 1389 67.36 20.74 5.69
C THR A 1389 66.55 19.79 6.57
N ASP A 1390 66.19 18.64 6.02
CA ASP A 1390 65.45 17.65 6.79
C ASP A 1390 66.27 17.10 7.96
N ARG A 1391 67.55 16.79 7.73
CA ARG A 1391 68.39 16.33 8.83
C ARG A 1391 68.58 17.43 9.88
N MSE A 1392 68.71 18.68 9.45
CA MSE A 1392 68.80 19.82 10.37
C MSE A 1392 67.61 19.84 11.30
O MSE A 1392 67.71 19.99 12.53
CB MSE A 1392 68.87 21.16 9.62
CG MSE A 1392 70.23 21.49 9.04
SE MSE A 1392 70.40 23.37 8.52
CE MSE A 1392 69.57 23.26 6.76
N THR A 1393 66.46 19.66 10.67
CA THR A 1393 65.21 19.64 11.41
C THR A 1393 65.11 18.42 12.33
N LEU A 1394 65.66 17.28 11.91
CA LEU A 1394 65.61 16.10 12.79
C LEU A 1394 66.46 16.30 14.04
N ASP A 1395 67.64 16.89 13.90
CA ASP A 1395 68.43 17.21 15.09
C ASP A 1395 67.68 18.21 15.96
N LEU A 1396 67.09 19.22 15.33
CA LEU A 1396 66.33 20.18 16.09
C LEU A 1396 65.16 19.52 16.83
N ARG A 1397 64.45 18.57 16.20
CA ARG A 1397 63.33 17.94 16.90
C ARG A 1397 63.77 16.99 18.00
N ARG A 1398 64.90 16.30 17.86
CA ARG A 1398 65.42 15.58 19.02
C ARG A 1398 65.73 16.57 20.14
N LEU A 1399 66.29 17.73 19.79
CA LEU A 1399 66.56 18.74 20.81
C LEU A 1399 65.29 19.15 21.51
N VAL A 1400 64.23 19.39 20.76
CA VAL A 1400 63.00 19.82 21.41
C VAL A 1400 62.41 18.68 22.24
N ASP A 1401 62.53 17.45 21.77
CA ASP A 1401 62.06 16.31 22.55
C ASP A 1401 62.77 16.26 23.89
N ARG A 1402 64.10 16.31 23.86
CA ARG A 1402 64.90 16.23 25.06
C ARG A 1402 64.62 17.42 25.98
N ALA A 1403 64.50 18.63 25.40
CA ALA A 1403 64.27 19.83 26.20
C ALA A 1403 62.89 19.85 26.83
N GLY A 1404 61.87 19.43 26.08
CA GLY A 1404 60.53 19.35 26.62
C GLY A 1404 60.44 18.31 27.72
N ARG A 1405 61.07 17.16 27.50
CA ARG A 1405 61.13 16.14 28.53
C ARG A 1405 61.83 16.68 29.76
N TRP A 1406 62.91 17.47 29.57
CA TRP A 1406 63.61 18.06 30.70
C TRP A 1406 62.71 19.01 31.48
N LEU A 1407 61.97 19.87 30.78
CA LEU A 1407 61.09 20.81 31.48
C LEU A 1407 60.00 20.08 32.25
N LEU A 1408 59.40 19.05 31.63
CA LEU A 1408 58.36 18.29 32.30
C LEU A 1408 58.91 17.54 33.50
N ASN A 1409 60.12 16.99 33.37
CA ASN A 1409 60.67 16.15 34.42
C ASN A 1409 61.19 16.98 35.60
N TYR A 1410 61.76 18.15 35.35
CA TYR A 1410 62.47 18.84 36.43
C TYR A 1410 61.71 20.03 36.98
N ARG A 1411 60.48 20.28 36.54
CA ARG A 1411 59.84 21.43 37.14
C ARG A 1411 58.46 21.01 37.62
N PRO A 1412 57.93 21.66 38.65
CA PRO A 1412 56.63 21.25 39.19
C PRO A 1412 55.51 21.42 38.17
N GLN A 1413 54.55 20.48 38.20
CA GLN A 1413 53.39 20.28 37.35
C GLN A 1413 52.12 20.71 38.08
N PRO A 1414 51.15 21.28 37.35
CA PRO A 1414 51.19 21.58 35.92
C PRO A 1414 52.08 22.77 35.62
N LEU A 1415 52.55 22.85 34.38
CA LEU A 1415 53.48 23.89 33.99
C LEU A 1415 52.81 25.26 33.99
N ALA A 1416 53.50 26.25 34.55
CA ALA A 1416 53.09 27.64 34.44
C ALA A 1416 53.97 28.17 33.31
N VAL A 1417 53.41 28.21 32.09
CA VAL A 1417 54.23 28.44 30.90
C VAL A 1417 54.91 29.79 30.98
N GLY A 1418 54.18 30.82 31.39
CA GLY A 1418 54.76 32.15 31.52
C GLY A 1418 55.91 32.19 32.53
N ALA A 1419 55.75 31.48 33.65
CA ALA A 1419 56.79 31.50 34.67
C ALA A 1419 58.07 30.86 34.16
N GLU A 1420 57.96 29.65 33.57
CA GLU A 1420 59.16 28.99 33.06
C GLU A 1420 59.78 29.74 31.88
N ILE A 1421 58.96 30.39 31.06
CA ILE A 1421 59.50 31.22 29.99
C ILE A 1421 60.31 32.38 30.58
N ASN A 1422 59.74 33.09 31.56
CA ASN A 1422 60.46 34.26 32.08
C ASN A 1422 61.69 33.88 32.89
N ARG A 1423 61.79 32.66 33.41
CA ARG A 1423 63.01 32.30 34.11
C ARG A 1423 63.96 31.46 33.28
N PHE A 1424 63.58 31.11 32.06
CA PHE A 1424 64.55 30.36 31.26
C PHE A 1424 64.82 30.98 29.90
N GLY A 1425 63.82 31.55 29.24
CA GLY A 1425 63.97 31.88 27.84
C GLY A 1425 65.00 32.97 27.62
N ALA A 1426 64.97 33.98 28.48
CA ALA A 1426 65.93 35.08 28.36
C ALA A 1426 67.34 34.57 28.58
N LYS A 1427 67.50 33.69 29.57
CA LYS A 1427 68.81 33.11 29.86
C LYS A 1427 69.29 32.26 28.69
N VAL A 1428 68.39 31.50 28.08
CA VAL A 1428 68.71 30.67 26.92
C VAL A 1428 69.16 31.53 25.75
N ALA A 1429 68.47 32.64 25.52
CA ALA A 1429 68.83 33.55 24.43
C ALA A 1429 70.18 34.19 24.69
N ALA A 1430 70.51 34.39 25.96
CA ALA A 1430 71.83 34.95 26.25
C ALA A 1430 72.93 33.91 26.04
N LEU A 1431 72.64 32.63 26.30
CA LEU A 1431 73.67 31.60 26.26
C LEU A 1431 73.84 30.91 24.91
N THR A 1432 72.82 30.92 24.04
CA THR A 1432 72.95 30.24 22.76
C THR A 1432 74.05 30.80 21.86
N PRO A 1433 74.19 32.12 21.64
CA PRO A 1433 75.22 32.57 20.69
C PRO A 1433 76.66 32.28 21.13
N ARG A 1434 76.92 32.05 22.41
CA ARG A 1434 78.28 31.79 22.89
C ARG A 1434 78.56 30.31 23.12
N MSE A 1435 78.36 29.47 22.11
CA MSE A 1435 78.61 28.05 22.30
C MSE A 1435 80.09 27.73 22.08
O MSE A 1435 80.58 26.68 22.50
CB MSE A 1435 77.74 27.20 21.38
CG MSE A 1435 77.73 25.72 21.72
SE MSE A 1435 76.93 25.29 23.46
CE MSE A 1435 75.07 25.51 22.99
N SER A 1436 80.80 28.64 21.43
CA SER A 1436 82.19 28.41 21.05
C SER A 1436 83.18 28.68 22.17
N GLU A 1437 82.78 29.33 23.26
CA GLU A 1437 83.75 29.72 24.28
C GLU A 1437 84.09 28.62 25.27
N TRP A 1438 83.33 27.53 25.32
CA TRP A 1438 83.61 26.52 26.32
C TRP A 1438 83.58 25.08 25.78
N LEU A 1439 83.30 24.87 24.50
CA LEU A 1439 83.40 23.54 23.94
C LEU A 1439 84.86 23.18 23.72
N ARG A 1440 85.23 22.00 24.19
CA ARG A 1440 86.61 21.62 24.29
C ARG A 1440 86.78 20.23 23.71
N GLY A 1441 87.92 19.99 23.08
CA GLY A 1441 88.30 18.64 22.69
C GLY A 1441 87.33 17.98 21.72
N ASP A 1442 86.80 16.82 22.14
CA ASP A 1442 85.94 16.04 21.25
C ASP A 1442 84.63 16.79 20.97
N ASP A 1443 84.12 17.53 21.96
CA ASP A 1443 82.94 18.36 21.76
C ASP A 1443 83.16 19.39 20.67
N LYS A 1444 84.26 20.14 20.75
CA LYS A 1444 84.58 21.16 19.77
C LYS A 1444 84.79 20.56 18.38
N ALA A 1445 85.48 19.43 18.31
CA ALA A 1445 85.76 18.79 17.03
C ALA A 1445 84.48 18.34 16.34
N ILE A 1446 83.60 17.65 17.07
CA ILE A 1446 82.39 17.13 16.46
C ILE A 1446 81.42 18.25 16.09
N VAL A 1447 81.33 19.31 16.91
CA VAL A 1447 80.46 20.44 16.57
C VAL A 1447 80.94 21.15 15.31
N SER A 1448 82.26 21.36 15.20
CA SER A 1448 82.80 21.98 14.01
C SER A 1448 82.54 21.10 12.79
N LYS A 1449 82.67 19.78 12.93
CA LYS A 1449 82.40 18.89 11.81
C LYS A 1449 80.96 19.00 11.33
N GLU A 1450 79.98 19.01 12.25
CA GLU A 1450 78.58 19.12 11.79
C GLU A 1450 78.30 20.47 11.15
N ALA A 1451 78.82 21.56 11.72
CA ALA A 1451 78.58 22.87 11.10
C ALA A 1451 79.20 22.99 9.71
N GLY A 1452 80.44 22.49 9.55
CA GLY A 1452 81.05 22.51 8.22
C GLY A 1452 80.36 21.63 7.19
N ASP A 1453 79.90 20.45 7.60
CA ASP A 1453 79.14 19.60 6.68
C ASP A 1453 77.86 20.31 6.26
N PHE A 1454 77.19 20.98 7.20
CA PHE A 1454 75.97 21.71 6.86
C PHE A 1454 76.26 22.85 5.88
N ALA A 1455 77.31 23.62 6.16
CA ALA A 1455 77.65 24.76 5.32
C ALA A 1455 78.22 24.33 3.97
N SER A 1456 78.69 23.08 3.83
CA SER A 1456 79.18 22.58 2.56
C SER A 1456 78.10 22.44 1.50
N HIS A 1457 76.84 22.42 1.90
CA HIS A 1457 75.72 22.29 0.97
C HIS A 1457 75.04 23.62 0.74
N GLY A 1458 75.66 24.73 1.17
CA GLY A 1458 75.09 26.04 1.00
C GLY A 1458 74.36 26.61 2.20
N VAL A 1459 74.27 25.86 3.29
CA VAL A 1459 73.60 26.36 4.50
C VAL A 1459 74.41 27.52 5.09
N PRO A 1460 73.74 28.62 5.50
CA PRO A 1460 74.47 29.74 6.13
C PRO A 1460 75.21 29.29 7.38
N GLU A 1461 76.36 29.92 7.61
CA GLU A 1461 77.26 29.51 8.66
C GLU A 1461 76.69 29.66 10.07
N ASP A 1462 76.03 30.80 10.36
CA ASP A 1462 75.48 30.98 11.70
C ASP A 1462 74.41 29.95 11.98
N LEU A 1463 73.54 29.71 11.00
CA LEU A 1463 72.49 28.72 11.13
C LEU A 1463 73.06 27.31 11.21
N ALA A 1464 74.11 27.02 10.44
CA ALA A 1464 74.71 25.69 10.50
C ALA A 1464 75.28 25.42 11.90
N TYR A 1465 76.02 26.39 12.45
CA TYR A 1465 76.55 26.24 13.81
C TYR A 1465 75.45 26.20 14.87
N HIS A 1466 74.42 27.02 14.70
CA HIS A 1466 73.32 27.08 15.66
C HIS A 1466 72.61 25.72 15.72
N ILE A 1467 72.44 25.07 14.56
CA ILE A 1467 71.83 23.73 14.50
C ILE A 1467 72.77 22.65 15.06
N ALA A 1468 74.06 22.74 14.74
CA ALA A 1468 75.03 21.71 15.11
C ALA A 1468 75.23 21.60 16.62
N THR A 1469 74.81 22.61 17.38
CA THR A 1469 75.03 22.69 18.82
C THR A 1469 73.74 22.49 19.60
N GLY A 1470 72.74 21.88 18.97
CA GLY A 1470 71.44 21.75 19.62
C GLY A 1470 71.49 20.88 20.87
N LEU A 1471 72.18 19.75 20.81
CA LEU A 1471 72.24 18.90 21.99
C LEU A 1471 73.02 19.54 23.14
N TYR A 1472 73.88 20.53 22.86
CA TYR A 1472 74.47 21.32 23.94
C TYR A 1472 73.57 22.47 24.37
N GLN A 1473 72.74 22.97 23.45
CA GLN A 1473 71.75 23.91 23.92
C GLN A 1473 70.80 23.24 24.89
N TYR A 1474 70.55 21.93 24.71
CA TYR A 1474 69.72 21.24 25.69
C TYR A 1474 70.39 21.26 27.06
N SER A 1475 71.72 21.03 27.09
CA SER A 1475 72.42 21.03 28.37
C SER A 1475 72.44 22.40 28.99
N LEU A 1476 72.15 23.44 28.21
CA LEU A 1476 72.09 24.75 28.82
C LEU A 1476 70.91 24.88 29.77
N LEU A 1477 69.88 24.04 29.63
CA LEU A 1477 68.79 24.04 30.62
C LEU A 1477 69.30 23.61 31.99
N ASP A 1478 70.05 22.52 32.03
CA ASP A 1478 70.67 22.13 33.29
C ASP A 1478 71.66 23.20 33.74
N VAL A 1479 72.35 23.84 32.79
CA VAL A 1479 73.30 24.89 33.15
C VAL A 1479 72.60 26.04 33.87
N ILE A 1480 71.46 26.46 33.34
CA ILE A 1480 70.71 27.57 33.93
C ILE A 1480 70.10 27.17 35.27
N ASP A 1481 69.55 25.95 35.37
CA ASP A 1481 68.99 25.49 36.64
C ASP A 1481 70.07 25.45 37.70
N ILE A 1482 71.25 24.94 37.34
CA ILE A 1482 72.38 24.86 38.26
C ILE A 1482 72.84 26.26 38.67
N ALA A 1483 72.96 27.18 37.71
CA ALA A 1483 73.39 28.54 38.05
C ALA A 1483 72.40 29.20 39.00
N ASP A 1484 71.10 28.94 38.78
CA ASP A 1484 70.06 29.44 39.69
C ASP A 1484 70.20 28.87 41.09
N ILE A 1485 70.52 27.57 41.20
CA ILE A 1485 70.62 26.95 42.51
C ILE A 1485 71.78 27.55 43.32
N VAL A 1486 72.92 27.77 42.67
CA VAL A 1486 74.11 28.25 43.36
C VAL A 1486 74.26 29.76 43.29
N ASP A 1487 73.24 30.46 42.81
CA ASP A 1487 73.23 31.92 42.65
C ASP A 1487 74.58 32.45 42.17
N ARG A 1488 75.04 31.89 41.06
CA ARG A 1488 76.26 32.32 40.39
C ARG A 1488 75.96 32.50 38.92
N GLU A 1489 76.90 33.12 38.21
CA GLU A 1489 76.61 33.48 36.85
C GLU A 1489 76.57 32.23 35.96
N PRO A 1490 75.74 32.26 34.93
CA PRO A 1490 75.61 31.10 34.04
C PRO A 1490 76.83 30.92 33.14
N ASP A 1491 77.61 31.97 32.89
CA ASP A 1491 78.80 31.85 32.04
C ASP A 1491 79.80 30.85 32.61
N GLU A 1492 80.15 31.01 33.88
CA GLU A 1492 81.12 30.14 34.53
C GLU A 1492 80.57 28.73 34.71
N VAL A 1493 79.26 28.64 34.96
CA VAL A 1493 78.60 27.34 35.10
C VAL A 1493 78.69 26.57 33.79
N ALA A 1494 78.43 27.26 32.67
CA ALA A 1494 78.56 26.64 31.35
C ALA A 1494 80.00 26.23 31.08
N ASP A 1495 80.96 27.09 31.45
CA ASP A 1495 82.37 26.75 31.27
C ASP A 1495 82.70 25.43 31.95
N THR A 1496 82.36 25.32 33.24
CA THR A 1496 82.68 24.08 33.96
C THR A 1496 81.93 22.87 33.41
N TYR A 1497 80.65 23.03 33.06
CA TYR A 1497 79.87 21.89 32.58
C TYR A 1497 80.44 21.33 31.28
N PHE A 1498 80.75 22.19 30.31
CA PHE A 1498 81.26 21.68 29.04
C PHE A 1498 82.73 21.26 29.11
N ALA A 1499 83.55 21.90 29.96
CA ALA A 1499 84.90 21.38 30.15
C ALA A 1499 84.84 19.98 30.75
N LEU A 1500 83.91 19.76 31.70
CA LEU A 1500 83.81 18.42 32.26
C LEU A 1500 83.28 17.43 31.22
N MSE A 1501 82.35 17.87 30.39
CA MSE A 1501 81.90 17.02 29.27
C MSE A 1501 83.05 16.73 28.31
O MSE A 1501 82.99 15.79 27.51
CB MSE A 1501 80.73 17.68 28.51
CG MSE A 1501 79.35 17.49 29.17
SE MSE A 1501 77.77 17.81 28.02
CE MSE A 1501 77.86 16.17 26.94
N ASP A 1502 84.10 17.54 28.38
CA ASP A 1502 85.26 17.26 27.54
C ASP A 1502 86.23 16.25 28.16
N HIS A 1503 86.52 16.35 29.45
CA HIS A 1503 87.56 15.47 29.99
C HIS A 1503 87.17 14.00 29.89
N LEU A 1504 85.93 13.66 30.20
CA LEU A 1504 85.47 12.27 30.19
C LEU A 1504 84.91 11.78 28.86
N GLY A 1505 84.89 12.59 27.79
CA GLY A 1505 84.28 12.11 26.55
C GLY A 1505 82.82 11.73 26.57
N ALA A 1506 81.99 12.52 27.27
CA ALA A 1506 80.57 12.22 27.46
C ALA A 1506 79.79 12.22 26.16
N ASP A 1507 80.25 12.96 25.14
CA ASP A 1507 79.54 12.98 23.87
C ASP A 1507 79.48 11.60 23.24
N ALA A 1508 80.58 10.84 23.29
CA ALA A 1508 80.55 9.50 22.73
C ALA A 1508 79.57 8.61 23.49
N LEU A 1509 79.53 8.72 24.84
CA LEU A 1509 78.58 7.94 25.62
C LEU A 1509 77.13 8.28 25.30
N LEU A 1510 76.80 9.58 25.16
CA LEU A 1510 75.42 9.93 24.83
C LEU A 1510 75.07 9.46 23.43
N THR A 1511 76.01 9.54 22.49
CA THR A 1511 75.77 9.03 21.15
C THR A 1511 75.54 7.53 21.17
N ALA A 1512 76.30 6.81 22.00
CA ALA A 1512 76.11 5.37 22.13
C ALA A 1512 74.76 5.07 22.75
N VAL A 1513 74.32 5.90 23.70
CA VAL A 1513 73.01 5.72 24.30
C VAL A 1513 71.95 5.89 23.25
N SER A 1514 72.13 6.89 22.38
CA SER A 1514 71.18 7.12 21.30
C SER A 1514 71.15 5.95 20.33
N ARG A 1515 72.20 5.14 20.29
CA ARG A 1515 72.24 3.97 19.43
C ARG A 1515 71.51 2.78 20.03
N LEU A 1516 71.03 2.90 21.25
CA LEU A 1516 70.23 1.85 21.86
C LEU A 1516 68.90 1.70 21.09
N SER A 1517 68.41 0.47 21.03
CA SER A 1517 67.25 0.16 20.22
C SER A 1517 65.96 0.76 20.78
N ARG A 1518 65.06 1.18 19.87
CA ARG A 1518 63.73 1.67 20.22
C ARG A 1518 62.63 0.78 19.64
N ASP A 1519 62.92 -0.52 19.50
CA ASP A 1519 61.99 -1.42 18.83
C ASP A 1519 60.66 -1.53 19.55
N ASP A 1520 60.69 -1.70 20.87
CA ASP A 1520 59.51 -1.80 21.73
C ASP A 1520 59.51 -0.66 22.74
N ARG A 1521 58.46 -0.62 23.55
CA ARG A 1521 58.35 0.48 24.50
C ARG A 1521 59.34 0.31 25.64
N TRP A 1522 59.66 -0.93 26.05
CA TRP A 1522 60.52 -1.10 27.21
C TRP A 1522 61.99 -0.80 26.91
N HIS A 1523 62.48 -1.19 25.73
CA HIS A 1523 63.84 -0.80 25.34
C HIS A 1523 63.97 0.70 25.12
N SER A 1524 62.94 1.33 24.54
CA SER A 1524 62.97 2.78 24.42
C SER A 1524 63.03 3.41 25.80
N LEU A 1525 62.27 2.84 26.72
CA LEU A 1525 62.31 3.32 28.09
C LEU A 1525 63.70 3.14 28.67
N ALA A 1526 64.35 2.02 28.36
CA ALA A 1526 65.69 1.77 28.86
C ALA A 1526 66.71 2.78 28.32
N ARG A 1527 66.64 3.07 27.02
CA ARG A 1527 67.62 4.02 26.48
C ARG A 1527 67.35 5.41 27.01
N LEU A 1528 66.08 5.73 27.21
CA LEU A 1528 65.71 6.99 27.83
C LEU A 1528 66.21 7.04 29.26
N ALA A 1529 66.13 5.91 29.95
CA ALA A 1529 66.63 5.86 31.32
C ALA A 1529 68.11 6.10 31.40
N ILE A 1530 68.86 5.52 30.48
CA ILE A 1530 70.29 5.72 30.52
C ILE A 1530 70.69 7.14 30.10
N ARG A 1531 70.01 7.73 29.12
CA ARG A 1531 70.31 9.11 28.76
C ARG A 1531 70.01 10.07 29.93
N ASP A 1532 68.85 9.92 30.57
CA ASP A 1532 68.52 10.78 31.72
C ASP A 1532 69.44 10.51 32.89
N ASP A 1533 69.86 9.27 33.09
CA ASP A 1533 70.81 8.99 34.15
C ASP A 1533 72.12 9.70 33.88
N ILE A 1534 72.57 9.69 32.63
CA ILE A 1534 73.80 10.41 32.29
C ILE A 1534 73.65 11.89 32.57
N TYR A 1535 72.52 12.47 32.15
CA TYR A 1535 72.33 13.91 32.33
C TYR A 1535 72.18 14.28 33.81
N GLY A 1536 71.48 13.48 34.60
CA GLY A 1536 71.33 13.75 36.02
C GLY A 1536 72.64 13.61 36.77
N SER A 1537 73.43 12.61 36.39
CA SER A 1537 74.74 12.45 36.97
C SER A 1537 75.64 13.61 36.58
N LEU A 1538 75.45 14.13 35.37
CA LEU A 1538 76.16 15.34 34.96
C LEU A 1538 75.81 16.49 35.90
N ARG A 1539 74.53 16.59 36.25
CA ARG A 1539 74.08 17.62 37.18
C ARG A 1539 74.72 17.48 38.57
N ALA A 1540 74.74 16.26 39.12
CA ALA A 1540 75.34 16.08 40.44
C ALA A 1540 76.84 16.31 40.47
N LEU A 1541 77.56 15.84 39.45
CA LEU A 1541 79.00 16.10 39.39
C LEU A 1541 79.30 17.57 39.20
N CYS A 1542 78.49 18.25 38.39
CA CYS A 1542 78.67 19.68 38.23
C CYS A 1542 78.46 20.39 39.57
N PHE A 1543 77.47 19.95 40.36
CA PHE A 1543 77.24 20.51 41.70
C PHE A 1543 78.48 20.33 42.59
N ASP A 1544 79.06 19.14 42.58
CA ASP A 1544 80.23 18.91 43.43
C ASP A 1544 81.44 19.72 42.94
N VAL A 1545 81.66 19.83 41.62
CA VAL A 1545 82.83 20.58 41.15
C VAL A 1545 82.67 22.06 41.42
N LEU A 1546 81.47 22.60 41.25
CA LEU A 1546 81.29 23.99 41.59
C LEU A 1546 81.31 24.22 43.10
N ALA A 1547 81.24 23.14 43.89
CA ALA A 1547 81.38 23.25 45.33
C ALA A 1547 82.84 23.33 45.76
N VAL A 1548 83.76 23.25 44.80
CA VAL A 1548 85.18 23.39 45.06
C VAL A 1548 85.69 24.49 44.14
N GLY A 1549 86.81 25.08 44.54
CA GLY A 1549 87.42 26.10 43.73
C GLY A 1549 86.76 27.46 43.88
N GLU A 1550 87.15 28.34 42.97
CA GLU A 1550 86.75 29.73 42.95
C GLU A 1550 86.32 30.09 41.54
N PRO A 1551 85.37 31.01 41.40
CA PRO A 1551 84.82 31.30 40.05
C PRO A 1551 85.87 31.69 39.02
N ASP A 1552 86.95 32.36 39.44
CA ASP A 1552 88.01 32.74 38.50
C ASP A 1552 88.69 31.52 37.91
N GLU A 1553 88.64 30.40 38.59
CA GLU A 1553 89.22 29.21 38.01
C GLU A 1553 88.33 28.74 36.87
N ASN A 1554 88.96 28.46 35.75
CA ASN A 1554 88.22 28.09 34.55
C ASN A 1554 87.79 26.63 34.68
N GLY A 1555 87.25 26.06 33.62
CA GLY A 1555 86.79 24.69 33.70
C GLY A 1555 87.93 23.72 33.92
N GLU A 1556 89.06 23.90 33.21
CA GLU A 1556 90.19 23.00 33.36
C GLU A 1556 90.76 23.06 34.77
N GLU A 1557 90.90 24.26 35.32
CA GLU A 1557 91.43 24.41 36.68
C GLU A 1557 90.45 23.85 37.72
N LYS A 1558 89.15 24.10 37.55
CA LYS A 1558 88.15 23.52 38.45
C LYS A 1558 88.22 22.00 38.44
N ILE A 1559 88.31 21.40 37.25
CA ILE A 1559 88.41 19.96 37.12
C ILE A 1559 89.70 19.44 37.71
N ALA A 1560 90.80 20.17 37.48
CA ALA A 1560 92.08 19.73 37.99
C ALA A 1560 92.06 19.67 39.51
N GLU A 1561 91.55 20.71 40.16
CA GLU A 1561 91.55 20.69 41.61
C GLU A 1561 90.40 19.88 42.23
N TRP A 1562 89.33 19.56 41.49
CA TRP A 1562 88.39 18.61 42.05
C TRP A 1562 88.98 17.22 42.00
N GLU A 1563 89.67 16.90 40.90
CA GLU A 1563 90.27 15.58 40.84
C GLU A 1563 91.44 15.52 41.80
N THR A 1564 92.08 16.68 42.04
CA THR A 1564 93.14 16.79 43.03
C THR A 1564 92.60 16.59 44.44
N THR A 1565 91.28 16.66 44.61
CA THR A 1565 90.66 16.55 45.93
C THR A 1565 89.64 15.41 45.93
N ASN A 1566 89.82 14.44 45.02
CA ASN A 1566 88.95 13.27 44.97
C ASN A 1566 89.40 12.24 46.00
N SER A 1567 88.81 11.06 45.91
CA SER A 1567 89.05 9.94 46.78
C SER A 1567 89.54 8.81 45.89
N SER A 1568 89.86 7.69 46.51
CA SER A 1568 90.21 6.49 45.75
C SER A 1568 89.07 6.07 44.82
N ARG A 1569 87.84 6.35 45.25
CA ARG A 1569 86.67 6.04 44.43
C ARG A 1569 86.75 6.72 43.07
N VAL A 1570 87.06 8.03 43.03
CA VAL A 1570 87.10 8.74 41.75
C VAL A 1570 88.28 8.33 40.84
N THR A 1571 89.47 8.08 41.40
CA THR A 1571 90.55 7.63 40.54
C THR A 1571 90.25 6.27 39.92
N ARG A 1572 89.69 5.36 40.74
CA ARG A 1572 89.30 4.05 40.23
C ARG A 1572 88.19 4.16 39.19
N ALA A 1573 87.22 5.05 39.42
CA ALA A 1573 86.14 5.26 38.46
C ALA A 1573 86.65 5.81 37.14
N ARG A 1574 87.55 6.79 37.19
CA ARG A 1574 88.12 7.33 35.95
C ARG A 1574 88.90 6.28 35.20
N ARG A 1575 89.66 5.47 35.91
CA ARG A 1575 90.43 4.43 35.24
C ARG A 1575 89.52 3.42 34.57
N THR A 1576 88.44 3.03 35.26
CA THR A 1576 87.47 2.11 34.66
C THR A 1576 86.74 2.74 33.48
N LEU A 1577 86.40 4.03 33.58
CA LEU A 1577 85.76 4.74 32.48
C LEU A 1577 86.64 4.81 31.24
N THR A 1578 87.93 5.11 31.42
CA THR A 1578 88.82 5.16 30.27
C THR A 1578 88.93 3.78 29.64
N GLU A 1579 88.97 2.73 30.47
CA GLU A 1579 89.00 1.35 29.98
C GLU A 1579 87.72 1.01 29.20
N ILE A 1580 86.56 1.50 29.67
CA ILE A 1580 85.29 1.28 28.98
C ILE A 1580 85.34 1.94 27.61
N TYR A 1581 85.89 3.14 27.55
CA TYR A 1581 86.03 3.86 26.29
C TYR A 1581 86.92 3.07 25.34
N LYS A 1582 87.95 2.45 25.90
CA LYS A 1582 88.86 1.62 25.12
C LYS A 1582 88.20 0.37 24.56
N ASP A 1583 87.24 -0.25 25.27
CA ASP A 1583 86.62 -1.46 24.72
C ASP A 1583 85.83 -1.22 23.43
N GLY A 1584 85.03 -0.16 23.37
CA GLY A 1584 84.27 0.13 22.16
C GLY A 1584 82.97 -0.65 22.07
N GLU A 1585 82.65 -1.46 23.09
CA GLU A 1585 81.40 -2.20 23.17
C GLU A 1585 80.32 -1.28 23.71
N GLN A 1586 79.18 -1.22 23.04
CA GLN A 1586 78.18 -0.22 23.38
C GLN A 1586 76.79 -0.83 23.46
N ASP A 1587 76.67 -1.96 24.14
CA ASP A 1587 75.36 -2.53 24.42
C ASP A 1587 74.83 -1.88 25.69
N LEU A 1588 73.70 -2.39 26.17
CA LEU A 1588 73.08 -1.82 27.35
C LEU A 1588 73.98 -1.97 28.57
N ALA A 1589 74.62 -3.12 28.69
CA ALA A 1589 75.39 -3.42 29.90
C ALA A 1589 76.65 -2.57 30.05
N THR A 1590 77.41 -2.42 28.97
CA THR A 1590 78.64 -1.65 29.07
C THR A 1590 78.38 -0.18 29.30
N LEU A 1591 77.40 0.37 28.58
CA LEU A 1591 77.07 1.76 28.79
C LEU A 1591 76.52 1.98 30.20
N SER A 1592 75.75 1.03 30.71
CA SER A 1592 75.21 1.14 32.07
C SER A 1592 76.31 1.12 33.11
N VAL A 1593 77.31 0.25 32.95
CA VAL A 1593 78.37 0.22 33.93
C VAL A 1593 79.22 1.48 33.84
N ALA A 1594 79.34 2.06 32.65
CA ALA A 1594 80.02 3.33 32.54
C ALA A 1594 79.26 4.41 33.30
N ALA A 1595 77.94 4.41 33.16
CA ALA A 1595 77.12 5.34 33.93
C ALA A 1595 77.22 5.14 35.44
N ARG A 1596 77.30 3.89 35.92
CA ARG A 1596 77.48 3.72 37.36
C ARG A 1596 78.85 4.26 37.80
N GLN A 1597 79.86 4.11 36.95
CA GLN A 1597 81.15 4.68 37.30
C GLN A 1597 81.02 6.18 37.47
N ILE A 1598 80.32 6.83 36.55
CA ILE A 1598 80.12 8.26 36.69
C ILE A 1598 79.30 8.60 37.94
N ARG A 1599 78.27 7.78 38.25
CA ARG A 1599 77.44 7.99 39.45
C ARG A 1599 78.20 7.86 40.76
N SER A 1600 79.11 6.91 40.86
CA SER A 1600 79.85 6.76 42.11
C SER A 1600 80.84 7.89 42.38
N MSE A 1601 81.02 8.83 41.45
CA MSE A 1601 81.95 9.93 41.66
C MSE A 1601 81.36 11.03 42.57
O MSE A 1601 81.99 12.07 42.78
CB MSE A 1601 82.37 10.52 40.31
CG MSE A 1601 83.00 9.51 39.35
SE MSE A 1601 83.33 10.22 37.56
CE MSE A 1601 84.28 8.73 36.74
N THR A 1602 80.18 10.78 43.11
CA THR A 1602 79.39 11.78 43.82
C THR A 1602 79.05 11.29 45.22
N ARG A 1603 79.21 12.15 46.22
CA ARG A 1603 78.85 11.74 47.59
C ARG A 1603 77.36 11.46 47.70
N THR A 1604 76.52 12.30 47.10
CA THR A 1604 75.07 12.13 47.19
C THR A 1604 74.68 11.09 46.15
N SER A 1605 74.87 9.84 46.51
CA SER A 1605 74.53 8.72 45.65
C SER A 1605 74.31 7.51 46.54
N MSE B 18 -60.49 69.97 -2.51
CA MSE B 18 -60.66 69.65 -3.92
C MSE B 18 -60.15 68.24 -4.24
O MSE B 18 -60.76 67.50 -5.01
CB MSE B 18 -59.93 70.66 -4.79
CG MSE B 18 -60.81 71.23 -5.89
SE MSE B 18 -62.21 69.98 -6.39
CE MSE B 18 -61.34 69.07 -7.88
N ILE B 19 -59.00 67.89 -3.65
CA ILE B 19 -58.33 66.63 -3.95
C ILE B 19 -59.10 65.44 -3.41
N ARG B 20 -59.83 65.63 -2.30
CA ARG B 20 -60.31 64.50 -1.52
C ARG B 20 -61.49 63.82 -2.20
N ARG B 21 -62.37 64.59 -2.83
CA ARG B 21 -63.56 64.02 -3.45
C ARG B 21 -63.19 62.99 -4.52
N LEU B 22 -62.17 63.30 -5.34
CA LEU B 22 -61.79 62.41 -6.43
C LEU B 22 -61.24 61.09 -5.91
N SER B 23 -60.37 61.14 -4.89
CA SER B 23 -59.82 59.91 -4.33
C SER B 23 -60.89 58.99 -3.76
N VAL B 24 -62.05 59.54 -3.41
CA VAL B 24 -63.12 58.73 -2.82
C VAL B 24 -63.69 57.76 -3.84
N ALA B 25 -64.01 58.26 -5.03
CA ALA B 25 -64.71 57.43 -6.01
C ALA B 25 -63.79 56.39 -6.64
N PHE B 26 -62.48 56.67 -6.71
CA PHE B 26 -61.54 55.67 -7.21
C PHE B 26 -61.57 54.43 -6.33
N LEU B 27 -61.52 54.61 -5.01
CA LEU B 27 -61.50 53.47 -4.10
C LEU B 27 -62.85 52.76 -4.06
N SER B 28 -63.94 53.47 -4.36
CA SER B 28 -65.27 52.85 -4.31
C SER B 28 -65.43 51.73 -5.32
N THR B 29 -64.55 51.65 -6.32
CA THR B 29 -64.58 50.58 -7.30
C THR B 29 -63.32 49.74 -7.31
N TYR B 30 -62.38 49.98 -6.39
CA TYR B 30 -61.18 49.14 -6.33
C TYR B 30 -61.57 47.69 -6.07
N ARG B 31 -61.29 46.83 -7.04
CA ARG B 31 -61.52 45.40 -6.92
C ARG B 31 -60.19 44.66 -7.02
N GLY B 32 -60.18 43.43 -6.52
CA GLY B 32 -58.98 42.62 -6.57
C GLY B 32 -58.73 42.08 -7.96
N PRO B 33 -57.45 41.95 -8.33
CA PRO B 33 -57.07 41.35 -9.61
C PRO B 33 -57.35 39.85 -9.69
N ALA B 47 -56.72 42.93 -0.12
CA ALA B 47 -57.68 43.63 -0.96
C ALA B 47 -57.72 45.12 -0.65
N VAL B 48 -58.78 45.56 0.02
CA VAL B 48 -59.01 46.99 0.23
C VAL B 48 -58.16 47.52 1.37
N ALA B 49 -57.08 46.81 1.71
CA ALA B 49 -56.19 47.19 2.80
C ALA B 49 -55.08 48.10 2.29
N ALA B 50 -54.56 48.92 3.21
CA ALA B 50 -53.67 50.03 2.86
C ALA B 50 -54.34 50.95 1.85
N HIS B 51 -55.57 51.37 2.18
CA HIS B 51 -56.42 52.05 1.22
C HIS B 51 -55.88 53.43 0.86
N ASP B 52 -55.30 54.13 1.83
CA ASP B 52 -54.64 55.40 1.53
C ASP B 52 -53.23 55.21 0.97
N ASP B 53 -52.64 54.03 1.14
CA ASP B 53 -51.28 53.79 0.63
C ASP B 53 -51.28 53.61 -0.87
N LEU B 54 -52.33 53.01 -1.43
CA LEU B 54 -52.40 52.85 -2.88
C LEU B 54 -52.62 54.19 -3.58
N VAL B 55 -53.48 55.04 -3.02
CA VAL B 55 -53.95 56.26 -3.66
C VAL B 55 -53.49 57.45 -2.83
N SER B 56 -52.49 58.18 -3.33
CA SER B 56 -52.02 59.42 -2.75
C SER B 56 -52.53 60.61 -3.56
N ASP B 57 -52.56 61.79 -2.92
CA ASP B 57 -52.97 63.00 -3.62
C ASP B 57 -51.99 63.39 -4.73
N ASP B 58 -50.79 62.80 -4.76
CA ASP B 58 -49.86 63.01 -5.86
C ASP B 58 -50.38 62.40 -7.15
N LEU B 59 -50.89 61.17 -7.08
CA LEU B 59 -51.50 60.53 -8.23
C LEU B 59 -52.72 61.33 -8.71
N VAL B 60 -53.50 61.87 -7.77
CA VAL B 60 -54.64 62.73 -8.11
C VAL B 60 -54.17 63.95 -8.89
N ALA B 61 -53.08 64.57 -8.41
CA ALA B 61 -52.46 65.68 -9.13
C ALA B 61 -52.12 65.32 -10.56
N ALA B 62 -51.51 64.14 -10.75
CA ALA B 62 -51.03 63.75 -12.08
C ALA B 62 -52.17 63.65 -13.08
N HIS B 63 -53.20 62.85 -12.78
CA HIS B 63 -54.25 62.66 -13.77
C HIS B 63 -55.15 63.87 -13.92
N TYR B 64 -55.12 64.82 -12.97
CA TYR B 64 -55.85 66.07 -13.15
C TYR B 64 -54.94 66.90 -14.05
N ARG B 65 -53.61 66.81 -13.86
CA ARG B 65 -52.71 67.44 -14.82
C ARG B 65 -52.80 66.97 -16.34
N LEU B 66 -52.94 65.65 -16.47
CA LEU B 66 -53.40 65.09 -17.74
C LEU B 66 -54.73 65.52 -18.35
N ALA B 67 -55.82 65.39 -17.58
CA ALA B 67 -57.13 65.85 -18.01
C ALA B 67 -57.26 67.35 -18.03
N SER B 68 -56.18 68.09 -17.76
CA SER B 68 -56.27 69.55 -17.74
C SER B 68 -56.68 70.11 -19.09
N MSE B 69 -56.23 69.47 -20.18
CA MSE B 69 -56.60 69.90 -21.52
C MSE B 69 -56.78 68.71 -22.45
O MSE B 69 -55.83 68.25 -23.08
CB MSE B 69 -55.55 70.86 -22.09
CG MSE B 69 -56.04 71.64 -23.30
SE MSE B 69 -57.65 72.66 -22.91
CE MSE B 69 -56.95 73.92 -21.61
N ARG B 70 -58.01 68.24 -22.56
CA ARG B 70 -58.35 67.03 -23.32
C ARG B 70 -58.97 67.42 -24.67
N ALA B 71 -59.63 66.47 -25.31
CA ALA B 71 -60.30 66.66 -26.59
C ALA B 71 -61.51 65.75 -26.62
N PRO B 72 -62.52 66.06 -27.43
CA PRO B 72 -63.69 65.18 -27.48
C PRO B 72 -63.34 63.89 -28.20
N GLY B 73 -63.74 62.77 -27.61
CA GLY B 73 -63.30 61.46 -28.08
C GLY B 73 -61.89 61.10 -27.68
N GLU B 74 -61.10 62.05 -27.19
CA GLU B 74 -59.72 61.78 -26.80
C GLU B 74 -59.66 60.70 -25.73
N THR B 75 -58.55 59.99 -25.71
CA THR B 75 -58.26 58.99 -24.68
C THR B 75 -56.88 59.34 -24.16
N LYS B 76 -56.82 60.14 -23.10
CA LYS B 76 -55.56 60.67 -22.59
C LYS B 76 -54.94 59.70 -21.58
N ALA B 77 -53.75 59.21 -21.91
CA ALA B 77 -53.03 58.21 -21.11
C ALA B 77 -51.75 58.82 -20.57
N ALA B 78 -51.37 58.46 -19.35
CA ALA B 78 -50.17 59.05 -18.76
C ALA B 78 -49.60 58.16 -17.67
N VAL B 79 -48.29 57.95 -17.71
CA VAL B 79 -47.57 57.15 -16.72
C VAL B 79 -47.05 58.06 -15.62
N TYR B 80 -47.66 57.98 -14.43
CA TYR B 80 -47.11 58.60 -13.23
C TYR B 80 -46.05 57.66 -12.65
N PRO B 81 -44.77 58.05 -12.68
CA PRO B 81 -43.69 57.10 -12.35
C PRO B 81 -43.64 56.69 -10.88
N GLY B 82 -44.37 57.37 -9.99
CA GLY B 82 -44.31 57.04 -8.58
C GLY B 82 -43.39 57.93 -7.78
N ASP B 83 -43.80 58.29 -6.56
CA ASP B 83 -42.97 59.13 -5.71
C ASP B 83 -42.22 58.29 -4.69
N ALA B 84 -42.06 58.81 -3.47
CA ALA B 84 -41.38 58.06 -2.43
C ALA B 84 -42.22 56.88 -1.93
N GLY B 85 -43.54 56.99 -1.99
CA GLY B 85 -44.42 55.98 -1.44
C GLY B 85 -44.94 54.96 -2.43
N SER B 86 -45.94 55.35 -3.24
CA SER B 86 -46.58 54.42 -4.15
C SER B 86 -45.68 54.10 -5.34
N GLY B 87 -45.79 52.88 -5.85
CA GLY B 87 -45.08 52.49 -7.04
C GLY B 87 -45.63 53.20 -8.27
N ALA B 88 -45.16 52.74 -9.43
CA ALA B 88 -45.64 53.30 -10.69
C ALA B 88 -47.15 53.15 -10.80
N ALA B 89 -47.79 54.09 -11.51
CA ALA B 89 -49.24 54.08 -11.63
C ALA B 89 -49.66 54.83 -12.89
N LEU B 90 -50.59 54.27 -13.64
CA LEU B 90 -51.07 54.87 -14.87
C LEU B 90 -52.43 55.52 -14.66
N GLN B 91 -52.67 56.59 -15.43
CA GLN B 91 -53.91 57.35 -15.32
C GLN B 91 -54.44 57.68 -16.70
N ILE B 92 -55.75 57.51 -16.86
CA ILE B 92 -56.42 57.73 -18.13
C ILE B 92 -57.62 58.62 -17.90
N VAL B 93 -57.95 59.40 -18.92
CA VAL B 93 -59.17 60.19 -18.98
C VAL B 93 -59.77 60.00 -20.36
N THR B 94 -60.96 59.40 -20.44
CA THR B 94 -61.61 59.24 -21.74
C THR B 94 -63.12 59.23 -21.55
N ASP B 95 -63.83 59.04 -22.66
CA ASP B 95 -65.29 59.00 -22.62
C ASP B 95 -65.76 57.66 -22.03
N GLN B 96 -66.84 57.71 -21.26
CA GLN B 96 -67.43 56.49 -20.74
C GLN B 96 -67.93 55.61 -21.87
N ALA B 97 -67.13 54.61 -22.24
CA ALA B 97 -67.44 53.61 -23.25
C ALA B 97 -67.52 52.24 -22.60
N PRO B 98 -68.16 51.27 -23.26
CA PRO B 98 -68.28 49.94 -22.66
C PRO B 98 -66.91 49.26 -22.50
N MSE B 99 -66.75 48.57 -21.37
CA MSE B 99 -65.66 47.62 -21.16
C MSE B 99 -64.25 48.17 -21.30
O MSE B 99 -63.32 47.41 -21.56
CB MSE B 99 -65.82 46.43 -22.11
CG MSE B 99 -67.13 45.71 -21.98
SE MSE B 99 -67.62 45.49 -20.11
CE MSE B 99 -69.09 46.76 -20.01
N LEU B 100 -64.10 49.49 -21.13
CA LEU B 100 -62.74 50.06 -21.11
C LEU B 100 -61.88 49.35 -20.09
N VAL B 101 -62.48 48.97 -18.96
CA VAL B 101 -61.75 48.34 -17.87
C VAL B 101 -61.25 46.96 -18.27
N ASP B 102 -62.11 46.18 -18.93
CA ASP B 102 -61.72 44.83 -19.35
C ASP B 102 -60.57 44.88 -20.33
N SER B 103 -60.72 45.69 -21.39
CA SER B 103 -59.65 45.83 -22.37
C SER B 103 -58.37 46.33 -21.72
N VAL B 104 -58.51 47.21 -20.73
CA VAL B 104 -57.34 47.67 -19.97
C VAL B 104 -56.60 46.47 -19.39
N THR B 105 -57.30 45.65 -18.61
CA THR B 105 -56.63 44.55 -17.95
C THR B 105 -56.08 43.53 -18.95
N VAL B 106 -56.73 43.40 -20.11
CA VAL B 106 -56.24 42.49 -21.13
C VAL B 106 -54.93 43.00 -21.71
N LEU B 107 -54.88 44.30 -22.00
CA LEU B 107 -53.62 44.91 -22.42
C LEU B 107 -52.55 44.68 -21.38
N LEU B 108 -52.91 44.73 -20.10
CA LEU B 108 -51.98 44.41 -19.03
C LEU B 108 -51.41 43.01 -19.23
N HIS B 109 -52.26 42.00 -19.06
CA HIS B 109 -51.76 40.62 -19.00
C HIS B 109 -51.11 40.20 -20.31
N ARG B 110 -51.59 40.70 -21.45
CA ARG B 110 -50.94 40.37 -22.72
C ARG B 110 -49.63 41.12 -22.91
N HIS B 111 -49.27 42.03 -22.00
CA HIS B 111 -47.97 42.69 -22.02
C HIS B 111 -47.19 42.46 -20.73
N GLY B 112 -47.61 41.49 -19.92
CA GLY B 112 -46.90 41.10 -18.72
C GLY B 112 -46.67 42.24 -17.74
N ILE B 113 -47.73 42.99 -17.44
CA ILE B 113 -47.64 44.21 -16.63
C ILE B 113 -48.31 43.92 -15.29
N ALA B 114 -47.49 43.73 -14.26
CA ALA B 114 -48.00 43.37 -12.93
C ALA B 114 -48.68 44.57 -12.31
N TYR B 115 -49.99 44.50 -12.14
CA TYR B 115 -50.78 45.58 -11.59
C TYR B 115 -51.32 45.18 -10.23
N THR B 116 -51.17 46.07 -9.25
CA THR B 116 -51.60 45.78 -7.88
C THR B 116 -53.08 46.09 -7.65
N ALA B 117 -53.63 47.06 -8.37
CA ALA B 117 -55.00 47.50 -8.14
C ALA B 117 -55.59 48.01 -9.45
N ILE B 118 -56.82 48.51 -9.39
CA ILE B 118 -57.53 48.99 -10.57
C ILE B 118 -58.82 49.69 -10.14
N MSE B 119 -59.05 50.91 -10.65
CA MSE B 119 -60.14 51.78 -10.18
C MSE B 119 -60.79 52.63 -11.30
O MSE B 119 -60.09 53.37 -11.99
CB MSE B 119 -59.61 52.71 -9.09
CG MSE B 119 -59.04 51.99 -7.88
SE MSE B 119 -57.67 53.03 -6.97
CE MSE B 119 -57.16 51.72 -5.61
N ASN B 120 -62.12 52.56 -11.44
CA ASN B 120 -62.81 53.16 -12.59
C ASN B 120 -63.95 54.10 -12.17
N PRO B 121 -63.65 55.16 -11.45
CA PRO B 121 -64.69 56.14 -11.15
C PRO B 121 -65.01 57.00 -12.36
N VAL B 122 -66.18 56.81 -12.92
CA VAL B 122 -66.65 57.63 -14.03
C VAL B 122 -67.31 58.87 -13.45
N PHE B 123 -67.13 60.01 -14.12
CA PHE B 123 -67.52 61.31 -13.58
C PHE B 123 -68.34 62.09 -14.59
N ARG B 124 -69.45 62.68 -14.14
CA ARG B 124 -70.22 63.59 -14.99
C ARG B 124 -69.46 64.90 -15.10
N VAL B 125 -68.88 65.16 -16.27
CA VAL B 125 -68.01 66.31 -16.50
C VAL B 125 -68.64 67.22 -17.55
N ARG B 126 -68.55 68.53 -17.31
CA ARG B 126 -68.96 69.54 -18.29
C ARG B 126 -67.77 70.44 -18.54
N ARG B 127 -67.34 70.53 -19.79
CA ARG B 127 -66.09 71.19 -20.16
C ARG B 127 -66.37 72.36 -21.09
N GLY B 128 -65.31 73.12 -21.39
CA GLY B 128 -65.41 74.27 -22.26
C GLY B 128 -65.28 73.90 -23.73
N LEU B 129 -65.31 74.93 -24.58
CA LEU B 129 -65.24 74.74 -26.03
C LEU B 129 -63.82 74.73 -26.58
N ASP B 130 -62.81 74.87 -25.71
CA ASP B 130 -61.43 74.70 -26.13
C ASP B 130 -60.74 73.55 -25.41
N GLY B 131 -61.50 72.69 -24.73
CA GLY B 131 -60.99 71.45 -24.19
C GLY B 131 -60.77 71.40 -22.69
N GLU B 132 -61.18 72.42 -21.96
CA GLU B 132 -60.84 72.54 -20.55
C GLU B 132 -61.99 72.06 -19.67
N LEU B 133 -61.67 71.19 -18.73
CA LEU B 133 -62.65 70.73 -17.75
C LEU B 133 -63.10 71.89 -16.88
N LEU B 134 -64.41 71.99 -16.67
CA LEU B 134 -64.98 73.04 -15.82
C LEU B 134 -65.56 72.53 -14.52
N ASP B 135 -66.01 71.27 -14.50
CA ASP B 135 -66.59 70.67 -13.32
C ASP B 135 -66.48 69.16 -13.47
N VAL B 136 -66.28 68.47 -12.35
CA VAL B 136 -66.14 67.02 -12.35
C VAL B 136 -66.94 66.47 -11.17
N ARG B 137 -68.10 65.85 -11.46
CA ARG B 137 -68.98 65.26 -10.48
C ARG B 137 -69.26 63.81 -10.83
N PRO B 138 -69.59 62.98 -9.84
CA PRO B 138 -70.11 61.63 -10.10
C PRO B 138 -71.61 61.63 -10.40
N ASP B 146 -77.00 66.87 -17.22
CA ASP B 146 -76.15 68.06 -17.26
C ASP B 146 -74.69 67.69 -17.48
N GLY B 147 -74.19 67.92 -18.69
CA GLY B 147 -72.80 67.66 -18.99
C GLY B 147 -72.54 66.35 -19.72
N ALA B 148 -71.42 65.70 -19.40
CA ALA B 148 -71.00 64.48 -20.08
C ALA B 148 -70.25 63.56 -19.11
N ASP B 149 -70.33 62.26 -19.38
CA ASP B 149 -69.74 61.24 -18.52
C ASP B 149 -68.36 60.86 -19.03
N GLU B 150 -67.35 61.05 -18.19
CA GLU B 150 -65.98 60.69 -18.51
C GLU B 150 -65.46 59.70 -17.48
N CYS B 151 -64.82 58.64 -17.94
CA CYS B 151 -64.19 57.70 -17.03
C CYS B 151 -62.75 58.13 -16.79
N TRP B 152 -62.39 58.16 -15.50
CA TRP B 152 -61.06 58.52 -15.03
C TRP B 152 -60.47 57.30 -14.33
N ILE B 153 -59.41 56.76 -14.89
CA ILE B 153 -58.88 55.48 -14.43
C ILE B 153 -57.49 55.69 -13.86
N LEU B 154 -57.17 54.90 -12.85
CA LEU B 154 -55.83 54.86 -12.27
C LEU B 154 -55.53 53.44 -11.82
N VAL B 155 -54.33 52.96 -12.15
CA VAL B 155 -53.89 51.64 -11.75
C VAL B 155 -52.47 51.74 -11.19
N PRO B 156 -52.22 51.35 -9.94
CA PRO B 156 -50.85 51.36 -9.39
C PRO B 156 -50.09 50.10 -9.78
N ILE B 157 -49.02 50.27 -10.56
CA ILE B 157 -48.17 49.17 -10.96
C ILE B 157 -47.12 48.95 -9.88
N THR B 158 -46.90 47.69 -9.53
CA THR B 158 -45.80 47.38 -8.65
C THR B 158 -44.49 47.88 -9.24
N ALA B 159 -43.48 48.01 -8.40
CA ALA B 159 -42.19 48.51 -8.88
C ALA B 159 -41.61 47.57 -9.94
N ALA B 160 -41.78 46.25 -9.76
CA ALA B 160 -41.25 45.28 -10.70
C ALA B 160 -41.99 45.40 -12.04
N ALA B 161 -41.54 46.30 -12.88
CA ALA B 161 -42.15 46.53 -14.19
C ALA B 161 -41.09 47.08 -15.13
N ASP B 162 -41.08 46.56 -16.36
CA ASP B 162 -40.16 47.05 -17.38
C ASP B 162 -40.68 48.37 -17.94
N GLY B 163 -39.76 49.32 -18.08
CA GLY B 163 -40.14 50.62 -18.61
C GLY B 163 -40.74 50.52 -20.01
N GLU B 164 -40.20 49.62 -20.84
CA GLU B 164 -40.61 49.59 -22.23
C GLU B 164 -41.98 48.97 -22.43
N ALA B 165 -42.29 47.87 -21.73
CA ALA B 165 -43.64 47.32 -21.81
C ALA B 165 -44.66 48.32 -21.30
N LEU B 166 -44.31 49.03 -20.23
CA LEU B 166 -45.14 50.11 -19.70
C LEU B 166 -45.42 51.16 -20.76
N THR B 167 -44.36 51.66 -21.43
CA THR B 167 -44.53 52.69 -22.46
C THR B 167 -45.34 52.15 -23.65
N GLU B 168 -45.08 50.90 -24.04
CA GLU B 168 -45.81 50.27 -25.14
C GLU B 168 -47.31 50.27 -24.86
N ALA B 169 -47.70 49.85 -23.66
CA ALA B 169 -49.12 49.83 -23.32
C ALA B 169 -49.70 51.25 -23.25
N THR B 170 -48.94 52.22 -22.70
CA THR B 170 -49.41 53.60 -22.66
C THR B 170 -49.75 54.10 -24.07
N ARG B 171 -48.92 53.70 -25.05
CA ARG B 171 -49.22 54.04 -26.44
C ARG B 171 -50.47 53.32 -26.94
N LEU B 172 -50.60 52.03 -26.62
CA LEU B 172 -51.71 51.25 -27.17
C LEU B 172 -53.06 51.76 -26.68
N VAL B 173 -53.10 52.30 -25.46
CA VAL B 173 -54.35 52.66 -24.77
C VAL B 173 -55.36 53.37 -25.67
N PRO B 174 -55.03 54.53 -26.27
CA PRO B 174 -56.08 55.33 -26.90
C PRO B 174 -56.78 54.60 -28.03
N GLY B 175 -56.03 53.91 -28.88
CA GLY B 175 -56.65 53.27 -30.02
C GLY B 175 -57.64 52.19 -29.62
N ILE B 176 -57.29 51.40 -28.62
CA ILE B 176 -58.19 50.34 -28.22
C ILE B 176 -59.37 50.89 -27.41
N LEU B 177 -59.15 51.95 -26.62
CA LEU B 177 -60.31 52.57 -25.97
C LEU B 177 -61.24 53.20 -27.00
N ALA B 178 -60.70 53.66 -28.12
CA ALA B 178 -61.53 54.16 -29.20
C ALA B 178 -62.27 53.03 -29.91
N GLU B 179 -61.62 51.87 -30.06
CA GLU B 179 -62.33 50.68 -30.53
C GLU B 179 -63.54 50.41 -29.63
N ALA B 180 -63.31 50.46 -28.32
CA ALA B 180 -64.37 50.21 -27.35
C ALA B 180 -65.48 51.24 -27.49
N ARG B 181 -65.12 52.50 -27.65
CA ARG B 181 -66.12 53.55 -27.79
C ARG B 181 -66.94 53.35 -29.07
N GLN B 182 -66.26 53.05 -30.18
CA GLN B 182 -66.96 52.88 -31.46
C GLN B 182 -67.93 51.71 -31.38
N ILE B 183 -67.57 50.66 -30.66
CA ILE B 183 -68.50 49.56 -30.49
C ILE B 183 -69.65 49.96 -29.58
N GLY B 184 -69.35 50.67 -28.49
CA GLY B 184 -70.42 51.13 -27.61
C GLY B 184 -71.42 52.00 -28.34
N LEU B 185 -70.96 52.70 -29.37
CA LEU B 185 -71.85 53.50 -30.19
C LEU B 185 -72.63 52.62 -31.16
N ASP B 186 -71.94 51.79 -31.94
CA ASP B 186 -72.57 50.99 -32.99
C ASP B 186 -73.20 49.70 -32.46
N SER B 187 -73.37 49.58 -31.15
CA SER B 187 -73.96 48.37 -30.57
C SER B 187 -75.37 48.13 -31.08
N GLY B 188 -76.28 49.09 -30.86
CA GLY B 188 -77.62 48.94 -31.37
C GLY B 188 -77.63 48.70 -32.88
N ALA B 189 -76.70 49.33 -33.59
CA ALA B 189 -76.64 49.22 -35.04
C ALA B 189 -76.32 47.80 -35.47
N MSE B 190 -75.33 47.18 -34.84
CA MSE B 190 -74.95 45.83 -35.19
C MSE B 190 -76.06 44.87 -34.75
O MSE B 190 -76.37 43.90 -35.45
CB MSE B 190 -73.58 45.48 -34.57
CG MSE B 190 -72.42 46.30 -35.15
SE MSE B 190 -70.64 46.01 -34.35
CE MSE B 190 -70.94 46.86 -32.64
N ILE B 191 -76.68 45.17 -33.59
CA ILE B 191 -77.86 44.42 -33.14
C ILE B 191 -78.89 44.34 -34.24
N ALA B 192 -79.23 45.50 -34.79
CA ALA B 192 -80.30 45.56 -35.78
C ALA B 192 -79.86 44.98 -37.11
N ALA B 193 -78.58 45.16 -37.50
CA ALA B 193 -78.10 44.52 -38.72
C ALA B 193 -78.26 43.02 -38.63
N LEU B 194 -77.97 42.47 -37.46
CA LEU B 194 -78.18 41.05 -37.24
C LEU B 194 -79.65 40.69 -37.35
N HIS B 195 -80.51 41.40 -36.61
CA HIS B 195 -81.95 41.13 -36.67
C HIS B 195 -82.46 41.16 -38.09
N GLY B 196 -81.97 42.10 -38.89
CA GLY B 196 -82.48 42.28 -40.24
C GLY B 196 -82.04 41.17 -41.17
N LEU B 197 -80.75 40.82 -41.14
CA LEU B 197 -80.32 39.69 -41.95
C LEU B 197 -81.00 38.42 -41.52
N ALA B 198 -81.35 38.31 -40.23
CA ALA B 198 -82.06 37.14 -39.74
C ALA B 198 -83.47 37.07 -40.30
N ASN B 199 -84.20 38.17 -40.24
CA ASN B 199 -85.50 38.22 -40.86
C ASN B 199 -85.43 37.94 -42.35
N ASP B 200 -84.33 38.37 -43.00
CA ASP B 200 -84.13 38.06 -44.42
C ASP B 200 -84.00 36.56 -44.64
N LEU B 201 -83.22 35.88 -43.80
CA LEU B 201 -83.01 34.45 -43.99
C LEU B 201 -84.27 33.65 -43.68
N ALA B 202 -85.03 34.05 -42.66
CA ALA B 202 -86.27 33.35 -42.33
C ALA B 202 -87.33 33.55 -43.39
N THR B 203 -87.19 34.57 -44.23
CA THR B 203 -88.18 34.91 -45.24
C THR B 203 -87.48 35.23 -46.56
N ASP B 204 -86.43 34.50 -46.87
CA ASP B 204 -85.70 34.73 -48.12
C ASP B 204 -86.60 34.49 -49.31
N LEU B 205 -87.39 35.49 -49.68
CA LEU B 205 -88.20 35.45 -50.89
C LEU B 205 -87.49 36.08 -52.08
N GLU B 206 -86.39 36.78 -51.84
CA GLU B 206 -85.61 37.43 -52.90
C GLU B 206 -84.67 36.48 -53.62
N GLY B 207 -84.61 35.21 -53.22
CA GLY B 207 -83.71 34.25 -53.83
C GLY B 207 -82.26 34.57 -53.51
N HIS B 208 -82.07 35.48 -52.57
CA HIS B 208 -80.74 35.99 -52.26
C HIS B 208 -79.89 34.98 -51.51
N PHE B 209 -80.50 33.95 -50.92
CA PHE B 209 -79.80 33.02 -50.05
C PHE B 209 -80.05 31.60 -50.54
N PRO B 210 -79.24 31.12 -51.49
CA PRO B 210 -79.45 29.77 -52.02
C PRO B 210 -79.00 28.67 -51.06
N ASN B 211 -79.88 28.27 -50.15
CA ASN B 211 -79.63 27.13 -49.26
C ASN B 211 -80.93 26.74 -48.56
N ALA B 212 -81.05 25.48 -48.21
CA ALA B 212 -82.24 25.01 -47.51
C ALA B 212 -82.24 25.44 -46.05
N GLU B 213 -81.07 25.46 -45.40
CA GLU B 213 -80.94 25.79 -44.00
C GLU B 213 -81.14 27.29 -43.72
N ARG B 214 -81.76 28.03 -44.66
CA ARG B 214 -82.06 29.44 -44.42
C ARG B 214 -82.73 29.63 -43.06
N LYS B 215 -83.78 28.87 -42.79
CA LYS B 215 -84.55 29.06 -41.56
C LYS B 215 -83.75 28.66 -40.33
N GLU B 216 -82.96 27.58 -40.43
CA GLU B 216 -82.09 27.21 -39.31
C GLU B 216 -80.97 28.22 -39.14
N VAL B 217 -80.42 28.74 -40.24
CA VAL B 217 -79.41 29.79 -40.13
C VAL B 217 -79.97 30.99 -39.40
N ALA B 218 -81.21 31.38 -39.73
CA ALA B 218 -81.85 32.52 -39.09
C ALA B 218 -82.12 32.24 -37.62
N ALA B 219 -82.61 31.05 -37.29
CA ALA B 219 -82.84 30.71 -35.90
C ALA B 219 -81.54 30.74 -35.11
N LEU B 220 -80.43 30.28 -35.71
CA LEU B 220 -79.15 30.31 -35.01
C LEU B 220 -78.62 31.72 -34.85
N LEU B 221 -78.86 32.58 -35.85
CA LEU B 221 -78.48 33.98 -35.68
C LEU B 221 -79.26 34.63 -34.54
N ARG B 222 -80.57 34.39 -34.47
CA ARG B 222 -81.35 34.94 -33.36
C ARG B 222 -80.99 34.30 -32.02
N TRP B 223 -80.47 33.07 -32.03
CA TRP B 223 -79.99 32.42 -30.81
C TRP B 223 -78.72 33.07 -30.31
N LEU B 224 -77.78 33.36 -31.22
CA LEU B 224 -76.58 34.07 -30.83
C LEU B 224 -76.90 35.48 -30.35
N ALA B 225 -77.87 36.12 -31.01
CA ALA B 225 -78.30 37.45 -30.59
C ALA B 225 -78.89 37.45 -29.20
N ASP B 226 -79.39 36.31 -28.72
CA ASP B 226 -80.00 36.22 -27.40
C ASP B 226 -78.93 35.95 -26.35
N GLY B 227 -77.96 36.86 -26.28
CA GLY B 227 -76.87 36.74 -25.32
C GLY B 227 -76.00 35.52 -25.55
N HIS B 228 -75.66 35.22 -26.81
CA HIS B 228 -74.79 34.11 -27.12
C HIS B 228 -73.65 34.49 -28.06
N PHE B 229 -73.47 35.79 -28.32
CA PHE B 229 -72.36 36.28 -29.13
C PHE B 229 -72.37 37.80 -29.09
N VAL B 230 -71.19 38.41 -29.05
CA VAL B 230 -71.07 39.87 -29.00
C VAL B 230 -70.38 40.36 -30.27
N LEU B 231 -70.83 41.53 -30.74
CA LEU B 231 -70.47 42.10 -32.02
C LEU B 231 -69.40 43.17 -31.84
N LEU B 232 -68.22 42.93 -32.39
CA LEU B 232 -67.19 43.96 -32.39
C LEU B 232 -67.38 44.90 -33.57
N GLY B 233 -67.37 44.34 -34.78
CA GLY B 233 -67.55 45.14 -35.98
C GLY B 233 -68.50 44.46 -36.93
N TYR B 234 -68.82 45.16 -38.01
CA TYR B 234 -69.64 44.62 -39.07
C TYR B 234 -69.18 45.23 -40.39
N GLN B 235 -69.08 44.41 -41.41
CA GLN B 235 -68.74 44.91 -42.73
C GLN B 235 -69.29 43.95 -43.78
N GLN B 236 -70.08 44.49 -44.69
CA GLN B 236 -70.43 43.71 -45.87
C GLN B 236 -69.25 43.65 -46.82
N CYS B 237 -69.30 42.66 -47.71
CA CYS B 237 -68.22 42.46 -48.68
C CYS B 237 -68.83 41.89 -49.95
N VAL B 238 -68.46 42.43 -51.11
CA VAL B 238 -68.94 41.95 -52.39
C VAL B 238 -67.87 41.06 -53.01
N VAL B 239 -68.29 39.87 -53.48
CA VAL B 239 -67.40 38.83 -53.96
C VAL B 239 -67.42 38.80 -55.48
N GLY B 240 -66.24 38.66 -56.08
CA GLY B 240 -66.12 38.54 -57.52
C GLY B 240 -64.68 38.28 -57.94
N ASP B 241 -64.48 37.37 -58.89
CA ASP B 241 -63.15 37.00 -59.39
C ASP B 241 -62.24 36.52 -58.26
N GLY B 242 -62.83 35.80 -57.29
CA GLY B 242 -62.08 35.34 -56.15
C GLY B 242 -61.60 36.44 -55.22
N ASN B 243 -62.00 37.69 -55.45
CA ASN B 243 -61.63 38.82 -54.61
C ASN B 243 -62.86 39.37 -53.90
N ALA B 244 -62.69 39.74 -52.63
CA ALA B 244 -63.75 40.30 -51.81
C ALA B 244 -63.41 41.76 -51.51
N GLU B 245 -64.26 42.66 -51.97
CA GLU B 245 -64.06 44.08 -51.71
C GLU B 245 -64.99 44.53 -50.60
N VAL B 246 -64.45 45.22 -49.61
CA VAL B 246 -65.20 45.57 -48.42
C VAL B 246 -66.07 46.79 -48.71
N ASP B 247 -67.37 46.64 -48.45
CA ASP B 247 -68.30 47.76 -48.53
C ASP B 247 -68.12 48.65 -47.30
N PRO B 248 -67.78 49.91 -47.45
CA PRO B 248 -67.34 50.71 -46.30
C PRO B 248 -68.45 51.38 -45.51
N ALA B 249 -69.58 51.65 -46.16
CA ALA B 249 -70.66 52.35 -45.47
C ALA B 249 -71.29 51.47 -44.38
N SER B 250 -71.47 50.18 -44.67
CA SER B 250 -72.05 49.26 -43.71
C SER B 250 -71.14 48.98 -42.53
N ARG B 251 -69.95 49.59 -42.48
CA ARG B 251 -69.01 49.29 -41.41
C ARG B 251 -69.47 49.89 -40.09
N LEU B 252 -69.48 49.06 -39.05
CA LEU B 252 -69.84 49.46 -37.70
C LEU B 252 -68.81 48.87 -36.75
N GLY B 253 -68.63 49.53 -35.61
CA GLY B 253 -67.72 49.00 -34.60
C GLY B 253 -66.26 49.07 -35.02
N VAL B 254 -65.49 48.07 -34.58
CA VAL B 254 -64.04 48.12 -34.72
C VAL B 254 -63.64 48.19 -36.19
N LEU B 255 -64.37 47.50 -37.07
CA LEU B 255 -63.97 47.50 -38.47
C LEU B 255 -64.05 48.89 -39.09
N ARG B 256 -64.66 49.86 -38.41
CA ARG B 256 -64.60 51.23 -38.90
C ARG B 256 -63.19 51.80 -38.82
N LEU B 257 -62.38 51.36 -37.85
CA LEU B 257 -61.02 51.84 -37.67
C LEU B 257 -59.96 50.86 -38.14
N ARG B 258 -60.35 49.71 -38.66
CA ARG B 258 -59.40 48.70 -39.09
C ARG B 258 -59.53 48.54 -40.60
N ASN B 259 -58.43 48.78 -41.32
CA ASN B 259 -58.36 48.58 -42.77
C ASN B 259 -58.11 47.12 -43.13
N ASP B 260 -58.80 46.18 -42.50
CA ASP B 260 -58.50 44.76 -42.61
C ASP B 260 -59.57 44.09 -43.45
N VAL B 261 -59.47 44.31 -44.76
CA VAL B 261 -60.21 43.50 -45.72
C VAL B 261 -59.81 42.05 -45.54
N LEU B 262 -60.78 41.20 -45.36
CA LEU B 262 -60.48 39.80 -45.25
C LEU B 262 -60.97 39.07 -46.50
N PRO B 263 -60.29 38.01 -46.93
CA PRO B 263 -60.55 37.41 -48.26
C PRO B 263 -61.95 36.84 -48.35
N PRO B 264 -62.37 36.39 -49.54
CA PRO B 264 -63.68 35.73 -49.66
C PRO B 264 -63.76 34.52 -48.75
N LEU B 265 -64.77 34.51 -47.89
CA LEU B 265 -64.91 33.47 -46.89
C LEU B 265 -66.01 32.48 -47.23
N THR B 266 -66.74 32.68 -48.34
CA THR B 266 -67.83 31.80 -48.73
C THR B 266 -67.51 31.16 -50.08
N ASP B 267 -67.43 29.83 -50.09
CA ASP B 267 -67.56 29.09 -51.33
C ASP B 267 -68.98 29.32 -51.87
N SER B 268 -69.27 28.72 -53.03
CA SER B 268 -70.57 28.94 -53.65
C SER B 268 -71.71 28.37 -52.79
N ASP B 269 -71.55 27.15 -52.28
CA ASP B 269 -72.65 26.46 -51.61
C ASP B 269 -72.93 27.03 -50.22
N ASP B 270 -71.88 27.35 -49.47
CA ASP B 270 -72.03 27.69 -48.06
C ASP B 270 -72.82 28.98 -47.92
N LEU B 271 -73.99 28.87 -47.29
CA LEU B 271 -74.73 30.03 -46.80
C LEU B 271 -74.08 30.62 -45.56
N LEU B 272 -73.18 29.89 -44.90
CA LEU B 272 -72.73 30.25 -43.57
C LEU B 272 -71.36 29.62 -43.34
N VAL B 273 -70.37 30.43 -42.95
CA VAL B 273 -69.04 29.93 -42.63
C VAL B 273 -68.46 30.68 -41.43
N LEU B 274 -67.76 29.94 -40.57
CA LEU B 274 -67.07 30.49 -39.42
C LEU B 274 -65.57 30.51 -39.69
N ALA B 275 -64.98 31.70 -39.59
CA ALA B 275 -63.53 31.84 -39.60
C ALA B 275 -63.09 32.42 -38.28
N GLN B 276 -61.79 32.50 -38.06
CA GLN B 276 -61.24 33.14 -36.88
C GLN B 276 -60.39 34.33 -37.31
N ALA B 277 -60.65 35.47 -36.68
CA ALA B 277 -59.97 36.70 -37.08
C ALA B 277 -58.48 36.64 -36.75
N THR B 278 -57.67 37.23 -37.65
CA THR B 278 -56.24 37.28 -37.43
C THR B 278 -55.84 38.23 -36.32
N MSE B 279 -56.76 39.11 -35.91
CA MSE B 279 -56.41 40.19 -35.00
C MSE B 279 -56.87 39.98 -33.59
O MSE B 279 -57.99 39.52 -33.36
CB MSE B 279 -57.02 41.48 -35.51
CG MSE B 279 -56.46 41.89 -36.82
SE MSE B 279 -56.51 43.79 -36.75
CE MSE B 279 -55.67 44.04 -35.00
N PRO B 280 -56.04 40.37 -32.62
CA PRO B 280 -56.45 40.30 -31.21
C PRO B 280 -57.37 41.44 -30.85
N SER B 281 -58.67 41.12 -30.68
CA SER B 281 -59.56 42.05 -30.00
C SER B 281 -59.03 42.27 -28.60
N TYR B 282 -58.39 43.40 -28.37
CA TYR B 282 -57.84 43.64 -27.05
C TYR B 282 -58.94 43.83 -26.01
N LEU B 283 -60.15 43.42 -26.32
CA LEU B 283 -61.35 43.80 -25.58
C LEU B 283 -61.77 42.78 -24.53
N ARG B 284 -61.15 41.61 -24.51
CA ARG B 284 -61.44 40.56 -23.54
C ARG B 284 -60.39 39.46 -23.71
N TYR B 285 -60.18 38.70 -22.64
CA TYR B 285 -59.28 37.57 -22.69
C TYR B 285 -59.76 36.53 -23.68
N GLY B 286 -58.86 35.63 -24.05
CA GLY B 286 -59.23 34.38 -24.69
C GLY B 286 -58.92 34.35 -26.17
N ALA B 287 -59.67 33.49 -26.87
CA ALA B 287 -59.46 33.23 -28.28
C ALA B 287 -59.63 34.51 -29.09
N TYR B 288 -58.91 34.56 -30.21
CA TYR B 288 -59.04 35.70 -31.11
C TYR B 288 -60.42 35.69 -31.75
N PRO B 289 -60.96 36.87 -32.10
CA PRO B 289 -62.36 36.95 -32.53
C PRO B 289 -62.71 35.96 -33.62
N TYR B 290 -63.99 35.60 -33.64
CA TYR B 290 -64.56 34.75 -34.68
C TYR B 290 -65.35 35.61 -35.65
N ILE B 291 -65.19 35.32 -36.94
CA ILE B 291 -65.86 36.03 -38.01
C ILE B 291 -66.94 35.11 -38.56
N VAL B 292 -68.18 35.50 -38.35
CA VAL B 292 -69.32 34.88 -38.99
C VAL B 292 -69.48 35.47 -40.37
N VAL B 293 -69.77 34.64 -41.38
CA VAL B 293 -70.01 35.15 -42.72
C VAL B 293 -71.24 34.46 -43.31
N VAL B 294 -72.15 35.27 -43.85
CA VAL B 294 -73.32 34.82 -44.59
C VAL B 294 -73.16 35.24 -46.05
N ARG B 295 -73.45 34.32 -46.97
CA ARG B 295 -73.30 34.56 -48.40
C ARG B 295 -74.66 34.91 -49.00
N GLU B 296 -74.75 36.08 -49.63
CA GLU B 296 -75.96 36.53 -50.33
C GLU B 296 -75.64 36.69 -51.81
N SER B 297 -76.66 36.49 -52.65
CA SER B 297 -76.50 36.56 -54.10
C SER B 297 -77.64 37.37 -54.71
N PRO B 298 -77.48 38.70 -54.83
CA PRO B 298 -78.56 39.53 -55.40
C PRO B 298 -78.61 39.56 -56.93
N GLY B 299 -77.53 39.19 -57.62
CA GLY B 299 -77.56 39.07 -59.06
C GLY B 299 -76.85 37.81 -59.50
N ALA B 300 -76.93 37.53 -60.80
CA ALA B 300 -76.25 36.35 -61.33
C ALA B 300 -74.74 36.54 -61.42
N SER B 301 -74.23 37.75 -61.23
CA SER B 301 -72.81 38.05 -61.30
C SER B 301 -72.35 38.88 -60.12
N ARG B 302 -72.99 38.70 -58.97
CA ARG B 302 -72.71 39.54 -57.81
C ARG B 302 -72.99 38.78 -56.52
N VAL B 303 -71.96 38.61 -55.70
CA VAL B 303 -72.08 37.99 -54.38
C VAL B 303 -71.75 39.05 -53.34
N ILE B 304 -72.47 39.03 -52.22
CA ILE B 304 -72.25 39.95 -51.11
C ILE B 304 -72.12 39.14 -49.84
N GLU B 305 -70.99 39.30 -49.15
CA GLU B 305 -70.70 38.56 -47.93
C GLU B 305 -70.95 39.47 -46.73
N HIS B 306 -71.98 39.16 -45.95
CA HIS B 306 -72.17 39.81 -44.67
C HIS B 306 -71.17 39.23 -43.68
N ARG B 307 -70.32 40.09 -43.12
CA ARG B 307 -69.29 39.66 -42.18
C ARG B 307 -69.54 40.32 -40.83
N PHE B 308 -69.74 39.50 -39.80
CA PHE B 308 -69.90 39.97 -38.42
C PHE B 308 -68.73 39.41 -37.62
N VAL B 309 -67.85 40.29 -37.16
CA VAL B 309 -66.73 39.90 -36.31
C VAL B 309 -67.16 40.06 -34.86
N GLY B 310 -66.73 39.12 -34.01
CA GLY B 310 -67.05 39.24 -32.60
C GLY B 310 -66.50 38.08 -31.79
N LEU B 311 -67.20 37.70 -30.72
CA LEU B 311 -66.71 36.60 -29.90
C LEU B 311 -67.87 35.93 -29.16
N PHE B 312 -67.54 34.80 -28.54
CA PHE B 312 -68.50 33.87 -27.95
C PHE B 312 -68.70 34.14 -26.46
N THR B 313 -69.95 34.33 -26.05
CA THR B 313 -70.20 34.44 -24.62
C THR B 313 -69.97 33.11 -23.95
N VAL B 314 -69.81 33.18 -22.63
CA VAL B 314 -69.45 31.99 -21.87
C VAL B 314 -70.65 31.04 -21.78
N ALA B 315 -71.80 31.57 -21.30
CA ALA B 315 -73.01 30.76 -21.19
C ALA B 315 -73.35 30.09 -22.51
N ALA B 316 -73.10 30.80 -23.61
CA ALA B 316 -73.17 30.17 -24.92
C ALA B 316 -72.21 28.99 -25.00
N MSE B 317 -70.92 29.24 -24.79
CA MSE B 317 -69.90 28.24 -25.04
C MSE B 317 -70.08 26.96 -24.26
O MSE B 317 -69.44 25.96 -24.55
CB MSE B 317 -68.52 28.82 -24.76
CG MSE B 317 -67.69 29.02 -26.02
SE MSE B 317 -65.87 29.53 -25.61
CE MSE B 317 -66.28 31.09 -24.50
N ASN B 318 -70.96 26.97 -23.26
CA ASN B 318 -71.33 25.71 -22.62
C ASN B 318 -72.79 25.34 -22.80
N ALA B 319 -73.52 26.00 -23.69
CA ALA B 319 -74.88 25.57 -23.95
C ALA B 319 -74.89 24.12 -24.44
N ASN B 320 -75.91 23.38 -24.04
CA ASN B 320 -76.10 22.02 -24.53
C ASN B 320 -76.09 22.03 -26.05
N ALA B 321 -75.30 21.14 -26.65
CA ALA B 321 -75.11 21.17 -28.10
C ALA B 321 -76.41 21.01 -28.87
N LEU B 322 -77.49 20.59 -28.23
CA LEU B 322 -78.78 20.44 -28.90
C LEU B 322 -79.45 21.79 -29.16
N GLU B 323 -79.28 22.76 -28.25
CA GLU B 323 -80.00 24.05 -28.33
C GLU B 323 -79.62 24.86 -29.56
N ILE B 324 -78.50 24.54 -30.19
CA ILE B 324 -78.07 25.27 -31.39
C ILE B 324 -78.80 24.70 -32.60
N PRO B 325 -79.37 25.54 -33.45
CA PRO B 325 -80.19 25.03 -34.56
C PRO B 325 -79.43 24.16 -35.55
N LEU B 326 -78.40 24.71 -36.19
CA LEU B 326 -77.66 23.92 -37.16
C LEU B 326 -77.02 22.72 -36.50
N ILE B 327 -76.56 22.87 -35.26
CA ILE B 327 -75.83 21.79 -34.60
C ILE B 327 -76.74 20.58 -34.40
N SER B 328 -77.90 20.78 -33.77
CA SER B 328 -78.86 19.68 -33.60
C SER B 328 -79.10 18.94 -34.91
N ARG B 329 -79.14 19.68 -36.02
CA ARG B 329 -79.34 19.11 -37.35
C ARG B 329 -78.31 18.03 -37.69
N ARG B 330 -77.05 18.42 -37.93
CA ARG B 330 -76.03 17.43 -38.29
C ARG B 330 -75.85 16.39 -37.18
N VAL B 331 -76.16 16.76 -35.93
CA VAL B 331 -76.09 15.80 -34.83
C VAL B 331 -76.98 14.61 -35.11
N GLU B 332 -78.28 14.86 -35.23
CA GLU B 332 -79.21 13.76 -35.51
C GLU B 332 -78.93 13.13 -36.87
N GLU B 333 -78.43 13.92 -37.83
CA GLU B 333 -77.99 13.38 -39.11
C GLU B 333 -77.05 12.20 -38.92
N ALA B 334 -75.97 12.44 -38.17
CA ALA B 334 -75.01 11.38 -37.94
C ALA B 334 -75.53 10.35 -36.94
N LEU B 335 -76.44 10.77 -36.05
CA LEU B 335 -77.09 9.84 -35.13
C LEU B 335 -77.78 8.72 -35.88
N ALA B 336 -78.34 9.04 -37.04
CA ALA B 336 -78.97 8.02 -37.88
C ALA B 336 -77.97 6.91 -38.21
N MSE B 337 -76.87 7.28 -38.86
CA MSE B 337 -75.82 6.34 -39.19
C MSE B 337 -75.35 5.61 -37.93
O MSE B 337 -74.99 4.44 -37.98
CB MSE B 337 -74.66 7.07 -39.84
CG MSE B 337 -75.10 8.19 -40.76
SE MSE B 337 -75.87 7.51 -42.41
CE MSE B 337 -76.11 9.21 -43.34
N ALA B 338 -75.37 6.33 -36.81
CA ALA B 338 -74.95 5.75 -35.54
C ALA B 338 -75.82 4.56 -35.16
N HIS B 339 -77.11 4.80 -34.97
CA HIS B 339 -78.02 3.70 -34.64
C HIS B 339 -78.18 2.72 -35.80
N ARG B 340 -77.60 3.00 -36.97
CA ARG B 340 -77.64 2.03 -38.07
C ARG B 340 -76.71 0.84 -37.79
N ASP B 341 -75.43 1.11 -37.58
CA ASP B 341 -74.50 0.03 -37.25
C ASP B 341 -74.86 -0.55 -35.89
N PRO B 342 -75.17 -1.85 -35.78
CA PRO B 342 -75.69 -2.37 -34.50
C PRO B 342 -74.70 -2.24 -33.35
N SER B 343 -73.42 -2.49 -33.60
CA SER B 343 -72.38 -2.28 -32.59
C SER B 343 -72.50 -0.88 -31.99
N HIS B 344 -72.00 0.12 -32.72
CA HIS B 344 -71.93 1.52 -32.33
C HIS B 344 -73.17 1.94 -31.55
N PRO B 345 -73.01 2.38 -30.31
CA PRO B 345 -74.18 2.77 -29.50
C PRO B 345 -74.41 4.27 -29.52
N GLY B 346 -75.68 4.66 -29.53
CA GLY B 346 -76.07 6.06 -29.59
C GLY B 346 -75.42 6.92 -28.54
N GLN B 347 -75.93 6.89 -27.31
CA GLN B 347 -75.48 7.83 -26.28
C GLN B 347 -74.01 7.66 -25.96
N LEU B 348 -73.41 6.51 -26.25
CA LEU B 348 -71.97 6.38 -26.11
C LEU B 348 -71.27 7.47 -26.90
N LEU B 349 -71.37 7.36 -28.22
CA LEU B 349 -70.74 8.35 -29.07
C LEU B 349 -71.36 9.73 -28.84
N ARG B 350 -72.62 9.78 -28.43
CA ARG B 350 -73.22 11.07 -28.09
C ARG B 350 -72.38 11.78 -27.02
N ASP B 351 -72.13 11.09 -25.91
CA ASP B 351 -71.19 11.58 -24.92
C ASP B 351 -69.89 11.97 -25.60
N ILE B 352 -69.32 11.04 -26.36
CA ILE B 352 -68.08 11.26 -27.09
C ILE B 352 -68.10 12.62 -27.77
N ILE B 353 -69.28 13.04 -28.16
CA ILE B 353 -69.39 14.27 -28.92
C ILE B 353 -69.52 15.48 -28.02
N GLN B 354 -70.45 15.40 -27.07
CA GLN B 354 -70.87 16.59 -26.32
C GLN B 354 -69.67 17.37 -25.85
N THR B 355 -68.59 16.67 -25.51
CA THR B 355 -67.36 17.35 -25.11
C THR B 355 -66.84 18.25 -26.21
N ILE B 356 -66.89 17.77 -27.44
CA ILE B 356 -66.09 18.34 -28.50
C ILE B 356 -66.42 19.81 -28.54
N PRO B 357 -65.43 20.66 -28.31
CA PRO B 357 -65.68 22.09 -28.09
C PRO B 357 -66.47 22.75 -29.21
N ARG B 358 -66.83 23.98 -28.97
CA ARG B 358 -67.92 24.58 -29.73
C ARG B 358 -67.47 25.28 -31.01
N PRO B 359 -66.37 26.05 -31.02
CA PRO B 359 -66.00 26.76 -32.26
C PRO B 359 -65.95 25.89 -33.52
N GLU B 360 -65.21 24.80 -33.48
CA GLU B 360 -65.04 23.96 -34.66
C GLU B 360 -66.34 23.32 -35.13
N LEU B 361 -67.41 23.40 -34.34
CA LEU B 361 -68.64 22.67 -34.63
C LEU B 361 -69.24 23.03 -35.98
N PHE B 362 -68.80 24.11 -36.60
CA PHE B 362 -69.45 24.56 -37.81
C PHE B 362 -68.78 24.04 -39.07
N ALA B 363 -67.47 23.89 -39.05
CA ALA B 363 -66.78 23.38 -40.23
C ALA B 363 -67.12 21.93 -40.54
N LEU B 364 -67.60 21.18 -39.55
CA LEU B 364 -67.86 19.76 -39.75
C LEU B 364 -69.24 19.61 -40.37
N SER B 365 -69.34 18.75 -41.37
CA SER B 365 -70.61 18.23 -41.85
C SER B 365 -70.75 16.83 -41.26
N SER B 366 -72.00 16.36 -41.15
CA SER B 366 -72.19 15.01 -40.64
C SER B 366 -71.30 13.95 -41.26
N LYS B 367 -70.97 14.11 -42.55
CA LYS B 367 -69.91 13.29 -43.15
C LYS B 367 -68.64 13.41 -42.33
N GLN B 368 -68.20 14.63 -42.06
CA GLN B 368 -67.03 14.80 -41.20
C GLN B 368 -67.34 14.48 -39.75
N LEU B 369 -68.62 14.27 -39.43
CA LEU B 369 -69.01 13.89 -38.05
C LEU B 369 -68.68 12.40 -37.94
N LEU B 370 -69.04 11.62 -38.97
CA LEU B 370 -68.79 10.16 -38.95
C LEU B 370 -67.31 9.91 -38.59
N GLU B 371 -66.41 10.63 -39.26
CA GLU B 371 -64.96 10.47 -39.01
C GLU B 371 -64.64 10.82 -37.55
N MSE B 372 -65.08 12.00 -37.10
CA MSE B 372 -64.80 12.44 -35.70
C MSE B 372 -65.23 11.33 -34.74
O MSE B 372 -64.39 10.90 -33.93
CB MSE B 372 -65.53 13.75 -35.41
CG MSE B 372 -64.71 14.98 -35.71
SE MSE B 372 -62.85 14.77 -35.14
CE MSE B 372 -61.79 13.98 -36.59
N ALA B 373 -66.49 10.90 -34.83
CA ALA B 373 -67.01 9.84 -33.93
C ALA B 373 -66.18 8.55 -33.97
N LEU B 374 -65.91 8.03 -35.17
CA LEU B 374 -65.12 6.77 -35.30
C LEU B 374 -63.64 6.98 -34.93
N ALA B 375 -63.15 8.21 -35.13
CA ALA B 375 -61.76 8.56 -34.78
C ALA B 375 -61.67 8.36 -33.26
N VAL B 376 -62.65 8.91 -32.53
CA VAL B 376 -62.69 8.75 -31.06
C VAL B 376 -63.05 7.34 -30.56
N VAL B 377 -63.88 6.63 -31.31
CA VAL B 377 -64.20 5.22 -30.97
C VAL B 377 -63.10 4.15 -31.17
N ASP B 378 -62.18 4.43 -32.10
CA ASP B 378 -61.01 3.55 -32.30
C ASP B 378 -60.03 3.73 -31.08
N ARG B 383 -56.31 3.88 -23.14
CA ARG B 383 -55.22 4.68 -22.58
C ARG B 383 -54.28 5.11 -23.70
N ARG B 384 -54.80 5.88 -24.65
CA ARG B 384 -54.04 6.46 -25.73
C ARG B 384 -54.43 7.88 -26.11
N THR B 385 -53.57 8.56 -26.88
CA THR B 385 -53.78 9.97 -27.23
C THR B 385 -54.49 10.06 -28.57
N LEU B 386 -55.52 10.90 -28.63
CA LEU B 386 -56.30 11.14 -29.84
C LEU B 386 -56.21 12.62 -30.20
N LEU B 387 -55.84 12.92 -31.45
CA LEU B 387 -55.57 14.29 -31.90
C LEU B 387 -56.28 14.58 -33.22
N PHE B 388 -56.98 15.72 -33.29
CA PHE B 388 -57.77 16.09 -34.47
C PHE B 388 -57.29 17.42 -35.01
N LEU B 389 -57.28 17.54 -36.33
CA LEU B 389 -56.79 18.73 -37.02
C LEU B 389 -57.75 19.14 -38.11
N ARG B 390 -57.80 20.45 -38.38
CA ARG B 390 -58.72 20.99 -39.39
C ARG B 390 -58.20 22.36 -39.82
N ALA B 391 -57.66 22.42 -41.03
CA ALA B 391 -57.22 23.69 -41.60
C ALA B 391 -58.39 24.65 -41.69
N ASP B 392 -58.26 25.80 -41.03
CA ASP B 392 -59.28 26.84 -41.16
C ASP B 392 -59.42 27.25 -42.63
N HIS B 393 -60.62 27.71 -42.97
CA HIS B 393 -60.88 28.17 -44.34
C HIS B 393 -59.86 29.23 -44.74
N LEU B 394 -59.44 30.06 -43.79
CA LEU B 394 -58.44 31.10 -44.01
C LEU B 394 -57.03 30.52 -44.09
N ALA B 395 -56.74 29.51 -43.27
CA ALA B 395 -55.41 28.92 -43.12
C ALA B 395 -54.43 29.89 -42.47
N HIS B 396 -54.89 30.59 -41.44
CA HIS B 396 -54.02 31.28 -40.49
C HIS B 396 -54.10 30.67 -39.09
N PHE B 397 -54.86 29.58 -38.93
CA PHE B 397 -55.02 28.91 -37.66
C PHE B 397 -55.23 27.42 -37.92
N VAL B 398 -54.66 26.59 -37.05
CA VAL B 398 -54.91 25.15 -37.08
C VAL B 398 -55.61 24.79 -35.79
N SER B 399 -56.88 24.43 -35.89
CA SER B 399 -57.70 24.10 -34.72
C SER B 399 -57.35 22.68 -34.29
N CYS B 400 -56.57 22.55 -33.21
CA CYS B 400 -56.04 21.27 -32.77
C CYS B 400 -56.70 20.85 -31.46
N LEU B 401 -57.00 19.56 -31.34
CA LEU B 401 -57.80 19.06 -30.25
C LEU B 401 -57.25 17.71 -29.82
N VAL B 402 -57.03 17.53 -28.52
CA VAL B 402 -56.23 16.43 -27.99
C VAL B 402 -57.03 15.69 -26.92
N TYR B 403 -56.74 14.39 -26.80
CA TYR B 403 -57.48 13.50 -25.90
C TYR B 403 -56.51 12.61 -25.17
N LEU B 404 -56.68 12.49 -23.87
CA LEU B 404 -55.71 11.79 -23.06
C LEU B 404 -56.25 11.58 -21.64
N PRO B 405 -55.80 10.54 -20.95
CA PRO B 405 -56.34 10.26 -19.62
C PRO B 405 -56.21 11.46 -18.70
N ARG B 406 -57.24 11.61 -17.86
CA ARG B 406 -57.24 12.68 -16.87
C ARG B 406 -56.01 12.59 -15.98
N ASP B 407 -55.82 11.44 -15.33
CA ASP B 407 -54.71 11.28 -14.40
C ASP B 407 -53.37 11.55 -15.04
N ARG B 408 -53.32 11.77 -16.34
CA ARG B 408 -52.05 11.90 -17.03
C ARG B 408 -51.66 13.34 -17.35
N TYR B 409 -52.58 14.30 -17.30
CA TYR B 409 -52.25 15.64 -17.72
C TYR B 409 -51.46 16.40 -16.67
N THR B 410 -50.47 17.18 -17.14
CA THR B 410 -49.80 18.22 -16.37
C THR B 410 -49.56 19.43 -17.26
N THR B 411 -49.47 20.61 -16.64
CA THR B 411 -49.04 21.81 -17.36
C THR B 411 -47.77 21.53 -18.16
N ALA B 412 -46.88 20.71 -17.60
CA ALA B 412 -45.73 20.23 -18.35
C ALA B 412 -46.17 19.62 -19.67
N VAL B 413 -46.99 18.57 -19.62
CA VAL B 413 -47.44 17.90 -20.84
C VAL B 413 -48.13 18.89 -21.75
N ARG B 414 -48.85 19.86 -21.18
CA ARG B 414 -49.39 20.95 -21.99
C ARG B 414 -48.29 21.61 -22.80
N LEU B 415 -47.15 21.86 -22.16
CA LEU B 415 -46.07 22.58 -22.83
C LEU B 415 -45.44 21.76 -23.94
N GLU B 416 -45.04 20.52 -23.63
CA GLU B 416 -44.42 19.68 -24.67
C GLU B 416 -45.38 19.48 -25.83
N MSE B 417 -46.67 19.40 -25.57
CA MSE B 417 -47.64 19.27 -26.65
C MSE B 417 -47.76 20.60 -27.37
O MSE B 417 -47.84 20.63 -28.59
CB MSE B 417 -48.99 18.79 -26.12
CG MSE B 417 -48.93 17.34 -25.64
SE MSE B 417 -50.63 16.65 -24.99
CE MSE B 417 -51.05 18.13 -23.80
N GLN B 418 -47.74 21.70 -26.63
CA GLN B 418 -47.65 23.01 -27.27
C GLN B 418 -46.42 23.10 -28.15
N ASP B 419 -45.27 22.66 -27.62
CA ASP B 419 -44.05 22.63 -28.43
C ASP B 419 -44.19 21.70 -29.62
N ILE B 420 -44.55 20.43 -29.36
CA ILE B 420 -44.71 19.45 -30.44
C ILE B 420 -45.80 19.90 -31.41
N LEU B 421 -46.76 20.71 -30.95
CA LEU B 421 -47.75 21.26 -31.88
C LEU B 421 -47.19 22.45 -32.66
N VAL B 422 -46.52 23.37 -31.97
CA VAL B 422 -45.94 24.50 -32.68
C VAL B 422 -44.86 24.05 -33.64
N ARG B 423 -44.05 23.07 -33.21
CA ARG B 423 -42.97 22.57 -34.03
C ARG B 423 -43.50 21.87 -35.28
N GLU B 424 -44.14 20.70 -35.09
CA GLU B 424 -44.59 19.89 -36.23
C GLU B 424 -45.58 20.64 -37.13
N LEU B 425 -46.21 21.72 -36.62
CA LEU B 425 -47.06 22.57 -37.44
C LEU B 425 -46.39 23.89 -37.81
N GLY B 426 -45.22 24.19 -37.25
CA GLY B 426 -44.51 25.41 -37.60
C GLY B 426 -45.26 26.64 -37.16
N GLY B 427 -45.73 26.66 -35.91
CA GLY B 427 -46.55 27.76 -35.46
C GLY B 427 -45.75 29.01 -35.15
N ALA B 428 -46.43 30.15 -35.27
CA ALA B 428 -45.92 31.44 -34.83
C ALA B 428 -46.65 31.94 -33.58
N GLY B 429 -47.39 31.07 -32.90
CA GLY B 429 -48.13 31.41 -31.71
C GLY B 429 -49.19 30.37 -31.42
N ILE B 430 -49.36 29.98 -30.16
CA ILE B 430 -50.30 28.93 -29.80
C ILE B 430 -51.06 29.36 -28.56
N ASP B 431 -52.35 29.05 -28.54
CA ASP B 431 -53.20 29.26 -27.38
C ASP B 431 -53.86 27.94 -27.01
N TYR B 432 -54.36 27.89 -25.77
CA TYR B 432 -55.05 26.70 -25.30
C TYR B 432 -56.16 27.11 -24.37
N SER B 433 -57.18 26.26 -24.31
CA SER B 433 -58.28 26.39 -23.37
C SER B 433 -58.35 25.09 -22.59
N ALA B 434 -58.08 25.17 -21.29
CA ALA B 434 -58.00 23.98 -20.45
C ALA B 434 -59.40 23.52 -20.03
N ARG B 435 -59.69 22.23 -20.24
CA ARG B 435 -61.01 21.67 -19.95
C ARG B 435 -60.86 20.30 -19.30
N VAL B 436 -61.23 20.20 -18.03
CA VAL B 436 -61.09 18.99 -17.25
C VAL B 436 -62.27 18.85 -16.30
N SER B 437 -62.83 17.64 -16.22
CA SER B 437 -63.95 17.38 -15.33
C SER B 437 -63.70 16.04 -14.64
N GLU B 438 -64.77 15.40 -14.19
CA GLU B 438 -64.66 14.02 -13.76
C GLU B 438 -64.50 13.07 -14.94
N SER B 439 -64.74 13.54 -16.18
CA SER B 439 -64.63 12.74 -17.38
C SER B 439 -63.27 12.05 -17.47
N PRO B 440 -63.21 10.86 -18.07
CA PRO B 440 -61.93 10.14 -18.08
C PRO B 440 -60.84 10.86 -18.86
N TRP B 441 -61.17 11.39 -20.03
CA TRP B 441 -60.16 12.00 -20.88
C TRP B 441 -60.18 13.51 -20.69
N ALA B 442 -59.02 14.10 -20.49
CA ALA B 442 -58.92 15.54 -20.51
C ALA B 442 -59.13 16.06 -21.93
N VAL B 443 -59.52 17.32 -22.04
CA VAL B 443 -59.80 17.95 -23.32
C VAL B 443 -59.21 19.35 -23.35
N VAL B 444 -58.46 19.66 -24.40
CA VAL B 444 -57.93 21.00 -24.64
C VAL B 444 -58.00 21.28 -26.13
N HIS B 445 -58.55 22.43 -26.48
CA HIS B 445 -58.44 22.93 -27.84
C HIS B 445 -57.21 23.82 -27.93
N PHE B 446 -56.31 23.48 -28.84
CA PHE B 446 -55.19 24.33 -29.19
C PHE B 446 -55.51 25.07 -30.48
N THR B 447 -55.25 26.37 -30.50
CA THR B 447 -55.30 27.16 -31.73
C THR B 447 -53.89 27.60 -32.04
N VAL B 448 -53.37 27.17 -33.18
CA VAL B 448 -52.01 27.46 -33.59
C VAL B 448 -52.04 28.63 -34.56
N ARG B 449 -51.35 29.72 -34.21
CA ARG B 449 -51.32 30.91 -35.04
C ARG B 449 -50.29 30.77 -36.15
N LEU B 450 -50.71 31.06 -37.39
CA LEU B 450 -49.86 30.84 -38.54
C LEU B 450 -49.36 32.17 -39.10
N PRO B 451 -48.11 32.23 -39.56
CA PRO B 451 -47.55 33.48 -40.10
C PRO B 451 -48.30 33.92 -41.34
N GLU B 452 -48.93 35.10 -41.24
CA GLU B 452 -49.77 35.60 -42.30
C GLU B 452 -49.04 35.59 -43.63
N GLY B 453 -49.79 35.27 -44.69
CA GLY B 453 -49.21 35.00 -45.98
C GLY B 453 -49.12 33.54 -46.34
N THR B 454 -49.82 32.68 -45.62
CA THR B 454 -49.83 31.25 -45.88
C THR B 454 -51.20 30.82 -46.37
N ALA B 455 -51.22 29.77 -47.19
CA ALA B 455 -52.39 29.36 -47.92
C ALA B 455 -53.07 28.17 -47.26
N ALA B 456 -54.32 27.91 -47.68
CA ALA B 456 -55.06 26.73 -47.23
C ALA B 456 -54.49 25.44 -47.79
N ASP B 457 -53.38 25.50 -48.53
CA ASP B 457 -52.72 24.33 -49.14
C ASP B 457 -51.47 23.89 -48.39
N SER B 458 -50.62 24.84 -47.96
CA SER B 458 -49.45 24.48 -47.16
C SER B 458 -49.83 24.01 -45.75
N VAL B 459 -51.11 23.74 -45.54
CA VAL B 459 -51.63 23.21 -44.28
C VAL B 459 -51.80 21.70 -44.48
N ASP B 460 -50.72 20.95 -44.19
CA ASP B 460 -50.76 19.50 -44.26
C ASP B 460 -51.67 18.93 -43.18
N THR B 461 -52.98 19.17 -43.30
CA THR B 461 -53.97 18.62 -42.37
C THR B 461 -54.41 17.20 -42.78
N SER B 462 -53.58 16.50 -43.55
CA SER B 462 -53.88 15.13 -43.94
C SER B 462 -53.89 14.21 -42.72
N LEU B 463 -54.80 13.24 -42.73
CA LEU B 463 -54.87 12.29 -41.63
C LEU B 463 -53.61 11.42 -41.53
N GLU B 464 -52.73 11.46 -42.54
CA GLU B 464 -51.39 10.88 -42.46
C GLU B 464 -50.60 11.58 -41.37
N ASN B 465 -50.22 12.83 -41.64
CA ASN B 465 -49.51 13.63 -40.67
C ASN B 465 -50.27 13.79 -39.37
N GLU B 466 -51.58 13.61 -39.39
CA GLU B 466 -52.41 13.79 -38.20
C GLU B 466 -52.07 12.75 -37.13
N SER B 467 -51.99 11.48 -37.52
CA SER B 467 -51.76 10.41 -36.54
C SER B 467 -50.31 10.36 -36.08
N ARG B 468 -49.37 10.86 -36.88
CA ARG B 468 -47.97 10.77 -36.51
C ARG B 468 -47.66 11.63 -35.29
N ILE B 469 -48.01 12.92 -35.37
CA ILE B 469 -47.83 13.78 -34.22
C ILE B 469 -48.65 13.30 -33.05
N GLN B 470 -49.82 12.72 -33.33
CA GLN B 470 -50.73 12.23 -32.31
C GLN B 470 -50.02 11.29 -31.33
N ASP B 471 -48.99 10.60 -31.79
CA ASP B 471 -48.22 9.73 -30.92
C ASP B 471 -47.13 10.49 -30.19
N LEU B 472 -46.55 11.51 -30.82
CA LEU B 472 -45.64 12.40 -30.12
C LEU B 472 -46.25 12.90 -28.83
N LEU B 473 -47.56 12.77 -28.68
CA LEU B 473 -48.31 13.12 -27.50
C LEU B 473 -48.55 11.85 -26.70
N THR B 474 -48.74 10.71 -27.36
CA THR B 474 -48.85 9.46 -26.63
C THR B 474 -47.67 9.28 -25.67
N GLU B 475 -46.45 9.37 -26.20
CA GLU B 475 -45.26 9.32 -25.36
C GLU B 475 -45.03 10.51 -24.45
N ALA B 476 -45.42 11.70 -24.90
CA ALA B 476 -45.38 12.86 -24.02
C ALA B 476 -46.12 12.57 -22.72
N THR B 477 -47.26 11.88 -22.82
CA THR B 477 -48.03 11.48 -21.65
C THR B 477 -47.38 10.34 -20.87
N ARG B 478 -46.47 9.60 -21.49
CA ARG B 478 -45.98 8.39 -20.86
C ARG B 478 -45.08 8.72 -19.68
N ASN B 479 -45.43 8.14 -18.53
CA ASN B 479 -44.55 8.04 -17.39
C ASN B 479 -43.24 7.40 -17.84
N TRP B 480 -42.34 7.13 -16.92
CA TRP B 480 -41.24 6.30 -17.39
C TRP B 480 -41.51 4.84 -17.12
N GLY B 481 -42.30 4.51 -16.10
CA GLY B 481 -42.65 3.12 -15.85
C GLY B 481 -43.46 2.50 -16.96
N ASP B 482 -44.49 3.22 -17.44
CA ASP B 482 -45.30 2.71 -18.53
C ASP B 482 -44.48 2.59 -19.80
N ARG B 483 -43.60 3.56 -20.07
CA ARG B 483 -42.77 3.46 -21.25
C ARG B 483 -41.82 2.26 -21.15
N MSE B 484 -41.31 1.99 -19.95
CA MSE B 484 -40.48 0.80 -19.70
C MSE B 484 -41.20 -0.47 -20.06
O MSE B 484 -40.71 -1.33 -20.80
CB MSE B 484 -40.10 0.69 -18.23
CG MSE B 484 -39.17 1.72 -17.68
SE MSE B 484 -39.04 1.32 -15.78
CE MSE B 484 -40.58 0.10 -15.62
N ILE B 485 -42.35 -0.61 -19.42
CA ILE B 485 -43.17 -1.78 -19.62
C ILE B 485 -43.50 -1.95 -21.11
N SER B 486 -43.81 -0.84 -21.78
CA SER B 486 -44.09 -0.88 -23.22
C SER B 486 -42.88 -1.36 -23.99
N ALA B 487 -41.69 -0.93 -23.60
CA ALA B 487 -40.48 -1.39 -24.26
C ALA B 487 -40.31 -2.89 -24.05
N ALA B 488 -40.67 -3.39 -22.87
CA ALA B 488 -40.51 -4.82 -22.64
C ALA B 488 -41.68 -5.59 -23.21
N ALA B 489 -42.67 -4.88 -23.74
CA ALA B 489 -43.77 -5.57 -24.39
C ALA B 489 -43.22 -6.39 -25.54
N ALA B 490 -42.16 -5.90 -26.16
CA ALA B 490 -41.44 -6.61 -27.21
C ALA B 490 -40.51 -7.65 -26.61
N ALA B 491 -40.25 -7.55 -25.32
CA ALA B 491 -39.41 -8.53 -24.67
C ALA B 491 -40.24 -9.78 -24.40
N SER B 492 -39.53 -10.87 -24.14
CA SER B 492 -40.13 -12.17 -23.91
C SER B 492 -40.15 -12.51 -22.44
N ILE B 493 -39.98 -11.51 -21.59
CA ILE B 493 -39.91 -11.74 -20.17
C ILE B 493 -41.30 -12.01 -19.61
N SER B 494 -41.31 -12.60 -18.43
CA SER B 494 -42.54 -13.05 -17.80
C SER B 494 -43.36 -11.84 -17.35
N PRO B 495 -44.67 -11.89 -17.52
CA PRO B 495 -45.49 -10.76 -17.06
C PRO B 495 -45.36 -10.53 -15.56
N ALA B 496 -45.20 -11.59 -14.77
CA ALA B 496 -45.08 -11.41 -13.33
C ALA B 496 -43.82 -10.63 -12.97
N ALA B 497 -42.69 -10.98 -13.59
CA ALA B 497 -41.45 -10.25 -13.37
C ALA B 497 -41.59 -8.82 -13.84
N LEU B 498 -42.30 -8.63 -14.96
CA LEU B 498 -42.53 -7.28 -15.46
C LEU B 498 -43.31 -6.47 -14.46
N GLU B 499 -44.36 -7.06 -13.88
CA GLU B 499 -45.15 -6.33 -12.90
C GLU B 499 -44.34 -6.03 -11.65
N HIS B 500 -43.52 -6.98 -11.17
CA HIS B 500 -42.71 -6.68 -9.99
C HIS B 500 -41.66 -5.61 -10.26
N TYR B 501 -40.98 -5.69 -11.40
CA TYR B 501 -39.97 -4.67 -11.62
C TYR B 501 -40.59 -3.33 -11.99
N ALA B 502 -41.88 -3.31 -12.36
CA ALA B 502 -42.56 -2.05 -12.67
C ALA B 502 -42.54 -1.08 -11.49
N HIS B 503 -42.75 -1.59 -10.27
CA HIS B 503 -42.67 -0.76 -9.07
C HIS B 503 -41.43 -1.03 -8.24
N ALA B 504 -40.73 -2.13 -8.48
CA ALA B 504 -39.51 -2.47 -7.76
C ALA B 504 -38.38 -1.50 -8.07
N PHE B 505 -38.38 -0.96 -9.28
CA PHE B 505 -37.34 -0.03 -9.66
C PHE B 505 -37.45 1.21 -8.80
N PRO B 506 -36.38 1.62 -8.11
CA PRO B 506 -36.45 2.79 -7.24
C PRO B 506 -36.55 4.06 -8.06
N GLU B 507 -36.92 5.14 -7.37
CA GLU B 507 -37.24 6.37 -8.06
C GLU B 507 -35.99 7.08 -8.60
N ASP B 508 -34.85 6.92 -7.91
CA ASP B 508 -33.60 7.46 -8.44
C ASP B 508 -33.23 6.78 -9.75
N TYR B 509 -33.47 5.48 -9.87
CA TYR B 509 -33.28 4.82 -11.16
C TYR B 509 -34.21 5.38 -12.22
N LYS B 510 -35.44 5.69 -11.83
CA LYS B 510 -36.38 6.25 -12.80
C LYS B 510 -35.86 7.57 -13.34
N GLN B 511 -35.35 8.42 -12.46
CA GLN B 511 -34.92 9.77 -12.83
C GLN B 511 -33.49 9.83 -13.35
N ALA B 512 -32.72 8.75 -13.28
CA ALA B 512 -31.34 8.78 -13.74
C ALA B 512 -31.14 7.81 -14.89
N PHE B 513 -32.23 7.42 -15.53
CA PHE B 513 -32.16 6.49 -16.62
C PHE B 513 -33.19 6.89 -17.65
N ALA B 514 -33.42 5.98 -18.56
CA ALA B 514 -34.37 6.17 -19.62
C ALA B 514 -35.26 4.95 -19.58
N PRO B 515 -36.49 5.07 -20.06
CA PRO B 515 -37.36 3.89 -20.10
C PRO B 515 -36.82 2.73 -20.93
N GLN B 516 -36.01 3.02 -21.96
CA GLN B 516 -35.45 1.96 -22.81
C GLN B 516 -34.31 1.19 -22.15
N ASP B 517 -33.53 1.84 -21.30
CA ASP B 517 -32.45 1.16 -20.59
C ASP B 517 -32.96 0.12 -19.59
N ALA B 518 -34.24 0.21 -19.24
CA ALA B 518 -34.83 -0.71 -18.29
C ALA B 518 -34.80 -2.14 -18.80
N ILE B 519 -35.01 -2.34 -20.10
CA ILE B 519 -35.04 -3.69 -20.64
C ILE B 519 -33.71 -4.39 -20.43
N ALA B 520 -32.63 -3.72 -20.83
CA ALA B 520 -31.31 -4.31 -20.69
C ALA B 520 -30.95 -4.52 -19.22
N ASP B 521 -31.28 -3.54 -18.39
CA ASP B 521 -30.94 -3.65 -16.98
C ASP B 521 -31.67 -4.80 -16.31
N ILE B 522 -32.97 -4.95 -16.58
CA ILE B 522 -33.73 -6.05 -15.96
C ILE B 522 -33.25 -7.39 -16.47
N SER B 523 -32.86 -7.48 -17.74
CA SER B 523 -32.36 -8.75 -18.24
C SER B 523 -31.07 -9.12 -17.51
N LEU B 524 -30.16 -8.16 -17.36
CA LEU B 524 -28.90 -8.43 -16.67
C LEU B 524 -29.09 -8.72 -15.18
N ILE B 525 -30.11 -8.11 -14.56
CA ILE B 525 -30.42 -8.34 -13.15
C ILE B 525 -30.98 -9.73 -12.95
N GLU B 526 -31.88 -10.14 -13.83
CA GLU B 526 -32.47 -11.46 -13.79
C GLU B 526 -31.39 -12.51 -14.02
N ALA B 527 -30.35 -12.14 -14.79
CA ALA B 527 -29.21 -12.99 -15.13
C ALA B 527 -28.23 -13.22 -13.97
N LEU B 528 -28.36 -12.54 -12.83
CA LEU B 528 -27.39 -12.60 -11.75
C LEU B 528 -27.55 -13.88 -10.88
N GLN B 529 -26.53 -14.15 -10.04
CA GLN B 529 -26.58 -15.24 -9.07
C GLN B 529 -26.29 -14.67 -7.69
N ASP B 530 -26.16 -15.49 -6.64
CA ASP B 530 -25.83 -14.95 -5.32
C ASP B 530 -24.39 -14.50 -5.26
N ASP B 531 -24.17 -13.27 -4.81
CA ASP B 531 -22.84 -12.68 -4.71
C ASP B 531 -22.11 -12.79 -6.04
N SER B 532 -22.85 -12.69 -7.14
CA SER B 532 -22.23 -12.76 -8.45
C SER B 532 -21.77 -11.38 -8.89
N VAL B 533 -21.14 -11.32 -10.04
CA VAL B 533 -20.68 -10.06 -10.57
C VAL B 533 -20.73 -10.14 -12.08
N LYS B 534 -21.23 -9.09 -12.70
CA LYS B 534 -21.21 -8.99 -14.15
C LYS B 534 -20.75 -7.59 -14.48
N LEU B 535 -19.91 -7.48 -15.50
CA LEU B 535 -19.40 -6.19 -15.91
C LEU B 535 -19.63 -5.97 -17.39
N VAL B 536 -20.16 -4.79 -17.71
CA VAL B 536 -20.40 -4.40 -19.09
C VAL B 536 -19.73 -3.06 -19.37
N LEU B 537 -18.82 -3.06 -20.34
CA LEU B 537 -18.04 -1.87 -20.71
C LEU B 537 -18.44 -1.37 -22.09
N ALA B 538 -18.71 -0.06 -22.19
CA ALA B 538 -19.07 0.62 -23.42
C ALA B 538 -18.37 1.97 -23.43
N ASP B 539 -18.42 2.65 -24.57
CA ASP B 539 -17.80 3.95 -24.69
C ASP B 539 -18.86 5.04 -24.65
N THR B 540 -18.63 6.05 -23.81
CA THR B 540 -19.58 7.12 -23.62
C THR B 540 -19.57 8.04 -24.84
N ALA B 541 -20.33 9.13 -24.77
CA ALA B 541 -20.43 10.03 -25.90
C ALA B 541 -19.15 10.83 -26.20
N GLU B 542 -18.14 10.85 -25.34
CA GLU B 542 -16.95 11.67 -25.63
C GLU B 542 -15.71 10.83 -25.93
N ASP B 543 -14.57 11.52 -26.10
CA ASP B 543 -13.33 10.88 -26.53
C ASP B 543 -12.51 10.47 -25.31
N ARG B 544 -12.03 9.24 -25.34
CA ARG B 544 -11.13 8.68 -24.35
C ARG B 544 -11.78 8.72 -22.98
N VAL B 545 -13.09 8.55 -22.95
CA VAL B 545 -13.89 8.43 -21.74
C VAL B 545 -14.85 7.26 -21.95
N TRP B 546 -14.91 6.35 -21.00
CA TRP B 546 -15.66 5.10 -21.12
C TRP B 546 -16.64 4.97 -19.97
N LYS B 547 -17.78 4.33 -20.25
CA LYS B 547 -18.78 4.03 -19.23
C LYS B 547 -18.79 2.54 -18.92
N LEU B 548 -18.58 2.21 -17.64
CA LEU B 548 -18.53 0.86 -17.11
C LEU B 548 -19.61 0.61 -16.08
N THR B 549 -20.52 -0.31 -16.40
CA THR B 549 -21.59 -0.66 -15.48
C THR B 549 -21.25 -1.97 -14.79
N TRP B 550 -21.31 -1.94 -13.46
CA TRP B 550 -20.93 -3.04 -12.60
C TRP B 550 -22.15 -3.51 -11.83
N TYR B 551 -22.59 -4.73 -12.11
CA TYR B 551 -23.71 -5.34 -11.42
C TYR B 551 -23.15 -6.25 -10.34
N LEU B 552 -23.53 -5.96 -9.09
CA LEU B 552 -23.27 -6.79 -7.94
C LEU B 552 -24.55 -7.55 -7.60
N GLY B 553 -24.49 -8.86 -7.72
CA GLY B 553 -25.62 -9.74 -7.52
C GLY B 553 -25.81 -10.33 -6.14
N GLY B 554 -26.24 -9.54 -5.15
CA GLY B 554 -26.60 -10.11 -3.87
C GLY B 554 -26.19 -9.39 -2.60
N HIS B 555 -25.07 -8.69 -2.68
CA HIS B 555 -24.50 -7.99 -1.55
C HIS B 555 -23.92 -6.68 -2.02
N SER B 556 -24.09 -5.65 -1.20
CA SER B 556 -23.48 -4.40 -1.60
C SER B 556 -22.00 -4.44 -1.27
N ALA B 557 -21.26 -3.58 -1.96
CA ALA B 557 -19.82 -3.44 -1.77
C ALA B 557 -19.47 -1.97 -1.68
N SER B 558 -18.49 -1.68 -0.84
CA SER B 558 -18.10 -0.31 -0.63
C SER B 558 -17.31 0.23 -1.80
N LEU B 559 -17.27 1.57 -1.84
CA LEU B 559 -16.44 2.20 -2.83
C LEU B 559 -14.96 1.97 -2.53
N SER B 560 -14.64 1.83 -1.24
CA SER B 560 -13.27 1.70 -0.76
C SER B 560 -12.49 0.45 -1.19
N GLU B 561 -13.14 -0.64 -1.59
CA GLU B 561 -12.39 -1.80 -2.04
C GLU B 561 -12.42 -2.10 -3.53
N LEU B 562 -13.44 -1.68 -4.23
CA LEU B 562 -13.53 -2.00 -5.65
C LEU B 562 -12.59 -1.18 -6.54
N LEU B 563 -12.29 0.07 -6.19
CA LEU B 563 -11.46 0.85 -7.10
C LEU B 563 -10.00 0.45 -7.16
N PRO B 564 -9.36 0.05 -6.04
CA PRO B 564 -7.98 -0.41 -6.17
C PRO B 564 -7.87 -1.56 -7.13
N MSE B 565 -8.93 -2.35 -7.25
CA MSE B 565 -9.04 -3.32 -8.31
C MSE B 565 -8.97 -2.62 -9.66
O MSE B 565 -8.09 -2.88 -10.48
CB MSE B 565 -10.37 -4.10 -8.15
CG MSE B 565 -10.68 -4.51 -6.69
SE MSE B 565 -12.50 -5.20 -6.36
CE MSE B 565 -12.25 -5.83 -4.52
N LEU B 566 -9.90 -1.67 -9.86
CA LEU B 566 -9.97 -1.00 -11.16
C LEU B 566 -8.77 -0.10 -11.41
N GLN B 567 -8.19 0.48 -10.35
CA GLN B 567 -7.00 1.31 -10.55
C GLN B 567 -5.86 0.46 -11.08
N SER B 568 -5.75 -0.77 -10.60
CA SER B 568 -4.74 -1.68 -11.11
C SER B 568 -4.95 -2.06 -12.57
N MSE B 569 -5.84 -1.39 -13.29
CA MSE B 569 -6.03 -1.65 -14.72
C MSE B 569 -5.54 -0.48 -15.56
O MSE B 569 -5.88 -0.36 -16.72
CB MSE B 569 -7.49 -1.94 -15.00
CG MSE B 569 -8.03 -3.13 -14.25
SE MSE B 569 -6.98 -4.70 -14.65
CE MSE B 569 -7.13 -4.77 -16.60
N GLY B 570 -4.76 0.41 -14.93
CA GLY B 570 -4.17 1.56 -15.59
C GLY B 570 -5.12 2.60 -16.11
N VAL B 571 -6.40 2.46 -15.84
CA VAL B 571 -7.41 3.41 -16.29
C VAL B 571 -7.73 4.28 -15.09
N VAL B 572 -7.89 5.56 -15.31
CA VAL B 572 -8.25 6.46 -14.23
C VAL B 572 -9.77 6.45 -14.09
N VAL B 573 -10.26 6.14 -12.89
CA VAL B 573 -11.69 6.15 -12.63
C VAL B 573 -12.06 7.56 -12.26
N LEU B 574 -12.98 8.12 -13.01
CA LEU B 574 -13.38 9.51 -12.84
C LEU B 574 -14.56 9.66 -11.90
N GLU B 575 -15.58 8.84 -12.07
CA GLU B 575 -16.72 8.98 -11.19
C GLU B 575 -17.50 7.70 -11.16
N GLU B 576 -18.35 7.61 -10.16
CA GLU B 576 -19.22 6.49 -9.90
C GLU B 576 -20.56 7.01 -9.43
N ARG B 577 -21.62 6.28 -9.75
CA ARG B 577 -22.95 6.61 -9.26
C ARG B 577 -23.60 5.30 -8.86
N PRO B 578 -24.02 5.19 -7.58
CA PRO B 578 -24.63 3.94 -7.12
C PRO B 578 -26.14 3.87 -7.14
N PHE B 579 -26.63 2.63 -7.13
CA PHE B 579 -28.05 2.30 -7.01
C PHE B 579 -28.22 0.92 -6.37
N THR B 580 -29.34 0.72 -5.70
CA THR B 580 -29.72 -0.55 -5.10
C THR B 580 -31.17 -0.87 -5.45
N LEU B 581 -31.51 -2.16 -5.52
CA LEU B 581 -32.90 -2.52 -5.79
C LEU B 581 -33.17 -3.95 -5.39
N ARG B 582 -34.45 -4.32 -5.45
CA ARG B 582 -34.89 -5.66 -5.06
C ARG B 582 -35.40 -6.33 -6.34
N ARG B 583 -34.94 -7.56 -6.58
CA ARG B 583 -35.22 -8.37 -7.77
C ARG B 583 -36.62 -8.97 -7.81
N THR B 584 -36.87 -9.78 -8.84
CA THR B 584 -38.16 -10.46 -8.94
C THR B 584 -38.29 -11.52 -7.87
N ASP B 585 -37.17 -12.07 -7.43
CA ASP B 585 -37.11 -13.05 -6.36
C ASP B 585 -36.81 -12.46 -4.98
N GLY B 586 -36.79 -11.12 -4.85
CA GLY B 586 -36.45 -10.48 -3.58
C GLY B 586 -34.96 -10.32 -3.30
N LEU B 587 -34.10 -10.72 -4.23
CA LEU B 587 -32.65 -10.59 -4.06
C LEU B 587 -32.16 -9.16 -4.26
N PRO B 588 -31.53 -8.55 -3.27
CA PRO B 588 -31.07 -7.17 -3.46
C PRO B 588 -29.82 -7.16 -4.33
N VAL B 589 -29.85 -6.36 -5.39
CA VAL B 589 -28.75 -6.20 -6.34
C VAL B 589 -28.30 -4.74 -6.38
N TRP B 590 -26.97 -4.54 -6.42
CA TRP B 590 -26.39 -3.21 -6.47
C TRP B 590 -25.77 -2.94 -7.83
N ILE B 591 -25.86 -1.70 -8.29
CA ILE B 591 -25.29 -1.26 -9.55
C ILE B 591 -24.39 -0.05 -9.35
N TYR B 592 -23.22 -0.07 -9.98
CA TYR B 592 -22.26 1.01 -9.94
C TYR B 592 -21.92 1.43 -11.37
N GLN B 593 -22.28 2.68 -11.74
CA GLN B 593 -21.95 3.26 -13.04
C GLN B 593 -20.64 4.01 -12.93
N PHE B 594 -19.72 3.74 -13.85
CA PHE B 594 -18.40 4.31 -13.79
C PHE B 594 -18.15 5.13 -15.04
N LYS B 595 -17.90 6.42 -14.85
CA LYS B 595 -17.35 7.25 -15.92
C LYS B 595 -15.84 7.21 -15.70
N ILE B 596 -15.12 6.63 -16.63
CA ILE B 596 -13.69 6.39 -16.50
C ILE B 596 -12.97 6.91 -17.74
N SER B 597 -11.64 6.91 -17.66
CA SER B 597 -10.78 7.32 -18.77
C SER B 597 -9.47 6.58 -18.53
N PRO B 598 -8.83 6.08 -19.57
CA PRO B 598 -7.56 5.38 -19.40
C PRO B 598 -6.40 6.33 -19.21
N HIS B 599 -5.29 5.79 -18.73
CA HIS B 599 -4.09 6.59 -18.62
C HIS B 599 -3.70 6.95 -20.05
N PRO B 600 -3.14 8.13 -20.28
CA PRO B 600 -2.80 8.52 -21.66
C PRO B 600 -1.87 7.54 -22.35
N SER B 601 -1.03 6.84 -21.59
CA SER B 601 -0.14 5.89 -22.21
C SER B 601 -0.86 4.66 -22.74
N ILE B 602 -2.11 4.43 -22.35
CA ILE B 602 -2.84 3.23 -22.80
C ILE B 602 -3.22 3.39 -24.27
N PRO B 603 -2.96 2.38 -25.11
CA PRO B 603 -3.20 2.54 -26.55
C PRO B 603 -4.69 2.61 -26.89
N HIS B 604 -4.96 3.20 -28.04
CA HIS B 604 -6.32 3.32 -28.54
C HIS B 604 -6.78 2.00 -29.17
N ALA B 605 -7.99 2.00 -29.73
CA ALA B 605 -8.53 0.83 -30.39
C ALA B 605 -8.51 1.05 -31.89
N PRO B 606 -7.79 0.23 -32.65
CA PRO B 606 -7.80 0.39 -34.13
C PRO B 606 -9.15 0.12 -34.80
N ASP B 607 -10.07 -0.61 -34.19
CA ASP B 607 -11.38 -0.86 -34.81
C ASP B 607 -12.33 -1.24 -33.70
N ALA B 608 -13.62 -1.22 -34.01
CA ALA B 608 -14.60 -1.61 -33.00
C ALA B 608 -14.39 -3.06 -32.58
N GLU B 609 -13.86 -3.88 -33.49
CA GLU B 609 -13.52 -5.26 -33.14
C GLU B 609 -12.44 -5.33 -32.05
N ALA B 610 -11.40 -4.49 -32.16
CA ALA B 610 -10.34 -4.46 -31.14
C ALA B 610 -10.87 -4.00 -29.79
N GLN B 611 -11.74 -2.99 -29.80
CA GLN B 611 -12.34 -2.50 -28.57
C GLN B 611 -13.21 -3.56 -27.93
N ARG B 612 -13.95 -4.31 -28.74
CA ARG B 612 -14.78 -5.40 -28.23
C ARG B 612 -13.92 -6.47 -27.55
N ASP B 613 -12.83 -6.89 -28.19
CA ASP B 613 -11.96 -7.90 -27.57
C ASP B 613 -11.32 -7.38 -26.28
N THR B 614 -10.88 -6.12 -26.30
CA THR B 614 -10.27 -5.57 -25.10
C THR B 614 -11.27 -5.51 -23.96
N ALA B 615 -12.51 -5.12 -24.25
CA ALA B 615 -13.54 -5.06 -23.23
C ALA B 615 -13.87 -6.46 -22.69
N GLN B 616 -13.97 -7.46 -23.57
CA GLN B 616 -14.27 -8.80 -23.09
C GLN B 616 -13.16 -9.33 -22.17
N ARG B 617 -11.89 -9.14 -22.57
CA ARG B 617 -10.78 -9.59 -21.74
C ARG B 617 -10.77 -8.84 -20.42
N PHE B 618 -11.07 -7.55 -20.47
CA PHE B 618 -11.15 -6.75 -19.25
C PHE B 618 -12.21 -7.32 -18.32
N ALA B 619 -13.38 -7.65 -18.87
CA ALA B 619 -14.45 -8.18 -18.04
C ALA B 619 -14.00 -9.46 -17.38
N ASP B 620 -13.35 -10.34 -18.15
CA ASP B 620 -12.89 -11.58 -17.53
C ASP B 620 -11.91 -11.27 -16.41
N ALA B 621 -10.98 -10.35 -16.66
CA ALA B 621 -9.95 -10.04 -15.66
C ALA B 621 -10.52 -9.39 -14.43
N VAL B 622 -11.43 -8.46 -14.60
CA VAL B 622 -12.03 -7.81 -13.44
C VAL B 622 -12.90 -8.79 -12.67
N THR B 623 -13.60 -9.67 -13.38
CA THR B 623 -14.38 -10.68 -12.69
C THR B 623 -13.45 -11.55 -11.85
N ALA B 624 -12.30 -11.90 -12.39
CA ALA B 624 -11.33 -12.67 -11.64
C ALA B 624 -10.80 -11.89 -10.45
N ILE B 625 -10.58 -10.59 -10.61
CA ILE B 625 -10.13 -9.78 -9.49
C ILE B 625 -11.17 -9.77 -8.39
N TRP B 626 -12.44 -9.62 -8.74
CA TRP B 626 -13.47 -9.58 -7.70
C TRP B 626 -13.51 -10.88 -6.92
N HIS B 627 -13.43 -11.99 -7.62
CA HIS B 627 -13.49 -13.32 -7.03
C HIS B 627 -12.19 -13.75 -6.36
N GLY B 628 -11.17 -12.88 -6.29
CA GLY B 628 -9.93 -13.26 -5.62
C GLY B 628 -8.98 -14.17 -6.37
N ARG B 629 -9.13 -14.30 -7.69
CA ARG B 629 -8.27 -15.19 -8.48
C ARG B 629 -6.89 -14.63 -8.79
N VAL B 630 -6.64 -13.33 -8.61
CA VAL B 630 -5.32 -12.73 -8.84
C VAL B 630 -5.00 -11.78 -7.69
N GLU B 631 -3.83 -11.14 -7.78
CA GLU B 631 -3.39 -10.16 -6.80
C GLU B 631 -3.47 -8.79 -7.46
N ILE B 632 -3.54 -7.76 -6.62
CA ILE B 632 -3.74 -6.39 -7.07
C ILE B 632 -2.41 -5.64 -7.16
N ASP B 633 -1.91 -5.46 -8.39
CA ASP B 633 -0.75 -4.62 -8.62
C ASP B 633 -0.81 -4.16 -10.07
N ARG B 634 0.08 -3.25 -10.42
CA ARG B 634 0.05 -2.68 -11.76
C ARG B 634 0.49 -3.67 -12.83
N PHE B 635 0.96 -4.86 -12.46
CA PHE B 635 1.19 -5.92 -13.45
C PHE B 635 -0.07 -6.18 -14.26
N ASN B 636 -1.23 -6.08 -13.61
CA ASN B 636 -2.50 -6.27 -14.27
C ASN B 636 -2.68 -5.28 -15.40
N GLU B 637 -2.02 -4.12 -15.30
CA GLU B 637 -2.07 -3.10 -16.34
C GLU B 637 -1.63 -3.66 -17.68
N LEU B 638 -0.80 -4.71 -17.68
CA LEU B 638 -0.36 -5.27 -18.94
C LEU B 638 -1.54 -5.72 -19.80
N VAL B 639 -2.66 -6.10 -19.17
CA VAL B 639 -3.82 -6.50 -19.96
C VAL B 639 -4.22 -5.38 -20.90
N MSE B 640 -4.10 -4.14 -20.44
CA MSE B 640 -4.48 -2.93 -21.18
C MSE B 640 -3.40 -2.44 -22.11
O MSE B 640 -3.67 -1.62 -23.00
CB MSE B 640 -4.83 -1.81 -20.19
CG MSE B 640 -6.10 -2.02 -19.40
SE MSE B 640 -7.70 -2.00 -20.52
CE MSE B 640 -7.94 -3.93 -20.72
N ARG B 641 -2.17 -2.91 -21.92
CA ARG B 641 -1.05 -2.45 -22.71
C ARG B 641 -0.67 -3.44 -23.80
N ALA B 642 -0.41 -4.69 -23.42
CA ALA B 642 -0.04 -5.74 -24.35
C ALA B 642 -1.20 -6.59 -24.84
N GLY B 643 -2.44 -6.28 -24.46
CA GLY B 643 -3.51 -7.13 -24.94
C GLY B 643 -3.48 -8.56 -24.43
N LEU B 644 -3.20 -8.74 -23.15
CA LEU B 644 -3.10 -10.07 -22.57
C LEU B 644 -4.34 -10.40 -21.75
N THR B 645 -4.55 -11.70 -21.59
CA THR B 645 -5.55 -12.11 -20.61
C THR B 645 -4.93 -12.14 -19.23
N TRP B 646 -5.81 -12.23 -18.24
CA TRP B 646 -5.46 -12.18 -16.83
C TRP B 646 -4.63 -13.37 -16.37
N GLN B 647 -4.68 -14.46 -17.13
CA GLN B 647 -3.94 -15.67 -16.82
C GLN B 647 -2.45 -15.55 -17.18
N GLN B 648 -2.18 -14.90 -18.29
CA GLN B 648 -0.81 -14.57 -18.66
C GLN B 648 -0.20 -13.58 -17.67
N VAL B 649 -1.00 -12.62 -17.20
CA VAL B 649 -0.57 -11.72 -16.13
C VAL B 649 -0.27 -12.48 -14.86
N VAL B 650 -1.05 -13.53 -14.55
CA VAL B 650 -0.74 -14.33 -13.36
C VAL B 650 0.61 -15.02 -13.53
N VAL B 651 0.89 -15.51 -14.72
CA VAL B 651 2.18 -16.15 -14.97
C VAL B 651 3.33 -15.16 -14.75
N LEU B 652 3.18 -13.95 -15.31
CA LEU B 652 4.23 -12.94 -15.13
C LEU B 652 4.41 -12.56 -13.67
N ARG B 653 3.30 -12.42 -12.94
CA ARG B 653 3.38 -12.08 -11.53
C ARG B 653 4.07 -13.17 -10.74
N ALA B 654 3.79 -14.42 -11.07
CA ALA B 654 4.43 -15.52 -10.38
C ALA B 654 5.93 -15.51 -10.65
N TYR B 655 6.29 -15.22 -11.89
CA TYR B 655 7.71 -15.12 -12.19
C TYR B 655 8.35 -13.98 -11.41
N ALA B 656 7.63 -12.88 -11.25
CA ALA B 656 8.16 -11.79 -10.44
C ALA B 656 8.32 -12.20 -8.98
N LYS B 657 7.36 -12.94 -8.42
CA LYS B 657 7.53 -13.41 -7.04
C LYS B 657 8.72 -14.34 -6.89
N TYR B 658 8.90 -15.23 -7.85
CA TYR B 658 10.08 -16.09 -7.76
C TYR B 658 11.34 -15.25 -7.85
N LEU B 659 11.32 -14.22 -8.71
CA LEU B 659 12.44 -13.29 -8.81
C LEU B 659 12.72 -12.59 -7.50
N ARG B 660 11.67 -12.18 -6.80
CA ARG B 660 11.84 -11.57 -5.49
C ARG B 660 12.48 -12.53 -4.50
N GLN B 661 12.06 -13.80 -4.50
CA GLN B 661 12.68 -14.78 -3.61
C GLN B 661 14.14 -15.00 -3.93
N ALA B 662 14.49 -14.99 -5.22
CA ALA B 662 15.88 -15.14 -5.59
C ALA B 662 16.72 -13.94 -5.17
N GLY B 663 16.09 -12.79 -4.89
CA GLY B 663 16.84 -11.62 -4.49
C GLY B 663 17.16 -10.67 -5.63
N PHE B 664 16.21 -10.44 -6.54
CA PHE B 664 16.46 -9.49 -7.62
C PHE B 664 16.57 -8.07 -7.06
N PRO B 665 17.53 -7.26 -7.54
CA PRO B 665 17.66 -5.88 -7.04
C PRO B 665 16.48 -4.95 -7.31
N TYR B 666 16.01 -4.87 -8.55
CA TYR B 666 14.88 -4.00 -8.84
C TYR B 666 13.62 -4.50 -8.14
N SER B 667 12.86 -3.57 -7.58
CA SER B 667 11.71 -3.97 -6.79
C SER B 667 10.57 -4.41 -7.69
N GLN B 668 9.44 -4.73 -7.06
CA GLN B 668 8.28 -5.13 -7.83
C GLN B 668 7.71 -3.96 -8.60
N SER B 669 7.76 -2.77 -8.00
CA SER B 669 7.26 -1.60 -8.69
C SER B 669 8.08 -1.29 -9.93
N HIS B 670 9.39 -1.35 -9.80
CA HIS B 670 10.26 -1.12 -10.94
C HIS B 670 10.08 -2.20 -11.99
N ILE B 671 9.89 -3.45 -11.55
CA ILE B 671 9.73 -4.56 -12.49
C ILE B 671 8.45 -4.39 -13.32
N GLU B 672 7.35 -4.06 -12.65
CA GLU B 672 6.12 -3.89 -13.40
C GLU B 672 6.20 -2.68 -14.31
N SER B 673 6.93 -1.65 -13.88
CA SER B 673 7.13 -0.49 -14.76
C SER B 673 7.92 -0.88 -16.00
N VAL B 674 8.94 -1.71 -15.85
CA VAL B 674 9.72 -2.15 -17.01
C VAL B 674 8.82 -2.93 -17.95
N LEU B 675 7.99 -3.83 -17.41
CA LEU B 675 7.11 -4.61 -18.28
C LEU B 675 6.08 -3.72 -18.95
N ASN B 676 5.69 -2.64 -18.29
CA ASN B 676 4.71 -1.73 -18.84
C ASN B 676 5.31 -0.87 -19.94
N GLU B 677 6.55 -0.42 -19.77
CA GLU B 677 7.19 0.44 -20.76
C GLU B 677 7.64 -0.30 -22.01
N ASN B 678 7.57 -1.63 -22.03
CA ASN B 678 7.93 -2.39 -23.22
C ASN B 678 6.79 -3.37 -23.50
N PRO B 679 5.63 -2.85 -23.90
CA PRO B 679 4.49 -3.74 -24.14
C PRO B 679 4.71 -4.66 -25.32
N HIS B 680 5.43 -4.22 -26.34
CA HIS B 680 5.70 -5.08 -27.47
C HIS B 680 6.56 -6.25 -27.00
N THR B 681 7.57 -5.94 -26.18
CA THR B 681 8.48 -6.94 -25.63
C THR B 681 7.77 -7.85 -24.65
N THR B 682 6.83 -7.30 -23.87
CA THR B 682 6.06 -8.15 -22.97
C THR B 682 5.22 -9.14 -23.77
N ARG B 683 4.62 -8.68 -24.86
CA ARG B 683 3.87 -9.56 -25.75
C ARG B 683 4.78 -10.63 -26.34
N SER B 684 6.00 -10.26 -26.71
CA SER B 684 6.93 -11.24 -27.24
C SER B 684 7.28 -12.28 -26.18
N LEU B 685 7.44 -11.85 -24.93
CA LEU B 685 7.74 -12.78 -23.84
C LEU B 685 6.60 -13.77 -23.66
N ILE B 686 5.38 -13.25 -23.70
CA ILE B 686 4.21 -14.10 -23.55
C ILE B 686 4.12 -15.09 -24.71
N ASP B 687 4.43 -14.63 -25.92
CA ASP B 687 4.42 -15.53 -27.07
C ASP B 687 5.45 -16.65 -26.93
N LEU B 688 6.65 -16.32 -26.45
CA LEU B 688 7.67 -17.33 -26.25
C LEU B 688 7.23 -18.39 -25.24
N PHE B 689 6.69 -17.94 -24.10
CA PHE B 689 6.23 -18.88 -23.10
C PHE B 689 5.14 -19.78 -23.67
N GLU B 690 4.19 -19.17 -24.39
CA GLU B 690 3.05 -19.91 -24.94
C GLU B 690 3.54 -20.97 -25.92
N ALA B 691 4.52 -20.62 -26.76
CA ALA B 691 5.09 -21.60 -27.66
C ALA B 691 5.79 -22.71 -26.89
N LEU B 692 6.46 -22.35 -25.78
CA LEU B 692 7.19 -23.35 -24.99
C LEU B 692 6.30 -24.41 -24.35
N PHE B 693 5.17 -24.02 -23.77
CA PHE B 693 4.50 -24.97 -22.88
C PHE B 693 3.10 -25.40 -23.28
N ASP B 694 2.56 -24.88 -24.36
CA ASP B 694 1.25 -25.32 -24.78
C ASP B 694 1.26 -26.71 -25.40
N PRO B 695 0.55 -27.68 -24.84
CA PRO B 695 0.50 -28.99 -25.49
C PRO B 695 -0.11 -28.87 -26.88
N SER B 696 -1.07 -27.96 -27.08
CA SER B 696 -1.66 -27.82 -28.40
C SER B 696 -0.64 -27.35 -29.44
N GLN B 697 0.42 -26.64 -29.01
CA GLN B 697 1.51 -26.31 -29.95
C GLN B 697 2.16 -27.56 -30.52
N GLU B 698 2.30 -28.60 -29.69
CA GLU B 698 2.83 -29.86 -30.19
C GLU B 698 1.88 -30.50 -31.21
N THR B 699 0.58 -30.15 -31.16
CA THR B 699 -0.41 -30.54 -32.14
C THR B 699 -0.52 -29.53 -33.30
N ASP B 700 0.23 -28.43 -33.25
CA ASP B 700 0.22 -27.38 -34.29
C ASP B 700 1.45 -27.40 -35.20
N GLY B 701 1.98 -28.56 -35.58
CA GLY B 701 3.16 -28.54 -36.41
C GLY B 701 4.44 -28.18 -35.66
N ARG B 702 5.35 -27.54 -36.39
CA ARG B 702 6.61 -27.13 -35.78
C ARG B 702 6.31 -26.13 -34.69
N ARG B 703 6.96 -26.28 -33.55
CA ARG B 703 6.67 -25.36 -32.46
C ARG B 703 7.19 -24.01 -32.89
N ASP B 704 6.45 -22.95 -32.56
CA ASP B 704 6.98 -21.65 -32.94
C ASP B 704 8.04 -21.25 -31.91
N ALA B 705 9.15 -21.97 -31.98
CA ALA B 705 10.24 -21.70 -31.07
C ALA B 705 11.06 -20.54 -31.59
N GLN B 706 11.58 -20.70 -32.81
CA GLN B 706 12.48 -19.69 -33.36
C GLN B 706 11.77 -18.35 -33.53
N GLY B 707 10.49 -18.37 -33.91
CA GLY B 707 9.81 -17.10 -34.09
C GLY B 707 9.69 -16.31 -32.81
N ALA B 708 9.16 -16.95 -31.77
CA ALA B 708 9.01 -16.29 -30.48
C ALA B 708 10.35 -15.96 -29.83
N ALA B 709 11.30 -16.87 -29.91
CA ALA B 709 12.60 -16.64 -29.31
C ALA B 709 13.31 -15.46 -29.98
N ALA B 710 13.21 -15.38 -31.31
CA ALA B 710 13.85 -14.28 -32.05
C ALA B 710 13.17 -12.96 -31.77
N ALA B 711 11.84 -12.96 -31.63
CA ALA B 711 11.17 -11.71 -31.26
C ALA B 711 11.67 -11.22 -29.91
N VAL B 712 11.78 -12.14 -28.95
CA VAL B 712 12.27 -11.77 -27.62
C VAL B 712 13.70 -11.25 -27.68
N ALA B 713 14.56 -11.92 -28.45
CA ALA B 713 15.96 -11.50 -28.52
C ALA B 713 16.12 -10.15 -29.19
N ALA B 714 15.39 -9.91 -30.28
CA ALA B 714 15.47 -8.61 -30.95
C ALA B 714 14.93 -7.49 -30.06
N ASP B 715 13.86 -7.78 -29.32
CA ASP B 715 13.40 -6.81 -28.35
C ASP B 715 14.41 -6.59 -27.24
N ILE B 716 15.15 -7.63 -26.87
CA ILE B 716 16.19 -7.47 -25.85
C ILE B 716 17.27 -6.54 -26.36
N ASP B 717 17.68 -6.72 -27.62
CA ASP B 717 18.72 -5.89 -28.19
C ASP B 717 18.27 -4.44 -28.27
N ALA B 718 16.99 -4.23 -28.62
CA ALA B 718 16.48 -2.88 -28.81
C ALA B 718 16.58 -2.04 -27.54
N LEU B 719 16.63 -2.68 -26.38
CA LEU B 719 16.64 -1.93 -25.14
C LEU B 719 17.92 -1.12 -25.02
N VAL B 720 17.76 0.10 -24.53
CA VAL B 720 18.88 0.97 -24.24
C VAL B 720 19.09 1.13 -22.75
N SER B 721 18.00 1.31 -21.99
CA SER B 721 18.08 1.53 -20.55
C SER B 721 18.64 0.30 -19.86
N LEU B 722 19.51 0.54 -18.86
CA LEU B 722 20.23 -0.55 -18.20
C LEU B 722 19.33 -1.36 -17.28
N ASP B 723 18.48 -0.69 -16.51
CA ASP B 723 17.60 -1.40 -15.60
C ASP B 723 16.62 -2.27 -16.36
N THR B 724 16.05 -1.71 -17.43
CA THR B 724 15.14 -2.45 -18.29
C THR B 724 15.86 -3.64 -18.91
N ASP B 725 17.08 -3.43 -19.41
CA ASP B 725 17.86 -4.51 -20.04
C ASP B 725 18.14 -5.65 -19.06
N ARG B 726 18.55 -5.32 -17.83
CA ARG B 726 18.81 -6.38 -16.87
C ARG B 726 17.54 -7.12 -16.50
N VAL B 727 16.45 -6.38 -16.30
CA VAL B 727 15.18 -7.00 -15.94
C VAL B 727 14.69 -7.93 -17.02
N LEU B 728 14.72 -7.49 -18.26
CA LEU B 728 14.21 -8.34 -19.32
C LEU B 728 15.10 -9.55 -19.58
N ARG B 729 16.44 -9.42 -19.45
CA ARG B 729 17.26 -10.63 -19.57
C ARG B 729 16.95 -11.58 -18.42
N ALA B 730 16.72 -11.06 -17.22
CA ALA B 730 16.36 -11.93 -16.11
C ALA B 730 15.04 -12.64 -16.40
N PHE B 731 14.07 -11.91 -16.96
CA PHE B 731 12.80 -12.52 -17.31
C PHE B 731 12.98 -13.60 -18.38
N ALA B 732 13.79 -13.32 -19.38
CA ALA B 732 14.07 -14.30 -20.44
C ALA B 732 14.76 -15.53 -19.86
N ASN B 733 15.67 -15.31 -18.92
CA ASN B 733 16.37 -16.42 -18.27
C ASN B 733 15.39 -17.28 -17.48
N LEU B 734 14.42 -16.67 -16.82
CA LEU B 734 13.41 -17.47 -16.13
C LEU B 734 12.58 -18.29 -17.10
N ILE B 735 12.23 -17.69 -18.24
CA ILE B 735 11.47 -18.44 -19.24
C ILE B 735 12.29 -19.62 -19.73
N GLU B 736 13.57 -19.39 -19.98
CA GLU B 736 14.45 -20.45 -20.47
C GLU B 736 14.63 -21.53 -19.42
N ALA B 737 14.72 -21.14 -18.15
CA ALA B 737 14.98 -22.05 -17.05
C ALA B 737 13.79 -22.90 -16.66
N THR B 738 12.57 -22.52 -17.06
CA THR B 738 11.41 -23.30 -16.69
C THR B 738 11.46 -24.68 -17.31
N LEU B 739 11.31 -25.71 -16.48
CA LEU B 739 11.32 -27.09 -17.00
C LEU B 739 9.93 -27.69 -17.19
N ARG B 740 8.99 -27.40 -16.30
CA ARG B 740 7.64 -27.95 -16.39
C ARG B 740 6.65 -26.91 -15.91
N THR B 741 5.40 -27.04 -16.35
CA THR B 741 4.34 -26.19 -15.82
C THR B 741 2.98 -26.87 -15.88
N ASN B 742 2.12 -26.44 -14.96
CA ASN B 742 0.74 -26.91 -14.89
C ASN B 742 -0.24 -25.88 -15.40
N TYR B 743 0.20 -24.99 -16.28
CA TYR B 743 -0.71 -23.98 -16.78
C TYR B 743 -1.77 -24.60 -17.66
N PHE B 744 -1.50 -25.79 -18.18
CA PHE B 744 -2.33 -26.38 -19.20
C PHE B 744 -3.04 -27.63 -18.73
N VAL B 745 -2.96 -27.99 -17.47
CA VAL B 745 -3.67 -29.15 -16.98
C VAL B 745 -5.08 -28.73 -16.61
N ALA B 746 -6.06 -29.51 -17.04
CA ALA B 746 -7.45 -29.14 -16.89
C ALA B 746 -8.27 -30.21 -16.17
N ARG B 747 -7.61 -31.23 -15.62
CA ARG B 747 -8.36 -32.25 -14.91
C ARG B 747 -8.81 -31.64 -13.57
N PRO B 748 -10.03 -31.92 -13.13
CA PRO B 748 -10.58 -31.18 -11.97
C PRO B 748 -9.83 -31.30 -10.66
N ASP B 749 -9.19 -32.44 -10.35
CA ASP B 749 -8.54 -32.58 -9.05
C ASP B 749 -7.20 -31.86 -8.95
N SER B 750 -6.67 -31.32 -10.04
CA SER B 750 -5.37 -30.66 -9.96
C SER B 750 -5.47 -29.33 -9.20
N ALA B 751 -4.30 -28.84 -8.79
CA ALA B 751 -4.16 -27.54 -8.16
C ALA B 751 -4.34 -26.38 -9.13
N ARG B 752 -4.15 -26.59 -10.42
CA ARG B 752 -4.41 -25.53 -11.39
C ARG B 752 -5.87 -25.11 -11.35
N ALA B 753 -6.78 -26.07 -11.19
CA ALA B 753 -8.19 -25.73 -11.05
C ALA B 753 -8.47 -24.87 -9.81
N ARG B 754 -7.67 -25.01 -8.75
CA ARG B 754 -7.84 -24.13 -7.59
C ARG B 754 -6.99 -22.86 -7.67
N ASN B 755 -6.60 -22.44 -8.89
CA ASN B 755 -5.86 -21.18 -9.11
C ASN B 755 -4.50 -21.20 -8.43
N VAL B 756 -3.76 -22.27 -8.69
CA VAL B 756 -2.41 -22.44 -8.18
C VAL B 756 -1.51 -22.75 -9.36
N LEU B 757 -0.42 -22.00 -9.48
CA LEU B 757 0.50 -22.17 -10.60
C LEU B 757 1.81 -22.76 -10.09
N ALA B 758 2.33 -23.72 -10.83
CA ALA B 758 3.55 -24.42 -10.45
C ALA B 758 4.57 -24.29 -11.58
N PHE B 759 5.80 -24.02 -11.21
CA PHE B 759 6.91 -23.93 -12.14
C PHE B 759 8.04 -24.85 -11.67
N LYS B 760 8.31 -25.93 -12.40
CA LYS B 760 9.50 -26.71 -12.13
C LYS B 760 10.63 -26.15 -12.98
N LEU B 761 11.67 -25.68 -12.32
CA LEU B 761 12.76 -24.90 -12.89
C LEU B 761 14.10 -25.57 -12.65
N ASN B 762 15.04 -25.27 -13.56
CA ASN B 762 16.42 -25.67 -13.43
C ASN B 762 17.17 -24.50 -12.83
N PRO B 763 17.43 -24.49 -11.52
CA PRO B 763 18.08 -23.33 -10.91
C PRO B 763 19.52 -23.19 -11.34
N LEU B 764 20.07 -24.21 -11.97
CA LEU B 764 21.47 -24.21 -12.36
C LEU B 764 21.74 -23.19 -13.46
N VAL B 765 20.74 -22.88 -14.28
CA VAL B 765 20.92 -22.01 -15.42
C VAL B 765 20.37 -20.61 -15.18
N ILE B 766 19.84 -20.35 -13.99
CA ILE B 766 19.30 -19.02 -13.67
C ILE B 766 20.44 -18.10 -13.25
N LYS B 767 20.60 -16.98 -13.97
CA LYS B 767 21.72 -16.08 -13.73
C LYS B 767 21.65 -15.42 -12.36
N GLU B 768 20.45 -14.99 -11.96
CA GLU B 768 20.28 -14.14 -10.78
C GLU B 768 20.12 -14.94 -9.49
N LEU B 769 20.20 -16.25 -9.54
CA LEU B 769 19.99 -17.03 -8.32
C LEU B 769 21.26 -17.07 -7.48
N PRO B 770 21.17 -16.82 -6.18
CA PRO B 770 22.33 -16.99 -5.34
C PRO B 770 22.62 -18.47 -5.20
N LEU B 771 23.85 -18.75 -4.89
CA LEU B 771 24.33 -20.09 -4.65
C LEU B 771 23.91 -20.58 -3.28
N PRO B 772 23.74 -21.89 -3.11
CA PRO B 772 23.89 -22.95 -4.11
C PRO B 772 22.69 -23.13 -5.04
N ARG B 773 22.93 -23.64 -6.25
CA ARG B 773 21.84 -23.87 -7.18
C ARG B 773 21.38 -25.32 -7.06
N PRO B 774 20.14 -25.56 -6.69
CA PRO B 774 19.62 -26.93 -6.63
C PRO B 774 19.53 -27.60 -7.99
N LYS B 775 19.55 -28.94 -7.95
CA LYS B 775 19.38 -29.73 -9.17
C LYS B 775 18.03 -29.45 -9.81
N PHE B 776 16.98 -29.37 -8.99
CA PHE B 776 15.66 -29.05 -9.49
C PHE B 776 14.99 -28.15 -8.47
N GLU B 777 14.07 -27.31 -8.92
CA GLU B 777 13.31 -26.53 -7.97
C GLU B 777 11.89 -26.48 -8.48
N ILE B 778 10.94 -26.38 -7.57
CA ILE B 778 9.57 -26.14 -7.96
C ILE B 778 9.06 -24.94 -7.17
N PHE B 779 8.51 -23.96 -7.88
CA PHE B 779 7.90 -22.76 -7.28
C PHE B 779 6.39 -22.75 -7.46
N VAL B 780 5.68 -22.62 -6.34
CA VAL B 780 4.23 -22.62 -6.28
C VAL B 780 3.72 -21.24 -5.88
N TYR B 781 2.91 -20.65 -6.76
CA TYR B 781 2.30 -19.33 -6.55
C TYR B 781 0.79 -19.40 -6.46
N SER B 782 0.28 -18.64 -5.51
CA SER B 782 -1.16 -18.44 -5.35
C SER B 782 -1.35 -17.17 -4.56
N PRO B 783 -2.50 -16.51 -4.71
CA PRO B 783 -2.81 -15.35 -3.85
C PRO B 783 -2.91 -15.72 -2.37
N ARG B 784 -3.18 -16.98 -2.03
CA ARG B 784 -3.32 -17.42 -0.65
C ARG B 784 -2.04 -18.03 -0.14
N VAL B 785 -1.37 -18.80 -0.98
CA VAL B 785 -0.20 -19.55 -0.56
C VAL B 785 0.94 -19.27 -1.52
N GLU B 786 2.17 -19.38 -1.00
CA GLU B 786 3.38 -19.26 -1.81
C GLU B 786 4.43 -20.20 -1.25
N GLY B 787 4.94 -21.12 -2.06
CA GLY B 787 5.86 -22.11 -1.55
C GLY B 787 6.96 -22.40 -2.54
N VAL B 788 8.06 -22.93 -2.00
CA VAL B 788 9.18 -23.42 -2.80
C VAL B 788 9.60 -24.82 -2.37
N HIS B 789 10.23 -25.52 -3.30
CA HIS B 789 10.81 -26.82 -3.02
C HIS B 789 12.08 -26.99 -3.83
N LEU B 790 13.19 -27.08 -3.12
CA LEU B 790 14.50 -27.18 -3.74
C LEU B 790 14.97 -28.62 -3.54
N ARG B 791 15.45 -29.24 -4.63
CA ARG B 791 15.95 -30.60 -4.59
C ARG B 791 17.35 -30.63 -5.16
N PHE B 792 18.28 -31.24 -4.46
CA PHE B 792 19.62 -31.34 -4.99
C PHE B 792 19.79 -32.61 -5.82
N GLY B 793 18.77 -33.46 -5.90
CA GLY B 793 18.90 -34.67 -6.70
C GLY B 793 17.57 -35.31 -7.01
N PHE B 794 17.66 -36.34 -7.86
CA PHE B 794 16.48 -37.09 -8.25
C PHE B 794 15.85 -37.80 -7.07
N VAL B 795 16.67 -38.41 -6.24
CA VAL B 795 16.23 -39.12 -5.06
C VAL B 795 16.60 -38.26 -3.85
N ALA B 796 15.64 -37.50 -3.32
CA ALA B 796 15.93 -36.55 -2.27
C ALA B 796 14.89 -36.60 -1.14
N ARG B 797 15.32 -36.17 0.05
CA ARG B 797 14.56 -36.18 1.29
C ARG B 797 14.80 -34.90 2.07
N GLY B 798 13.78 -34.47 2.80
CA GLY B 798 13.89 -33.29 3.65
C GLY B 798 12.58 -32.97 4.31
N GLY B 799 12.65 -32.05 5.26
CA GLY B 799 11.48 -31.65 6.02
C GLY B 799 10.78 -30.46 5.39
N LEU B 800 9.48 -30.35 5.63
CA LEU B 800 8.70 -29.25 5.06
C LEU B 800 8.47 -28.19 6.12
N ARG B 801 9.14 -27.05 5.98
CA ARG B 801 8.99 -25.97 6.95
C ARG B 801 7.74 -25.15 6.65
N TRP B 802 6.90 -24.97 7.66
CA TRP B 802 5.85 -23.97 7.62
C TRP B 802 6.54 -22.70 8.08
N SER B 803 7.02 -21.94 7.14
CA SER B 803 7.86 -20.80 7.47
C SER B 803 6.96 -19.59 7.70
N ASP B 804 7.50 -18.65 8.47
CA ASP B 804 6.88 -17.36 8.69
C ASP B 804 7.67 -16.24 8.03
N ARG B 805 8.69 -16.61 7.24
CA ARG B 805 9.50 -15.66 6.51
C ARG B 805 8.97 -15.55 5.08
N ARG B 806 7.80 -14.91 4.96
CA ARG B 806 7.15 -14.79 3.66
C ARG B 806 7.91 -13.84 2.77
N GLU B 807 8.71 -12.95 3.37
CA GLU B 807 9.54 -12.03 2.61
C GLU B 807 10.61 -12.79 1.82
N ASP B 808 11.28 -13.75 2.45
CA ASP B 808 12.22 -14.60 1.73
C ASP B 808 12.26 -15.92 2.47
N PHE B 809 11.47 -16.84 1.98
CA PHE B 809 11.52 -18.19 2.48
C PHE B 809 12.45 -19.03 1.64
N ARG B 810 12.71 -18.61 0.41
CA ARG B 810 13.69 -19.32 -0.39
C ARG B 810 15.03 -19.23 0.28
N THR B 811 15.28 -18.10 0.95
CA THR B 811 16.49 -17.93 1.73
C THR B 811 16.55 -18.92 2.90
N GLU B 812 15.43 -19.10 3.61
CA GLU B 812 15.41 -20.06 4.70
C GLU B 812 15.63 -21.48 4.20
N ILE B 813 14.94 -21.84 3.11
CA ILE B 813 15.04 -23.18 2.56
C ILE B 813 16.45 -23.44 2.05
N LEU B 814 17.04 -22.46 1.37
CA LEU B 814 18.40 -22.63 0.87
C LEU B 814 19.40 -22.68 2.02
N GLY B 815 19.10 -22.00 3.14
CA GLY B 815 19.95 -22.13 4.31
C GLY B 815 19.89 -23.50 4.95
N LEU B 816 18.70 -24.09 5.02
CA LEU B 816 18.53 -25.39 5.67
C LEU B 816 18.85 -26.60 4.77
N VAL B 817 18.96 -26.40 3.45
CA VAL B 817 19.17 -27.55 2.57
C VAL B 817 20.53 -28.21 2.78
N LYS B 818 21.58 -27.43 3.11
CA LYS B 818 22.88 -28.07 3.32
C LYS B 818 22.88 -28.95 4.57
N ALA B 819 22.32 -28.46 5.68
CA ALA B 819 22.21 -29.29 6.87
C ALA B 819 21.33 -30.52 6.67
N GLN B 820 20.21 -30.37 5.94
CA GLN B 820 19.37 -31.53 5.67
C GLN B 820 20.13 -32.57 4.83
N ALA B 821 20.92 -32.10 3.84
CA ALA B 821 21.71 -33.00 3.00
C ALA B 821 22.75 -33.74 3.83
N VAL B 822 23.36 -33.03 4.80
CA VAL B 822 24.32 -33.66 5.69
C VAL B 822 23.62 -34.74 6.52
N LYS B 823 22.36 -34.50 6.91
CA LYS B 823 21.68 -35.52 7.68
C LYS B 823 21.54 -36.78 6.84
N ASN B 824 21.47 -36.61 5.52
CA ASN B 824 21.21 -37.71 4.60
C ASN B 824 22.48 -38.31 4.04
N ALA B 825 23.59 -38.14 4.74
CA ALA B 825 24.84 -38.67 4.21
C ALA B 825 24.81 -40.19 4.17
N VAL B 826 24.22 -40.80 5.21
CA VAL B 826 24.21 -42.26 5.36
C VAL B 826 23.03 -42.93 4.69
N ILE B 827 22.02 -42.18 4.27
CA ILE B 827 20.83 -42.77 3.70
C ILE B 827 20.87 -42.64 2.19
N VAL B 828 19.95 -43.35 1.52
CA VAL B 828 20.00 -43.44 0.06
C VAL B 828 19.79 -42.08 -0.59
N PRO B 829 18.76 -41.31 -0.28
CA PRO B 829 18.55 -40.05 -1.00
C PRO B 829 19.50 -38.95 -0.54
N VAL B 830 19.47 -37.86 -1.30
CA VAL B 830 20.28 -36.66 -1.05
C VAL B 830 19.35 -35.54 -0.58
N GLY B 831 19.92 -34.39 -0.23
CA GLY B 831 19.14 -33.32 0.35
C GLY B 831 18.05 -32.68 -0.50
N ALA B 832 16.88 -32.49 0.11
CA ALA B 832 15.79 -31.70 -0.44
C ALA B 832 15.15 -30.94 0.71
N LYS B 833 14.44 -29.86 0.38
CA LYS B 833 13.81 -29.07 1.43
C LYS B 833 12.67 -28.26 0.83
N GLY B 834 11.53 -28.22 1.53
CA GLY B 834 10.40 -27.45 1.06
C GLY B 834 9.94 -26.49 2.14
N GLY B 835 9.18 -25.49 1.70
CA GLY B 835 8.64 -24.48 2.60
C GLY B 835 7.53 -23.63 2.02
N PHE B 836 6.45 -23.45 2.77
CA PHE B 836 5.32 -22.66 2.30
C PHE B 836 4.95 -21.59 3.31
N VAL B 837 4.44 -20.47 2.79
CA VAL B 837 3.93 -19.37 3.60
C VAL B 837 2.49 -19.10 3.17
N VAL B 838 1.62 -18.81 4.13
CA VAL B 838 0.25 -18.37 3.85
C VAL B 838 0.21 -16.87 3.63
N LYS B 839 -0.52 -16.43 2.61
CA LYS B 839 -0.57 -15.00 2.30
C LYS B 839 -1.92 -14.39 2.63
N ARG B 840 -2.92 -15.21 2.95
CA ARG B 840 -4.24 -14.74 3.35
C ARG B 840 -4.67 -15.43 4.63
N PRO B 841 -4.03 -15.10 5.75
CA PRO B 841 -4.46 -15.68 7.01
C PRO B 841 -5.82 -15.15 7.40
N PRO B 842 -6.64 -15.95 8.07
CA PRO B 842 -7.98 -15.49 8.44
C PRO B 842 -7.94 -14.27 9.36
N THR B 843 -9.02 -13.50 9.31
CA THR B 843 -9.25 -12.47 10.29
C THR B 843 -9.50 -13.09 11.66
N LEU B 844 -9.05 -12.40 12.71
CA LEU B 844 -9.11 -12.92 14.07
C LEU B 844 -10.41 -12.50 14.76
N THR B 845 -11.06 -13.44 15.42
CA THR B 845 -12.30 -13.18 16.13
C THR B 845 -12.10 -12.69 17.56
N GLY B 846 -10.86 -12.53 18.01
CA GLY B 846 -10.60 -12.16 19.40
C GLY B 846 -10.70 -13.35 20.32
N ASP B 847 -11.54 -14.32 19.94
CA ASP B 847 -11.65 -15.58 20.67
C ASP B 847 -10.35 -16.36 20.51
N ALA B 848 -9.63 -16.56 21.61
CA ALA B 848 -8.34 -17.24 21.54
C ALA B 848 -8.45 -18.66 21.01
N ALA B 849 -9.66 -19.25 21.00
CA ALA B 849 -9.84 -20.65 20.62
C ALA B 849 -10.20 -20.82 19.15
N ALA B 850 -11.31 -20.22 18.72
CA ALA B 850 -11.73 -20.36 17.33
C ALA B 850 -10.70 -19.80 16.37
N ASP B 851 -9.88 -18.84 16.83
CA ASP B 851 -8.85 -18.25 15.98
C ASP B 851 -7.73 -19.25 15.71
N ARG B 852 -7.21 -19.89 16.77
CA ARG B 852 -6.15 -20.88 16.57
C ARG B 852 -6.66 -22.07 15.77
N GLU B 853 -7.92 -22.44 15.98
CA GLU B 853 -8.54 -23.52 15.20
C GLU B 853 -8.51 -23.19 13.71
N ALA B 854 -9.01 -22.00 13.35
CA ALA B 854 -8.99 -21.59 11.96
C ALA B 854 -7.56 -21.41 11.46
N THR B 855 -6.73 -20.73 12.24
CA THR B 855 -5.32 -20.57 11.89
C THR B 855 -4.70 -21.93 11.59
N ARG B 856 -5.05 -22.94 12.39
CA ARG B 856 -4.65 -24.29 12.06
C ARG B 856 -5.29 -24.75 10.75
N ALA B 857 -6.61 -24.60 10.61
CA ALA B 857 -7.28 -25.07 9.40
C ALA B 857 -6.84 -24.31 8.16
N GLU B 858 -6.52 -23.02 8.27
CA GLU B 858 -6.02 -22.29 7.11
C GLU B 858 -4.68 -22.86 6.70
N GLY B 859 -3.82 -23.15 7.68
CA GLY B 859 -2.55 -23.77 7.40
C GLY B 859 -2.70 -25.16 6.80
N VAL B 860 -3.73 -25.89 7.21
CA VAL B 860 -3.98 -27.20 6.61
C VAL B 860 -4.38 -27.03 5.16
N GLU B 861 -5.28 -26.07 4.87
CA GLU B 861 -5.71 -25.86 3.50
C GLU B 861 -4.57 -25.40 2.62
N CYS B 862 -3.76 -24.47 3.11
CA CYS B 862 -2.59 -24.03 2.34
C CYS B 862 -1.54 -25.12 2.22
N TYR B 863 -1.37 -25.95 3.24
CA TYR B 863 -0.45 -27.08 3.10
C TYR B 863 -0.93 -28.00 2.00
N ARG B 864 -2.25 -28.23 1.95
CA ARG B 864 -2.85 -29.01 0.88
C ARG B 864 -2.65 -28.36 -0.47
N LEU B 865 -2.80 -27.05 -0.54
CA LEU B 865 -2.65 -26.35 -1.81
C LEU B 865 -1.21 -26.43 -2.31
N PHE B 866 -0.24 -26.26 -1.41
CA PHE B 866 1.17 -26.29 -1.78
C PHE B 866 1.55 -27.65 -2.30
N ILE B 867 1.12 -28.70 -1.61
CA ILE B 867 1.47 -30.03 -2.08
C ILE B 867 0.73 -30.38 -3.39
N SER B 868 -0.53 -29.97 -3.54
CA SER B 868 -1.24 -30.22 -4.79
C SER B 868 -0.59 -29.54 -5.98
N GLY B 869 -0.15 -28.29 -5.80
CA GLY B 869 0.57 -27.63 -6.86
C GLY B 869 1.86 -28.34 -7.18
N LEU B 870 2.49 -28.88 -6.15
CA LEU B 870 3.70 -29.67 -6.37
C LEU B 870 3.42 -30.91 -7.23
N LEU B 871 2.30 -31.59 -6.98
CA LEU B 871 1.99 -32.82 -7.71
C LEU B 871 1.37 -32.59 -9.07
N ASP B 872 1.00 -31.35 -9.39
CA ASP B 872 0.46 -31.12 -10.72
C ASP B 872 1.51 -31.32 -11.83
N VAL B 873 2.78 -31.02 -11.56
CA VAL B 873 3.83 -31.16 -12.56
C VAL B 873 4.69 -32.40 -12.35
N THR B 874 4.70 -32.98 -11.16
CA THR B 874 5.53 -34.13 -10.84
C THR B 874 5.07 -35.40 -11.54
N ASP B 875 6.03 -36.19 -12.02
CA ASP B 875 5.73 -37.45 -12.70
C ASP B 875 5.21 -38.47 -11.70
N ASN B 876 4.54 -39.49 -12.24
CA ASN B 876 4.02 -40.59 -11.46
C ASN B 876 4.71 -41.87 -11.90
N VAL B 877 4.68 -42.86 -11.03
CA VAL B 877 5.21 -44.18 -11.32
C VAL B 877 4.09 -45.20 -11.33
N ASP B 878 3.96 -45.94 -12.43
CA ASP B 878 2.96 -46.99 -12.53
C ASP B 878 3.67 -48.33 -12.63
N LYS B 879 3.37 -49.26 -11.72
CA LYS B 879 3.98 -50.58 -11.79
C LYS B 879 3.23 -51.53 -12.72
N ALA B 880 2.16 -51.04 -13.37
CA ALA B 880 1.49 -51.80 -14.42
C ALA B 880 2.41 -52.08 -15.60
N THR B 881 3.20 -51.10 -15.99
CA THR B 881 4.22 -51.30 -17.00
C THR B 881 5.62 -51.00 -16.47
N GLY B 882 5.73 -50.40 -15.29
CA GLY B 882 7.01 -50.07 -14.71
C GLY B 882 7.57 -48.73 -15.15
N ALA B 883 6.91 -48.01 -16.06
CA ALA B 883 7.51 -46.78 -16.56
C ALA B 883 7.03 -45.58 -15.77
N VAL B 884 7.67 -44.45 -16.07
CA VAL B 884 7.41 -43.16 -15.44
C VAL B 884 6.53 -42.35 -16.37
N VAL B 885 5.44 -41.82 -15.84
CA VAL B 885 4.47 -41.11 -16.65
C VAL B 885 4.57 -39.61 -16.35
N THR B 886 4.61 -38.81 -17.43
CA THR B 886 4.57 -37.34 -17.42
C THR B 886 3.12 -36.90 -17.28
N PRO B 887 2.82 -35.88 -16.48
CA PRO B 887 1.43 -35.44 -16.35
C PRO B 887 0.85 -35.06 -17.69
N PRO B 888 -0.39 -35.43 -17.95
CA PRO B 888 -0.99 -35.06 -19.25
C PRO B 888 -1.18 -33.56 -19.27
N GLU B 889 -1.13 -32.98 -20.46
CA GLU B 889 -1.31 -31.54 -20.61
C GLU B 889 -0.23 -30.80 -19.82
N VAL B 890 0.93 -31.44 -19.69
CA VAL B 890 2.11 -30.85 -19.11
C VAL B 890 3.25 -31.13 -20.07
N VAL B 891 3.89 -30.08 -20.51
CA VAL B 891 4.97 -30.19 -21.48
C VAL B 891 6.25 -30.16 -20.66
N ARG B 892 7.00 -31.25 -20.74
CA ARG B 892 8.24 -31.41 -19.99
C ARG B 892 9.44 -31.03 -20.84
N ARG B 893 10.27 -30.13 -20.30
CA ARG B 893 11.56 -29.85 -20.91
C ARG B 893 12.70 -30.66 -20.28
N ASP B 894 12.47 -31.25 -19.09
CA ASP B 894 13.44 -32.12 -18.46
C ASP B 894 13.18 -33.58 -18.83
N GLY B 895 13.80 -34.46 -18.07
CA GLY B 895 13.65 -35.88 -18.30
C GLY B 895 12.47 -36.40 -17.52
N GLU B 896 12.74 -37.43 -16.73
CA GLU B 896 11.76 -38.12 -15.90
C GLU B 896 12.17 -37.97 -14.45
N ASP B 897 11.23 -37.58 -13.60
CA ASP B 897 11.56 -37.30 -12.20
C ASP B 897 10.35 -37.64 -11.35
N ALA B 898 10.42 -38.74 -10.63
CA ALA B 898 9.29 -39.22 -9.86
C ALA B 898 9.49 -39.32 -8.37
N TYR B 899 10.73 -39.44 -7.88
CA TYR B 899 10.92 -39.61 -6.44
C TYR B 899 10.67 -38.31 -5.71
N LEU B 900 9.79 -38.36 -4.72
CA LEU B 900 9.55 -37.22 -3.82
C LEU B 900 8.87 -37.69 -2.55
N VAL B 901 9.53 -37.51 -1.39
CA VAL B 901 8.98 -37.89 -0.09
C VAL B 901 8.97 -36.64 0.77
N VAL B 902 8.12 -36.64 1.79
CA VAL B 902 7.97 -35.46 2.65
C VAL B 902 8.17 -35.82 4.11
N ALA B 903 9.02 -35.06 4.79
CA ALA B 903 9.19 -35.21 6.22
C ALA B 903 8.65 -33.97 6.93
N ALA B 904 8.32 -34.17 8.20
CA ALA B 904 7.81 -33.13 9.09
C ALA B 904 8.90 -32.13 9.48
N ASP B 905 8.46 -30.94 9.85
CA ASP B 905 9.39 -29.90 10.29
C ASP B 905 8.65 -29.07 11.34
N LYS B 906 9.13 -27.85 11.62
CA LYS B 906 8.65 -27.14 12.80
C LYS B 906 7.14 -26.90 12.72
N GLY B 907 6.60 -26.81 11.50
CA GLY B 907 5.18 -26.65 11.27
C GLY B 907 4.47 -27.80 10.60
N THR B 908 5.12 -28.95 10.40
CA THR B 908 4.55 -30.02 9.60
C THR B 908 4.40 -31.25 10.47
N ALA B 909 4.35 -31.03 11.79
CA ALA B 909 4.35 -32.13 12.75
C ALA B 909 3.13 -33.04 12.61
N THR B 910 1.93 -32.47 12.47
CA THR B 910 0.74 -33.29 12.42
C THR B 910 0.18 -33.41 11.01
N PHE B 911 0.92 -32.96 10.01
CA PHE B 911 0.42 -32.93 8.66
C PHE B 911 0.79 -34.16 7.85
N SER B 912 1.45 -35.12 8.47
CA SER B 912 1.89 -36.28 7.72
C SER B 912 0.69 -37.05 7.20
N ASP B 913 -0.34 -37.16 8.03
CA ASP B 913 -1.55 -37.88 7.64
C ASP B 913 -2.29 -37.16 6.52
N ILE B 914 -2.35 -35.84 6.61
CA ILE B 914 -2.98 -35.05 5.54
C ILE B 914 -2.19 -35.23 4.27
N ALA B 915 -0.87 -35.24 4.38
CA ALA B 915 -0.02 -35.44 3.22
C ALA B 915 -0.29 -36.81 2.60
N ASN B 916 -0.49 -37.82 3.43
CA ASN B 916 -0.77 -39.14 2.88
C ASN B 916 -2.09 -39.16 2.12
N GLU B 917 -3.10 -38.47 2.64
CA GLU B 917 -4.36 -38.38 1.91
C GLU B 917 -4.21 -37.65 0.58
N VAL B 918 -3.47 -36.55 0.59
CA VAL B 918 -3.25 -35.77 -0.63
C VAL B 918 -2.48 -36.59 -1.67
N ALA B 919 -1.47 -37.32 -1.23
CA ALA B 919 -0.73 -38.14 -2.18
C ALA B 919 -1.66 -39.17 -2.79
N LYS B 920 -2.58 -39.71 -1.99
CA LYS B 920 -3.55 -40.67 -2.50
C LYS B 920 -4.52 -40.03 -3.51
N SER B 921 -4.94 -38.76 -3.30
CA SER B 921 -5.85 -38.11 -4.25
C SER B 921 -5.27 -37.96 -5.66
N TYR B 922 -3.99 -37.62 -5.77
CA TYR B 922 -3.35 -37.59 -7.08
C TYR B 922 -3.10 -38.98 -7.64
N GLY B 923 -3.31 -40.01 -6.83
CA GLY B 923 -2.96 -41.36 -7.20
C GLY B 923 -1.47 -41.58 -7.30
N PHE B 924 -0.70 -40.97 -6.39
CA PHE B 924 0.74 -41.14 -6.39
C PHE B 924 1.12 -42.54 -5.89
N TRP B 925 2.18 -43.08 -6.48
CA TRP B 925 2.57 -44.47 -6.22
C TRP B 925 3.11 -44.70 -4.82
N LEU B 926 3.75 -43.71 -4.20
CA LEU B 926 4.38 -43.94 -2.91
C LEU B 926 3.39 -44.22 -1.79
N GLY B 927 2.14 -43.84 -1.96
CA GLY B 927 1.17 -44.19 -0.93
C GLY B 927 1.59 -43.56 0.38
N ASP B 928 1.58 -44.36 1.44
CA ASP B 928 1.93 -43.93 2.78
C ASP B 928 3.43 -43.70 2.99
N ALA B 929 4.27 -44.07 2.03
CA ALA B 929 5.68 -43.74 2.16
C ALA B 929 5.96 -42.32 1.74
N PHE B 930 4.95 -41.64 1.22
CA PHE B 930 5.09 -40.26 0.80
C PHE B 930 5.48 -39.38 1.98
N ALA B 931 4.85 -39.61 3.12
CA ALA B 931 5.15 -38.97 4.38
C ALA B 931 5.62 -39.98 5.40
N SER B 932 6.66 -39.63 6.13
CA SER B 932 7.31 -40.59 7.03
C SER B 932 6.42 -40.69 8.25
N GLY B 933 5.79 -41.85 8.42
CA GLY B 933 5.00 -42.10 9.60
C GLY B 933 3.58 -41.63 9.34
N GLY B 934 3.01 -40.92 10.31
CA GLY B 934 1.65 -40.43 10.29
C GLY B 934 0.66 -41.46 10.79
N SER B 935 0.28 -42.43 9.95
CA SER B 935 -0.66 -43.45 10.40
C SER B 935 -0.24 -44.86 9.99
N ILE B 936 0.51 -45.02 8.92
CA ILE B 936 0.98 -46.32 8.51
C ILE B 936 2.49 -46.14 8.41
N GLY B 937 3.23 -46.90 9.19
CA GLY B 937 4.67 -46.77 9.23
C GLY B 937 5.16 -47.17 10.59
N TYR B 938 5.95 -46.32 11.23
CA TYR B 938 6.51 -46.69 12.53
C TYR B 938 6.17 -45.68 13.61
N ASP B 939 5.82 -46.21 14.77
CA ASP B 939 5.64 -45.45 16.01
C ASP B 939 7.04 -45.25 16.58
N HIS B 940 7.67 -44.13 16.20
CA HIS B 940 9.04 -43.86 16.60
C HIS B 940 9.20 -43.74 18.12
N LYS B 941 8.16 -43.31 18.83
CA LYS B 941 8.22 -43.30 20.29
C LYS B 941 8.36 -44.70 20.86
N ALA B 942 7.62 -45.67 20.30
CA ALA B 942 7.76 -47.08 20.71
C ALA B 942 9.14 -47.62 20.36
N MSE B 943 9.53 -47.53 19.10
CA MSE B 943 10.82 -48.04 18.67
C MSE B 943 11.95 -47.40 19.45
O MSE B 943 12.85 -48.09 19.93
CB MSE B 943 11.05 -47.79 17.20
CG MSE B 943 9.89 -48.11 16.32
SE MSE B 943 10.44 -47.50 14.60
CE MSE B 943 11.98 -48.67 14.39
N GLY B 944 11.89 -46.08 19.56
CA GLY B 944 12.99 -45.35 20.18
C GLY B 944 14.27 -45.48 19.40
N ILE B 945 14.18 -45.39 18.07
CA ILE B 945 15.35 -45.66 17.23
C ILE B 945 16.39 -44.57 17.38
N THR B 946 15.95 -43.32 17.49
CA THR B 946 16.90 -42.22 17.64
C THR B 946 17.67 -42.31 18.94
N ALA B 947 16.99 -42.64 20.04
CA ALA B 947 17.69 -42.74 21.32
C ALA B 947 18.74 -43.84 21.30
N LYS B 948 18.43 -45.00 20.72
CA LYS B 948 19.43 -46.07 20.63
C LYS B 948 20.54 -45.71 19.64
N GLY B 949 20.22 -45.05 18.54
CA GLY B 949 21.24 -44.63 17.62
C GLY B 949 22.22 -43.69 18.28
N ALA B 950 21.71 -42.75 19.09
CA ALA B 950 22.58 -41.86 19.85
C ALA B 950 23.26 -42.58 21.01
N TRP B 951 22.62 -43.61 21.57
CA TRP B 951 23.23 -44.43 22.62
C TRP B 951 24.41 -45.23 22.11
N GLU B 952 24.43 -45.59 20.83
CA GLU B 952 25.63 -46.22 20.27
C GLU B 952 26.83 -45.27 20.37
N SER B 953 26.63 -44.00 20.01
CA SER B 953 27.69 -43.00 20.15
C SER B 953 28.08 -42.79 21.61
N VAL B 954 27.08 -42.72 22.51
CA VAL B 954 27.39 -42.54 23.93
C VAL B 954 28.23 -43.71 24.44
N LYS B 955 27.84 -44.93 24.06
CA LYS B 955 28.57 -46.12 24.49
C LYS B 955 29.98 -46.14 23.90
N ARG B 956 30.13 -45.74 22.64
CA ARG B 956 31.47 -45.69 22.06
C ARG B 956 32.34 -44.66 22.76
N HIS B 957 31.78 -43.47 23.06
CA HIS B 957 32.53 -42.44 23.77
C HIS B 957 32.93 -42.92 25.16
N PHE B 958 32.01 -43.56 25.87
CA PHE B 958 32.27 -44.07 27.20
C PHE B 958 33.27 -45.23 27.16
N ARG B 959 33.23 -46.04 26.10
CA ARG B 959 34.22 -47.09 25.92
C ARG B 959 35.59 -46.49 25.72
N GLU B 960 35.70 -45.42 24.92
CA GLU B 960 36.96 -44.72 24.83
C GLU B 960 37.33 -44.10 26.17
N MSE B 961 36.31 -43.81 26.98
CA MSE B 961 36.47 -43.35 28.36
C MSE B 961 36.84 -44.54 29.26
O MSE B 961 37.30 -44.38 30.38
CB MSE B 961 35.19 -42.67 28.85
CG MSE B 961 35.38 -41.74 30.01
SE MSE B 961 36.24 -40.10 29.47
CE MSE B 961 34.69 -39.00 29.12
N GLY B 962 36.61 -45.75 28.74
CA GLY B 962 36.89 -46.97 29.45
C GLY B 962 35.75 -47.52 30.29
N VAL B 963 34.57 -46.90 30.21
CA VAL B 963 33.43 -47.30 31.02
C VAL B 963 32.44 -48.06 30.14
N ASP B 964 31.61 -48.89 30.77
CA ASP B 964 30.51 -49.59 30.12
C ASP B 964 29.20 -49.21 30.80
N THR B 965 28.33 -48.52 30.08
CA THR B 965 27.08 -48.00 30.61
C THR B 965 26.15 -49.12 31.06
N GLN B 966 26.20 -50.28 30.40
CA GLN B 966 25.22 -51.33 30.68
C GLN B 966 25.47 -52.03 32.02
N THR B 967 26.64 -51.83 32.65
CA THR B 967 26.94 -52.51 33.91
C THR B 967 27.47 -51.61 35.03
N GLN B 968 27.86 -50.37 34.75
CA GLN B 968 28.47 -49.50 35.76
C GLN B 968 27.64 -48.26 35.95
N ASP B 969 27.43 -47.88 37.21
CA ASP B 969 26.68 -46.69 37.52
C ASP B 969 27.41 -45.48 36.93
N PHE B 970 26.65 -44.63 36.24
CA PHE B 970 27.17 -43.39 35.70
C PHE B 970 26.11 -42.31 35.84
N THR B 971 26.56 -41.07 35.98
CA THR B 971 25.68 -39.96 36.28
C THR B 971 25.34 -39.18 35.02
N VAL B 972 24.09 -38.73 34.96
CA VAL B 972 23.53 -38.11 33.77
C VAL B 972 22.86 -36.81 34.14
N VAL B 973 23.05 -35.79 33.30
CA VAL B 973 22.20 -34.60 33.28
C VAL B 973 21.47 -34.60 31.94
N GLY B 974 20.15 -34.41 31.97
CA GLY B 974 19.33 -34.57 30.78
C GLY B 974 18.49 -33.34 30.46
N ILE B 975 18.08 -33.24 29.19
CA ILE B 975 17.19 -32.19 28.72
C ILE B 975 15.90 -32.82 28.19
N GLY B 976 14.79 -32.52 28.85
CA GLY B 976 13.51 -33.07 28.46
C GLY B 976 12.79 -33.74 29.61
N ASP B 977 11.76 -34.48 29.26
CA ASP B 977 10.94 -35.19 30.23
C ASP B 977 10.65 -36.59 29.73
N MSE B 978 10.04 -37.39 30.61
CA MSE B 978 9.70 -38.79 30.33
C MSE B 978 8.43 -38.94 29.50
O MSE B 978 7.83 -40.02 29.45
CB MSE B 978 9.54 -39.57 31.64
CG MSE B 978 10.76 -39.59 32.53
SE MSE B 978 12.33 -40.28 31.64
CE MSE B 978 11.69 -42.07 31.19
N SER B 979 8.02 -37.86 28.85
CA SER B 979 6.90 -37.92 27.91
C SER B 979 7.32 -37.71 26.47
N GLY B 980 8.52 -37.19 26.22
CA GLY B 980 9.01 -37.11 24.86
C GLY B 980 9.65 -38.41 24.41
N ASP B 981 9.76 -38.56 23.08
CA ASP B 981 10.33 -39.77 22.50
C ASP B 981 11.79 -39.96 22.88
N VAL B 982 12.62 -38.94 22.63
CA VAL B 982 14.06 -39.08 22.77
C VAL B 982 14.47 -39.26 24.23
N PHE B 983 14.10 -38.30 25.07
CA PHE B 983 14.51 -38.36 26.48
C PHE B 983 13.94 -39.59 27.17
N GLY B 984 12.65 -39.87 26.96
CA GLY B 984 12.02 -41.00 27.61
C GLY B 984 12.61 -42.33 27.19
N ASN B 985 12.90 -42.48 25.88
CA ASN B 985 13.44 -43.74 25.39
C ASN B 985 14.90 -43.91 25.75
N GLY B 986 15.67 -42.83 25.82
CA GLY B 986 17.09 -42.96 26.12
C GLY B 986 17.40 -43.12 27.59
N MSE B 987 16.61 -42.52 28.49
CA MSE B 987 16.97 -42.57 29.91
C MSE B 987 16.62 -43.88 30.62
O MSE B 987 16.91 -44.05 31.80
CB MSE B 987 16.32 -41.38 30.64
CG MSE B 987 17.07 -40.06 30.45
SE MSE B 987 18.70 -39.98 31.51
CE MSE B 987 17.91 -40.47 33.21
N LEU B 988 16.00 -44.81 29.90
CA LEU B 988 15.70 -46.15 30.40
C LEU B 988 16.63 -47.21 29.82
N LEU B 989 17.65 -46.81 29.07
CA LEU B 989 18.53 -47.74 28.39
C LEU B 989 19.57 -48.36 29.31
N SER B 990 19.67 -47.90 30.55
CA SER B 990 20.54 -48.53 31.53
C SER B 990 19.89 -48.44 32.89
N LYS B 991 20.00 -49.52 33.65
CA LYS B 991 19.50 -49.53 35.02
C LYS B 991 20.54 -49.02 35.98
N HIS B 992 21.71 -48.64 35.45
CA HIS B 992 22.77 -48.02 36.20
C HIS B 992 22.79 -46.52 36.01
N ILE B 993 21.78 -45.98 35.32
CA ILE B 993 21.68 -44.54 35.14
C ILE B 993 21.35 -43.88 36.47
N ARG B 994 22.17 -42.91 36.87
CA ARG B 994 21.91 -42.04 38.01
C ARG B 994 21.62 -40.63 37.49
N LEU B 995 20.34 -40.30 37.36
CA LEU B 995 19.93 -38.99 36.85
C LEU B 995 20.07 -37.97 37.95
N VAL B 996 21.16 -37.19 37.92
CA VAL B 996 21.42 -36.25 39.02
C VAL B 996 20.64 -34.94 38.88
N ALA B 997 20.41 -34.46 37.66
CA ALA B 997 19.69 -33.21 37.44
C ALA B 997 19.01 -33.25 36.08
N ALA B 998 17.89 -32.55 35.96
CA ALA B 998 17.21 -32.47 34.66
C ALA B 998 16.22 -31.33 34.62
N PHE B 999 16.41 -30.38 33.69
CA PHE B 999 15.42 -29.32 33.53
C PHE B 999 14.56 -29.64 32.31
N ASP B 1000 13.54 -28.82 32.11
CA ASP B 1000 12.53 -29.10 31.09
C ASP B 1000 12.06 -27.76 30.55
N HIS B 1001 10.97 -27.79 29.80
CA HIS B 1001 10.29 -26.55 29.48
C HIS B 1001 9.41 -26.07 30.62
N ARG B 1002 9.17 -26.92 31.62
CA ARG B 1002 8.16 -26.69 32.65
C ARG B 1002 8.68 -26.81 34.07
N ASP B 1003 9.61 -27.72 34.33
CA ASP B 1003 9.99 -28.05 35.70
C ASP B 1003 11.47 -28.44 35.73
N ILE B 1004 12.01 -28.49 36.94
CA ILE B 1004 13.40 -28.83 37.22
C ILE B 1004 13.40 -29.96 38.24
N PHE B 1005 14.24 -30.97 38.00
CA PHE B 1005 14.37 -32.17 38.81
C PHE B 1005 15.77 -32.20 39.38
N LEU B 1006 15.88 -32.34 40.71
CA LEU B 1006 17.20 -32.36 41.35
C LEU B 1006 17.26 -33.60 42.23
N ASP B 1007 18.06 -34.57 41.82
CA ASP B 1007 18.27 -35.79 42.59
C ASP B 1007 19.73 -35.78 42.98
N PRO B 1008 20.09 -35.38 44.21
CA PRO B 1008 21.51 -35.14 44.49
C PRO B 1008 22.30 -36.43 44.51
N ASN B 1009 21.73 -37.50 45.10
CA ASN B 1009 22.37 -38.80 45.19
C ASN B 1009 21.40 -39.83 44.62
N PRO B 1010 21.27 -39.89 43.29
CA PRO B 1010 20.26 -40.75 42.68
C PRO B 1010 20.59 -42.23 42.85
N ASP B 1011 19.55 -43.03 42.89
CA ASP B 1011 19.76 -44.47 42.87
C ASP B 1011 19.89 -44.97 41.43
N ALA B 1012 20.01 -46.28 41.29
CA ALA B 1012 20.10 -46.92 39.99
C ALA B 1012 18.87 -47.78 39.75
N GLY B 1013 18.61 -48.77 40.61
CA GLY B 1013 17.44 -49.60 40.39
C GLY B 1013 16.16 -48.82 40.63
N ARG B 1014 16.07 -48.12 41.77
CA ARG B 1014 14.89 -47.33 42.12
C ARG B 1014 14.71 -46.11 41.21
N SER B 1015 15.81 -45.43 40.85
CA SER B 1015 15.70 -44.30 39.93
C SER B 1015 15.18 -44.80 38.57
N TRP B 1016 15.70 -45.95 38.10
CA TRP B 1016 15.21 -46.55 36.86
C TRP B 1016 13.73 -46.93 36.94
N ASP B 1017 13.31 -47.51 38.06
CA ASP B 1017 11.90 -47.88 38.20
C ASP B 1017 10.98 -46.64 38.17
N GLU B 1018 11.36 -45.56 38.85
CA GLU B 1018 10.56 -44.34 38.83
C GLU B 1018 10.55 -43.71 37.44
N ARG B 1019 11.70 -43.74 36.76
CA ARG B 1019 11.79 -43.23 35.40
C ARG B 1019 10.91 -44.06 34.45
N LYS B 1020 10.89 -45.38 34.63
CA LYS B 1020 10.02 -46.26 33.84
C LYS B 1020 8.55 -45.96 34.10
N ARG B 1021 8.19 -45.73 35.37
CA ARG B 1021 6.82 -45.40 35.72
C ARG B 1021 6.40 -44.08 35.08
N LEU B 1022 7.30 -43.09 35.07
CA LEU B 1022 6.99 -41.83 34.39
C LEU B 1022 6.86 -42.04 32.88
N PHE B 1023 7.70 -42.89 32.28
CA PHE B 1023 7.61 -43.10 30.83
C PHE B 1023 6.32 -43.82 30.42
N ASP B 1024 5.84 -44.75 31.25
CA ASP B 1024 4.64 -45.48 30.83
C ASP B 1024 3.42 -44.57 30.77
N LEU B 1025 3.40 -43.46 31.51
CA LEU B 1025 2.25 -42.59 31.50
C LEU B 1025 2.09 -41.95 30.12
N PRO B 1026 0.86 -41.73 29.67
CA PRO B 1026 0.65 -41.07 28.37
C PRO B 1026 1.21 -39.68 28.35
N ARG B 1027 1.13 -38.99 29.48
CA ARG B 1027 1.71 -37.68 29.66
C ARG B 1027 1.97 -37.47 31.14
N SER B 1028 3.03 -36.75 31.43
CA SER B 1028 3.46 -36.52 32.79
C SER B 1028 4.43 -35.35 32.76
N SER B 1029 4.90 -34.94 33.93
CA SER B 1029 5.96 -33.93 34.01
C SER B 1029 6.87 -34.31 35.16
N TRP B 1030 7.85 -33.43 35.45
CA TRP B 1030 8.74 -33.70 36.58
C TRP B 1030 8.00 -33.57 37.90
N ALA B 1031 6.84 -32.93 37.92
CA ALA B 1031 6.13 -32.87 39.18
C ALA B 1031 5.54 -34.23 39.50
N ASP B 1032 5.51 -35.15 38.53
CA ASP B 1032 5.05 -36.51 38.75
C ASP B 1032 6.11 -37.44 39.30
N TYR B 1033 7.36 -36.97 39.44
CA TYR B 1033 8.36 -37.82 40.06
C TYR B 1033 7.98 -37.98 41.51
N ASP B 1034 8.08 -39.20 42.02
CA ASP B 1034 7.78 -39.37 43.43
C ASP B 1034 8.80 -38.57 44.23
N LYS B 1035 8.32 -37.80 45.20
CA LYS B 1035 9.23 -36.97 45.98
C LYS B 1035 9.74 -37.72 47.19
N SER B 1036 9.36 -38.99 47.33
CA SER B 1036 9.95 -39.90 48.30
C SER B 1036 11.08 -40.72 47.68
N LEU B 1037 11.13 -40.83 46.35
CA LEU B 1037 12.25 -41.47 45.67
C LEU B 1037 13.30 -40.43 45.30
N ILE B 1038 13.02 -39.17 45.58
CA ILE B 1038 13.99 -38.11 45.37
C ILE B 1038 14.99 -38.23 46.50
N SER B 1039 16.26 -38.02 46.18
CA SER B 1039 17.26 -38.10 47.24
C SER B 1039 17.11 -36.93 48.21
N GLU B 1040 17.68 -37.10 49.39
CA GLU B 1040 17.60 -36.06 50.40
C GLU B 1040 18.28 -34.82 49.87
N GLY B 1041 17.59 -33.69 50.00
CA GLY B 1041 18.09 -32.45 49.47
C GLY B 1041 17.63 -32.22 48.05
N GLY B 1042 17.02 -33.23 47.43
CA GLY B 1042 16.53 -33.10 46.08
C GLY B 1042 15.08 -32.66 46.10
N GLY B 1043 14.49 -32.58 44.93
CA GLY B 1043 13.10 -32.18 44.86
C GLY B 1043 12.71 -31.84 43.44
N VAL B 1044 11.41 -31.58 43.29
CA VAL B 1044 10.86 -31.11 42.03
C VAL B 1044 10.51 -29.65 42.23
N TYR B 1045 11.10 -28.79 41.38
CA TYR B 1045 10.88 -27.35 41.45
C TYR B 1045 10.31 -26.87 40.10
N SER B 1046 9.80 -25.64 40.08
CA SER B 1046 9.19 -25.10 38.86
C SER B 1046 10.12 -24.10 38.17
N ARG B 1047 10.14 -24.11 36.83
CA ARG B 1047 10.94 -23.11 36.10
C ARG B 1047 10.30 -21.72 36.07
N GLN B 1048 9.07 -21.57 36.57
CA GLN B 1048 8.36 -20.30 36.59
C GLN B 1048 8.45 -19.62 37.94
N GLN B 1049 9.28 -20.14 38.84
CA GLN B 1049 9.46 -19.55 40.15
C GLN B 1049 10.40 -18.37 40.08
N LYS B 1050 10.36 -17.58 41.15
CA LYS B 1050 11.24 -16.44 41.27
C LYS B 1050 12.64 -16.94 41.57
N SER B 1051 12.75 -17.97 42.41
CA SER B 1051 14.02 -18.62 42.73
C SER B 1051 13.76 -20.00 43.31
N ILE B 1052 14.80 -20.83 43.29
CA ILE B 1052 14.73 -22.22 43.73
C ILE B 1052 15.81 -22.41 44.79
N PRO B 1053 15.46 -22.87 45.98
CA PRO B 1053 16.48 -23.15 46.99
C PRO B 1053 17.42 -24.29 46.60
N ILE B 1054 18.66 -24.19 47.10
CA ILE B 1054 19.72 -25.10 46.73
C ILE B 1054 20.05 -25.86 48.00
N SER B 1055 20.01 -27.14 47.90
CA SER B 1055 20.38 -27.96 49.03
C SER B 1055 21.90 -28.12 49.07
N PRO B 1056 22.47 -28.36 50.24
CA PRO B 1056 23.89 -28.70 50.25
C PRO B 1056 24.15 -29.90 49.36
N GLN B 1057 23.25 -30.90 49.35
CA GLN B 1057 23.48 -32.07 48.49
C GLN B 1057 23.40 -31.68 47.02
N VAL B 1058 22.47 -30.78 46.67
CA VAL B 1058 22.33 -30.35 45.27
C VAL B 1058 23.56 -29.57 44.82
N ARG B 1059 24.06 -28.68 45.68
CA ARG B 1059 25.25 -27.92 45.37
C ARG B 1059 26.58 -28.64 45.18
N THR B 1060 26.87 -29.60 46.06
CA THR B 1060 28.11 -30.36 45.98
C THR B 1060 28.17 -31.25 44.74
N ALA B 1061 27.05 -31.88 44.41
CA ALA B 1061 26.97 -32.74 43.25
C ALA B 1061 27.27 -32.04 41.93
N LEU B 1062 26.61 -30.90 41.73
CA LEU B 1062 26.84 -30.08 40.55
C LEU B 1062 28.15 -29.25 40.49
N GLY B 1063 28.67 -29.02 41.69
CA GLY B 1063 29.93 -28.30 41.84
C GLY B 1063 29.99 -26.82 41.49
N LEU B 1064 29.46 -25.98 42.34
CA LEU B 1064 29.48 -24.53 42.11
C LEU B 1064 30.26 -23.88 43.25
N ASP B 1065 30.20 -22.55 43.30
CA ASP B 1065 30.78 -21.86 44.45
C ASP B 1065 30.03 -22.26 45.70
N ALA B 1066 30.80 -22.49 46.77
CA ALA B 1066 30.33 -23.12 47.99
C ALA B 1066 29.32 -22.29 48.74
N ASP B 1067 29.11 -21.02 48.37
CA ASP B 1067 28.23 -20.20 49.18
C ASP B 1067 26.78 -20.22 48.70
N VAL B 1068 26.49 -20.76 47.51
CA VAL B 1068 25.14 -20.58 47.01
C VAL B 1068 24.19 -21.35 47.90
N GLU B 1069 23.07 -20.74 48.21
CA GLU B 1069 22.02 -21.34 48.98
C GLU B 1069 20.69 -21.03 48.34
N GLU B 1070 20.71 -20.39 47.18
CA GLU B 1070 19.57 -20.12 46.34
C GLU B 1070 20.08 -19.58 45.01
N LEU B 1071 19.36 -19.94 43.95
CA LEU B 1071 19.69 -19.58 42.58
C LEU B 1071 18.42 -19.22 41.83
N THR B 1072 18.60 -18.54 40.67
CA THR B 1072 17.47 -18.27 39.79
C THR B 1072 17.32 -19.37 38.74
N PRO B 1073 16.10 -19.62 38.25
CA PRO B 1073 15.89 -20.73 37.27
C PRO B 1073 16.80 -20.59 36.07
N PRO B 1074 17.03 -19.37 35.55
CA PRO B 1074 17.96 -19.26 34.42
C PRO B 1074 19.37 -19.68 34.81
N ALA B 1075 19.85 -19.21 35.95
CA ALA B 1075 21.18 -19.61 36.40
C ALA B 1075 21.23 -21.09 36.75
N LEU B 1076 20.13 -21.67 37.28
CA LEU B 1076 20.10 -23.12 37.51
C LEU B 1076 20.22 -23.90 36.21
N ILE B 1077 19.55 -23.44 35.15
CA ILE B 1077 19.69 -24.10 33.86
C ILE B 1077 21.11 -23.97 33.32
N LYS B 1078 21.71 -22.77 33.39
CA LYS B 1078 23.09 -22.61 32.91
C LYS B 1078 24.09 -23.42 33.72
N ALA B 1079 23.85 -23.58 35.03
CA ALA B 1079 24.71 -24.43 35.85
C ALA B 1079 24.51 -25.90 35.54
N ILE B 1080 23.28 -26.31 35.23
CA ILE B 1080 23.04 -27.69 34.81
C ILE B 1080 23.80 -27.91 33.51
N LEU B 1081 23.83 -26.87 32.66
CA LEU B 1081 24.54 -26.85 31.39
C LEU B 1081 26.06 -26.86 31.55
N LYS B 1082 26.58 -26.51 32.73
CA LYS B 1082 28.02 -26.58 33.00
C LYS B 1082 28.15 -27.53 34.18
N ALA B 1083 28.20 -28.83 33.95
CA ALA B 1083 28.24 -29.66 35.14
C ALA B 1083 29.35 -30.70 35.09
N PRO B 1084 29.94 -31.01 36.26
CA PRO B 1084 30.95 -32.08 36.38
C PRO B 1084 30.25 -33.42 36.36
N VAL B 1085 29.71 -33.77 35.20
CA VAL B 1085 28.80 -34.89 35.15
C VAL B 1085 29.31 -35.78 34.04
N ASP B 1086 29.12 -37.09 34.23
CA ASP B 1086 29.69 -38.03 33.27
C ASP B 1086 29.02 -37.89 31.92
N LEU B 1087 27.69 -37.85 31.90
CA LEU B 1087 26.99 -37.82 30.62
C LEU B 1087 26.09 -36.58 30.60
N LEU B 1088 26.05 -35.91 29.44
CA LEU B 1088 25.09 -34.85 29.17
C LEU B 1088 24.17 -35.31 28.03
N TRP B 1089 22.96 -35.76 28.38
CA TRP B 1089 21.97 -36.26 27.42
C TRP B 1089 21.03 -35.16 26.95
N ASN B 1090 20.90 -35.01 25.62
CA ASN B 1090 20.05 -33.99 24.99
C ASN B 1090 18.83 -34.63 24.33
N GLY B 1091 17.64 -34.20 24.74
CA GLY B 1091 16.44 -34.69 24.12
C GLY B 1091 15.50 -33.55 23.76
N GLY B 1092 15.99 -32.32 23.85
CA GLY B 1092 15.21 -31.14 23.55
C GLY B 1092 15.46 -30.67 22.12
N ILE B 1093 15.10 -29.40 21.87
CA ILE B 1093 15.34 -28.79 20.58
C ILE B 1093 15.86 -27.37 20.82
N GLY B 1094 16.71 -26.91 19.93
CA GLY B 1094 17.28 -25.59 20.05
C GLY B 1094 18.76 -25.71 20.31
N THR B 1095 19.39 -24.56 20.47
CA THR B 1095 20.82 -24.52 20.73
C THR B 1095 21.02 -24.01 22.14
N TYR B 1096 21.74 -24.79 22.94
CA TYR B 1096 22.01 -24.48 24.34
C TYR B 1096 23.49 -24.35 24.61
N ILE B 1097 24.33 -24.74 23.66
CA ILE B 1097 25.78 -24.63 23.77
C ILE B 1097 26.30 -23.89 22.56
N LYS B 1098 27.09 -22.86 22.82
CA LYS B 1098 27.61 -21.99 21.80
C LYS B 1098 29.12 -22.09 21.83
N ALA B 1099 29.73 -21.52 20.80
CA ALA B 1099 31.17 -21.35 20.79
C ALA B 1099 31.47 -20.00 21.42
N GLU B 1100 32.68 -19.89 21.99
CA GLU B 1100 33.03 -18.65 22.66
C GLU B 1100 33.14 -17.50 21.68
N THR B 1101 33.26 -17.82 20.39
CA THR B 1101 33.41 -16.83 19.34
C THR B 1101 32.11 -16.57 18.59
N GLU B 1102 31.19 -17.53 18.58
CA GLU B 1102 29.95 -17.34 17.87
C GLU B 1102 29.10 -16.30 18.60
N ALA B 1103 28.47 -15.40 17.84
CA ALA B 1103 27.57 -14.43 18.45
C ALA B 1103 26.25 -15.06 18.83
N ASP B 1104 25.60 -14.49 19.85
CA ASP B 1104 24.34 -15.05 20.29
C ASP B 1104 23.26 -14.93 19.22
N ALA B 1105 23.21 -13.80 18.51
CA ALA B 1105 22.23 -13.61 17.45
C ALA B 1105 22.50 -14.51 16.26
N ASP B 1106 23.77 -14.85 16.01
CA ASP B 1106 24.15 -15.69 14.88
C ASP B 1106 23.69 -17.13 15.04
N VAL B 1107 23.40 -17.56 16.27
CA VAL B 1107 22.92 -18.92 16.50
C VAL B 1107 21.53 -19.11 15.90
N GLY B 1108 20.63 -18.16 16.14
CA GLY B 1108 19.29 -18.24 15.61
C GLY B 1108 18.34 -18.95 16.55
N ASP B 1109 18.46 -18.62 17.84
CA ASP B 1109 17.58 -19.22 18.84
C ASP B 1109 17.50 -18.20 19.96
N ARG B 1110 16.42 -17.42 19.95
CA ARG B 1110 16.22 -16.38 20.95
C ARG B 1110 15.74 -16.95 22.28
N ALA B 1111 14.89 -17.98 22.25
CA ALA B 1111 14.27 -18.48 23.49
C ALA B 1111 15.29 -19.01 24.48
N ASN B 1112 16.31 -19.72 24.00
CA ASN B 1112 17.38 -20.23 24.84
C ASN B 1112 18.58 -19.29 24.96
N ASP B 1113 18.50 -18.11 24.34
CA ASP B 1113 19.61 -17.17 24.33
C ASP B 1113 20.04 -16.71 25.73
N GLN B 1114 19.15 -16.78 26.72
CA GLN B 1114 19.47 -16.37 28.09
C GLN B 1114 20.11 -17.47 28.90
N ILE B 1115 20.12 -18.70 28.41
CA ILE B 1115 20.62 -19.84 29.16
C ILE B 1115 21.80 -20.47 28.44
N ARG B 1116 22.14 -20.00 27.24
CA ARG B 1116 23.16 -20.61 26.42
C ARG B 1116 24.53 -20.45 27.09
N VAL B 1117 25.26 -21.55 27.15
CA VAL B 1117 26.59 -21.56 27.70
C VAL B 1117 27.54 -21.83 26.53
N CYS B 1118 28.83 -21.75 26.81
CA CYS B 1118 29.83 -21.87 25.77
C CYS B 1118 30.40 -23.29 25.76
N GLY B 1119 30.82 -23.74 24.58
CA GLY B 1119 31.30 -25.11 24.45
C GLY B 1119 32.54 -25.40 25.28
N ASN B 1120 33.47 -24.45 25.32
CA ASN B 1120 34.66 -24.60 26.14
C ASN B 1120 34.29 -24.57 27.63
N GLN B 1121 33.14 -23.98 27.97
CA GLN B 1121 32.65 -23.86 29.33
C GLN B 1121 31.88 -25.08 29.82
N VAL B 1122 31.56 -26.02 28.94
CA VAL B 1122 30.85 -27.23 29.36
C VAL B 1122 31.80 -28.14 30.12
N ARG B 1123 31.37 -28.57 31.30
CA ARG B 1123 32.16 -29.46 32.14
C ARG B 1123 31.76 -30.92 32.01
N ALA B 1124 30.83 -31.24 31.11
CA ALA B 1124 30.41 -32.62 30.94
C ALA B 1124 31.54 -33.42 30.31
N LYS B 1125 31.70 -34.66 30.77
CA LYS B 1125 32.74 -35.51 30.22
C LYS B 1125 32.38 -35.98 28.81
N VAL B 1126 31.13 -36.41 28.61
CA VAL B 1126 30.63 -36.89 27.33
C VAL B 1126 29.32 -36.15 27.08
N ILE B 1127 29.09 -35.78 25.82
CA ILE B 1127 27.82 -35.18 25.40
C ILE B 1127 27.15 -36.08 24.37
N GLY B 1128 25.93 -36.54 24.70
CA GLY B 1128 25.10 -37.29 23.77
C GLY B 1128 24.01 -36.41 23.18
N GLU B 1129 23.92 -36.43 21.84
CA GLU B 1129 23.05 -35.54 21.07
C GLU B 1129 21.91 -36.34 20.43
N GLY B 1130 20.82 -36.52 21.19
CA GLY B 1130 19.60 -37.01 20.59
C GLY B 1130 18.82 -35.95 19.85
N GLY B 1131 18.94 -34.68 20.27
CA GLY B 1131 18.27 -33.59 19.61
C GLY B 1131 19.08 -32.91 18.51
N ASN B 1132 18.37 -32.15 17.68
CA ASN B 1132 18.96 -31.45 16.56
C ASN B 1132 19.33 -30.02 16.98
N LEU B 1133 20.41 -29.51 16.40
CA LEU B 1133 20.86 -28.13 16.59
C LEU B 1133 21.15 -27.80 18.05
N GLY B 1134 21.40 -28.82 18.88
CA GLY B 1134 21.68 -28.55 20.28
C GLY B 1134 22.97 -27.81 20.51
N VAL B 1135 23.99 -28.12 19.70
CA VAL B 1135 25.29 -27.47 19.78
C VAL B 1135 25.66 -26.95 18.40
N THR B 1136 26.22 -25.76 18.37
CA THR B 1136 26.70 -25.21 17.12
C THR B 1136 27.98 -25.94 16.71
N ALA B 1137 28.27 -25.89 15.41
CA ALA B 1137 29.43 -26.59 14.87
C ALA B 1137 30.72 -26.09 15.51
N LEU B 1138 30.88 -24.76 15.60
CA LEU B 1138 32.03 -24.20 16.30
C LEU B 1138 32.00 -24.54 17.78
N GLY B 1139 30.80 -24.59 18.38
CA GLY B 1139 30.69 -25.06 19.74
C GLY B 1139 31.11 -26.52 19.91
N ARG B 1140 30.75 -27.37 18.93
CA ARG B 1140 31.19 -28.76 18.94
C ARG B 1140 32.70 -28.87 18.85
N ILE B 1141 33.30 -28.05 17.99
CA ILE B 1141 34.75 -28.06 17.82
C ILE B 1141 35.44 -27.61 19.11
N GLU B 1142 34.89 -26.60 19.77
CA GLU B 1142 35.46 -26.14 21.04
C GLU B 1142 35.32 -27.19 22.14
N PHE B 1143 34.19 -27.90 22.20
CA PHE B 1143 34.04 -28.96 23.22
C PHE B 1143 35.03 -30.09 22.98
N ASP B 1144 35.25 -30.49 21.73
CA ASP B 1144 36.22 -31.57 21.51
C ASP B 1144 37.61 -31.06 21.83
N LEU B 1145 37.88 -29.80 21.49
CA LEU B 1145 39.16 -29.17 21.76
C LEU B 1145 39.39 -28.92 23.25
N ALA B 1146 38.36 -29.05 24.10
CA ALA B 1146 38.52 -28.85 25.54
C ALA B 1146 38.60 -30.16 26.32
N GLY B 1147 38.66 -31.29 25.64
CA GLY B 1147 38.79 -32.58 26.26
C GLY B 1147 37.51 -33.39 26.25
N GLY B 1148 36.41 -32.79 25.82
CA GLY B 1148 35.13 -33.47 25.78
C GLY B 1148 34.97 -34.41 24.59
N ARG B 1149 34.09 -35.38 24.78
CA ARG B 1149 33.74 -36.35 23.75
C ARG B 1149 32.39 -36.00 23.15
N ILE B 1150 32.37 -35.84 21.82
CA ILE B 1150 31.19 -35.34 21.14
C ILE B 1150 31.31 -35.74 19.68
N ASN B 1151 30.17 -36.07 19.08
CA ASN B 1151 30.04 -36.24 17.65
C ASN B 1151 29.10 -35.15 17.13
N THR B 1152 28.89 -35.16 15.83
CA THR B 1152 27.87 -34.30 15.26
C THR B 1152 26.48 -34.86 15.52
N ASP B 1153 25.49 -33.96 15.54
CA ASP B 1153 24.12 -34.39 15.74
C ASP B 1153 23.60 -35.24 14.58
N ALA B 1154 24.05 -34.97 13.34
CA ALA B 1154 23.59 -35.75 12.21
C ALA B 1154 24.05 -37.20 12.28
N LEU B 1155 25.06 -37.48 13.09
CA LEU B 1155 25.56 -38.83 13.27
C LEU B 1155 24.96 -39.51 14.48
N ASP B 1156 24.54 -38.72 15.46
CA ASP B 1156 23.97 -39.29 16.67
C ASP B 1156 22.48 -39.57 16.46
N ASN B 1157 21.73 -38.55 16.04
CA ASN B 1157 20.30 -38.71 15.85
C ASN B 1157 19.98 -39.16 14.43
N SER B 1158 20.94 -39.79 13.76
CA SER B 1158 20.70 -40.23 12.40
C SER B 1158 19.62 -41.30 12.33
N ALA B 1159 19.48 -42.09 13.39
CA ALA B 1159 18.58 -43.24 13.37
C ALA B 1159 17.13 -42.89 13.00
N GLY B 1160 16.56 -41.83 13.59
CA GLY B 1160 15.17 -41.48 13.26
C GLY B 1160 14.90 -41.17 11.80
N VAL B 1161 15.81 -40.42 11.17
CA VAL B 1161 15.71 -40.16 9.74
C VAL B 1161 15.99 -41.45 8.98
N ASP B 1162 16.96 -42.23 9.45
CA ASP B 1162 17.33 -43.48 8.78
C ASP B 1162 16.11 -44.38 8.73
N CYS B 1163 15.42 -44.52 9.85
CA CYS B 1163 14.18 -45.27 9.89
C CYS B 1163 13.15 -44.65 8.97
N SER B 1164 13.18 -43.34 8.79
CA SER B 1164 12.26 -42.74 7.82
C SER B 1164 12.57 -43.21 6.40
N ASP B 1165 13.85 -43.26 6.04
CA ASP B 1165 14.23 -43.71 4.70
C ASP B 1165 13.98 -45.19 4.55
N HIS B 1166 14.43 -45.97 5.53
CA HIS B 1166 14.24 -47.41 5.53
C HIS B 1166 12.77 -47.73 5.29
N GLU B 1167 11.91 -47.11 6.10
CA GLU B 1167 10.47 -47.29 5.98
C GLU B 1167 10.03 -46.99 4.56
N VAL B 1168 10.50 -45.88 3.99
CA VAL B 1168 10.15 -45.54 2.61
C VAL B 1168 10.52 -46.65 1.63
N ASN B 1169 11.77 -47.11 1.68
CA ASN B 1169 12.20 -48.16 0.75
C ASN B 1169 11.49 -49.48 0.94
N ILE B 1170 10.96 -49.74 2.14
CA ILE B 1170 10.17 -50.96 2.32
C ILE B 1170 8.76 -50.74 1.83
N LYS B 1171 8.21 -49.57 2.09
CA LYS B 1171 6.85 -49.30 1.64
C LYS B 1171 6.81 -49.34 0.11
N ILE B 1172 7.89 -48.88 -0.53
CA ILE B 1172 8.03 -49.05 -1.99
C ILE B 1172 8.04 -50.53 -2.35
N LEU B 1173 8.92 -51.30 -1.71
CA LEU B 1173 9.10 -52.68 -2.15
C LEU B 1173 7.81 -53.48 -1.98
N ILE B 1174 7.21 -53.42 -0.78
CA ILE B 1174 5.95 -54.13 -0.53
C ILE B 1174 4.84 -53.64 -1.46
N ASP B 1175 4.74 -52.32 -1.72
CA ASP B 1175 3.72 -51.86 -2.67
C ASP B 1175 3.92 -52.49 -4.05
N SER B 1176 5.17 -52.57 -4.51
CA SER B 1176 5.46 -53.27 -5.75
C SER B 1176 4.98 -54.72 -5.70
N ALA B 1177 5.36 -55.45 -4.63
CA ALA B 1177 4.90 -56.84 -4.48
C ALA B 1177 3.39 -56.98 -4.26
N VAL B 1178 2.72 -55.94 -3.80
CA VAL B 1178 1.26 -55.96 -3.73
C VAL B 1178 0.71 -55.88 -5.14
N THR B 1179 1.37 -55.08 -5.98
CA THR B 1179 0.91 -54.90 -7.36
C THR B 1179 1.15 -56.17 -8.16
N ALA B 1180 2.13 -56.96 -7.77
CA ALA B 1180 2.46 -58.19 -8.48
C ALA B 1180 1.59 -59.34 -7.98
N GLY B 1181 0.71 -59.07 -7.02
CA GLY B 1181 -0.22 -60.03 -6.47
C GLY B 1181 0.32 -60.96 -5.40
N LYS B 1182 1.51 -60.71 -4.84
CA LYS B 1182 1.99 -61.65 -3.84
C LYS B 1182 1.53 -61.31 -2.43
N VAL B 1183 1.32 -60.04 -2.13
CA VAL B 1183 0.91 -59.65 -0.79
C VAL B 1183 -0.47 -59.06 -0.90
N THR B 1184 -1.38 -59.65 -0.18
CA THR B 1184 -2.73 -59.14 -0.10
C THR B 1184 -2.67 -57.83 0.68
N PRO B 1185 -3.42 -56.82 0.27
CA PRO B 1185 -3.32 -55.50 0.93
C PRO B 1185 -3.57 -55.55 2.43
N GLU B 1186 -4.37 -56.48 2.94
CA GLU B 1186 -4.59 -56.54 4.38
C GLU B 1186 -3.37 -57.09 5.13
N GLU B 1187 -2.56 -57.95 4.51
CA GLU B 1187 -1.39 -58.47 5.22
C GLU B 1187 -0.20 -57.55 5.05
N ARG B 1188 -0.34 -56.50 4.24
CA ARG B 1188 0.73 -55.53 4.09
C ARG B 1188 1.02 -54.87 5.44
N THR B 1189 -0.04 -54.43 6.13
CA THR B 1189 0.11 -53.80 7.44
C THR B 1189 0.60 -54.80 8.48
N GLU B 1190 0.12 -56.03 8.37
CA GLU B 1190 0.53 -57.10 9.25
C GLU B 1190 2.03 -57.39 9.10
N LEU B 1191 2.51 -57.47 7.86
CA LEU B 1191 3.92 -57.68 7.58
C LEU B 1191 4.77 -56.51 8.07
N LEU B 1192 4.31 -55.29 7.82
CA LEU B 1192 5.04 -54.11 8.30
C LEU B 1192 5.24 -54.16 9.80
N LEU B 1193 4.15 -54.36 10.57
CA LEU B 1193 4.33 -54.39 12.02
C LEU B 1193 5.18 -55.57 12.46
N SER B 1194 5.11 -56.69 11.74
CA SER B 1194 5.93 -57.83 12.12
C SER B 1194 7.41 -57.54 11.91
N MSE B 1195 7.76 -56.65 10.98
CA MSE B 1195 9.18 -56.36 10.76
C MSE B 1195 9.75 -55.14 11.48
O MSE B 1195 10.84 -54.70 11.16
CB MSE B 1195 9.43 -56.21 9.26
CG MSE B 1195 8.93 -57.38 8.47
SE MSE B 1195 8.77 -56.97 6.59
CE MSE B 1195 7.96 -55.21 6.70
N THR B 1196 9.01 -54.62 12.47
CA THR B 1196 9.43 -53.39 13.15
C THR B 1196 10.77 -53.60 13.85
N ASP B 1197 10.88 -54.70 14.60
CA ASP B 1197 12.09 -54.97 15.36
C ASP B 1197 13.28 -55.20 14.44
N GLU B 1198 13.07 -55.95 13.34
CA GLU B 1198 14.18 -56.24 12.43
C GLU B 1198 14.65 -55.00 11.69
N VAL B 1199 13.71 -54.13 11.33
CA VAL B 1199 14.09 -52.86 10.72
C VAL B 1199 14.90 -52.01 11.68
N GLY B 1200 14.44 -51.95 12.95
CA GLY B 1200 15.19 -51.22 13.96
C GLY B 1200 16.58 -51.77 14.19
N GLU B 1201 16.73 -53.09 14.17
CA GLU B 1201 18.05 -53.68 14.34
C GLU B 1201 18.95 -53.32 13.18
N LEU B 1202 18.41 -53.29 11.96
CA LEU B 1202 19.25 -52.89 10.82
C LEU B 1202 19.71 -51.44 10.95
N VAL B 1203 18.82 -50.54 11.35
CA VAL B 1203 19.23 -49.14 11.53
C VAL B 1203 20.26 -49.00 12.66
N LEU B 1204 20.06 -49.72 13.76
CA LEU B 1204 21.03 -49.68 14.85
C LEU B 1204 22.37 -50.26 14.44
N ALA B 1205 22.36 -51.27 13.57
CA ALA B 1205 23.61 -51.80 13.05
C ALA B 1205 24.33 -50.72 12.24
N ASP B 1206 23.57 -49.95 11.45
CA ASP B 1206 24.15 -48.83 10.74
C ASP B 1206 24.77 -47.82 11.72
N ASN B 1207 24.04 -47.49 12.79
CA ASN B 1207 24.54 -46.54 13.79
C ASN B 1207 25.81 -47.07 14.46
N ARG B 1208 25.83 -48.36 14.81
CA ARG B 1208 27.01 -48.94 15.44
C ARG B 1208 28.22 -48.96 14.50
N ASP B 1209 28.01 -49.31 13.22
CA ASP B 1209 29.13 -49.30 12.29
C ASP B 1209 29.55 -47.84 12.19
N GLN B 1210 28.56 -46.94 12.10
CA GLN B 1210 28.91 -45.52 12.06
C GLN B 1210 29.79 -45.09 13.25
N ASN B 1211 29.33 -45.44 14.46
CA ASN B 1211 30.11 -45.09 15.65
C ASN B 1211 31.47 -45.76 15.86
N ASP B 1212 31.60 -47.03 15.46
CA ASP B 1212 32.88 -47.69 15.54
C ASP B 1212 33.89 -47.02 14.61
N LEU B 1213 33.46 -46.66 13.40
CA LEU B 1213 34.32 -45.92 12.49
C LEU B 1213 34.71 -44.57 13.07
N MSE B 1214 33.79 -43.92 13.79
CA MSE B 1214 34.06 -42.62 14.45
C MSE B 1214 35.13 -42.72 15.51
O MSE B 1214 36.04 -41.90 15.60
CB MSE B 1214 32.78 -42.06 15.09
CG MSE B 1214 32.03 -41.04 14.25
SE MSE B 1214 33.02 -39.41 13.80
CE MSE B 1214 33.96 -39.16 15.48
N GLY B 1215 34.98 -43.74 16.36
CA GLY B 1215 36.01 -44.00 17.35
C GLY B 1215 37.37 -44.25 16.74
N THR B 1216 37.41 -45.07 15.67
CA THR B 1216 38.68 -45.36 15.01
C THR B 1216 39.28 -44.12 14.35
N SER B 1217 38.45 -43.31 13.72
CA SER B 1217 38.92 -42.08 13.10
C SER B 1217 39.45 -41.10 14.15
N ARG B 1218 38.79 -41.07 15.31
CA ARG B 1218 39.28 -40.27 16.43
C ARG B 1218 40.64 -40.74 16.88
N ALA B 1219 40.87 -42.05 16.84
CA ALA B 1219 42.17 -42.62 17.21
C ALA B 1219 43.28 -42.16 16.28
N ASN B 1220 43.02 -42.07 14.97
CA ASN B 1220 44.04 -41.78 13.98
C ASN B 1220 44.08 -40.33 13.53
N ALA B 1221 43.62 -39.40 14.35
CA ALA B 1221 43.45 -38.05 13.84
C ALA B 1221 44.79 -37.34 13.68
N ALA B 1222 45.70 -37.51 14.64
CA ALA B 1222 46.89 -36.64 14.67
C ALA B 1222 47.83 -36.93 13.51
N SER B 1223 48.02 -38.21 13.17
CA SER B 1223 49.02 -38.53 12.16
C SER B 1223 48.50 -38.39 10.73
N LEU B 1224 47.21 -38.12 10.54
CA LEU B 1224 46.67 -38.02 9.19
C LEU B 1224 46.17 -36.62 8.91
N LEU B 1225 46.66 -35.64 9.67
CA LEU B 1225 46.14 -34.29 9.50
C LEU B 1225 46.51 -33.76 8.13
N SER B 1226 47.72 -34.04 7.69
CA SER B 1226 48.15 -33.56 6.38
C SER B 1226 47.32 -34.21 5.29
N VAL B 1227 47.08 -35.52 5.41
CA VAL B 1227 46.26 -36.18 4.40
C VAL B 1227 44.87 -35.60 4.43
N HIS B 1228 44.35 -35.38 5.63
CA HIS B 1228 43.01 -34.82 5.77
C HIS B 1228 42.94 -33.44 5.14
N ALA B 1229 43.99 -32.64 5.32
CA ALA B 1229 43.99 -31.31 4.74
C ALA B 1229 43.92 -31.34 3.21
N ARG B 1230 44.66 -32.24 2.57
CA ARG B 1230 44.54 -32.24 1.11
C ARG B 1230 43.13 -32.64 0.69
N MSE B 1231 42.50 -33.53 1.45
CA MSE B 1231 41.15 -33.96 1.14
C MSE B 1231 40.25 -32.73 1.12
O MSE B 1231 39.52 -32.51 0.15
CB MSE B 1231 40.68 -35.00 2.15
CG MSE B 1231 41.70 -36.12 2.28
SE MSE B 1231 41.26 -37.65 3.40
CE MSE B 1231 39.64 -38.25 2.48
N ILE B 1232 40.37 -31.89 2.16
CA ILE B 1232 39.51 -30.72 2.25
C ILE B 1232 39.69 -29.83 1.03
N LYS B 1233 40.95 -29.65 0.62
CA LYS B 1233 41.23 -28.83 -0.56
C LYS B 1233 40.57 -29.41 -1.80
N ASP B 1234 40.63 -30.74 -1.96
CA ASP B 1234 40.00 -31.33 -3.13
C ASP B 1234 38.51 -31.06 -3.14
N LEU B 1235 37.86 -31.19 -2.00
CA LEU B 1235 36.43 -30.93 -1.94
C LEU B 1235 36.12 -29.49 -2.26
N VAL B 1236 36.94 -28.56 -1.75
CA VAL B 1236 36.70 -27.16 -2.05
C VAL B 1236 36.85 -26.89 -3.53
N ASP B 1237 37.89 -27.45 -4.16
CA ASP B 1237 38.16 -27.12 -5.55
C ASP B 1237 37.20 -27.79 -6.52
N ASN B 1238 36.70 -28.98 -6.20
CA ASN B 1238 35.92 -29.76 -7.15
C ASN B 1238 34.44 -29.88 -6.81
N ARG B 1239 34.10 -30.08 -5.54
CA ARG B 1239 32.71 -30.30 -5.15
C ARG B 1239 32.00 -29.03 -4.74
N GLY B 1240 32.66 -27.88 -4.86
CA GLY B 1240 32.07 -26.62 -4.50
C GLY B 1240 31.77 -26.53 -3.02
N LEU B 1241 32.74 -26.95 -2.22
CA LEU B 1241 32.60 -26.93 -0.77
C LEU B 1241 32.99 -25.57 -0.21
N ASN B 1242 32.34 -25.21 0.88
CA ASN B 1242 32.59 -23.96 1.58
C ASN B 1242 33.31 -24.25 2.89
N ARG B 1243 34.55 -23.80 2.99
CA ARG B 1243 35.37 -24.10 4.16
C ARG B 1243 34.73 -23.65 5.48
N GLU B 1244 34.38 -22.37 5.55
CA GLU B 1244 33.76 -21.80 6.74
C GLU B 1244 32.34 -22.24 7.07
N LEU B 1245 31.57 -22.60 6.04
CA LEU B 1245 30.21 -23.07 6.21
C LEU B 1245 30.16 -24.47 6.79
N GLU B 1246 31.07 -25.33 6.35
CA GLU B 1246 31.11 -26.71 6.83
C GLU B 1246 31.90 -26.87 8.12
N ALA B 1247 32.39 -25.77 8.69
CA ALA B 1247 33.15 -25.77 9.94
C ALA B 1247 34.45 -26.53 9.78
N LEU B 1248 34.88 -26.69 8.54
CA LEU B 1248 36.15 -27.26 8.23
C LEU B 1248 37.23 -26.22 8.49
N PRO B 1249 38.41 -26.65 8.91
CA PRO B 1249 39.42 -25.70 9.34
C PRO B 1249 39.92 -24.87 8.17
N SER B 1250 40.28 -23.62 8.46
CA SER B 1250 41.01 -22.86 7.48
C SER B 1250 42.43 -23.39 7.37
N GLU B 1251 43.08 -23.11 6.24
CA GLU B 1251 44.43 -23.63 6.07
C GLU B 1251 45.43 -23.13 7.10
N LYS B 1252 45.24 -21.89 7.58
CA LYS B 1252 46.04 -21.38 8.70
C LYS B 1252 45.68 -22.10 10.00
N GLU B 1253 44.40 -22.41 10.14
CA GLU B 1253 43.91 -23.17 11.28
C GLU B 1253 44.51 -24.58 11.17
N ILE B 1254 44.56 -25.11 9.94
CA ILE B 1254 45.11 -26.44 9.69
C ILE B 1254 46.55 -26.76 10.10
N ARG B 1255 47.49 -25.90 9.71
CA ARG B 1255 48.87 -26.10 10.18
C ARG B 1255 49.18 -25.47 11.60
N ARG B 1256 48.19 -24.72 12.05
CA ARG B 1256 48.17 -24.29 13.45
C ARG B 1256 48.07 -25.61 14.21
N ARG B 1257 47.09 -26.46 13.86
CA ARG B 1257 47.03 -27.78 14.50
C ARG B 1257 48.20 -28.67 14.11
N ALA B 1258 48.68 -28.55 12.88
CA ALA B 1258 49.82 -29.34 12.44
C ALA B 1258 51.01 -29.00 13.31
N ASP B 1259 51.21 -27.70 13.60
CA ASP B 1259 52.25 -27.30 14.54
C ASP B 1259 51.96 -27.82 15.94
N ALA B 1260 50.69 -28.04 16.28
CA ALA B 1260 50.41 -28.62 17.60
C ALA B 1260 50.48 -30.16 17.63
N GLY B 1261 50.60 -30.82 16.48
CA GLY B 1261 50.74 -32.26 16.42
C GLY B 1261 49.46 -33.02 16.62
N ILE B 1262 48.33 -32.39 16.38
CA ILE B 1262 47.01 -32.98 16.52
C ILE B 1262 46.26 -32.88 15.20
N GLY B 1263 45.38 -33.84 14.97
CA GLY B 1263 44.55 -33.87 13.79
C GLY B 1263 43.20 -33.21 14.00
N LEU B 1264 42.26 -33.60 13.16
CA LEU B 1264 40.90 -33.08 13.21
C LEU B 1264 40.17 -33.48 14.48
N THR B 1265 39.24 -32.63 14.90
CA THR B 1265 38.39 -32.93 16.04
C THR B 1265 37.34 -33.95 15.64
N SER B 1266 36.72 -34.57 16.63
CA SER B 1266 35.72 -35.59 16.35
C SER B 1266 34.53 -35.07 15.55
N PRO B 1267 33.91 -33.93 15.88
CA PRO B 1267 32.87 -33.42 14.97
C PRO B 1267 33.38 -33.09 13.58
N GLU B 1268 34.58 -32.53 13.46
CA GLU B 1268 35.15 -32.29 12.13
C GLU B 1268 35.46 -33.57 11.39
N LEU B 1269 35.92 -34.61 12.08
CA LEU B 1269 36.13 -35.90 11.42
C LEU B 1269 34.81 -36.45 10.89
N ALA B 1270 33.75 -36.31 11.68
CA ALA B 1270 32.44 -36.77 11.23
C ALA B 1270 32.00 -35.98 10.00
N THR B 1271 32.25 -34.68 10.00
CA THR B 1271 31.90 -33.82 8.88
C THR B 1271 32.65 -34.23 7.63
N LEU B 1272 33.94 -34.50 7.77
CA LEU B 1272 34.72 -34.90 6.63
C LEU B 1272 34.20 -36.22 6.06
N MSE B 1273 33.88 -37.17 6.92
CA MSE B 1273 33.43 -38.47 6.43
C MSE B 1273 32.05 -38.39 5.82
O MSE B 1273 31.69 -39.17 4.94
CB MSE B 1273 33.42 -39.51 7.54
CG MSE B 1273 32.09 -39.59 8.23
SE MSE B 1273 32.23 -40.78 9.72
CE MSE B 1273 33.98 -40.14 10.36
N ALA B 1274 31.26 -37.43 6.30
CA ALA B 1274 29.95 -37.23 5.68
C ALA B 1274 30.12 -36.73 4.26
N HIS B 1275 31.02 -35.77 4.06
CA HIS B 1275 31.20 -35.28 2.69
C HIS B 1275 31.82 -36.33 1.82
N VAL B 1276 32.69 -37.15 2.40
CA VAL B 1276 33.27 -38.26 1.67
C VAL B 1276 32.17 -39.23 1.25
N LYS B 1277 31.23 -39.50 2.15
CA LYS B 1277 30.15 -40.39 1.78
C LYS B 1277 29.31 -39.80 0.64
N LEU B 1278 29.02 -38.50 0.69
CA LEU B 1278 28.25 -37.89 -0.41
C LEU B 1278 29.02 -37.91 -1.72
N ALA B 1279 30.29 -37.58 -1.67
CA ALA B 1279 31.12 -37.60 -2.87
C ALA B 1279 31.24 -39.00 -3.44
N LEU B 1280 31.39 -40.01 -2.57
CA LEU B 1280 31.47 -41.38 -3.04
C LEU B 1280 30.15 -41.82 -3.66
N LYS B 1281 29.03 -41.38 -3.10
CA LYS B 1281 27.76 -41.71 -3.72
C LYS B 1281 27.65 -41.08 -5.10
N ASP B 1282 28.07 -39.81 -5.21
CA ASP B 1282 28.05 -39.13 -6.49
C ASP B 1282 28.97 -39.81 -7.50
N ASP B 1283 30.13 -40.29 -7.06
CA ASP B 1283 31.04 -40.96 -7.96
C ASP B 1283 30.50 -42.32 -8.42
N VAL B 1284 30.02 -43.14 -7.47
CA VAL B 1284 29.60 -44.50 -7.83
C VAL B 1284 28.33 -44.49 -8.65
N LEU B 1285 27.40 -43.61 -8.31
CA LEU B 1285 26.15 -43.53 -9.05
C LEU B 1285 26.37 -43.12 -10.51
N ALA B 1286 27.31 -42.19 -10.75
CA ALA B 1286 27.61 -41.74 -12.10
C ALA B 1286 28.26 -42.80 -12.96
N SER B 1287 28.68 -43.91 -12.36
CA SER B 1287 29.33 -45.00 -13.04
C SER B 1287 28.34 -46.14 -13.24
N ASP B 1288 28.85 -47.24 -13.78
CA ASP B 1288 28.06 -48.44 -14.00
C ASP B 1288 28.32 -49.48 -12.92
N LEU B 1289 28.95 -49.07 -11.81
CA LEU B 1289 29.18 -49.96 -10.68
C LEU B 1289 27.89 -50.50 -10.08
N PRO B 1290 26.87 -49.69 -9.82
CA PRO B 1290 25.63 -50.25 -9.26
C PRO B 1290 24.99 -51.24 -10.22
N ASP B 1291 25.33 -51.14 -11.50
CA ASP B 1291 24.75 -52.02 -12.51
C ASP B 1291 25.33 -53.44 -12.46
N GLN B 1292 26.64 -53.56 -12.25
CA GLN B 1292 27.28 -54.88 -12.28
C GLN B 1292 26.87 -55.76 -11.11
N GLU B 1293 26.85 -57.08 -11.36
CA GLU B 1293 26.27 -58.03 -10.41
C GLU B 1293 27.12 -58.24 -9.15
N VAL B 1294 28.43 -58.08 -9.27
CA VAL B 1294 29.31 -58.30 -8.12
C VAL B 1294 29.04 -57.28 -7.03
N PHE B 1295 28.68 -56.06 -7.44
CA PHE B 1295 28.29 -55.01 -6.51
C PHE B 1295 26.83 -55.14 -6.11
N ALA B 1296 26.03 -55.79 -6.93
CA ALA B 1296 24.60 -55.91 -6.73
C ALA B 1296 24.24 -57.17 -5.94
N SER B 1297 25.24 -57.97 -5.56
CA SER B 1297 24.92 -59.16 -4.77
C SER B 1297 24.53 -58.84 -3.33
N ARG B 1298 24.75 -57.62 -2.84
CA ARG B 1298 24.38 -57.24 -1.49
C ARG B 1298 23.01 -56.55 -1.39
N LEU B 1299 22.29 -56.38 -2.50
CA LEU B 1299 21.01 -55.69 -2.46
C LEU B 1299 19.96 -56.31 -1.54
N PRO B 1300 19.74 -57.62 -1.52
CA PRO B 1300 18.66 -58.16 -0.68
C PRO B 1300 18.83 -57.82 0.80
N TYR B 1301 20.08 -57.67 1.27
CA TYR B 1301 20.41 -57.47 2.68
C TYR B 1301 20.05 -56.08 3.22
N TYR B 1302 19.47 -55.20 2.41
CA TYR B 1302 18.91 -53.95 2.95
C TYR B 1302 17.61 -54.17 3.71
N PHE B 1303 16.79 -55.23 3.34
CA PHE B 1303 15.45 -55.64 3.77
C PHE B 1303 15.45 -56.72 4.85
N PRO B 1304 14.40 -56.81 5.69
CA PRO B 1304 14.32 -57.83 6.75
C PRO B 1304 14.30 -59.26 6.20
N THR B 1305 14.36 -60.23 7.14
CA THR B 1305 14.47 -61.64 6.76
C THR B 1305 13.23 -62.14 6.02
N ARG B 1306 12.04 -61.77 6.49
CA ARG B 1306 10.81 -62.22 5.85
C ARG B 1306 10.76 -61.79 4.39
N LEU B 1307 11.02 -60.51 4.13
CA LEU B 1307 11.07 -60.01 2.76
C LEU B 1307 12.24 -60.61 1.97
N ARG B 1308 13.42 -60.75 2.61
CA ARG B 1308 14.57 -61.30 1.90
C ARG B 1308 14.24 -62.69 1.36
N GLU B 1309 13.45 -63.45 2.12
CA GLU B 1309 13.09 -64.79 1.71
C GLU B 1309 11.92 -64.77 0.73
N GLU B 1310 10.81 -64.15 1.13
CA GLU B 1310 9.60 -64.18 0.30
C GLU B 1310 9.76 -63.29 -0.93
N LEU B 1311 10.30 -62.09 -0.75
CA LEU B 1311 10.39 -61.12 -1.84
C LEU B 1311 11.81 -61.14 -2.36
N HIS B 1312 12.01 -61.83 -3.47
CA HIS B 1312 13.30 -61.94 -4.12
C HIS B 1312 13.28 -61.32 -5.51
N GLY B 1313 12.27 -61.65 -6.32
CA GLY B 1313 12.11 -61.01 -7.62
C GLY B 1313 11.79 -59.53 -7.52
N GLU B 1314 10.98 -59.16 -6.52
CA GLU B 1314 10.61 -57.77 -6.28
C GLU B 1314 11.81 -56.94 -5.82
N ILE B 1315 12.69 -57.54 -5.03
CA ILE B 1315 13.92 -56.86 -4.62
C ILE B 1315 14.82 -56.59 -5.82
N ARG B 1316 14.99 -57.57 -6.70
CA ARG B 1316 15.84 -57.38 -7.87
C ARG B 1316 15.31 -56.35 -8.87
N SER B 1317 14.02 -55.99 -8.84
CA SER B 1317 13.50 -55.02 -9.78
C SER B 1317 12.93 -53.80 -9.05
N HIS B 1318 13.63 -53.33 -8.03
CA HIS B 1318 13.20 -52.16 -7.27
C HIS B 1318 13.46 -50.90 -8.09
N GLN B 1319 12.70 -49.85 -7.78
CA GLN B 1319 12.95 -48.58 -8.45
C GLN B 1319 14.24 -47.92 -7.99
N LEU B 1320 14.61 -48.05 -6.72
CA LEU B 1320 15.78 -47.34 -6.21
C LEU B 1320 16.98 -48.27 -6.08
N ARG B 1321 17.05 -49.26 -6.97
CA ARG B 1321 18.06 -50.29 -6.91
C ARG B 1321 19.47 -49.73 -7.09
N ARG B 1322 19.66 -48.84 -8.07
CA ARG B 1322 20.98 -48.31 -8.28
C ARG B 1322 21.43 -47.44 -7.11
N GLU B 1323 20.53 -46.59 -6.61
CA GLU B 1323 20.83 -45.73 -5.46
C GLU B 1323 21.03 -46.52 -4.16
N ILE B 1324 20.21 -47.52 -3.91
CA ILE B 1324 20.39 -48.31 -2.69
C ILE B 1324 21.72 -49.03 -2.76
N ILE B 1325 22.04 -49.59 -3.93
CA ILE B 1325 23.32 -50.28 -4.06
C ILE B 1325 24.49 -49.33 -3.84
N THR B 1326 24.41 -48.13 -4.43
CA THR B 1326 25.50 -47.16 -4.22
C THR B 1326 25.64 -46.75 -2.76
N THR B 1327 24.51 -46.47 -2.09
CA THR B 1327 24.59 -46.08 -0.68
C THR B 1327 25.16 -47.21 0.18
N MSE B 1328 24.72 -48.44 -0.05
CA MSE B 1328 25.25 -49.59 0.70
C MSE B 1328 26.73 -49.71 0.49
O MSE B 1328 27.50 -49.95 1.40
CB MSE B 1328 24.58 -50.89 0.27
CG MSE B 1328 23.13 -51.04 0.64
SE MSE B 1328 22.57 -52.88 0.34
CE MSE B 1328 23.72 -53.74 1.67
N LEU B 1329 27.11 -49.53 -0.78
CA LEU B 1329 28.50 -49.63 -1.18
C LEU B 1329 29.34 -48.61 -0.43
N VAL B 1330 28.91 -47.34 -0.47
CA VAL B 1330 29.71 -46.28 0.16
C VAL B 1330 29.70 -46.43 1.67
N ASN B 1331 28.59 -46.87 2.25
CA ASN B 1331 28.56 -47.08 3.69
C ASN B 1331 29.54 -48.16 4.11
N ASP B 1332 29.51 -49.31 3.42
CA ASP B 1332 30.43 -50.39 3.73
C ASP B 1332 31.87 -49.93 3.55
N LEU B 1333 32.15 -49.25 2.44
CA LEU B 1333 33.50 -48.80 2.15
C LEU B 1333 34.01 -47.83 3.22
N VAL B 1334 33.23 -46.79 3.53
CA VAL B 1334 33.71 -45.78 4.48
C VAL B 1334 33.81 -46.36 5.89
N ASP B 1335 32.86 -47.21 6.27
CA ASP B 1335 32.87 -47.77 7.62
C ASP B 1335 34.03 -48.75 7.79
N THR B 1336 34.33 -49.53 6.75
CA THR B 1336 35.35 -50.56 6.79
C THR B 1336 36.75 -50.05 6.43
N ALA B 1337 36.89 -49.43 5.25
CA ALA B 1337 38.21 -49.03 4.75
C ALA B 1337 38.81 -47.81 5.43
N GLY B 1338 38.00 -46.83 5.85
CA GLY B 1338 38.53 -45.66 6.53
C GLY B 1338 38.24 -44.38 5.78
N ILE B 1339 38.58 -43.27 6.44
CA ILE B 1339 38.26 -41.97 5.84
C ILE B 1339 39.16 -41.71 4.65
N SER B 1340 40.44 -42.01 4.78
CA SER B 1340 41.39 -41.62 3.77
C SER B 1340 41.70 -42.74 2.81
N TYR B 1341 40.94 -43.84 2.85
CA TYR B 1341 41.28 -44.96 2.00
C TYR B 1341 41.13 -44.59 0.54
N ALA B 1342 39.94 -44.18 0.15
CA ALA B 1342 39.69 -43.93 -1.26
C ALA B 1342 40.52 -42.76 -1.77
N TYR B 1343 40.61 -41.68 -0.98
CA TYR B 1343 41.37 -40.52 -1.43
C TYR B 1343 42.85 -40.89 -1.58
N ARG B 1344 43.42 -41.61 -0.60
CA ARG B 1344 44.82 -42.03 -0.73
C ARG B 1344 45.01 -42.99 -1.88
N ILE B 1345 44.03 -43.86 -2.13
CA ILE B 1345 44.12 -44.74 -3.28
C ILE B 1345 44.22 -43.92 -4.55
N THR B 1346 43.37 -42.91 -4.69
CA THR B 1346 43.43 -42.08 -5.88
C THR B 1346 44.75 -41.30 -5.94
N GLU B 1347 45.23 -40.84 -4.78
CA GLU B 1347 46.49 -40.08 -4.73
C GLU B 1347 47.66 -40.95 -5.13
N ASP B 1348 47.68 -42.19 -4.64
CA ASP B 1348 48.80 -43.09 -4.80
C ASP B 1348 48.73 -43.79 -6.15
N VAL B 1349 47.64 -44.49 -6.41
CA VAL B 1349 47.48 -45.26 -7.64
C VAL B 1349 47.34 -44.36 -8.86
N GLY B 1350 46.57 -43.29 -8.74
CA GLY B 1350 46.36 -42.41 -9.89
C GLY B 1350 45.14 -42.78 -10.69
N VAL B 1351 44.08 -43.20 -10.02
CA VAL B 1351 42.88 -43.63 -10.70
C VAL B 1351 41.70 -42.81 -10.25
N GLY B 1352 40.53 -43.14 -10.76
CA GLY B 1352 39.32 -42.44 -10.39
C GLY B 1352 38.73 -43.18 -9.21
N PRO B 1353 37.71 -42.59 -8.58
CA PRO B 1353 37.10 -43.28 -7.44
C PRO B 1353 36.51 -44.61 -7.83
N VAL B 1354 36.09 -44.75 -9.08
CA VAL B 1354 35.48 -45.98 -9.53
C VAL B 1354 36.46 -47.15 -9.43
N ASP B 1355 37.70 -46.92 -9.83
CA ASP B 1355 38.71 -47.95 -9.71
C ASP B 1355 39.05 -48.28 -8.26
N ALA B 1356 39.06 -47.27 -7.39
CA ALA B 1356 39.28 -47.51 -5.96
C ALA B 1356 38.21 -48.39 -5.36
N VAL B 1357 36.95 -48.13 -5.72
CA VAL B 1357 35.85 -48.95 -5.24
C VAL B 1357 35.97 -50.37 -5.74
N ARG B 1358 36.33 -50.53 -7.02
CA ARG B 1358 36.54 -51.86 -7.56
C ARG B 1358 37.53 -52.61 -6.67
N SER B 1359 38.65 -51.95 -6.38
CA SER B 1359 39.70 -52.57 -5.56
C SER B 1359 39.21 -52.90 -4.16
N TYR B 1360 38.46 -51.99 -3.52
CA TYR B 1360 37.99 -52.28 -2.16
C TYR B 1360 37.08 -53.51 -2.14
N VAL B 1361 36.16 -53.58 -3.10
CA VAL B 1361 35.22 -54.71 -3.12
C VAL B 1361 35.98 -56.01 -3.32
N ALA B 1362 36.94 -56.02 -4.24
CA ALA B 1362 37.70 -57.25 -4.46
C ALA B 1362 38.46 -57.67 -3.20
N ILE B 1363 39.13 -56.74 -2.52
CA ILE B 1363 39.91 -57.11 -1.33
C ILE B 1363 39.01 -57.55 -0.18
N ASN B 1364 37.88 -56.88 0.03
CA ASN B 1364 36.96 -57.29 1.10
C ASN B 1364 36.44 -58.70 0.85
N ALA B 1365 36.05 -59.00 -0.39
CA ALA B 1365 35.52 -60.31 -0.70
C ALA B 1365 36.62 -61.38 -0.71
N ILE B 1366 37.86 -60.98 -0.96
CA ILE B 1366 38.93 -61.95 -1.06
C ILE B 1366 39.45 -62.33 0.32
N PHE B 1367 39.74 -61.34 1.17
CA PHE B 1367 40.31 -61.59 2.48
C PHE B 1367 39.26 -61.72 3.57
N GLY B 1368 37.98 -61.56 3.25
CA GLY B 1368 36.99 -61.61 4.30
C GLY B 1368 37.24 -60.48 5.28
N ILE B 1369 37.49 -59.28 4.75
CA ILE B 1369 37.85 -58.15 5.59
C ILE B 1369 36.73 -57.80 6.54
N GLY B 1370 35.49 -57.84 6.04
CA GLY B 1370 34.35 -57.54 6.88
C GLY B 1370 34.22 -58.50 8.04
N ASP B 1371 34.47 -59.78 7.78
CA ASP B 1371 34.40 -60.80 8.81
C ASP B 1371 35.46 -60.57 9.89
N VAL B 1372 36.67 -60.19 9.48
CA VAL B 1372 37.72 -59.87 10.44
C VAL B 1372 37.34 -58.66 11.27
N TRP B 1373 36.74 -57.66 10.63
CA TRP B 1373 36.26 -56.48 11.36
C TRP B 1373 35.22 -56.85 12.39
N ARG B 1374 34.27 -57.73 12.04
CA ARG B 1374 33.27 -58.12 13.02
C ARG B 1374 33.89 -58.92 14.15
N ARG B 1375 34.89 -59.76 13.86
CA ARG B 1375 35.53 -60.46 14.96
C ARG B 1375 36.26 -59.47 15.89
N ILE B 1376 36.92 -58.45 15.31
CA ILE B 1376 37.58 -57.41 16.11
C ILE B 1376 36.57 -56.64 16.97
N ARG B 1377 35.44 -56.27 16.37
CA ARG B 1377 34.41 -55.51 17.09
C ARG B 1377 33.77 -56.35 18.19
N ALA B 1378 33.59 -57.65 17.95
CA ALA B 1378 33.06 -58.50 19.00
C ALA B 1378 34.03 -58.58 20.18
N ALA B 1379 35.33 -58.68 19.89
CA ALA B 1379 36.28 -58.65 21.00
C ALA B 1379 36.24 -57.33 21.76
N GLY B 1380 36.15 -56.20 21.04
CA GLY B 1380 36.02 -54.93 21.74
C GLY B 1380 34.74 -54.76 22.53
N ASP B 1381 33.64 -55.33 22.03
CA ASP B 1381 32.37 -55.35 22.77
C ASP B 1381 32.41 -56.27 23.97
N ALA B 1382 33.31 -57.24 23.98
CA ALA B 1382 33.37 -58.17 25.09
C ALA B 1382 34.13 -57.61 26.28
N GLY B 1383 34.79 -56.47 26.11
CA GLY B 1383 35.48 -55.85 27.23
C GLY B 1383 36.92 -55.53 26.89
N VAL B 1384 37.35 -55.86 25.68
CA VAL B 1384 38.72 -55.50 25.29
C VAL B 1384 38.78 -53.98 25.18
N PRO B 1385 39.80 -53.33 25.72
CA PRO B 1385 39.83 -51.86 25.64
C PRO B 1385 39.90 -51.41 24.20
N THR B 1386 39.42 -50.19 23.97
CA THR B 1386 39.31 -49.68 22.61
C THR B 1386 40.68 -49.49 21.98
N SER B 1387 41.74 -49.33 22.78
CA SER B 1387 43.06 -49.18 22.19
C SER B 1387 43.49 -50.45 21.47
N VAL B 1388 43.27 -51.63 22.07
CA VAL B 1388 43.69 -52.88 21.44
C VAL B 1388 42.90 -53.17 20.18
N THR B 1389 41.58 -53.04 20.25
CA THR B 1389 40.77 -53.30 19.05
C THR B 1389 41.05 -52.27 17.96
N ASP B 1390 41.26 -51.01 18.36
CA ASP B 1390 41.57 -49.97 17.41
C ASP B 1390 42.92 -50.21 16.72
N ARG B 1391 43.94 -50.59 17.48
CA ARG B 1391 45.22 -50.89 16.85
C ARG B 1391 45.11 -52.10 15.92
N MSE B 1392 44.33 -53.11 16.31
CA MSE B 1392 44.06 -54.28 15.46
C MSE B 1392 43.51 -53.83 14.11
O MSE B 1392 43.95 -54.27 13.03
CB MSE B 1392 43.05 -55.24 16.13
CG MSE B 1392 43.64 -56.11 17.22
SE MSE B 1392 42.49 -57.60 17.72
CE MSE B 1392 41.27 -56.73 18.92
N THR B 1393 42.54 -52.95 14.21
CA THR B 1393 41.92 -52.41 13.01
C THR B 1393 42.89 -51.54 12.20
N LEU B 1394 43.80 -50.81 12.86
CA LEU B 1394 44.76 -50.02 12.10
C LEU B 1394 45.72 -50.88 11.31
N ASP B 1395 46.19 -51.97 11.90
CA ASP B 1395 47.01 -52.90 11.12
C ASP B 1395 46.20 -53.50 9.98
N LEU B 1396 44.96 -53.88 10.26
CA LEU B 1396 44.12 -54.42 9.20
C LEU B 1396 43.93 -53.39 8.07
N ARG B 1397 43.72 -52.10 8.40
CA ARG B 1397 43.54 -51.11 7.33
C ARG B 1397 44.81 -50.81 6.56
N ARG B 1398 45.98 -50.83 7.19
CA ARG B 1398 47.21 -50.78 6.39
C ARG B 1398 47.26 -51.97 5.44
N LEU B 1399 46.88 -53.16 5.93
CA LEU B 1399 46.86 -54.33 5.08
C LEU B 1399 45.94 -54.14 3.88
N VAL B 1400 44.76 -53.61 4.10
CA VAL B 1400 43.84 -53.43 2.99
C VAL B 1400 44.38 -52.36 2.04
N ASP B 1401 45.01 -51.32 2.58
CA ASP B 1401 45.60 -50.30 1.73
C ASP B 1401 46.64 -50.92 0.82
N ARG B 1402 47.57 -51.66 1.41
CA ARG B 1402 48.63 -52.28 0.65
C ARG B 1402 48.05 -53.26 -0.35
N ALA B 1403 47.05 -54.05 0.06
CA ALA B 1403 46.48 -55.08 -0.81
C ALA B 1403 45.68 -54.48 -1.96
N GLY B 1404 44.91 -53.43 -1.68
CA GLY B 1404 44.18 -52.76 -2.74
C GLY B 1404 45.12 -52.12 -3.72
N ARG B 1405 46.17 -51.48 -3.20
CA ARG B 1405 47.17 -50.89 -4.08
C ARG B 1405 47.82 -51.97 -4.93
N TRP B 1406 48.09 -53.13 -4.34
CA TRP B 1406 48.68 -54.21 -5.10
C TRP B 1406 47.76 -54.67 -6.24
N LEU B 1407 46.47 -54.83 -5.93
CA LEU B 1407 45.54 -55.27 -6.98
C LEU B 1407 45.45 -54.23 -8.09
N LEU B 1408 45.38 -52.96 -7.72
CA LEU B 1408 45.31 -51.91 -8.72
C LEU B 1408 46.58 -51.85 -9.55
N ASN B 1409 47.73 -52.03 -8.91
CA ASN B 1409 49.00 -51.86 -9.59
C ASN B 1409 49.33 -53.06 -10.49
N TYR B 1410 48.99 -54.28 -10.08
CA TYR B 1410 49.50 -55.45 -10.79
C TYR B 1410 48.47 -56.12 -11.67
N ARG B 1411 47.26 -55.56 -11.79
CA ARG B 1411 46.35 -56.28 -12.66
C ARG B 1411 45.76 -55.30 -13.65
N PRO B 1412 45.38 -55.75 -14.85
CA PRO B 1412 44.86 -54.82 -15.85
C PRO B 1412 43.56 -54.15 -15.41
N GLN B 1413 43.41 -52.86 -15.78
CA GLN B 1413 42.35 -51.90 -15.50
C GLN B 1413 41.45 -51.70 -16.70
N PRO B 1414 40.14 -51.50 -16.47
CA PRO B 1414 39.48 -51.48 -15.17
C PRO B 1414 39.33 -52.88 -14.58
N LEU B 1415 39.17 -52.94 -13.26
CA LEU B 1415 39.11 -54.22 -12.57
C LEU B 1415 37.83 -54.97 -12.91
N ALA B 1416 37.97 -56.26 -13.18
CA ALA B 1416 36.82 -57.15 -13.32
C ALA B 1416 36.75 -57.81 -11.95
N VAL B 1417 35.88 -57.29 -11.08
CA VAL B 1417 35.92 -57.68 -9.67
C VAL B 1417 35.66 -59.16 -9.51
N GLY B 1418 34.68 -59.69 -10.25
CA GLY B 1418 34.39 -61.10 -10.17
C GLY B 1418 35.56 -61.96 -10.61
N ALA B 1419 36.26 -61.53 -11.66
CA ALA B 1419 37.39 -62.31 -12.17
C ALA B 1419 38.51 -62.38 -11.13
N GLU B 1420 38.91 -61.22 -10.59
CA GLU B 1420 39.98 -61.23 -9.59
C GLU B 1420 39.57 -61.92 -8.30
N ILE B 1421 38.30 -61.84 -7.92
CA ILE B 1421 37.82 -62.60 -6.77
C ILE B 1421 37.96 -64.10 -7.04
N ASN B 1422 37.48 -64.58 -8.19
CA ASN B 1422 37.52 -66.03 -8.42
C ASN B 1422 38.94 -66.56 -8.63
N ARG B 1423 39.91 -65.72 -9.00
CA ARG B 1423 41.27 -66.24 -9.12
C ARG B 1423 42.16 -65.89 -7.93
N PHE B 1424 41.63 -65.13 -6.94
CA PHE B 1424 42.47 -64.88 -5.77
C PHE B 1424 41.82 -65.24 -4.45
N GLY B 1425 40.51 -65.03 -4.29
CA GLY B 1425 39.91 -65.10 -2.96
C GLY B 1425 39.95 -66.49 -2.39
N ALA B 1426 39.67 -67.49 -3.22
CA ALA B 1426 39.71 -68.89 -2.78
C ALA B 1426 41.12 -69.28 -2.35
N LYS B 1427 42.11 -68.86 -3.15
CA LYS B 1427 43.50 -69.15 -2.84
C LYS B 1427 43.92 -68.48 -1.54
N VAL B 1428 43.47 -67.24 -1.33
CA VAL B 1428 43.76 -66.50 -0.11
C VAL B 1428 43.16 -67.21 1.10
N ALA B 1429 41.92 -67.68 0.97
CA ALA B 1429 41.27 -68.38 2.07
C ALA B 1429 41.98 -69.69 2.37
N ALA B 1430 42.58 -70.31 1.35
CA ALA B 1430 43.33 -71.53 1.62
C ALA B 1430 44.66 -71.23 2.31
N LEU B 1431 45.28 -70.09 2.01
CA LEU B 1431 46.63 -69.81 2.52
C LEU B 1431 46.65 -69.05 3.84
N THR B 1432 45.58 -68.34 4.20
CA THR B 1432 45.61 -67.58 5.45
C THR B 1432 45.77 -68.46 6.69
N PRO B 1433 45.02 -69.55 6.87
CA PRO B 1433 45.16 -70.28 8.14
C PRO B 1433 46.52 -70.91 8.36
N ARG B 1434 47.32 -71.12 7.30
CA ARG B 1434 48.64 -71.76 7.46
C ARG B 1434 49.77 -70.73 7.42
N MSE B 1435 49.73 -69.74 8.31
CA MSE B 1435 50.81 -68.76 8.32
C MSE B 1435 52.00 -69.25 9.17
O MSE B 1435 53.12 -68.74 9.03
CB MSE B 1435 50.32 -67.41 8.84
CG MSE B 1435 51.30 -66.28 8.60
SE MSE B 1435 51.60 -65.91 6.70
CE MSE B 1435 49.95 -64.95 6.34
N SER B 1436 51.76 -70.25 10.01
CA SER B 1436 52.77 -70.73 10.94
C SER B 1436 53.76 -71.72 10.32
N GLU B 1437 53.48 -72.26 9.13
CA GLU B 1437 54.33 -73.31 8.59
C GLU B 1437 55.57 -72.80 7.87
N TRP B 1438 55.67 -71.50 7.57
CA TRP B 1438 56.83 -71.03 6.81
C TRP B 1438 57.43 -69.74 7.36
N LEU B 1439 56.88 -69.16 8.42
CA LEU B 1439 57.52 -68.00 9.04
C LEU B 1439 58.71 -68.46 9.86
N ARG B 1440 59.83 -67.79 9.64
CA ARG B 1440 61.11 -68.25 10.14
C ARG B 1440 61.83 -67.09 10.81
N GLY B 1441 62.56 -67.39 11.86
CA GLY B 1441 63.47 -66.40 12.43
C GLY B 1441 62.80 -65.14 12.94
N ASP B 1442 63.22 -63.99 12.41
CA ASP B 1442 62.71 -62.71 12.87
C ASP B 1442 61.22 -62.55 12.56
N ASP B 1443 60.79 -63.09 11.41
CA ASP B 1443 59.38 -63.09 11.05
C ASP B 1443 58.54 -63.81 12.10
N LYS B 1444 58.95 -65.04 12.43
CA LYS B 1444 58.24 -65.84 13.42
C LYS B 1444 58.23 -65.18 14.79
N ALA B 1445 59.37 -64.62 15.20
CA ALA B 1445 59.46 -63.99 16.52
C ALA B 1445 58.53 -62.78 16.63
N ILE B 1446 58.56 -61.90 15.63
CA ILE B 1446 57.75 -60.69 15.71
C ILE B 1446 56.25 -61.01 15.58
N VAL B 1447 55.88 -62.00 14.75
CA VAL B 1447 54.46 -62.36 14.65
C VAL B 1447 53.96 -62.94 15.96
N SER B 1448 54.75 -63.81 16.60
CA SER B 1448 54.36 -64.36 17.89
C SER B 1448 54.23 -63.25 18.92
N LYS B 1449 55.14 -62.27 18.90
CA LYS B 1449 55.05 -61.16 19.85
C LYS B 1449 53.76 -60.38 19.68
N GLU B 1450 53.37 -60.05 18.43
CA GLU B 1450 52.14 -59.30 18.27
C GLU B 1450 50.91 -60.10 18.67
N ALA B 1451 50.87 -61.40 18.32
CA ALA B 1451 49.71 -62.20 18.71
C ALA B 1451 49.59 -62.35 20.22
N GLY B 1452 50.72 -62.57 20.92
CA GLY B 1452 50.67 -62.65 22.37
C GLY B 1452 50.30 -61.34 23.05
N ASP B 1453 50.80 -60.21 22.54
CA ASP B 1453 50.40 -58.92 23.09
C ASP B 1453 48.89 -58.71 22.92
N PHE B 1454 48.35 -59.10 21.75
CA PHE B 1454 46.91 -58.96 21.52
C PHE B 1454 46.11 -59.84 22.48
N ALA B 1455 46.54 -61.10 22.63
CA ALA B 1455 45.82 -62.04 23.49
C ALA B 1455 45.99 -61.74 24.96
N SER B 1456 47.00 -60.92 25.34
CA SER B 1456 47.19 -60.52 26.73
C SER B 1456 46.10 -59.59 27.23
N HIS B 1457 45.33 -58.98 26.35
CA HIS B 1457 44.26 -58.09 26.74
C HIS B 1457 42.90 -58.76 26.60
N GLY B 1458 42.86 -60.08 26.42
CA GLY B 1458 41.63 -60.82 26.28
C GLY B 1458 41.21 -61.14 24.86
N VAL B 1459 41.96 -60.70 23.86
CA VAL B 1459 41.64 -61.01 22.46
C VAL B 1459 41.76 -62.51 22.22
N PRO B 1460 40.80 -63.13 21.53
CA PRO B 1460 40.93 -64.56 21.21
C PRO B 1460 42.18 -64.84 20.39
N GLU B 1461 42.74 -66.02 20.64
CA GLU B 1461 44.03 -66.39 20.08
C GLU B 1461 44.03 -66.51 18.55
N ASP B 1462 43.00 -67.14 17.96
CA ASP B 1462 42.99 -67.27 16.50
C ASP B 1462 42.90 -65.90 15.86
N LEU B 1463 42.04 -65.05 16.40
CA LEU B 1463 41.90 -63.71 15.87
C LEU B 1463 43.16 -62.88 16.11
N ALA B 1464 43.81 -63.05 17.27
CA ALA B 1464 45.04 -62.31 17.52
C ALA B 1464 46.12 -62.68 16.50
N TYR B 1465 46.30 -63.98 16.26
CA TYR B 1465 47.27 -64.43 15.26
C TYR B 1465 46.87 -64.03 13.85
N HIS B 1466 45.58 -64.09 13.54
CA HIS B 1466 45.12 -63.74 12.20
C HIS B 1466 45.40 -62.27 11.90
N ILE B 1467 45.22 -61.40 12.90
CA ILE B 1467 45.53 -59.97 12.76
C ILE B 1467 47.04 -59.72 12.71
N ALA B 1468 47.81 -60.42 13.53
CA ALA B 1468 49.24 -60.16 13.65
C ALA B 1468 50.00 -60.50 12.37
N THR B 1469 49.39 -61.25 11.45
CA THR B 1469 50.02 -61.72 10.24
C THR B 1469 49.49 -61.02 9.00
N GLY B 1470 48.87 -59.86 9.19
CA GLY B 1470 48.24 -59.18 8.06
C GLY B 1470 49.22 -58.77 7.00
N LEU B 1471 50.37 -58.20 7.39
CA LEU B 1471 51.32 -57.78 6.37
C LEU B 1471 51.94 -58.96 5.63
N TYR B 1472 51.90 -60.17 6.20
CA TYR B 1472 52.27 -61.36 5.43
C TYR B 1472 51.10 -61.90 4.61
N GLN B 1473 49.87 -61.65 5.07
CA GLN B 1473 48.76 -61.99 4.18
C GLN B 1473 48.83 -61.13 2.94
N TYR B 1474 49.34 -59.91 3.05
CA TYR B 1474 49.50 -59.10 1.86
C TYR B 1474 50.48 -59.76 0.89
N SER B 1475 51.59 -60.30 1.43
CA SER B 1475 52.56 -60.93 0.55
C SER B 1475 52.01 -62.20 -0.08
N LEU B 1476 50.92 -62.71 0.47
CA LEU B 1476 50.33 -63.90 -0.17
C LEU B 1476 49.74 -63.56 -1.52
N LEU B 1477 49.42 -62.30 -1.80
CA LEU B 1477 48.99 -61.91 -3.14
C LEU B 1477 50.11 -62.12 -4.15
N ASP B 1478 51.30 -61.64 -3.83
CA ASP B 1478 52.44 -61.90 -4.68
C ASP B 1478 52.72 -63.40 -4.74
N VAL B 1479 52.51 -64.10 -3.62
CA VAL B 1479 52.72 -65.55 -3.60
C VAL B 1479 51.80 -66.25 -4.59
N ILE B 1480 50.53 -65.86 -4.61
CA ILE B 1480 49.56 -66.48 -5.51
C ILE B 1480 49.85 -66.11 -6.96
N ASP B 1481 50.18 -64.83 -7.21
CA ASP B 1481 50.51 -64.43 -8.58
C ASP B 1481 51.72 -65.20 -9.10
N ILE B 1482 52.74 -65.35 -8.26
CA ILE B 1482 53.94 -66.08 -8.62
C ILE B 1482 53.64 -67.56 -8.88
N ALA B 1483 52.84 -68.18 -8.00
CA ALA B 1483 52.49 -69.59 -8.19
C ALA B 1483 51.74 -69.79 -9.50
N ASP B 1484 50.85 -68.84 -9.83
CA ASP B 1484 50.13 -68.88 -11.10
C ASP B 1484 51.09 -68.76 -12.29
N ILE B 1485 52.10 -67.90 -12.20
CA ILE B 1485 53.01 -67.72 -13.33
C ILE B 1485 53.81 -68.99 -13.60
N VAL B 1486 54.28 -69.66 -12.54
CA VAL B 1486 55.13 -70.84 -12.69
C VAL B 1486 54.33 -72.13 -12.62
N ASP B 1487 53.00 -72.06 -12.66
CA ASP B 1487 52.09 -73.20 -12.58
C ASP B 1487 52.59 -74.27 -11.60
N ARG B 1488 52.85 -73.83 -10.37
CA ARG B 1488 53.24 -74.71 -9.28
C ARG B 1488 52.38 -74.41 -8.08
N GLU B 1489 52.45 -75.27 -7.09
CA GLU B 1489 51.53 -75.12 -5.98
C GLU B 1489 51.90 -73.91 -5.13
N PRO B 1490 50.90 -73.27 -4.53
CA PRO B 1490 51.16 -72.08 -3.70
C PRO B 1490 51.83 -72.39 -2.37
N ASP B 1491 51.70 -73.63 -1.86
CA ASP B 1491 52.33 -73.99 -0.59
C ASP B 1491 53.84 -73.81 -0.65
N GLU B 1492 54.46 -74.41 -1.67
CA GLU B 1492 55.91 -74.36 -1.82
C GLU B 1492 56.37 -72.95 -2.15
N VAL B 1493 55.57 -72.22 -2.92
CA VAL B 1493 55.89 -70.84 -3.26
C VAL B 1493 55.92 -69.97 -1.99
N ALA B 1494 54.91 -70.17 -1.11
CA ALA B 1494 54.88 -69.46 0.17
C ALA B 1494 56.07 -69.84 1.03
N ASP B 1495 56.40 -71.13 1.07
CA ASP B 1495 57.56 -71.59 1.83
C ASP B 1495 58.82 -70.83 1.40
N THR B 1496 59.11 -70.82 0.10
CA THR B 1496 60.32 -70.13 -0.37
C THR B 1496 60.27 -68.62 -0.13
N TYR B 1497 59.12 -67.99 -0.36
CA TYR B 1497 59.03 -66.53 -0.19
C TYR B 1497 59.31 -66.12 1.25
N PHE B 1498 58.67 -66.79 2.22
CA PHE B 1498 58.89 -66.39 3.61
C PHE B 1498 60.24 -66.87 4.17
N ALA B 1499 60.77 -68.00 3.72
CA ALA B 1499 62.13 -68.34 4.12
C ALA B 1499 63.13 -67.29 3.63
N LEU B 1500 62.94 -66.79 2.41
CA LEU B 1500 63.86 -65.76 1.92
C LEU B 1500 63.64 -64.46 2.67
N MSE B 1501 62.39 -64.14 3.01
CA MSE B 1501 62.12 -62.98 3.87
C MSE B 1501 62.79 -63.16 5.23
O MSE B 1501 62.98 -62.20 5.97
CB MSE B 1501 60.62 -62.72 4.04
CG MSE B 1501 59.97 -61.94 2.89
SE MSE B 1501 58.27 -61.09 3.31
CE MSE B 1501 58.89 -59.60 4.40
N ASP B 1502 63.11 -64.42 5.56
CA ASP B 1502 63.82 -64.64 6.82
C ASP B 1502 65.33 -64.47 6.72
N HIS B 1503 65.96 -64.97 5.66
CA HIS B 1503 67.42 -64.93 5.64
C HIS B 1503 67.96 -63.50 5.64
N LEU B 1504 67.36 -62.61 4.85
CA LEU B 1504 67.83 -61.23 4.74
C LEU B 1504 67.21 -60.25 5.75
N GLY B 1505 66.35 -60.68 6.66
CA GLY B 1505 65.71 -59.70 7.56
C GLY B 1505 64.85 -58.60 6.95
N ALA B 1506 64.05 -58.96 5.93
CA ALA B 1506 63.26 -58.00 5.18
C ALA B 1506 62.21 -57.30 6.03
N ASP B 1507 61.76 -57.95 7.10
CA ASP B 1507 60.77 -57.32 7.97
C ASP B 1507 61.30 -56.03 8.57
N ALA B 1508 62.55 -56.02 9.01
CA ALA B 1508 63.12 -54.79 9.57
C ALA B 1508 63.20 -53.70 8.51
N LEU B 1509 63.59 -54.04 7.27
CA LEU B 1509 63.63 -53.05 6.21
C LEU B 1509 62.26 -52.48 5.88
N LEU B 1510 61.22 -53.31 5.81
CA LEU B 1510 59.89 -52.79 5.51
C LEU B 1510 59.38 -51.92 6.66
N THR B 1511 59.69 -52.31 7.90
CA THR B 1511 59.31 -51.49 9.04
C THR B 1511 60.02 -50.14 8.99
N ALA B 1512 61.30 -50.14 8.60
CA ALA B 1512 62.04 -48.89 8.47
C ALA B 1512 61.46 -48.03 7.37
N VAL B 1513 61.00 -48.67 6.29
CA VAL B 1513 60.36 -47.94 5.20
C VAL B 1513 59.09 -47.30 5.71
N SER B 1514 58.33 -48.03 6.52
CA SER B 1514 57.11 -47.49 7.08
C SER B 1514 57.41 -46.31 8.00
N ARG B 1515 58.63 -46.21 8.52
CA ARG B 1515 59.05 -45.09 9.38
C ARG B 1515 59.41 -43.85 8.59
N LEU B 1516 59.43 -43.94 7.26
CA LEU B 1516 59.67 -42.77 6.44
C LEU B 1516 58.52 -41.78 6.58
N SER B 1517 58.85 -40.49 6.48
CA SER B 1517 57.86 -39.44 6.75
C SER B 1517 56.78 -39.35 5.66
N ARG B 1518 55.54 -39.03 6.11
CA ARG B 1518 54.42 -38.78 5.20
C ARG B 1518 53.93 -37.34 5.32
N ASP B 1519 54.84 -36.41 5.63
CA ASP B 1519 54.43 -35.04 5.91
C ASP B 1519 53.77 -34.37 4.70
N ASP B 1520 54.38 -34.52 3.52
CA ASP B 1520 53.89 -33.99 2.26
C ASP B 1520 53.61 -35.13 1.29
N ARG B 1521 53.12 -34.77 0.11
CA ARG B 1521 52.74 -35.80 -0.86
C ARG B 1521 53.99 -36.43 -1.48
N TRP B 1522 55.08 -35.67 -1.64
CA TRP B 1522 56.24 -36.24 -2.33
C TRP B 1522 57.02 -37.21 -1.46
N HIS B 1523 57.17 -36.91 -0.17
CA HIS B 1523 57.79 -37.87 0.73
C HIS B 1523 56.94 -39.13 0.92
N SER B 1524 55.61 -38.96 0.99
CA SER B 1524 54.74 -40.13 1.05
C SER B 1524 54.91 -40.97 -0.21
N LEU B 1525 55.04 -40.29 -1.36
CA LEU B 1525 55.29 -40.99 -2.60
C LEU B 1525 56.60 -41.71 -2.55
N ALA B 1526 57.60 -41.09 -1.94
CA ALA B 1526 58.92 -41.72 -1.82
C ALA B 1526 58.88 -42.97 -0.94
N ARG B 1527 58.19 -42.91 0.19
CA ARG B 1527 58.16 -44.09 1.04
C ARG B 1527 57.36 -45.19 0.38
N LEU B 1528 56.31 -44.81 -0.34
CA LEU B 1528 55.55 -45.76 -1.13
C LEU B 1528 56.40 -46.38 -2.23
N ALA B 1529 57.24 -45.56 -2.86
CA ALA B 1529 58.12 -46.08 -3.91
C ALA B 1529 59.09 -47.09 -3.34
N ILE B 1530 59.64 -46.82 -2.17
CA ILE B 1530 60.60 -47.76 -1.60
C ILE B 1530 59.92 -49.04 -1.12
N ARG B 1531 58.71 -48.94 -0.54
CA ARG B 1531 58.02 -50.17 -0.15
C ARG B 1531 57.67 -51.04 -1.36
N ASP B 1532 57.14 -50.41 -2.42
CA ASP B 1532 56.84 -51.16 -3.64
C ASP B 1532 58.09 -51.69 -4.32
N ASP B 1533 59.19 -50.95 -4.27
CA ASP B 1533 60.43 -51.46 -4.83
C ASP B 1533 60.88 -52.69 -4.07
N ILE B 1534 60.76 -52.67 -2.74
CA ILE B 1534 61.12 -53.84 -1.95
C ILE B 1534 60.24 -55.02 -2.33
N TYR B 1535 58.94 -54.80 -2.44
CA TYR B 1535 58.04 -55.90 -2.77
C TYR B 1535 58.24 -56.44 -4.19
N GLY B 1536 58.48 -55.55 -5.17
CA GLY B 1536 58.73 -55.99 -6.53
C GLY B 1536 60.05 -56.73 -6.66
N SER B 1537 61.07 -56.27 -5.94
CA SER B 1537 62.34 -56.96 -5.90
C SER B 1537 62.19 -58.31 -5.22
N LEU B 1538 61.29 -58.39 -4.23
CA LEU B 1538 60.96 -59.67 -3.62
C LEU B 1538 60.39 -60.62 -4.67
N ARG B 1539 59.52 -60.09 -5.53
CA ARG B 1539 58.95 -60.88 -6.62
C ARG B 1539 60.00 -61.38 -7.60
N ALA B 1540 60.92 -60.52 -8.03
CA ALA B 1540 61.93 -60.97 -8.99
C ALA B 1540 62.91 -61.98 -8.39
N LEU B 1541 63.34 -61.78 -7.14
CA LEU B 1541 64.23 -62.76 -6.49
C LEU B 1541 63.53 -64.09 -6.26
N CYS B 1542 62.26 -64.06 -5.89
CA CYS B 1542 61.51 -65.30 -5.73
C CYS B 1542 61.43 -66.03 -7.07
N PHE B 1543 61.24 -65.28 -8.18
CA PHE B 1543 61.23 -65.88 -9.52
C PHE B 1543 62.55 -66.59 -9.81
N ASP B 1544 63.68 -65.93 -9.51
CA ASP B 1544 64.97 -66.56 -9.78
C ASP B 1544 65.22 -67.78 -8.88
N VAL B 1545 64.84 -67.71 -7.59
CA VAL B 1545 65.09 -68.86 -6.71
C VAL B 1545 64.20 -70.04 -7.09
N LEU B 1546 62.95 -69.78 -7.46
CA LEU B 1546 62.13 -70.90 -7.90
C LEU B 1546 62.56 -71.40 -9.27
N ALA B 1547 63.43 -70.65 -9.97
CA ALA B 1547 64.01 -71.11 -11.22
C ALA B 1547 65.18 -72.05 -11.00
N VAL B 1548 65.55 -72.29 -9.74
CA VAL B 1548 66.61 -73.23 -9.38
C VAL B 1548 66.02 -74.21 -8.39
N GLY B 1549 66.64 -75.38 -8.31
CA GLY B 1549 66.21 -76.39 -7.37
C GLY B 1549 65.00 -77.18 -7.84
N GLU B 1550 64.45 -77.90 -6.88
CA GLU B 1550 63.35 -78.82 -7.09
C GLU B 1550 62.30 -78.58 -6.02
N PRO B 1551 61.01 -78.78 -6.33
CA PRO B 1551 59.97 -78.43 -5.35
C PRO B 1551 60.12 -79.10 -4.01
N ASP B 1552 60.67 -80.33 -3.97
CA ASP B 1552 60.88 -81.01 -2.69
C ASP B 1552 61.87 -80.27 -1.82
N GLU B 1553 62.73 -79.46 -2.41
CA GLU B 1553 63.65 -78.69 -1.59
C GLU B 1553 62.84 -77.59 -0.90
N ASN B 1554 63.04 -77.47 0.40
CA ASN B 1554 62.28 -76.53 1.20
C ASN B 1554 62.86 -75.14 0.97
N GLY B 1555 62.40 -74.16 1.75
CA GLY B 1555 62.90 -72.81 1.55
C GLY B 1555 64.38 -72.69 1.87
N GLU B 1556 64.82 -73.31 2.97
CA GLU B 1556 66.23 -73.21 3.34
C GLU B 1556 67.13 -73.85 2.30
N GLU B 1557 66.74 -75.03 1.81
CA GLU B 1557 67.53 -75.71 0.78
C GLU B 1557 67.53 -74.94 -0.54
N LYS B 1558 66.37 -74.41 -0.94
CA LYS B 1558 66.30 -73.59 -2.15
C LYS B 1558 67.23 -72.39 -2.04
N ILE B 1559 67.20 -71.70 -0.90
CA ILE B 1559 68.05 -70.53 -0.68
C ILE B 1559 69.52 -70.94 -0.65
N ALA B 1560 69.82 -72.07 -0.01
CA ALA B 1560 71.18 -72.52 0.07
C ALA B 1560 71.75 -72.76 -1.31
N GLU B 1561 71.02 -73.48 -2.16
CA GLU B 1561 71.56 -73.74 -3.50
C GLU B 1561 71.42 -72.61 -4.50
N TRP B 1562 70.56 -71.61 -4.25
CA TRP B 1562 70.62 -70.44 -5.13
C TRP B 1562 71.84 -69.62 -4.77
N GLU B 1563 72.13 -69.50 -3.46
CA GLU B 1563 73.29 -68.73 -3.10
C GLU B 1563 74.53 -69.52 -3.48
N THR B 1564 74.42 -70.85 -3.48
CA THR B 1564 75.49 -71.72 -3.94
C THR B 1564 75.73 -71.56 -5.44
N THR B 1565 74.78 -70.94 -6.15
CA THR B 1565 74.88 -70.77 -7.60
C THR B 1565 74.79 -69.29 -7.96
N ASN B 1566 75.14 -68.42 -7.03
CA ASN B 1566 75.17 -66.99 -7.29
C ASN B 1566 76.47 -66.60 -7.99
N SER B 1567 76.68 -65.30 -8.09
CA SER B 1567 77.82 -64.70 -8.73
C SER B 1567 78.50 -63.85 -7.65
N SER B 1568 79.60 -63.22 -8.04
CA SER B 1568 80.28 -62.29 -7.15
C SER B 1568 79.37 -61.16 -6.76
N ARG B 1569 78.46 -60.81 -7.67
CA ARG B 1569 77.49 -59.76 -7.40
C ARG B 1569 76.67 -60.08 -6.16
N VAL B 1570 76.13 -61.30 -6.06
CA VAL B 1570 75.28 -61.63 -4.91
C VAL B 1570 76.04 -61.73 -3.59
N THR B 1571 77.24 -62.30 -3.60
CA THR B 1571 77.98 -62.34 -2.34
C THR B 1571 78.31 -60.94 -1.85
N ARG B 1572 78.73 -60.06 -2.77
CA ARG B 1572 79.00 -58.67 -2.42
C ARG B 1572 77.76 -57.94 -1.94
N ALA B 1573 76.62 -58.20 -2.59
CA ALA B 1573 75.35 -57.59 -2.18
C ALA B 1573 74.93 -58.03 -0.80
N ARG B 1574 75.05 -59.33 -0.51
CA ARG B 1574 74.68 -59.82 0.83
C ARG B 1574 75.59 -59.24 1.89
N ARG B 1575 76.88 -59.13 1.60
CA ARG B 1575 77.79 -58.56 2.58
C ARG B 1575 77.46 -57.09 2.85
N THR B 1576 77.15 -56.33 1.79
CA THR B 1576 76.75 -54.94 1.97
C THR B 1576 75.43 -54.81 2.72
N LEU B 1577 74.47 -55.71 2.43
CA LEU B 1577 73.19 -55.70 3.14
C LEU B 1577 73.34 -55.99 4.62
N THR B 1578 74.16 -56.97 4.99
CA THR B 1578 74.36 -57.24 6.41
C THR B 1578 75.02 -56.05 7.08
N GLU B 1579 75.97 -55.40 6.39
CA GLU B 1579 76.60 -54.20 6.92
C GLU B 1579 75.58 -53.06 7.10
N ILE B 1580 74.64 -52.94 6.17
CA ILE B 1580 73.58 -51.92 6.28
C ILE B 1580 72.74 -52.20 7.51
N TYR B 1581 72.41 -53.46 7.73
CA TYR B 1581 71.64 -53.86 8.90
C TYR B 1581 72.41 -53.51 10.15
N LYS B 1582 73.73 -53.67 10.11
CA LYS B 1582 74.58 -53.33 11.24
C LYS B 1582 74.61 -51.84 11.54
N ASP B 1583 74.53 -50.96 10.53
CA ASP B 1583 74.58 -49.53 10.82
C ASP B 1583 73.39 -49.03 11.65
N GLY B 1584 72.19 -49.46 11.32
CA GLY B 1584 71.03 -49.02 12.09
C GLY B 1584 70.52 -47.66 11.67
N GLU B 1585 71.13 -47.04 10.66
CA GLU B 1585 70.67 -45.77 10.10
C GLU B 1585 69.54 -46.06 9.12
N GLN B 1586 68.42 -45.35 9.25
CA GLN B 1586 67.24 -45.70 8.48
C GLN B 1586 66.58 -44.47 7.85
N ASP B 1587 67.40 -43.62 7.23
CA ASP B 1587 66.87 -42.51 6.45
C ASP B 1587 66.58 -42.99 5.04
N LEU B 1588 66.22 -42.08 4.15
CA LEU B 1588 65.88 -42.46 2.79
C LEU B 1588 67.06 -43.07 2.06
N ALA B 1589 68.24 -42.49 2.25
CA ALA B 1589 69.40 -42.92 1.48
C ALA B 1589 69.89 -44.31 1.86
N THR B 1590 69.98 -44.61 3.15
CA THR B 1590 70.46 -45.94 3.55
C THR B 1590 69.49 -47.04 3.16
N LEU B 1591 68.20 -46.82 3.37
CA LEU B 1591 67.22 -47.82 2.97
C LEU B 1591 67.19 -48.00 1.45
N SER B 1592 67.36 -46.89 0.72
CA SER B 1592 67.40 -46.98 -0.74
C SER B 1592 68.60 -47.78 -1.23
N VAL B 1593 69.76 -47.58 -0.63
CA VAL B 1593 70.94 -48.33 -1.07
C VAL B 1593 70.80 -49.80 -0.69
N ALA B 1594 70.11 -50.10 0.42
CA ALA B 1594 69.84 -51.49 0.73
C ALA B 1594 68.93 -52.11 -0.33
N ALA B 1595 67.91 -51.36 -0.74
CA ALA B 1595 67.04 -51.83 -1.82
C ALA B 1595 67.79 -52.04 -3.13
N ARG B 1596 68.74 -51.17 -3.48
CA ARG B 1596 69.50 -51.45 -4.69
C ARG B 1596 70.35 -52.71 -4.55
N GLN B 1597 70.89 -52.96 -3.35
CA GLN B 1597 71.64 -54.19 -3.16
C GLN B 1597 70.74 -55.38 -3.45
N ILE B 1598 69.52 -55.34 -2.93
CA ILE B 1598 68.58 -56.42 -3.20
C ILE B 1598 68.24 -56.51 -4.70
N ARG B 1599 68.07 -55.36 -5.36
CA ARG B 1599 67.78 -55.32 -6.80
C ARG B 1599 68.89 -55.90 -7.67
N SER B 1600 70.14 -55.62 -7.35
CA SER B 1600 71.22 -56.15 -8.16
C SER B 1600 71.37 -57.66 -8.05
N MSE B 1601 70.63 -58.33 -7.17
CA MSE B 1601 70.76 -59.78 -7.03
C MSE B 1601 70.02 -60.53 -8.13
O MSE B 1601 69.95 -61.76 -8.12
CB MSE B 1601 70.23 -60.21 -5.65
CG MSE B 1601 70.94 -59.54 -4.46
SE MSE B 1601 70.16 -59.98 -2.71
CE MSE B 1601 71.40 -59.06 -1.53
N THR B 1602 69.50 -59.80 -9.11
CA THR B 1602 68.62 -60.34 -10.14
C THR B 1602 69.17 -60.05 -11.53
N ARG B 1603 69.17 -61.05 -12.41
CA ARG B 1603 69.65 -60.81 -13.78
C ARG B 1603 68.76 -59.81 -14.48
N THR B 1604 67.43 -59.92 -14.33
CA THR B 1604 66.49 -59.02 -15.01
C THR B 1604 66.43 -57.75 -14.17
N SER B 1605 67.43 -56.90 -14.35
CA SER B 1605 67.52 -55.64 -13.66
C SER B 1605 68.38 -54.74 -14.50
#